data_8JF7
#
_entry.id   8JF7
#
_cell.length_a   1.00
_cell.length_b   1.00
_cell.length_c   1.00
_cell.angle_alpha   90.00
_cell.angle_beta   90.00
_cell.angle_gamma   90.00
#
_symmetry.space_group_name_H-M   'P 1'
#
loop_
_entity.id
_entity.type
_entity.pdbx_description
1 polymer 'Glutamate receptor ionotropic, NMDA 1'
2 polymer 'Glutamate receptor ionotropic, NMDA 2A,Enhanced green fluorescent protein'
3 polymer 'Glutamate receptor ionotropic, NMDA 3A,Enhanced green fluorescent protein'
4 polymer 'GluN1-specific antibody fragment light chain'
5 polymer 'GluN1-specific antibody fragment heavy chain'
6 polymer 'GluN2A-specific antibody fragment light chain'
7 polymer 'GluN2A-specific antibody fragment heavy chain'
#
loop_
_entity_poly.entity_id
_entity_poly.type
_entity_poly.pdbx_seq_one_letter_code
_entity_poly.pdbx_strand_id
1 'polypeptide(L)'
;MSTMHLLTFALLFSCSFARAACDPKIVNIGAVLSTRKHEQMFREAVNQANKRHGSWKIQLNATSVTHKPNAIQMALSVCE
DLISSQVYAILVSHPPTPNDHFTPTPVSYTAGFYRIPVLGLTTRMSIYSDKSIHLSFLRTVPPYSHQSSVWFEMMRVYNW
NHIILLVSDDHEGRAAQKRLETLLEERESKAEKVLQFDPGTKNVTALLMEARELEARVIILSASEDDAATVYRAAAMLNM
TGSGYVWLVGEREISGNALRYAPDGIIGLQLINGKNESAHISDAVGVVAQAVHELLEKENITDPPRGCVGNTNIWKTGPL
FKRVLMSSKYADGVTGRVEFNEDGDRKFANYSIMNLQNRKLVQVGIYNGTHVIPNDRKIIWPGGETEKPRGYQMSTRLKI
VTIHQEPFVYVKPTMSDGTCKEEFTVNGDPVKKVICTGPNDTSPGSPRHTVPQCCYGFCIDLLIKLARTMNFTYEVHLVA
DGKFGTQERVNNSNKKEWNGMMGELLSGQADMIVAPLTINNERAQYIEFSKPFKYQGLTILVKKEIPRSTLDSFMQPFQS
TLWLLVGLSVHVVAVMLYLLDRFSPFGRFKVNSEEEEEDALTLSSAMWFSWGVLLNSGIGEGAPRSFSARILGMVWAGFA
MIIVASYTANLAAFLVLDRPEERITGINDPRLRNPSDKFIYATVKQSSVDIYFRRQVELSTMYRHMEKHNYESAAEAIQA
VRDNKLHAFIWDSAVLEFEASQKCDLVTTGELFFRSGFGIGMRKDSPWKQNVSLSILKSHENGFMEDLDKTWVRYQECDS
RSNAPATLTFENMAGVFMLVAGGIVAGIFLIFIEIAYKRHKDARRKQ
;
A,C
2 'polypeptide(L)'
;MGRLGYWTLLVLPALLVWRDPAQNAAAEKGPPALNIAVLLGHSHDVTERELRNLWGPEQATGLPLDVNVVALLMNRTDPK
SLITHVCDLMSGARIHGLVFGDDTDQEAVAQMLDFISSQTFIPILGIHGGASMIMADKDPTSTFFQFGASIQQQATVMLK
IMQDYDWHVFSLVTTIFPGYRDFISFIKTTVDNSFVGWDMQNVITLDTSFEDAKTQVQLKKIHSSVILLYCSKDEAVLIL
SEARSLGLTGYDFFWIVPSLVSGNTELIPKEFPSGLISVSYDDWDYSLEARVRDGLGILTTAASSMLEKFSYIPEAKASC
YGQAEKPETPLHTLHQFMVNVTWDGKDLSFTEEGYQVHPRLVVIVLNKDREWEKVGKWENQTLSLRHAVWPRYKSFSDCE
PDDNHLSIVTLEEAPFVIVEDIDPLTETCVRNTVPCRKFVKINNSTNEGMNVKKCCKGFCIDILKKLSRTVKFTYDLYLV
TNGKHGKKVNNVWNGMIGEVVYQRAVMAVGSLTINEERSEVVDFSVPFVETGISVMVSRSNGTVSPSAFLEPFSASVWVM
MFVMLLIVSAIAVFVFEYFSPVGYNRNLAKGKAPHGPSFTIGKAIWLLWGLVFNNSVPVQNPKGTTSKIMVSVWAFFAVI
FLASYTANLAAFMIQEEFVDQVTGLSDKKFQRPHDYSPPFRFGTVPNGSTERNIRNNYPYMHQYMTRFNQRGVEDALVSL
KTGKLDAFIYDAAVLNYKAGRDEGCKLVTIGSGYIFASTGYGIALQKGSPWKRQIDLALLQFVGDGEMEELETLWLTGIC
HNEKNEVMSSQLDIDNMAGVFYMLAAAMALSLITFIWEHLFYKSRAEAKRMKGLEVLFQGPAAAAVSKGEELFTGVVPIL
VELDGDVNGHKFSVSGEGEGDATYGKLTLKFICTTGKLPVPWPTLVTTLTYGVQCFSRYPDHMKQHDFFKSAMPEGYVQE
RTIFFKDDGNYKTRAEVKFEGDTLVNRIELKGIDFKEDGNILGHKLEYNYNSHNVYIMADKQKNGIKVNFKIRHNIEDGS
VQLADHYQQNTPIGDGPVLLPDNHYLSTQSKLSKDPNEKRDHMVLLEFVTAAGITLGMDELYKSGLRSHHHHHHHH
;
B
3 'polypeptide(L)'
;MRRLSLWWLLSRVCLLLPPPCALVLAGVPSSSSHPQPCQILKRIGHAVRVGAVHLQPWTTAPRAASRAQEGGRAGAQRDD
PESGTWRPPAPSQGARWLGSALHGRGPPGSRKLGEGAGAETLWPRDALLFAVENLNRVEGLLPYNLSLEVVMAIEAGLGD
LPLMPFSSPSSPWSSDPFSFLQSVCHTVVVQGVSALLAFPQSQGEMMELDLVSSVLHIPVLSIVRHEFPRESQNPLHLQL
SLENSLSSDADVTVSILTMNNWYNFSLLLCQEDWNITDFLLLTENNSKFHLESVINITANLSSTKDLLSFLQVQMDNIRN
STPTMVMFGCDMDSIRQIFEMSTQFGLSPPELHWVLGDSQNVEELRTEGLPLGLIAHGKTTQSVFEYYVQDAMELVARAV
ATATMIQPELALLPSTMNCMDVKTTNLTSGQYLSRFLANTTFRGLSGSIKVKGSTIISSENNFFIWNLQHDPMGKPMWTR
LGSWQGGRIVMDSGIWPEQAQRHKTHFQHPNKLHLRVVTLIEHPFVFTREVDDEGLCPAGQLCLDPMTNDSSMLDRLFSS
LHSSNDTVPIKFKKCCYGYCIDLLEQLAEDMNFDFDLYIVGDGKYGAWKNGHWTGLVGDLLSGTANMAVTSFSINTARSQ
VIDFTSPFFSTSLGILVRTRDTAAPIGAFMWPLHWTMWLGIFVALHITAIFLTLYEWKSPFGMTPKGRNRNKVFSFSSAL
NVCYALLFGRTAAIKPPKCWTGRFLMNLWAIFCMFCLSTYTANLAAVMVGEKIYEELSGIHDPKLHHPSQGFRFGTVRES
SAEDYVRQSFPEMHEYMRRYNVPATPDGVQYLKNDPEKLDAFIMDKALLDYEVSIDADCKLLTVGKPFAIEGYGIGLPPN
SPLTSNISELISQYKSHGFMDVLHDKWYKVVPCGKRSFAVTETLQMEIKHFSGLFVLLCIGFGLSILTTIGEHIVHRLLL
PRIKNLEVLFQGPAAAAVSKGEELFTGVVPILVELDGDVNGHKFSVSGEGEGDATYGKLTLKFICTTGKLPVPWPTLVTT
LTYGVQCFSRYPDHMKQHDFFKSAMPEGYVQERTIFFKDDGNYKTRAEVKFEGDTLVNRIELKGIDFKEDGNILGHKLEY
NYNSHNVYIMADKQKNGIKVNFKIRHNIEDGSVQLADHYQQNTPIGDGPVLLPDNHYLSTQSKLSKDPNEKRDHMVLLEF
VTAAGITLGMDELYKSGLRSWSHPQFEK
;
D
4 'polypeptide(L)'
;DIQWVLLLWVPGSTGDIVLTQSPASLAVSLGQRATISCKASQSVDYDGNSYMNWYQQKPGQPPKLLIYAASNLESGIPAR
FSGSGSGTDFTLNIHPVEEEDAATYYCQQGNEDPPTFGGGTKLEIKRADARTVAAPSVFIFPPSDEQLKSGTASVVCLLN
NFYPREAKVQWKVDNALQSGNSQESVTEQDSKDSTYSLSSTLTLSKADYEKHKVYACEVTHQGLSSPVTKSFNRGEC
;
E,G
5 'polypeptide(L)'
;DVQLQESGPGLVKPSQSLSLTCTVTGYSITSDYAWNWIRQFPGNKLEWMGYISYSGSTGYNPSLKSRISITRDTSKNQFF
LQLNSVTTEDTATYYCARLYYGFYGMDYWGQGTSVTVSSAKTTTKGPSVFPLAPSSKSTSGGTAALGCLVKDYFPEPVTV
SWNSGALTSGVHTFPAVLQSSGLYSLSSVVTVPSSSLGTQTYICNVNHKPSNTKVDK
;
F,H
6 'polypeptide(L)'
;DIQMTQSPASLSVSVGETVTITCRASENIYSNLAWYQQKQGKSPQLLVYATTNLADGVPSRFSGSGSGTQYSLKINSLQS
EDFGSYYCQHFWGTPWTFGGGTKLEIKRTVAAPSVFIFPPSDEQLKSGTASVVCLLNNFYPREAKVQWKVDNALQSGNSQ
ESVTEQDSKDSTYSLSSTLTLSKADYEKHKVYACEVTHQGLSSPVTKSFNRG
;
K
7 'polypeptide(L)'
;QVTLKESGPGILQPSQTLSLTCSFSGFSLSSSGVGVGWIRQPSGKGLEWLAHIWWDDIKRYNPALKSRLTISKDTSSSQV
FLKIASVATADTATYYCTRMETAWFPYWGQGTLVTVSAKRADARTVAAPSVFIFPPSDEQLKSGTASVVCLLNNFYPREA
KVQWKVDNALQSGNSQESVTEQDSKDSTYSLSSTLTLSKADYEKHKVYACEVTHQGLSSPVTKSFNR
;
J
#
# COMPACT_ATOMS: atom_id res chain seq x y z
N VAL A 27 42.19 -13.90 11.52
CA VAL A 27 42.49 -13.71 12.93
C VAL A 27 43.80 -12.95 13.09
N ASN A 28 44.38 -12.53 11.96
CA ASN A 28 45.62 -11.78 12.00
C ASN A 28 45.39 -10.37 12.54
N ILE A 29 46.21 -9.95 13.49
CA ILE A 29 46.12 -8.64 14.12
C ILE A 29 47.44 -7.92 13.94
N GLY A 30 47.37 -6.64 13.56
CA GLY A 30 48.54 -5.82 13.35
C GLY A 30 48.74 -4.80 14.45
N ALA A 31 49.86 -4.09 14.35
CA ALA A 31 50.20 -3.06 15.32
C ALA A 31 51.20 -2.10 14.67
N VAL A 32 51.13 -0.84 15.08
CA VAL A 32 52.01 0.19 14.53
C VAL A 32 52.51 1.10 15.64
N LEU A 33 53.74 0.88 16.10
CA LEU A 33 54.35 1.69 17.13
C LEU A 33 55.67 2.26 16.62
N SER A 34 56.28 3.11 17.43
CA SER A 34 57.53 3.79 17.06
C SER A 34 58.67 3.50 18.01
N THR A 35 58.42 3.46 19.31
CA THR A 35 59.47 3.23 20.29
C THR A 35 59.63 1.73 20.56
N ARG A 36 60.86 1.35 20.90
CA ARG A 36 61.15 -0.07 21.12
C ARG A 36 60.45 -0.59 22.37
N LYS A 37 60.27 0.27 23.39
CA LYS A 37 59.58 -0.16 24.60
C LYS A 37 58.14 -0.54 24.31
N HIS A 38 57.47 0.22 23.44
CA HIS A 38 56.10 -0.11 23.07
C HIS A 38 56.03 -1.44 22.32
N GLU A 39 56.99 -1.67 21.42
CA GLU A 39 57.04 -2.95 20.72
C GLU A 39 57.24 -4.10 21.69
N GLN A 40 58.15 -3.95 22.65
CA GLN A 40 58.40 -5.01 23.63
C GLN A 40 57.16 -5.25 24.49
N MET A 41 56.49 -4.18 24.90
CA MET A 41 55.28 -4.33 25.71
C MET A 41 54.18 -5.03 24.93
N PHE A 42 54.01 -4.69 23.64
CA PHE A 42 53.01 -5.35 22.82
C PHE A 42 53.34 -6.83 22.62
N ARG A 43 54.62 -7.14 22.40
CA ARG A 43 55.02 -8.54 22.27
C ARG A 43 54.73 -9.32 23.55
N GLU A 44 55.07 -8.74 24.70
CA GLU A 44 54.80 -9.41 25.96
C GLU A 44 53.30 -9.59 26.18
N ALA A 45 52.50 -8.59 25.82
CA ALA A 45 51.06 -8.68 26.02
C ALA A 45 50.43 -9.73 25.12
N VAL A 46 50.91 -9.85 23.88
CA VAL A 46 50.36 -10.86 22.99
C VAL A 46 50.95 -12.25 23.24
N ASN A 47 52.07 -12.33 23.96
CA ASN A 47 52.65 -13.63 24.31
C ASN A 47 52.02 -14.19 25.58
N GLN A 48 52.12 -13.46 26.68
CA GLN A 48 51.59 -13.90 27.96
C GLN A 48 50.27 -13.18 28.27
N ALA A 49 49.36 -13.91 28.93
CA ALA A 49 48.07 -13.39 29.34
C ALA A 49 47.25 -12.86 28.16
N ASN A 50 47.42 -13.47 26.99
CA ASN A 50 46.66 -13.06 25.82
C ASN A 50 45.37 -13.85 25.65
N LYS A 51 45.33 -15.08 26.14
CA LYS A 51 44.13 -15.91 26.09
C LYS A 51 43.28 -15.82 27.35
N ARG A 52 43.74 -15.07 28.36
CA ARG A 52 42.98 -14.95 29.59
C ARG A 52 41.67 -14.19 29.38
N HIS A 53 41.64 -13.26 28.44
CA HIS A 53 40.44 -12.49 28.14
C HIS A 53 39.43 -13.38 27.43
N GLY A 54 38.45 -13.87 28.18
CA GLY A 54 37.45 -14.75 27.64
C GLY A 54 37.74 -16.21 27.91
N SER A 55 37.14 -17.06 27.07
CA SER A 55 37.30 -18.50 27.18
C SER A 55 37.74 -19.19 25.88
N TRP A 56 37.46 -18.60 24.73
CA TRP A 56 37.84 -19.23 23.47
C TRP A 56 39.35 -19.13 23.26
N LYS A 57 39.95 -20.22 22.79
CA LYS A 57 41.38 -20.27 22.52
C LYS A 57 41.63 -19.54 21.21
N ILE A 58 42.15 -18.32 21.29
CA ILE A 58 42.39 -17.50 20.11
C ILE A 58 43.70 -17.93 19.46
N GLN A 59 43.79 -17.71 18.14
CA GLN A 59 44.97 -18.03 17.36
C GLN A 59 45.46 -16.79 16.61
N LEU A 60 45.46 -15.64 17.29
CA LEU A 60 45.85 -14.39 16.67
C LEU A 60 47.32 -14.41 16.27
N ASN A 61 47.63 -13.74 15.16
CA ASN A 61 48.98 -13.60 14.64
C ASN A 61 49.37 -12.13 14.79
N ALA A 62 49.95 -11.79 15.94
CA ALA A 62 50.30 -10.41 16.23
C ALA A 62 51.55 -10.00 15.47
N THR A 63 51.48 -8.87 14.78
CA THR A 63 52.61 -8.30 14.06
C THR A 63 52.68 -6.80 14.33
N SER A 64 53.90 -6.28 14.35
CA SER A 64 54.14 -4.87 14.65
C SER A 64 54.95 -4.25 13.53
N VAL A 65 54.61 -3.00 13.19
CA VAL A 65 55.30 -2.23 12.15
C VAL A 65 55.89 -0.98 12.79
N THR A 66 57.18 -0.76 12.55
CA THR A 66 57.85 0.41 13.12
C THR A 66 57.47 1.66 12.34
N HIS A 67 57.16 2.73 13.06
CA HIS A 67 56.78 3.99 12.42
C HIS A 67 58.00 4.64 11.78
N LYS A 68 57.81 5.15 10.55
CA LYS A 68 58.84 5.83 9.77
C LYS A 68 58.89 7.32 10.15
N PRO A 69 60.06 7.95 10.00
CA PRO A 69 60.14 9.39 10.30
C PRO A 69 59.32 10.25 9.36
N ASN A 70 59.06 9.78 8.14
CA ASN A 70 58.24 10.51 7.19
C ASN A 70 56.80 10.02 7.25
N ALA A 71 55.86 10.94 7.08
CA ALA A 71 54.45 10.58 7.16
C ALA A 71 53.97 9.85 5.91
N ILE A 72 54.57 10.13 4.75
CA ILE A 72 54.16 9.47 3.52
C ILE A 72 54.71 8.05 3.45
N GLN A 73 55.97 7.87 3.84
CA GLN A 73 56.57 6.53 3.81
C GLN A 73 55.88 5.61 4.79
N MET A 74 55.54 6.11 5.98
CA MET A 74 54.83 5.29 6.95
C MET A 74 53.43 4.95 6.47
N ALA A 75 52.75 5.89 5.82
CA ALA A 75 51.44 5.60 5.25
C ALA A 75 51.52 4.55 4.16
N LEU A 76 52.56 4.62 3.33
CA LEU A 76 52.74 3.61 2.29
C LEU A 76 53.03 2.24 2.90
N SER A 77 53.87 2.19 3.94
CA SER A 77 54.14 0.93 4.61
C SER A 77 52.88 0.34 5.22
N VAL A 78 52.05 1.20 5.84
CA VAL A 78 50.78 0.73 6.39
C VAL A 78 49.89 0.16 5.30
N CYS A 79 49.71 0.92 4.22
CA CYS A 79 48.85 0.49 3.12
C CYS A 79 49.36 -0.78 2.44
N GLU A 80 50.67 -1.05 2.50
CA GLU A 80 51.20 -2.23 1.85
C GLU A 80 51.33 -3.42 2.79
N ASP A 81 51.26 -3.21 4.11
CA ASP A 81 51.41 -4.31 5.06
C ASP A 81 50.11 -4.65 5.78
N LEU A 82 49.47 -3.68 6.43
CA LEU A 82 48.35 -3.98 7.32
C LEU A 82 47.15 -4.49 6.55
N ILE A 83 46.63 -3.68 5.62
CA ILE A 83 45.44 -4.08 4.87
C ILE A 83 45.75 -5.25 3.95
N SER A 84 47.01 -5.44 3.57
CA SER A 84 47.37 -6.60 2.75
C SER A 84 47.44 -7.88 3.58
N SER A 85 47.72 -7.78 4.87
CA SER A 85 47.76 -8.94 5.76
C SER A 85 46.42 -9.20 6.44
N GLN A 86 45.38 -8.45 6.10
CA GLN A 86 44.03 -8.64 6.64
C GLN A 86 44.03 -8.52 8.17
N VAL A 87 44.38 -7.33 8.64
CA VAL A 87 44.40 -7.05 10.07
C VAL A 87 43.01 -6.63 10.52
N TYR A 88 42.73 -6.83 11.81
CA TYR A 88 41.46 -6.44 12.39
C TYR A 88 41.54 -5.20 13.26
N ALA A 89 42.64 -5.00 13.98
CA ALA A 89 42.80 -3.84 14.84
C ALA A 89 44.27 -3.48 14.92
N ILE A 90 44.54 -2.25 15.35
CA ILE A 90 45.88 -1.72 15.48
C ILE A 90 45.99 -0.99 16.83
N LEU A 91 47.15 -0.41 17.08
CA LEU A 91 47.40 0.30 18.33
C LEU A 91 48.44 1.38 18.07
N VAL A 92 48.06 2.64 18.28
CA VAL A 92 48.93 3.79 18.09
C VAL A 92 49.03 4.52 19.42
N SER A 93 50.17 4.40 20.10
CA SER A 93 50.34 5.04 21.40
C SER A 93 51.71 5.70 21.56
N HIS A 94 52.46 5.90 20.48
CA HIS A 94 53.78 6.51 20.60
C HIS A 94 53.64 8.02 20.70
N PRO A 95 54.25 8.65 21.71
CA PRO A 95 54.19 10.12 21.81
C PRO A 95 54.81 10.81 20.61
N PRO A 96 56.07 10.47 20.21
CA PRO A 96 56.66 11.26 19.11
C PRO A 96 56.14 10.83 17.74
N THR A 97 54.98 11.35 17.36
CA THR A 97 54.41 11.05 16.07
C THR A 97 55.22 11.74 14.96
N PRO A 98 55.38 11.11 13.80
CA PRO A 98 56.15 11.74 12.72
C PRO A 98 55.46 12.92 12.06
N ASN A 99 54.19 13.17 12.37
CA ASN A 99 53.45 14.28 11.79
C ASN A 99 53.67 15.60 12.53
N ASP A 100 54.41 15.59 13.63
CA ASP A 100 54.67 16.78 14.44
C ASP A 100 53.38 17.46 14.90
N HIS A 101 52.33 16.66 15.10
CA HIS A 101 51.05 17.18 15.58
C HIS A 101 50.45 16.31 16.68
N PHE A 102 51.16 15.27 17.12
CA PHE A 102 50.71 14.38 18.20
C PHE A 102 49.37 13.74 17.87
N THR A 103 49.24 13.25 16.64
CA THR A 103 48.02 12.58 16.21
C THR A 103 48.34 11.64 15.06
N PRO A 104 47.74 10.44 15.03
CA PRO A 104 47.97 9.50 13.92
C PRO A 104 47.12 9.83 12.69
N THR A 105 47.59 10.80 11.90
CA THR A 105 46.87 11.27 10.73
C THR A 105 46.96 10.29 9.56
N PRO A 106 48.15 9.86 9.11
CA PRO A 106 48.20 9.04 7.91
C PRO A 106 47.59 7.66 8.09
N VAL A 107 47.86 7.00 9.22
CA VAL A 107 47.32 5.67 9.45
C VAL A 107 45.80 5.72 9.50
N SER A 108 45.24 6.73 10.18
CA SER A 108 43.79 6.85 10.26
C SER A 108 43.19 7.15 8.89
N TYR A 109 43.78 8.11 8.16
CA TYR A 109 43.24 8.46 6.85
C TYR A 109 43.39 7.33 5.84
N THR A 110 44.31 6.40 6.07
CA THR A 110 44.47 5.25 5.18
C THR A 110 43.56 4.09 5.57
N ALA A 111 43.33 3.87 6.86
CA ALA A 111 42.54 2.73 7.32
C ALA A 111 41.07 3.06 7.53
N GLY A 112 40.67 4.32 7.41
CA GLY A 112 39.26 4.65 7.55
C GLY A 112 38.38 4.13 6.43
N PHE A 113 38.97 3.82 5.28
CA PHE A 113 38.17 3.33 4.16
C PHE A 113 37.66 1.92 4.41
N TYR A 114 38.47 1.08 5.06
CA TYR A 114 38.10 -0.31 5.32
C TYR A 114 37.43 -0.50 6.67
N ARG A 115 36.91 0.56 7.28
CA ARG A 115 36.24 0.49 8.58
C ARG A 115 37.14 -0.12 9.64
N ILE A 116 38.43 0.19 9.57
CA ILE A 116 39.40 -0.36 10.52
C ILE A 116 39.37 0.46 11.80
N PRO A 117 39.18 -0.16 12.96
CA PRO A 117 39.13 0.60 14.22
C PRO A 117 40.50 1.10 14.63
N VAL A 118 40.92 2.23 14.06
CA VAL A 118 42.23 2.81 14.38
C VAL A 118 42.21 3.28 15.84
N LEU A 119 42.99 2.60 16.69
CA LEU A 119 43.09 2.98 18.09
C LEU A 119 43.93 4.24 18.25
N GLY A 120 43.27 5.40 18.31
CA GLY A 120 43.97 6.65 18.48
C GLY A 120 44.14 7.05 19.93
N LEU A 121 44.65 6.13 20.74
CA LEU A 121 44.82 6.39 22.17
C LEU A 121 45.99 7.32 22.46
N THR A 122 46.77 7.72 21.45
CA THR A 122 47.89 8.62 21.66
C THR A 122 47.49 10.09 21.64
N THR A 123 46.30 10.40 21.14
CA THR A 123 45.82 11.78 21.07
C THR A 123 44.50 11.91 21.84
N ARG A 124 44.26 13.11 22.37
CA ARG A 124 43.06 13.40 23.13
C ARG A 124 42.17 14.43 22.45
N MET A 125 42.39 14.67 21.15
CA MET A 125 41.61 15.66 20.44
C MET A 125 40.17 15.20 20.29
N SER A 126 39.23 16.01 20.79
CA SER A 126 37.82 15.67 20.68
C SER A 126 37.30 15.78 19.25
N ILE A 127 37.96 16.56 18.41
CA ILE A 127 37.52 16.69 17.02
C ILE A 127 37.76 15.39 16.26
N TYR A 128 38.86 14.71 16.55
CA TYR A 128 39.16 13.45 15.87
C TYR A 128 38.32 12.29 16.40
N SER A 129 37.87 12.38 17.65
CA SER A 129 37.03 11.34 18.23
C SER A 129 35.60 11.37 17.72
N ASP A 130 35.20 12.43 17.01
CA ASP A 130 33.85 12.52 16.48
C ASP A 130 33.65 11.50 15.36
N LYS A 131 32.44 10.94 15.29
CA LYS A 131 32.11 9.95 14.27
C LYS A 131 31.67 10.59 12.96
N SER A 132 31.83 11.90 12.81
CA SER A 132 31.43 12.57 11.57
C SER A 132 32.50 12.41 10.49
N ILE A 133 33.71 12.92 10.76
CA ILE A 133 34.79 12.84 9.78
C ILE A 133 35.59 11.54 9.88
N HIS A 134 35.51 10.84 11.01
CA HIS A 134 36.20 9.57 11.22
C HIS A 134 35.16 8.48 11.42
N LEU A 135 35.10 7.54 10.47
CA LEU A 135 34.13 6.46 10.55
C LEU A 135 34.48 5.49 11.68
N SER A 136 35.66 4.89 11.61
CA SER A 136 36.13 3.92 12.60
C SER A 136 37.41 4.48 13.22
N PHE A 137 37.27 5.20 14.33
CA PHE A 137 38.42 5.77 15.04
C PHE A 137 38.07 5.84 16.51
N LEU A 138 38.54 4.87 17.28
CA LEU A 138 38.30 4.80 18.72
C LEU A 138 39.61 5.05 19.48
N ARG A 139 39.46 5.19 20.79
CA ARG A 139 40.62 5.42 21.66
C ARG A 139 40.26 4.98 23.07
N THR A 140 41.27 4.96 23.94
CA THR A 140 41.11 4.62 25.34
C THR A 140 41.57 5.75 26.26
N VAL A 141 41.55 6.98 25.75
CA VAL A 141 41.97 8.16 26.49
C VAL A 141 40.81 9.15 26.49
N PRO A 142 40.46 9.74 27.63
CA PRO A 142 39.34 10.70 27.65
C PRO A 142 39.65 11.92 26.81
N PRO A 143 38.82 12.19 25.79
CA PRO A 143 39.03 13.40 24.98
C PRO A 143 38.54 14.65 25.69
N TYR A 144 38.56 15.78 24.99
CA TYR A 144 38.07 17.03 25.58
C TYR A 144 36.58 16.95 25.89
N SER A 145 35.82 16.16 25.11
CA SER A 145 34.40 16.02 25.39
C SER A 145 34.16 15.29 26.70
N HIS A 146 34.92 14.23 26.97
CA HIS A 146 34.76 13.53 28.24
C HIS A 146 35.20 14.40 29.42
N GLN A 147 36.26 15.20 29.22
CA GLN A 147 36.67 16.13 30.27
C GLN A 147 35.59 17.17 30.55
N SER A 148 34.96 17.69 29.50
CA SER A 148 33.87 18.65 29.68
C SER A 148 32.68 17.99 30.38
N SER A 149 32.40 16.73 30.05
CA SER A 149 31.31 16.02 30.71
C SER A 149 31.61 15.82 32.20
N VAL A 150 32.85 15.45 32.54
CA VAL A 150 33.21 15.29 33.94
C VAL A 150 33.14 16.63 34.68
N TRP A 151 33.56 17.71 34.02
CA TRP A 151 33.44 19.03 34.63
C TRP A 151 32.00 19.41 34.88
N PHE A 152 31.12 19.13 33.90
CA PHE A 152 29.70 19.43 34.08
C PHE A 152 29.10 18.58 35.19
N GLU A 153 29.53 17.33 35.31
CA GLU A 153 29.05 16.47 36.40
C GLU A 153 29.51 16.98 37.75
N MET A 154 30.74 17.49 37.83
CA MET A 154 31.23 18.06 39.08
C MET A 154 30.56 19.39 39.39
N MET A 155 30.06 20.09 38.36
CA MET A 155 29.44 21.39 38.59
C MET A 155 28.05 21.25 39.22
N ARG A 156 27.27 20.26 38.78
CA ARG A 156 25.92 20.09 39.29
C ARG A 156 25.90 19.61 40.73
N VAL A 157 27.03 19.11 41.25
CA VAL A 157 27.07 18.65 42.63
C VAL A 157 27.03 19.84 43.59
N TYR A 158 27.84 20.87 43.30
CA TYR A 158 27.90 22.05 44.13
C TYR A 158 27.05 23.19 43.58
N ASN A 159 26.12 22.89 42.69
CA ASN A 159 25.20 23.87 42.10
C ASN A 159 25.97 25.01 41.41
N TRP A 160 26.83 24.63 40.47
CA TRP A 160 27.60 25.59 39.69
C TRP A 160 26.92 25.78 38.34
N ASN A 161 25.92 26.66 38.33
CA ASN A 161 25.17 26.91 37.10
C ASN A 161 25.80 28.04 36.29
N HIS A 162 25.95 29.22 36.89
CA HIS A 162 26.52 30.38 36.21
C HIS A 162 28.03 30.32 36.34
N ILE A 163 28.67 29.75 35.32
CA ILE A 163 30.13 29.62 35.28
C ILE A 163 30.65 30.37 34.05
N ILE A 164 31.97 30.53 34.01
CA ILE A 164 32.64 31.21 32.91
C ILE A 164 33.61 30.23 32.25
N LEU A 165 33.80 30.40 30.95
CA LEU A 165 34.68 29.54 30.16
C LEU A 165 35.79 30.41 29.57
N LEU A 166 37.03 30.16 29.98
CA LEU A 166 38.19 30.89 29.49
C LEU A 166 38.99 30.09 28.47
N VAL A 167 38.33 29.23 27.69
CA VAL A 167 39.02 28.43 26.70
C VAL A 167 39.53 29.33 25.58
N SER A 168 40.84 29.31 25.36
CA SER A 168 41.45 30.13 24.32
C SER A 168 41.59 29.38 23.00
N ASP A 169 41.69 28.06 23.05
CA ASP A 169 41.81 27.27 21.83
C ASP A 169 40.54 27.39 20.99
N ASP A 170 40.71 27.30 19.66
CA ASP A 170 39.61 27.47 18.73
C ASP A 170 39.11 26.15 18.16
N HIS A 171 40.00 25.33 17.59
CA HIS A 171 39.59 24.12 16.88
C HIS A 171 38.78 23.20 17.79
N GLU A 172 39.39 22.71 18.86
CA GLU A 172 38.68 21.86 19.81
C GLU A 172 37.92 22.68 20.85
N GLY A 173 38.31 23.94 21.08
CA GLY A 173 37.59 24.77 22.01
C GLY A 173 36.16 25.06 21.57
N ARG A 174 35.93 25.12 20.25
CA ARG A 174 34.58 25.31 19.75
C ARG A 174 33.69 24.13 20.13
N ALA A 175 34.17 22.91 19.89
CA ALA A 175 33.39 21.73 20.28
C ALA A 175 33.22 21.66 21.78
N ALA A 176 34.26 22.04 22.53
CA ALA A 176 34.16 22.03 23.99
C ALA A 176 33.07 22.97 24.48
N GLN A 177 33.05 24.21 23.99
CA GLN A 177 32.04 25.17 24.43
C GLN A 177 30.65 24.79 23.91
N LYS A 178 30.57 24.15 22.75
CA LYS A 178 29.28 23.68 22.25
C LYS A 178 28.73 22.60 23.18
N ARG A 179 29.56 21.62 23.55
CA ARG A 179 29.12 20.60 24.49
C ARG A 179 28.74 21.20 25.83
N LEU A 180 29.51 22.19 26.29
CA LEU A 180 29.21 22.83 27.57
C LEU A 180 27.86 23.52 27.54
N GLU A 181 27.59 24.31 26.49
CA GLU A 181 26.32 25.02 26.43
C GLU A 181 25.15 24.07 26.19
N THR A 182 25.35 22.97 25.46
CA THR A 182 24.28 22.00 25.29
C THR A 182 23.95 21.31 26.61
N LEU A 183 24.97 20.96 27.38
CA LEU A 183 24.72 20.35 28.69
C LEU A 183 24.07 21.35 29.64
N LEU A 184 24.45 22.62 29.55
CA LEU A 184 23.81 23.64 30.38
C LEU A 184 22.33 23.80 30.02
N GLU A 185 22.02 23.77 28.71
CA GLU A 185 20.62 23.82 28.30
C GLU A 185 19.87 22.57 28.74
N GLU A 186 20.54 21.42 28.74
CA GLU A 186 19.91 20.19 29.20
C GLU A 186 19.67 20.22 30.71
N ARG A 187 20.46 21.00 31.44
CA ARG A 187 20.25 21.17 32.88
C ARG A 187 19.22 22.23 33.20
N GLU A 188 18.42 22.66 32.21
CA GLU A 188 17.39 23.69 32.41
C GLU A 188 18.00 24.99 32.95
N SER A 189 19.13 25.38 32.39
CA SER A 189 19.83 26.60 32.80
C SER A 189 20.59 27.14 31.60
N LYS A 190 21.40 28.18 31.84
CA LYS A 190 22.18 28.80 30.79
C LYS A 190 23.34 29.55 31.42
N ALA A 191 24.56 29.32 30.90
CA ALA A 191 25.74 30.00 31.41
C ALA A 191 25.80 31.43 30.89
N GLU A 192 26.83 32.15 31.33
CA GLU A 192 27.03 33.54 30.96
C GLU A 192 28.19 33.74 29.99
N LYS A 193 29.31 33.07 30.20
CA LYS A 193 30.49 33.20 29.35
C LYS A 193 30.86 31.82 28.82
N VAL A 194 30.55 31.57 27.55
CA VAL A 194 30.88 30.31 26.89
C VAL A 194 31.57 30.60 25.57
N LEU A 195 32.03 31.83 25.39
CA LEU A 195 32.68 32.26 24.17
C LEU A 195 34.19 32.42 24.39
N GLN A 196 34.93 32.35 23.30
CA GLN A 196 36.38 32.52 23.31
C GLN A 196 36.76 33.94 22.94
N PHE A 197 37.98 34.33 23.30
CA PHE A 197 38.48 35.68 23.05
C PHE A 197 39.64 35.67 22.05
N ASP A 198 40.71 34.94 22.36
CA ASP A 198 41.88 34.87 21.48
C ASP A 198 42.80 33.75 21.93
N PRO A 199 43.36 32.96 21.00
CA PRO A 199 44.29 31.90 21.39
C PRO A 199 45.62 32.45 21.88
N GLY A 200 45.87 32.32 23.19
CA GLY A 200 47.12 32.76 23.77
C GLY A 200 47.29 34.27 23.77
N THR A 201 46.34 34.98 24.37
CA THR A 201 46.39 36.43 24.46
C THR A 201 46.86 36.87 25.84
N LYS A 202 47.10 38.18 25.96
CA LYS A 202 47.57 38.77 27.21
C LYS A 202 46.74 39.96 27.65
N ASN A 203 45.58 40.19 27.03
CA ASN A 203 44.70 41.29 27.37
C ASN A 203 43.42 40.79 28.03
N VAL A 204 43.54 39.78 28.87
CA VAL A 204 42.39 39.17 29.54
C VAL A 204 42.08 39.92 30.84
N THR A 205 42.74 41.06 31.04
CA THR A 205 42.50 41.83 32.26
C THR A 205 41.05 42.32 32.33
N ALA A 206 40.48 42.69 31.18
CA ALA A 206 39.11 43.20 31.17
C ALA A 206 38.12 42.11 31.55
N LEU A 207 38.23 40.93 30.94
CA LEU A 207 37.32 39.84 31.27
C LEU A 207 37.52 39.36 32.71
N LEU A 208 38.75 39.40 33.20
CA LEU A 208 38.98 39.03 34.61
C LEU A 208 38.33 40.02 35.56
N MET A 209 38.48 41.33 35.29
CA MET A 209 37.84 42.33 36.12
C MET A 209 36.32 42.23 36.04
N GLU A 210 35.78 41.85 34.88
CA GLU A 210 34.34 41.63 34.78
C GLU A 210 33.91 40.39 35.56
N ALA A 211 34.74 39.34 35.57
CA ALA A 211 34.43 38.13 36.31
C ALA A 211 34.61 38.32 37.81
N ARG A 212 35.34 39.35 38.23
CA ARG A 212 35.48 39.62 39.66
C ARG A 212 34.15 39.97 40.32
N GLU A 213 33.14 40.33 39.55
CA GLU A 213 31.82 40.69 40.06
C GLU A 213 30.74 39.86 39.39
N LEU A 214 30.96 38.55 39.30
CA LEU A 214 30.02 37.62 38.71
C LEU A 214 29.56 36.62 39.78
N GLU A 215 28.79 35.61 39.35
CA GLU A 215 28.23 34.65 40.28
C GLU A 215 29.31 33.72 40.83
N ALA A 216 29.98 32.98 39.95
CA ALA A 216 30.98 32.01 40.35
C ALA A 216 32.31 32.32 39.69
N ARG A 217 33.40 32.04 40.42
CA ARG A 217 34.75 32.25 39.92
C ARG A 217 35.36 30.97 39.35
N VAL A 218 34.53 30.01 38.95
CA VAL A 218 35.02 28.74 38.43
C VAL A 218 35.64 28.99 37.06
N ILE A 219 36.96 28.88 36.97
CA ILE A 219 37.67 29.09 35.71
C ILE A 219 37.67 27.78 34.93
N ILE A 220 37.13 27.82 33.71
CA ILE A 220 37.08 26.66 32.83
C ILE A 220 38.06 26.90 31.70
N LEU A 221 39.19 26.20 31.73
CA LEU A 221 40.24 26.33 30.73
C LEU A 221 40.56 24.96 30.17
N SER A 222 40.43 24.79 28.86
CA SER A 222 40.67 23.53 28.17
C SER A 222 41.51 23.76 26.93
N ALA A 223 42.59 24.53 27.07
CA ALA A 223 43.48 24.87 25.97
C ALA A 223 44.74 24.01 26.02
N SER A 224 45.70 24.34 25.16
CA SER A 224 46.94 23.58 25.07
C SER A 224 47.90 24.05 26.17
N GLU A 225 49.16 23.63 26.07
CA GLU A 225 50.15 23.99 27.09
C GLU A 225 50.39 25.50 27.14
N ASP A 226 50.86 26.06 26.03
CA ASP A 226 51.20 27.48 26.02
C ASP A 226 49.95 28.36 26.09
N ASP A 227 48.86 27.93 25.44
CA ASP A 227 47.63 28.72 25.46
C ASP A 227 47.05 28.82 26.87
N ALA A 228 47.26 27.80 27.69
CA ALA A 228 46.82 27.87 29.08
C ALA A 228 47.85 28.57 29.97
N ALA A 229 49.15 28.41 29.65
CA ALA A 229 50.18 29.06 30.44
C ALA A 229 50.13 30.58 30.30
N THR A 230 49.76 31.08 29.12
CA THR A 230 49.61 32.52 28.94
C THR A 230 48.49 33.07 29.84
N VAL A 231 47.35 32.37 29.87
CA VAL A 231 46.25 32.79 30.73
C VAL A 231 46.66 32.69 32.19
N TYR A 232 47.41 31.64 32.54
CA TYR A 232 47.84 31.47 33.94
C TYR A 232 48.75 32.61 34.38
N ARG A 233 49.74 32.97 33.54
CA ARG A 233 50.62 34.06 33.91
C ARG A 233 49.91 35.41 33.90
N ALA A 234 48.93 35.59 32.99
CA ALA A 234 48.17 36.83 32.98
C ALA A 234 47.32 36.97 34.23
N ALA A 235 46.76 35.85 34.71
CA ALA A 235 45.99 35.89 35.95
C ALA A 235 46.91 36.07 37.16
N ALA A 236 48.12 35.52 37.11
CA ALA A 236 49.08 35.70 38.20
C ALA A 236 49.57 37.14 38.27
N MET A 237 49.68 37.82 37.13
CA MET A 237 50.07 39.22 37.13
C MET A 237 48.99 40.14 37.72
N LEU A 238 47.75 39.67 37.78
CA LEU A 238 46.65 40.45 38.33
C LEU A 238 46.18 39.91 39.68
N ASN A 239 46.94 39.02 40.31
CA ASN A 239 46.62 38.46 41.62
C ASN A 239 45.26 37.76 41.60
N MET A 240 45.07 36.91 40.60
CA MET A 240 43.83 36.14 40.45
C MET A 240 44.00 34.75 41.09
N THR A 241 44.27 34.75 42.39
CA THR A 241 44.48 33.51 43.14
C THR A 241 43.76 33.52 44.48
N GLY A 242 42.62 34.21 44.55
CA GLY A 242 41.86 34.28 45.78
C GLY A 242 41.06 33.03 46.06
N SER A 243 40.03 33.18 46.87
CA SER A 243 39.16 32.08 47.24
C SER A 243 37.98 31.97 46.27
N GLY A 244 37.61 30.73 45.95
CA GLY A 244 36.49 30.48 45.06
C GLY A 244 36.87 30.22 43.61
N TYR A 245 38.16 30.22 43.27
CA TYR A 245 38.61 29.99 41.91
C TYR A 245 38.88 28.51 41.73
N VAL A 246 37.92 27.81 41.14
CA VAL A 246 38.02 26.38 40.89
C VAL A 246 38.58 26.19 39.47
N TRP A 247 39.85 25.82 39.38
CA TRP A 247 40.52 25.64 38.09
C TRP A 247 40.36 24.19 37.65
N LEU A 248 39.72 23.99 36.50
CA LEU A 248 39.51 22.66 35.94
C LEU A 248 40.46 22.49 34.75
N VAL A 249 41.46 21.63 34.93
CA VAL A 249 42.44 21.36 33.88
C VAL A 249 42.19 19.95 33.33
N GLY A 250 42.86 19.64 32.22
CA GLY A 250 42.74 18.37 31.55
C GLY A 250 43.88 17.43 31.90
N GLU A 251 44.20 16.54 30.95
CA GLU A 251 45.26 15.57 31.14
C GLU A 251 46.63 16.11 30.75
N ARG A 252 46.70 16.88 29.66
CA ARG A 252 47.97 17.39 29.18
C ARG A 252 47.98 18.92 29.17
N GLU A 253 47.53 19.53 30.27
CA GLU A 253 47.52 20.98 30.39
C GLU A 253 48.50 21.51 31.42
N ILE A 254 48.93 20.68 32.38
CA ILE A 254 49.88 21.08 33.40
C ILE A 254 50.97 20.00 33.43
N SER A 255 52.06 20.24 32.71
CA SER A 255 53.15 19.27 32.64
C SER A 255 54.43 19.99 32.24
N GLY A 256 55.51 19.73 32.95
CA GLY A 256 56.80 20.32 32.63
C GLY A 256 57.02 21.67 33.29
N ASN A 257 56.32 22.70 32.81
CA ASN A 257 56.49 24.04 33.34
C ASN A 257 55.17 24.76 33.63
N ALA A 258 54.02 24.20 33.23
CA ALA A 258 52.75 24.85 33.48
C ALA A 258 52.29 24.76 34.93
N LEU A 259 53.00 23.98 35.76
CA LEU A 259 52.60 23.86 37.16
C LEU A 259 52.93 25.13 37.95
N ARG A 260 53.96 25.87 37.54
CA ARG A 260 54.32 27.09 38.24
C ARG A 260 53.39 28.24 37.87
N TYR A 261 53.08 28.39 36.58
CA TYR A 261 52.18 29.46 36.17
C TYR A 261 50.78 29.28 36.71
N ALA A 262 50.31 28.04 36.82
CA ALA A 262 49.00 27.77 37.38
C ALA A 262 49.02 27.92 38.89
N PRO A 263 47.93 28.41 39.49
CA PRO A 263 47.88 28.55 40.95
C PRO A 263 48.00 27.19 41.64
N ASP A 264 48.60 27.22 42.82
CA ASP A 264 48.80 26.00 43.60
C ASP A 264 47.46 25.52 44.15
N GLY A 265 47.00 24.37 43.66
CA GLY A 265 45.74 23.82 44.12
C GLY A 265 44.74 23.53 43.01
N ILE A 266 45.24 23.43 41.78
CA ILE A 266 44.36 23.16 40.66
C ILE A 266 43.85 21.72 40.73
N ILE A 267 42.68 21.49 40.15
CA ILE A 267 42.06 20.16 40.16
C ILE A 267 42.61 19.42 38.94
N GLY A 268 43.65 18.63 39.16
CA GLY A 268 44.30 17.90 38.08
C GLY A 268 43.65 16.56 37.80
N LEU A 269 42.84 16.49 36.75
CA LEU A 269 42.16 15.25 36.40
C LEU A 269 43.13 14.25 35.81
N GLN A 270 42.95 12.98 36.16
CA GLN A 270 43.80 11.91 35.66
C GLN A 270 43.01 10.61 35.67
N LEU A 271 43.00 9.92 34.54
CA LEU A 271 42.23 8.69 34.39
C LEU A 271 43.15 7.47 34.54
N ILE A 272 42.57 6.36 35.01
CA ILE A 272 43.34 5.15 35.23
C ILE A 272 43.94 4.67 33.91
N ASN A 273 45.22 4.32 33.96
CA ASN A 273 45.97 3.85 32.78
C ASN A 273 45.97 4.90 31.68
N GLY A 274 46.10 6.16 32.07
CA GLY A 274 46.14 7.25 31.11
C GLY A 274 47.51 7.89 31.01
N LYS A 275 48.23 7.95 32.13
CA LYS A 275 49.56 8.54 32.16
C LYS A 275 50.64 7.51 31.79
N ASN A 276 50.62 6.35 32.45
CA ASN A 276 51.60 5.32 32.17
C ASN A 276 51.38 4.75 30.77
N GLU A 277 52.45 4.72 29.97
CA GLU A 277 52.35 4.21 28.62
C GLU A 277 52.16 2.70 28.59
N SER A 278 52.88 1.98 29.46
CA SER A 278 52.77 0.53 29.51
C SER A 278 51.38 0.10 29.95
N ALA A 279 50.85 0.73 31.00
CA ALA A 279 49.50 0.40 31.47
C ALA A 279 48.46 0.72 30.42
N HIS A 280 48.62 1.84 29.72
CA HIS A 280 47.68 2.21 28.66
C HIS A 280 47.72 1.20 27.52
N ILE A 281 48.92 0.78 27.12
CA ILE A 281 49.04 -0.22 26.06
C ILE A 281 48.41 -1.54 26.50
N SER A 282 48.62 -1.93 27.76
CA SER A 282 48.02 -3.15 28.26
C SER A 282 46.50 -3.07 28.26
N ASP A 283 45.95 -1.93 28.68
CA ASP A 283 44.50 -1.75 28.66
C ASP A 283 43.96 -1.80 27.23
N ALA A 284 44.68 -1.19 26.29
CA ALA A 284 44.24 -1.22 24.90
C ALA A 284 44.27 -2.64 24.34
N VAL A 285 45.32 -3.40 24.66
CA VAL A 285 45.40 -4.79 24.21
C VAL A 285 44.28 -5.61 24.81
N GLY A 286 43.95 -5.37 26.09
CA GLY A 286 42.85 -6.07 26.71
C GLY A 286 41.51 -5.75 26.07
N VAL A 287 41.30 -4.47 25.74
CA VAL A 287 40.05 -4.08 25.08
C VAL A 287 39.97 -4.72 23.70
N VAL A 288 41.08 -4.75 22.97
CA VAL A 288 41.09 -5.38 21.65
C VAL A 288 40.80 -6.88 21.77
N ALA A 289 41.37 -7.53 22.78
CA ALA A 289 41.12 -8.96 22.98
C ALA A 289 39.65 -9.21 23.32
N GLN A 290 39.07 -8.37 24.18
CA GLN A 290 37.66 -8.52 24.51
C GLN A 290 36.78 -8.30 23.28
N ALA A 291 37.13 -7.34 22.43
CA ALA A 291 36.37 -7.10 21.21
C ALA A 291 36.46 -8.29 20.26
N VAL A 292 37.66 -8.86 20.12
CA VAL A 292 37.83 -10.02 19.25
C VAL A 292 37.04 -11.20 19.79
N HIS A 293 37.03 -11.38 21.12
CA HIS A 293 36.28 -12.47 21.72
C HIS A 293 34.78 -12.29 21.51
N GLU A 294 34.28 -11.07 21.70
CA GLU A 294 32.86 -10.80 21.46
C GLU A 294 32.50 -10.99 19.99
N LEU A 295 33.42 -10.68 19.07
CA LEU A 295 33.16 -10.93 17.66
C LEU A 295 33.11 -12.42 17.37
N LEU A 296 34.03 -13.19 17.97
CA LEU A 296 34.02 -14.64 17.77
C LEU A 296 32.84 -15.31 18.43
N GLU A 297 32.23 -14.68 19.43
CA GLU A 297 31.05 -15.26 20.08
C GLU A 297 29.87 -15.33 19.11
N LYS A 298 29.67 -14.30 18.30
CA LYS A 298 28.56 -14.24 17.39
C LYS A 298 28.95 -14.86 16.04
N GLU A 299 28.06 -14.76 15.05
CA GLU A 299 28.28 -15.32 13.74
C GLU A 299 28.84 -14.25 12.80
N ASN A 300 28.90 -14.57 11.50
CA ASN A 300 29.40 -13.66 10.47
C ASN A 300 30.85 -13.26 10.75
N ILE A 301 31.70 -14.26 10.94
CA ILE A 301 33.13 -14.03 11.20
C ILE A 301 33.82 -14.02 9.84
N THR A 302 33.91 -12.84 9.24
CA THR A 302 34.52 -12.67 7.93
C THR A 302 35.77 -11.81 8.05
N ASP A 303 36.68 -11.98 7.08
CA ASP A 303 37.93 -11.24 7.07
C ASP A 303 37.78 -9.96 6.24
N PRO A 304 38.50 -8.90 6.61
CA PRO A 304 38.43 -7.66 5.84
C PRO A 304 38.99 -7.86 4.45
N PRO A 305 38.53 -7.09 3.47
CA PRO A 305 39.07 -7.23 2.11
C PRO A 305 40.54 -6.84 2.05
N ARG A 306 41.32 -7.66 1.37
CA ARG A 306 42.76 -7.40 1.23
C ARG A 306 42.98 -6.22 0.29
N GLY A 307 43.75 -5.24 0.75
CA GLY A 307 43.97 -4.03 -0.01
C GLY A 307 45.13 -4.12 -0.99
N CYS A 308 44.94 -4.87 -2.07
CA CYS A 308 45.95 -4.98 -3.12
C CYS A 308 45.70 -3.89 -4.17
N VAL A 309 46.41 -3.99 -5.30
CA VAL A 309 46.26 -3.00 -6.36
C VAL A 309 44.90 -3.18 -7.03
N GLY A 310 44.20 -2.07 -7.27
CA GLY A 310 42.92 -2.09 -7.94
C GLY A 310 41.76 -2.50 -7.06
N ASN A 311 42.00 -2.88 -5.80
CA ASN A 311 40.94 -3.32 -4.90
C ASN A 311 40.37 -2.11 -4.17
N THR A 312 39.06 -1.90 -4.32
CA THR A 312 38.35 -0.80 -3.68
C THR A 312 37.09 -1.32 -2.99
N ASN A 313 37.24 -2.41 -2.24
CA ASN A 313 36.12 -3.04 -1.55
C ASN A 313 35.98 -2.49 -0.15
N ILE A 314 34.74 -2.42 0.32
CA ILE A 314 34.40 -1.92 1.65
C ILE A 314 34.13 -3.10 2.56
N TRP A 315 34.59 -3.01 3.80
CA TRP A 315 34.38 -4.08 4.78
C TRP A 315 32.89 -4.22 5.07
N LYS A 316 32.36 -5.43 4.90
CA LYS A 316 30.94 -5.65 5.10
C LYS A 316 30.56 -5.58 6.57
N THR A 317 31.41 -6.10 7.46
CA THR A 317 31.14 -6.08 8.90
C THR A 317 31.75 -4.85 9.57
N GLY A 318 31.41 -3.67 9.03
CA GLY A 318 31.89 -2.42 9.60
C GLY A 318 30.94 -1.83 10.62
N PRO A 319 29.67 -1.64 10.23
CA PRO A 319 28.68 -1.17 11.22
C PRO A 319 28.49 -2.14 12.37
N LEU A 320 28.52 -3.44 12.10
CA LEU A 320 28.41 -4.43 13.18
C LEU A 320 29.61 -4.34 14.12
N PHE A 321 30.80 -4.12 13.57
CA PHE A 321 31.98 -3.95 14.40
C PHE A 321 31.88 -2.68 15.25
N LYS A 322 31.40 -1.59 14.67
CA LYS A 322 31.18 -0.38 15.44
C LYS A 322 30.18 -0.60 16.56
N ARG A 323 29.12 -1.37 16.28
CA ARG A 323 28.11 -1.65 17.30
C ARG A 323 28.70 -2.48 18.44
N VAL A 324 29.42 -3.54 18.11
CA VAL A 324 30.02 -4.37 19.15
C VAL A 324 31.17 -3.68 19.85
N LEU A 325 31.70 -2.58 19.29
CA LEU A 325 32.72 -1.80 19.96
C LEU A 325 32.13 -0.78 20.93
N MET A 326 31.28 0.12 20.44
CA MET A 326 30.78 1.22 21.25
C MET A 326 29.32 1.07 21.68
N SER A 327 28.48 0.47 20.85
CA SER A 327 27.06 0.33 21.19
C SER A 327 26.80 -0.78 22.20
N SER A 328 27.76 -1.67 22.43
CA SER A 328 27.61 -2.77 23.37
C SER A 328 28.44 -2.49 24.62
N LYS A 329 28.41 -3.45 25.55
CA LYS A 329 29.14 -3.35 26.80
C LYS A 329 30.25 -4.39 26.85
N TYR A 330 31.07 -4.29 27.90
CA TYR A 330 32.19 -5.21 28.11
C TYR A 330 32.06 -5.83 29.48
N ALA A 331 32.06 -7.16 29.54
CA ALA A 331 31.94 -7.85 30.81
C ALA A 331 33.27 -7.98 31.54
N ASP A 332 34.37 -8.09 30.82
CA ASP A 332 35.69 -8.23 31.41
C ASP A 332 36.64 -7.30 30.68
N GLY A 333 37.93 -7.45 30.97
CA GLY A 333 38.97 -6.64 30.37
C GLY A 333 39.99 -6.24 31.40
N VAL A 334 40.84 -5.29 31.03
CA VAL A 334 41.88 -4.82 31.95
C VAL A 334 41.26 -3.91 33.02
N THR A 335 40.44 -2.95 32.59
CA THR A 335 39.80 -2.05 33.55
C THR A 335 38.74 -2.76 34.38
N GLY A 336 38.12 -3.80 33.83
CA GLY A 336 37.12 -4.55 34.57
C GLY A 336 35.89 -3.74 34.94
N ARG A 337 35.43 -2.88 34.04
CA ARG A 337 34.27 -2.03 34.29
C ARG A 337 33.21 -2.27 33.21
N VAL A 338 32.03 -1.70 33.44
CA VAL A 338 30.89 -1.88 32.54
C VAL A 338 30.42 -0.51 32.06
N GLU A 339 29.34 -0.51 31.29
CA GLU A 339 28.72 0.72 30.76
C GLU A 339 29.73 1.52 29.91
N PHE A 340 30.13 0.89 28.81
CA PHE A 340 31.02 1.55 27.87
C PHE A 340 30.28 2.64 27.11
N ASN A 341 30.99 3.72 26.79
CA ASN A 341 30.37 4.87 26.15
C ASN A 341 29.92 4.52 24.73
N GLU A 342 28.88 5.21 24.27
CA GLU A 342 28.30 4.97 22.96
C GLU A 342 29.06 5.65 21.84
N ASP A 343 30.25 6.19 22.11
CA ASP A 343 31.06 6.85 21.10
C ASP A 343 32.46 6.26 20.95
N GLY A 344 32.85 5.33 21.80
CA GLY A 344 34.18 4.75 21.72
C GLY A 344 35.30 5.68 22.13
N ASP A 345 35.03 6.60 23.06
CA ASP A 345 36.05 7.54 23.51
C ASP A 345 36.76 7.04 24.77
N ARG A 346 36.00 6.77 25.83
CA ARG A 346 36.57 6.29 27.08
C ARG A 346 35.45 5.73 27.94
N LYS A 347 35.68 4.55 28.52
CA LYS A 347 34.70 3.93 29.38
C LYS A 347 34.60 4.69 30.70
N PHE A 348 33.36 4.96 31.14
CA PHE A 348 33.13 5.65 32.39
C PHE A 348 33.55 4.75 33.55
N ALA A 349 34.65 5.11 34.22
CA ALA A 349 35.17 4.33 35.32
C ALA A 349 35.64 5.28 36.41
N ASN A 350 36.36 4.74 37.39
CA ASN A 350 36.86 5.55 38.49
C ASN A 350 38.02 6.42 38.03
N TYR A 351 38.08 7.64 38.57
CA TYR A 351 39.12 8.60 38.23
C TYR A 351 40.20 8.62 39.31
N SER A 352 41.36 9.13 38.94
CA SER A 352 42.49 9.26 39.85
C SER A 352 42.91 10.72 39.96
N ILE A 353 41.94 11.61 40.12
CA ILE A 353 42.20 13.05 40.18
C ILE A 353 43.06 13.37 41.39
N MET A 354 44.28 13.85 41.14
CA MET A 354 45.23 14.20 42.18
C MET A 354 45.40 15.71 42.25
N ASN A 355 45.42 16.25 43.46
CA ASN A 355 45.61 17.68 43.65
C ASN A 355 47.09 18.03 43.60
N LEU A 356 47.37 19.30 43.32
CA LEU A 356 48.74 19.79 43.14
C LEU A 356 49.00 20.99 44.05
N GLN A 357 48.66 20.85 45.32
CA GLN A 357 48.97 21.88 46.31
C GLN A 357 50.47 21.92 46.53
N ASN A 358 51.13 22.91 45.94
CA ASN A 358 52.59 23.06 46.01
C ASN A 358 53.31 21.81 45.51
N ARG A 359 52.73 21.13 44.53
CA ARG A 359 53.30 19.93 43.92
C ARG A 359 53.57 18.85 44.96
N LYS A 360 52.49 18.39 45.58
CA LYS A 360 52.53 17.34 46.59
C LYS A 360 51.63 16.18 46.17
N LEU A 361 51.51 15.20 47.05
CA LEU A 361 50.74 13.99 46.79
C LEU A 361 49.29 14.11 47.25
N VAL A 362 48.81 15.32 47.55
CA VAL A 362 47.43 15.48 47.98
C VAL A 362 46.48 15.21 46.80
N GLN A 363 45.24 14.87 47.14
CA GLN A 363 44.23 14.57 46.14
C GLN A 363 42.89 15.17 46.57
N VAL A 364 41.96 15.21 45.62
CA VAL A 364 40.61 15.72 45.87
C VAL A 364 39.61 14.64 45.51
N GLY A 365 38.31 14.96 45.64
CA GLY A 365 37.25 14.03 45.31
C GLY A 365 37.31 13.53 43.88
N ILE A 366 37.38 12.21 43.72
CA ILE A 366 37.51 11.59 42.41
C ILE A 366 36.13 11.15 41.92
N TYR A 367 35.99 11.04 40.61
CA TYR A 367 34.75 10.61 39.98
C TYR A 367 34.81 9.10 39.75
N ASN A 368 33.83 8.38 40.30
CA ASN A 368 33.81 6.92 40.27
C ASN A 368 32.93 6.38 39.15
N GLY A 369 32.84 7.08 38.02
CA GLY A 369 32.08 6.63 36.87
C GLY A 369 30.63 7.08 36.84
N THR A 370 29.97 7.08 37.99
CA THR A 370 28.58 7.50 38.08
C THR A 370 28.35 8.69 38.99
N HIS A 371 29.16 8.86 40.04
CA HIS A 371 29.01 9.98 40.94
C HIS A 371 30.30 10.16 41.73
N VAL A 372 30.63 11.42 42.02
CA VAL A 372 31.85 11.71 42.76
C VAL A 372 31.67 11.28 44.22
N ILE A 373 32.62 10.49 44.71
CA ILE A 373 32.61 10.01 46.09
C ILE A 373 33.83 10.60 46.79
N PRO A 374 33.66 11.27 47.93
CA PRO A 374 34.81 11.85 48.62
C PRO A 374 35.75 10.76 49.14
N ASN A 375 37.04 11.06 49.09
CA ASN A 375 38.07 10.13 49.56
C ASN A 375 38.33 10.37 51.05
N ASP A 376 39.43 9.78 51.55
CA ASP A 376 39.74 9.91 52.97
C ASP A 376 40.02 11.36 53.35
N ARG A 377 40.96 12.00 52.65
CA ARG A 377 41.28 13.40 52.89
C ARG A 377 40.40 14.28 52.00
N LYS A 378 39.80 15.30 52.61
CA LYS A 378 38.84 16.13 51.90
C LYS A 378 39.55 17.05 50.91
N ILE A 379 38.75 17.84 50.18
CA ILE A 379 39.30 18.70 49.15
C ILE A 379 39.98 19.90 49.78
N ILE A 380 41.22 20.17 49.36
CA ILE A 380 41.99 21.32 49.82
C ILE A 380 41.85 22.42 48.77
N TRP A 381 41.51 23.63 49.22
CA TRP A 381 41.28 24.73 48.31
C TRP A 381 42.39 25.77 48.42
N PRO A 382 42.76 26.41 47.30
CA PRO A 382 43.82 27.43 47.36
C PRO A 382 43.44 28.69 48.12
N GLY A 383 42.15 28.87 48.45
CA GLY A 383 41.75 30.07 49.17
C GLY A 383 42.32 30.15 50.57
N GLY A 384 42.57 29.01 51.20
CA GLY A 384 43.12 28.99 52.54
C GLY A 384 42.42 28.01 53.46
N GLU A 385 41.13 27.80 53.24
CA GLU A 385 40.34 26.88 54.03
C GLU A 385 40.19 25.55 53.28
N THR A 386 39.53 24.59 53.94
CA THR A 386 39.29 23.28 53.37
C THR A 386 37.82 23.00 53.09
N GLU A 387 36.90 23.77 53.66
CA GLU A 387 35.47 23.56 53.43
C GLU A 387 35.07 24.19 52.11
N LYS A 388 33.77 24.28 51.86
CA LYS A 388 33.26 24.89 50.64
C LYS A 388 33.66 26.36 50.57
N PRO A 389 34.44 26.78 49.58
CA PRO A 389 34.87 28.17 49.49
C PRO A 389 33.72 29.07 49.04
N ARG A 390 34.04 30.35 48.85
CA ARG A 390 33.05 31.35 48.43
C ARG A 390 32.89 31.36 46.92
N GLY A 391 32.59 30.20 46.35
CA GLY A 391 32.38 30.08 44.92
C GLY A 391 31.05 30.67 44.48
N TYR A 392 29.96 30.18 45.06
CA TYR A 392 28.63 30.70 44.75
C TYR A 392 28.44 32.06 45.42
N GLN A 393 28.97 33.10 44.82
CA GLN A 393 28.95 34.45 45.39
C GLN A 393 27.86 35.28 44.71
N MET A 394 27.17 36.10 45.50
CA MET A 394 26.12 36.96 44.98
C MET A 394 26.75 38.16 44.28
N SER A 395 26.66 38.20 42.96
CA SER A 395 27.22 39.29 42.19
C SER A 395 26.54 40.60 42.54
N THR A 396 27.35 41.61 42.88
CA THR A 396 26.80 42.90 43.27
C THR A 396 26.24 43.66 42.07
N ARG A 397 26.72 43.38 40.87
CA ARG A 397 26.25 44.06 39.67
C ARG A 397 24.94 43.44 39.24
N LEU A 398 23.84 44.12 39.56
CA LEU A 398 22.48 43.65 39.23
C LEU A 398 21.82 44.70 38.35
N LYS A 399 21.65 44.38 37.07
CA LYS A 399 21.02 45.30 36.13
C LYS A 399 19.54 45.43 36.45
N ILE A 400 19.13 46.60 36.90
CA ILE A 400 17.73 46.87 37.25
C ILE A 400 17.13 47.62 36.06
N VAL A 401 16.53 46.87 35.15
CA VAL A 401 15.90 47.45 33.97
C VAL A 401 14.56 48.03 34.35
N THR A 402 14.31 49.27 33.94
CA THR A 402 13.06 49.96 34.24
C THR A 402 12.16 49.95 33.00
N ILE A 403 10.93 49.48 33.17
CA ILE A 403 9.97 49.40 32.08
C ILE A 403 8.82 50.36 32.39
N HIS A 404 8.38 51.08 31.36
CA HIS A 404 7.30 52.05 31.51
C HIS A 404 5.99 51.34 31.83
N GLN A 405 5.47 51.56 33.03
CA GLN A 405 4.20 51.00 33.46
C GLN A 405 3.16 52.10 33.60
N GLU A 406 1.90 51.73 33.39
CA GLU A 406 0.82 52.73 33.46
C GLU A 406 0.47 53.08 34.91
N PRO A 407 0.16 52.14 35.80
CA PRO A 407 -0.29 52.57 37.14
C PRO A 407 0.85 53.03 38.04
N PHE A 408 2.03 52.43 37.93
CA PHE A 408 3.12 52.72 38.84
C PHE A 408 4.06 53.80 38.29
N VAL A 409 4.64 53.55 37.11
CA VAL A 409 5.61 54.48 36.54
C VAL A 409 4.90 55.73 36.07
N TYR A 410 5.37 56.89 36.55
CA TYR A 410 4.84 58.20 36.17
C TYR A 410 5.96 58.97 35.49
N VAL A 411 6.01 58.87 34.16
CA VAL A 411 7.05 59.54 33.40
C VAL A 411 6.78 61.04 33.36
N LYS A 412 7.77 61.83 33.74
CA LYS A 412 7.67 63.28 33.75
C LYS A 412 9.06 63.87 33.61
N PRO A 413 9.20 65.05 33.03
CA PRO A 413 10.52 65.67 32.91
C PRO A 413 11.11 65.98 34.29
N THR A 414 12.42 65.84 34.39
CA THR A 414 13.11 66.09 35.65
C THR A 414 13.13 67.57 35.97
N MET A 415 13.13 67.89 37.28
CA MET A 415 13.17 69.27 37.71
C MET A 415 14.56 69.87 37.51
N SER A 416 15.56 69.28 38.15
CA SER A 416 16.94 69.74 38.03
C SER A 416 17.72 68.84 37.08
N ASP A 417 18.88 69.33 36.66
CA ASP A 417 19.75 68.59 35.75
C ASP A 417 20.45 67.47 36.50
N GLY A 418 20.04 66.23 36.25
CA GLY A 418 20.65 65.10 36.92
C GLY A 418 20.39 65.01 38.40
N THR A 419 19.36 65.69 38.90
CA THR A 419 19.03 65.68 40.32
C THR A 419 17.52 65.67 40.48
N CYS A 420 17.01 64.71 41.24
CA CYS A 420 15.59 64.58 41.49
C CYS A 420 15.24 65.09 42.88
N LYS A 421 14.03 65.62 43.01
CA LYS A 421 13.53 66.18 44.26
C LYS A 421 12.46 65.25 44.80
N GLU A 422 12.77 64.54 45.88
CA GLU A 422 11.83 63.62 46.50
C GLU A 422 10.71 64.40 47.17
N GLU A 423 9.49 64.23 46.65
CA GLU A 423 8.33 64.93 47.19
C GLU A 423 7.67 64.11 48.29
N PHE A 424 6.70 64.72 48.96
CA PHE A 424 5.97 64.08 50.05
C PHE A 424 4.50 64.44 49.94
N THR A 425 3.66 63.43 49.79
CA THR A 425 2.23 63.64 49.64
C THR A 425 1.56 63.77 51.01
N VAL A 426 0.23 63.86 51.01
CA VAL A 426 -0.52 64.01 52.26
C VAL A 426 -0.61 62.71 53.06
N ASN A 427 -0.19 61.59 52.48
CA ASN A 427 -0.24 60.31 53.17
C ASN A 427 1.02 60.12 54.01
N GLY A 428 1.20 58.93 54.55
CA GLY A 428 2.34 58.60 55.38
C GLY A 428 3.47 57.89 54.68
N ASP A 429 3.49 57.85 53.34
CA ASP A 429 4.53 57.19 52.58
C ASP A 429 5.28 58.21 51.76
N PRO A 430 6.59 58.37 51.94
CA PRO A 430 7.34 59.34 51.14
C PRO A 430 7.54 58.85 49.72
N VAL A 431 7.64 59.81 48.80
CA VAL A 431 7.85 59.54 47.38
C VAL A 431 9.32 59.72 47.07
N LYS A 432 9.98 58.65 46.65
CA LYS A 432 11.41 58.66 46.33
C LYS A 432 11.55 58.51 44.82
N LYS A 433 12.10 59.54 44.18
CA LYS A 433 12.30 59.55 42.74
C LYS A 433 13.68 59.00 42.41
N VAL A 434 13.74 58.01 41.53
CA VAL A 434 14.99 57.40 41.11
C VAL A 434 15.43 58.04 39.80
N ILE A 435 16.72 57.96 39.52
CA ILE A 435 17.29 58.54 38.31
C ILE A 435 17.17 57.49 37.21
N CYS A 436 16.01 57.47 36.55
CA CYS A 436 15.75 56.53 35.46
C CYS A 436 16.30 57.10 34.16
N THR A 437 17.39 56.53 33.68
CA THR A 437 18.02 56.99 32.44
C THR A 437 17.31 56.32 31.26
N GLY A 438 16.63 57.14 30.45
CA GLY A 438 15.93 56.63 29.29
C GLY A 438 15.18 57.72 28.55
N PRO A 439 14.34 57.31 27.60
CA PRO A 439 13.53 58.29 26.86
C PRO A 439 12.70 59.17 27.80
N ASN A 440 12.60 60.45 27.46
CA ASN A 440 11.84 61.38 28.27
C ASN A 440 10.34 61.26 28.05
N ASP A 441 9.91 60.69 26.93
CA ASP A 441 8.50 60.52 26.62
C ASP A 441 8.31 59.15 25.98
N THR A 442 7.13 58.95 25.38
CA THR A 442 6.79 57.66 24.79
C THR A 442 7.56 57.46 23.49
N SER A 443 7.28 56.32 22.83
CA SER A 443 7.99 55.98 21.60
C SER A 443 7.54 56.85 20.42
N PRO A 444 6.25 57.05 20.16
CA PRO A 444 5.88 57.94 19.04
C PRO A 444 6.36 59.37 19.22
N GLY A 445 6.47 59.84 20.46
CA GLY A 445 6.96 61.18 20.71
C GLY A 445 8.43 61.34 20.36
N SER A 446 9.29 60.57 21.02
CA SER A 446 10.72 60.60 20.75
C SER A 446 11.20 59.15 20.55
N PRO A 447 12.10 58.91 19.59
CA PRO A 447 12.59 57.54 19.37
C PRO A 447 13.32 56.99 20.58
N ARG A 448 14.35 57.70 21.04
CA ARG A 448 15.13 57.28 22.19
C ARG A 448 15.98 58.42 22.72
N HIS A 449 15.94 58.65 24.03
CA HIS A 449 16.73 59.68 24.69
C HIS A 449 17.58 59.05 25.78
N THR A 450 18.60 59.80 26.21
CA THR A 450 19.52 59.37 27.26
C THR A 450 19.56 60.37 28.41
N VAL A 451 18.45 61.06 28.64
CA VAL A 451 18.37 62.06 29.70
C VAL A 451 17.92 61.35 30.97
N PRO A 452 18.69 61.43 32.07
CA PRO A 452 18.28 60.75 33.31
C PRO A 452 17.12 61.44 34.00
N GLN A 453 15.90 61.15 33.54
CA GLN A 453 14.70 61.73 34.15
C GLN A 453 14.43 61.06 35.49
N CYS A 454 13.33 61.44 36.13
CA CYS A 454 12.98 60.97 37.46
C CYS A 454 11.71 60.14 37.40
N CYS A 455 11.77 58.92 37.94
CA CYS A 455 10.63 58.01 37.98
C CYS A 455 10.31 57.67 39.43
N TYR A 456 9.03 57.53 39.73
CA TYR A 456 8.57 57.20 41.07
C TYR A 456 7.29 56.38 40.99
N GLY A 457 7.20 55.34 41.82
CA GLY A 457 6.03 54.50 41.82
C GLY A 457 6.19 53.36 42.81
N PHE A 458 5.26 52.42 42.74
CA PHE A 458 5.30 51.26 43.63
C PHE A 458 6.55 50.43 43.37
N CYS A 459 6.88 50.19 42.10
CA CYS A 459 8.10 49.46 41.77
C CYS A 459 9.34 50.24 42.20
N ILE A 460 9.30 51.57 42.08
CA ILE A 460 10.43 52.38 42.51
C ILE A 460 10.60 52.30 44.03
N ASP A 461 9.48 52.33 44.77
CA ASP A 461 9.57 52.20 46.22
C ASP A 461 10.10 50.82 46.62
N LEU A 462 9.68 49.77 45.91
CA LEU A 462 10.19 48.44 46.19
C LEU A 462 11.69 48.35 45.89
N LEU A 463 12.13 48.99 44.81
CA LEU A 463 13.55 49.02 44.49
C LEU A 463 14.34 49.76 45.57
N ILE A 464 13.80 50.87 46.06
CA ILE A 464 14.48 51.62 47.11
C ILE A 464 14.56 50.78 48.39
N LYS A 465 13.48 50.06 48.71
CA LYS A 465 13.49 49.21 49.90
C LYS A 465 14.51 48.09 49.77
N LEU A 466 14.59 47.47 48.59
CA LEU A 466 15.58 46.42 48.38
C LEU A 466 17.00 46.97 48.40
N ALA A 467 17.20 48.21 47.96
CA ALA A 467 18.53 48.80 47.97
C ALA A 467 18.95 49.18 49.39
N ARG A 468 18.00 49.65 50.20
CA ARG A 468 18.33 50.00 51.58
C ARG A 468 18.38 48.79 52.50
N THR A 469 17.79 47.66 52.10
CA THR A 469 17.86 46.46 52.90
C THR A 469 19.20 45.75 52.72
N MET A 470 19.51 45.35 51.49
CA MET A 470 20.77 44.72 51.15
C MET A 470 21.61 45.64 50.28
N ASN A 471 22.92 45.58 50.47
CA ASN A 471 23.85 46.44 49.74
C ASN A 471 24.26 45.77 48.44
N PHE A 472 24.04 46.46 47.32
CA PHE A 472 24.43 45.95 46.01
C PHE A 472 24.50 47.12 45.04
N THR A 473 25.34 46.96 44.03
CA THR A 473 25.53 48.00 43.01
C THR A 473 24.43 47.85 41.97
N TYR A 474 23.41 48.71 42.06
CA TYR A 474 22.29 48.68 41.13
C TYR A 474 22.55 49.60 39.96
N GLU A 475 22.19 49.14 38.76
CA GLU A 475 22.32 49.90 37.53
C GLU A 475 20.94 50.09 36.92
N VAL A 476 20.32 51.23 37.19
CA VAL A 476 18.97 51.51 36.70
C VAL A 476 19.05 52.11 35.31
N HIS A 477 18.10 51.73 34.46
CA HIS A 477 18.05 52.23 33.09
C HIS A 477 16.64 52.00 32.54
N LEU A 478 16.05 53.05 31.99
CA LEU A 478 14.70 52.95 31.44
C LEU A 478 14.76 52.37 30.03
N VAL A 479 14.07 51.24 29.82
CA VAL A 479 14.03 50.63 28.51
C VAL A 479 13.15 51.45 27.57
N ALA A 480 13.41 51.36 26.27
CA ALA A 480 12.69 52.18 25.30
C ALA A 480 11.24 51.70 25.15
N ASP A 481 11.05 50.46 24.74
CA ASP A 481 9.71 49.94 24.51
C ASP A 481 9.00 49.69 25.83
N GLY A 482 7.68 49.53 25.75
CA GLY A 482 6.87 49.28 26.93
C GLY A 482 6.10 47.97 26.84
N LYS A 483 6.33 47.21 25.77
CA LYS A 483 5.64 45.94 25.58
C LYS A 483 6.27 44.85 26.44
N PHE A 484 5.45 43.86 26.80
CA PHE A 484 5.94 42.77 27.62
C PHE A 484 6.78 41.77 26.84
N GLY A 485 6.50 41.61 25.54
CA GLY A 485 7.29 40.71 24.72
C GLY A 485 6.92 39.25 24.89
N THR A 486 5.69 38.88 24.53
CA THR A 486 5.23 37.52 24.64
C THR A 486 5.77 36.69 23.48
N GLN A 487 5.26 35.48 23.31
CA GLN A 487 5.74 34.58 22.26
C GLN A 487 4.62 34.20 21.31
N GLU A 488 3.83 35.17 20.87
CA GLU A 488 2.72 34.90 19.97
C GLU A 488 3.11 35.06 18.50
N ARG A 489 3.72 36.20 18.15
CA ARG A 489 4.10 36.48 16.77
C ARG A 489 5.53 37.01 16.68
N VAL A 490 6.36 36.68 17.66
CA VAL A 490 7.74 37.14 17.68
C VAL A 490 8.61 36.16 16.88
N ASN A 491 9.82 36.62 16.54
CA ASN A 491 10.77 35.81 15.78
C ASN A 491 11.96 35.40 16.63
N ASN A 492 12.66 36.36 17.23
CA ASN A 492 13.83 36.11 18.06
C ASN A 492 14.87 35.26 17.31
N SER A 493 15.37 35.84 16.21
CA SER A 493 16.31 35.17 15.32
C SER A 493 15.74 33.84 14.82
N ASN A 494 14.43 33.82 14.55
CA ASN A 494 13.73 32.64 14.05
C ASN A 494 13.89 31.46 15.01
N LYS A 495 13.71 31.73 16.30
CA LYS A 495 13.81 30.70 17.32
C LYS A 495 12.92 31.08 18.50
N LYS A 496 12.45 30.07 19.21
CA LYS A 496 11.44 30.25 20.26
C LYS A 496 12.12 30.75 21.53
N GLU A 497 12.20 32.08 21.66
CA GLU A 497 12.69 32.72 22.89
C GLU A 497 11.84 33.97 23.14
N TRP A 498 12.11 34.61 24.28
CA TRP A 498 11.42 35.83 24.66
C TRP A 498 12.11 37.05 24.07
N ASN A 499 11.37 38.16 24.02
CA ASN A 499 11.92 39.41 23.49
C ASN A 499 11.57 40.58 24.41
N GLY A 500 11.87 41.79 23.98
CA GLY A 500 11.60 42.97 24.77
C GLY A 500 12.52 43.10 25.97
N MET A 501 11.97 42.91 27.17
CA MET A 501 12.76 42.98 28.39
C MET A 501 12.92 41.63 29.09
N MET A 502 12.23 40.59 28.63
CA MET A 502 12.32 39.27 29.24
C MET A 502 13.38 38.39 28.58
N GLY A 503 13.74 38.67 27.33
CA GLY A 503 14.75 37.88 26.67
C GLY A 503 16.12 37.98 27.33
N GLU A 504 16.44 39.15 27.89
CA GLU A 504 17.69 39.32 28.61
C GLU A 504 17.64 38.72 30.01
N LEU A 505 16.45 38.43 30.53
CA LEU A 505 16.35 37.83 31.86
C LEU A 505 16.84 36.38 31.85
N LEU A 506 16.46 35.62 30.82
CA LEU A 506 16.88 34.22 30.73
C LEU A 506 18.39 34.12 30.49
N SER A 507 18.98 35.12 29.83
CA SER A 507 20.42 35.07 29.56
C SER A 507 21.22 35.32 30.83
N GLY A 508 20.77 36.24 31.68
CA GLY A 508 21.44 36.52 32.95
C GLY A 508 21.89 37.94 33.15
N GLN A 509 21.63 38.86 32.22
CA GLN A 509 22.07 40.24 32.39
C GLN A 509 21.14 41.01 33.34
N ALA A 510 19.87 41.11 32.98
CA ALA A 510 18.87 41.81 33.78
C ALA A 510 17.90 40.77 34.33
N ASP A 511 18.23 40.22 35.50
CA ASP A 511 17.41 39.19 36.11
C ASP A 511 16.35 39.75 37.06
N MET A 512 16.49 41.01 37.48
CA MET A 512 15.54 41.65 38.39
C MET A 512 14.79 42.73 37.62
N ILE A 513 13.51 42.48 37.35
CA ILE A 513 12.63 43.43 36.66
C ILE A 513 11.60 43.92 37.65
N VAL A 514 11.52 45.24 37.83
CA VAL A 514 10.57 45.86 38.74
C VAL A 514 9.28 46.10 37.95
N ALA A 515 8.44 45.07 37.88
CA ALA A 515 7.19 45.15 37.14
C ALA A 515 6.22 44.08 37.64
N PRO A 516 4.96 44.43 37.87
CA PRO A 516 3.97 43.43 38.33
C PRO A 516 3.52 42.49 37.20
N LEU A 517 4.37 41.52 36.91
CA LEU A 517 4.07 40.56 35.84
C LEU A 517 3.01 39.58 36.32
N THR A 518 1.89 39.52 35.61
CA THR A 518 0.80 38.63 35.97
C THR A 518 1.19 37.19 35.67
N ILE A 519 1.26 36.37 36.72
CA ILE A 519 1.62 34.95 36.59
C ILE A 519 0.30 34.17 36.62
N ASN A 520 -0.21 33.87 35.44
CA ASN A 520 -1.44 33.08 35.31
C ASN A 520 -1.37 32.02 34.23
N ASN A 521 -0.34 31.99 33.40
CA ASN A 521 -0.24 31.05 32.28
C ASN A 521 1.23 30.70 32.09
N GLU A 522 1.56 30.17 30.91
CA GLU A 522 2.93 29.79 30.59
C GLU A 522 3.88 30.97 30.50
N ARG A 523 3.41 32.19 30.76
CA ARG A 523 4.31 33.36 30.77
C ARG A 523 5.42 33.19 31.80
N ALA A 524 5.12 32.56 32.94
CA ALA A 524 6.10 32.37 34.01
C ALA A 524 6.41 30.90 34.25
N GLN A 525 6.39 30.07 33.20
CA GLN A 525 6.71 28.66 33.36
C GLN A 525 8.19 28.39 33.41
N TYR A 526 9.02 29.34 32.96
CA TYR A 526 10.47 29.17 32.98
C TYR A 526 11.08 29.67 34.29
N ILE A 527 10.67 30.86 34.74
CA ILE A 527 11.22 31.47 35.95
C ILE A 527 10.10 31.61 36.97
N GLU A 528 10.48 31.53 38.24
CA GLU A 528 9.53 31.67 39.34
C GLU A 528 9.53 33.11 39.85
N PHE A 529 8.34 33.67 40.04
CA PHE A 529 8.20 35.04 40.51
C PHE A 529 8.19 35.06 42.04
N SER A 530 7.93 36.23 42.61
CA SER A 530 7.88 36.41 44.05
C SER A 530 6.44 36.21 44.54
N LYS A 531 6.19 36.54 45.79
CA LYS A 531 4.85 36.41 46.34
C LYS A 531 3.93 37.48 45.76
N PRO A 532 2.74 37.12 45.29
CA PRO A 532 1.83 38.13 44.73
C PRO A 532 1.37 39.12 45.79
N PHE A 533 1.61 40.41 45.53
CA PHE A 533 1.24 41.45 46.46
C PHE A 533 -0.14 42.04 46.18
N LYS A 534 -0.61 41.97 44.94
CA LYS A 534 -1.93 42.46 44.57
C LYS A 534 -2.68 41.40 43.78
N TYR A 535 -4.00 41.40 43.92
CA TYR A 535 -4.87 40.45 43.25
C TYR A 535 -6.03 41.17 42.57
N GLN A 536 -5.76 42.35 41.99
CA GLN A 536 -6.80 43.12 41.33
C GLN A 536 -7.19 42.52 39.99
N GLY A 537 -6.24 41.91 39.28
CA GLY A 537 -6.53 41.31 37.99
C GLY A 537 -6.63 42.32 36.86
N LEU A 538 -7.52 42.06 35.91
CA LEU A 538 -7.74 42.93 34.77
C LEU A 538 -9.16 43.46 34.77
N THR A 539 -9.34 44.64 34.20
CA THR A 539 -10.64 45.29 34.16
C THR A 539 -10.85 45.94 32.80
N ILE A 540 -12.08 45.87 32.30
CA ILE A 540 -12.44 46.50 31.04
C ILE A 540 -12.96 47.91 31.31
N LEU A 541 -12.98 48.73 30.26
CA LEU A 541 -13.44 50.10 30.35
C LEU A 541 -14.71 50.28 29.54
N VAL A 542 -15.57 51.20 29.99
CA VAL A 542 -16.84 51.47 29.35
C VAL A 542 -16.92 52.96 29.04
N LYS A 543 -17.74 53.29 28.05
CA LYS A 543 -17.95 54.68 27.66
C LYS A 543 -19.38 55.12 27.92
N ILE A 664 -20.63 46.98 26.56
CA ILE A 664 -19.38 46.38 27.01
C ILE A 664 -19.27 46.46 28.53
N THR A 665 -20.42 46.47 29.21
CA THR A 665 -20.46 46.53 30.66
C THR A 665 -20.57 45.11 31.20
N GLY A 666 -19.45 44.40 31.15
CA GLY A 666 -19.39 43.04 31.62
C GLY A 666 -19.16 42.05 30.48
N ILE A 667 -18.69 40.86 30.85
CA ILE A 667 -18.43 39.82 29.85
C ILE A 667 -19.72 39.17 29.38
N ASN A 668 -20.79 39.23 30.18
CA ASN A 668 -22.05 38.63 29.79
C ASN A 668 -22.78 39.41 28.70
N ASP A 669 -22.48 40.71 28.57
CA ASP A 669 -23.16 41.51 27.55
C ASP A 669 -22.63 41.14 26.17
N PRO A 670 -23.51 41.03 25.18
CA PRO A 670 -23.04 40.70 23.81
C PRO A 670 -22.18 41.78 23.20
N ARG A 671 -22.23 43.01 23.70
CA ARG A 671 -21.40 44.08 23.15
C ARG A 671 -19.92 43.81 23.40
N LEU A 672 -19.58 43.31 24.59
CA LEU A 672 -18.18 43.00 24.88
C LEU A 672 -17.72 41.74 24.15
N ARG A 673 -18.60 40.76 23.99
CA ARG A 673 -18.23 39.53 23.29
C ARG A 673 -18.01 39.78 21.81
N ASN A 674 -19.02 40.37 21.14
CA ASN A 674 -18.91 40.65 19.71
C ASN A 674 -18.50 42.10 19.52
N PRO A 675 -17.29 42.36 19.03
CA PRO A 675 -16.86 43.76 18.83
C PRO A 675 -17.61 44.45 17.69
N SER A 676 -17.27 45.70 17.43
CA SER A 676 -17.91 46.47 16.37
C SER A 676 -16.88 47.43 15.79
N ASP A 677 -17.36 48.40 15.00
CA ASP A 677 -16.45 49.36 14.39
C ASP A 677 -15.92 50.37 15.40
N LYS A 678 -16.69 50.68 16.43
CA LYS A 678 -16.28 51.63 17.45
C LYS A 678 -15.62 50.98 18.66
N PHE A 679 -15.88 49.70 18.91
CA PHE A 679 -15.26 49.01 20.03
C PHE A 679 -13.80 48.70 19.73
N ILE A 680 -12.91 49.62 20.08
CA ILE A 680 -11.48 49.49 19.82
C ILE A 680 -10.83 48.85 21.04
N TYR A 681 -9.87 47.95 20.79
CA TYR A 681 -9.17 47.26 21.86
C TYR A 681 -7.67 47.57 21.79
N ALA A 682 -7.32 48.84 21.61
CA ALA A 682 -5.93 49.25 21.44
C ALA A 682 -5.23 49.20 22.79
N THR A 683 -4.85 47.98 23.18
CA THR A 683 -4.11 47.74 24.40
C THR A 683 -2.62 47.62 24.08
N VAL A 684 -1.83 47.23 25.09
CA VAL A 684 -0.40 47.05 24.89
C VAL A 684 -0.16 45.78 24.09
N LYS A 685 0.66 45.89 23.04
CA LYS A 685 0.94 44.75 22.18
C LYS A 685 1.80 43.72 22.92
N GLN A 686 1.47 42.45 22.72
CA GLN A 686 2.21 41.32 23.30
C GLN A 686 2.24 41.41 24.82
N SER A 687 1.06 41.34 25.42
CA SER A 687 0.88 41.36 26.86
C SER A 687 0.24 40.05 27.32
N SER A 688 -0.04 39.97 28.62
CA SER A 688 -0.69 38.78 29.17
C SER A 688 -2.11 38.62 28.65
N VAL A 689 -2.76 39.71 28.22
CA VAL A 689 -4.10 39.61 27.65
C VAL A 689 -4.08 38.78 26.38
N ASP A 690 -3.00 38.89 25.59
CA ASP A 690 -2.89 38.08 24.38
C ASP A 690 -2.83 36.59 24.73
N ILE A 691 -2.05 36.22 25.73
CA ILE A 691 -1.98 34.81 26.15
C ILE A 691 -3.32 34.35 26.69
N TYR A 692 -4.00 35.21 27.45
CA TYR A 692 -5.31 34.86 27.99
C TYR A 692 -6.32 34.62 26.87
N PHE A 693 -6.29 35.46 25.82
CA PHE A 693 -7.19 35.26 24.71
C PHE A 693 -6.80 34.03 23.88
N ARG A 694 -5.51 33.69 23.84
CA ARG A 694 -5.10 32.48 23.16
C ARG A 694 -5.58 31.23 23.91
N ARG A 695 -5.58 31.28 25.25
CA ARG A 695 -6.03 30.13 26.01
C ARG A 695 -7.54 29.97 25.94
N GLN A 696 -8.28 31.07 25.90
CA GLN A 696 -9.73 31.01 25.79
C GLN A 696 -10.13 30.74 24.35
N VAL A 697 -11.09 29.82 24.17
CA VAL A 697 -11.54 29.43 22.84
C VAL A 697 -12.95 29.92 22.52
N GLU A 698 -13.57 30.67 23.42
CA GLU A 698 -14.92 31.18 23.20
C GLU A 698 -14.93 32.60 22.64
N LEU A 699 -13.77 33.24 22.49
CA LEU A 699 -13.66 34.59 21.98
C LEU A 699 -12.87 34.62 20.67
N SER A 700 -13.15 33.65 19.79
CA SER A 700 -12.46 33.63 18.49
C SER A 700 -12.83 34.85 17.66
N THR A 701 -14.11 35.24 17.66
CA THR A 701 -14.53 36.44 16.96
C THR A 701 -13.99 37.70 17.61
N MET A 702 -13.63 37.64 18.90
CA MET A 702 -13.04 38.79 19.57
C MET A 702 -11.54 38.91 19.27
N TYR A 703 -10.86 37.78 19.09
CA TYR A 703 -9.42 37.82 18.83
C TYR A 703 -9.10 38.42 17.47
N ARG A 704 -10.04 38.34 16.52
CA ARG A 704 -9.81 38.94 15.20
C ARG A 704 -9.73 40.46 15.28
N HIS A 705 -10.51 41.08 16.17
CA HIS A 705 -10.49 42.52 16.38
C HIS A 705 -9.60 42.92 17.55
N MET A 706 -8.69 42.04 17.97
CA MET A 706 -7.81 42.29 19.09
C MET A 706 -6.34 42.29 18.70
N GLU A 707 -5.91 41.37 17.84
CA GLU A 707 -4.50 41.29 17.47
C GLU A 707 -4.11 42.46 16.56
N LYS A 708 -5.02 42.87 15.67
CA LYS A 708 -4.74 43.95 14.72
C LYS A 708 -5.02 45.33 15.29
N HIS A 709 -5.37 45.43 16.57
CA HIS A 709 -5.67 46.71 17.20
C HIS A 709 -4.69 47.10 18.31
N ASN A 710 -3.97 46.14 18.88
CA ASN A 710 -3.05 46.43 19.97
C ASN A 710 -1.89 47.27 19.47
N TYR A 711 -1.70 48.44 20.10
CA TYR A 711 -0.59 49.31 19.75
C TYR A 711 0.67 48.91 20.51
N GLU A 712 1.81 49.32 19.97
CA GLU A 712 3.09 48.99 20.60
C GLU A 712 3.28 49.77 21.90
N SER A 713 2.97 51.06 21.88
CA SER A 713 3.14 51.91 23.05
C SER A 713 1.85 51.91 23.87
N ALA A 714 1.85 52.66 24.98
CA ALA A 714 0.68 52.75 25.85
C ALA A 714 0.27 54.17 26.18
N ALA A 715 1.16 55.16 26.06
CA ALA A 715 0.79 56.55 26.34
C ALA A 715 -0.26 57.05 25.37
N GLU A 716 -0.07 56.78 24.07
CA GLU A 716 -1.08 57.16 23.08
C GLU A 716 -2.41 56.46 23.36
N ALA A 717 -2.35 55.20 23.80
CA ALA A 717 -3.58 54.46 24.07
C ALA A 717 -4.33 55.05 25.26
N ILE A 718 -3.61 55.38 26.34
CA ILE A 718 -4.29 55.93 27.51
C ILE A 718 -4.78 57.35 27.24
N GLN A 719 -4.05 58.11 26.43
CA GLN A 719 -4.52 59.45 26.07
C GLN A 719 -5.74 59.39 25.16
N ALA A 720 -5.83 58.37 24.30
CA ALA A 720 -7.01 58.22 23.46
C ALA A 720 -8.21 57.77 24.28
N VAL A 721 -8.03 56.77 25.14
CA VAL A 721 -9.13 56.29 25.96
C VAL A 721 -9.55 57.33 27.01
N ARG A 722 -8.68 58.29 27.31
CA ARG A 722 -9.04 59.36 28.23
C ARG A 722 -9.82 60.47 27.53
N ASP A 723 -9.49 60.75 26.27
CA ASP A 723 -10.14 61.81 25.50
C ASP A 723 -11.38 61.32 24.77
N ASN A 724 -11.99 60.22 25.22
CA ASN A 724 -13.21 59.68 24.65
C ASN A 724 -13.02 59.28 23.19
N LYS A 725 -11.97 58.50 22.94
CA LYS A 725 -11.71 57.92 21.62
C LYS A 725 -11.83 56.41 21.62
N LEU A 726 -11.17 55.73 22.55
CA LEU A 726 -11.26 54.28 22.67
C LEU A 726 -12.46 53.88 23.52
N HIS A 727 -12.82 52.60 23.44
CA HIS A 727 -13.97 52.07 24.15
C HIS A 727 -13.57 51.06 25.23
N ALA A 728 -12.81 50.03 24.86
CA ALA A 728 -12.42 48.97 25.80
C ALA A 728 -10.91 48.96 25.93
N PHE A 729 -10.41 49.06 27.16
CA PHE A 729 -8.98 49.01 27.44
C PHE A 729 -8.77 48.10 28.65
N ILE A 730 -8.19 46.93 28.42
CA ILE A 730 -8.01 45.93 29.47
C ILE A 730 -6.65 46.17 30.11
N TRP A 731 -6.65 46.65 31.35
CA TRP A 731 -5.43 46.87 32.10
C TRP A 731 -5.76 46.71 33.59
N ASP A 732 -4.85 47.18 34.45
CA ASP A 732 -5.05 47.06 35.89
C ASP A 732 -6.15 48.02 36.36
N SER A 733 -6.61 47.78 37.59
CA SER A 733 -7.68 48.59 38.16
C SER A 733 -7.20 49.95 38.65
N ALA A 734 -5.89 50.09 38.94
CA ALA A 734 -5.38 51.36 39.46
C ALA A 734 -5.49 52.46 38.41
N VAL A 735 -5.22 52.13 37.15
CA VAL A 735 -5.30 53.14 36.08
C VAL A 735 -6.73 53.62 35.92
N LEU A 736 -7.70 52.69 35.93
CA LEU A 736 -9.09 53.08 35.79
C LEU A 736 -9.57 53.88 37.00
N GLU A 737 -9.10 53.51 38.20
CA GLU A 737 -9.45 54.27 39.39
C GLU A 737 -8.90 55.69 39.33
N PHE A 738 -7.65 55.84 38.88
CA PHE A 738 -7.07 57.17 38.75
C PHE A 738 -7.80 58.00 37.70
N GLU A 739 -8.19 57.36 36.59
CA GLU A 739 -8.93 58.07 35.55
C GLU A 739 -10.31 58.51 36.05
N ALA A 740 -10.98 57.66 36.83
CA ALA A 740 -12.27 58.03 37.39
C ALA A 740 -12.13 59.11 38.45
N SER A 741 -11.00 59.13 39.16
CA SER A 741 -10.79 60.16 40.18
C SER A 741 -10.46 61.52 39.54
N GLN A 742 -9.67 61.52 38.47
CA GLN A 742 -9.30 62.77 37.83
C GLN A 742 -10.33 63.25 36.82
N LYS A 743 -11.16 62.36 36.30
CA LYS A 743 -12.18 62.70 35.31
C LYS A 743 -13.52 62.16 35.77
N CYS A 744 -14.51 63.04 35.88
CA CYS A 744 -15.84 62.65 36.30
C CYS A 744 -16.74 62.22 35.16
N ASP A 745 -16.39 62.57 33.92
CA ASP A 745 -17.21 62.17 32.77
C ASP A 745 -17.11 60.68 32.49
N LEU A 746 -15.99 60.06 32.86
CA LEU A 746 -15.82 58.63 32.63
C LEU A 746 -16.65 57.83 33.62
N VAL A 747 -17.41 56.85 33.11
CA VAL A 747 -18.23 56.02 33.98
C VAL A 747 -17.35 55.11 34.83
N THR A 748 -16.47 54.34 34.18
CA THR A 748 -15.52 53.46 34.85
C THR A 748 -16.25 52.45 35.75
N THR A 749 -17.05 51.60 35.12
CA THR A 749 -17.77 50.57 35.86
C THR A 749 -16.85 49.47 36.35
N GLY A 750 -15.66 49.34 35.79
CA GLY A 750 -14.72 48.33 36.22
C GLY A 750 -14.94 46.98 35.57
N GLU A 751 -15.95 46.25 36.04
CA GLU A 751 -16.29 44.92 35.54
C GLU A 751 -15.08 43.99 35.57
N LEU A 752 -14.32 44.05 36.67
CA LEU A 752 -13.15 43.22 36.84
C LEU A 752 -13.55 41.88 37.44
N PHE A 753 -13.11 40.78 36.81
CA PHE A 753 -13.44 39.45 37.28
C PHE A 753 -12.27 38.49 37.19
N PHE A 754 -11.05 38.97 36.91
CA PHE A 754 -9.91 38.08 36.79
C PHE A 754 -9.33 37.71 38.16
N ARG A 755 -9.01 38.73 38.97
CA ARG A 755 -8.44 38.53 40.31
C ARG A 755 -7.16 37.70 40.25
N SER A 756 -6.27 38.09 39.34
CA SER A 756 -5.01 37.40 39.14
C SER A 756 -3.92 38.04 39.98
N GLY A 757 -2.92 37.22 40.34
CA GLY A 757 -1.82 37.71 41.15
C GLY A 757 -0.81 38.51 40.35
N PHE A 758 -0.07 39.35 41.07
CA PHE A 758 0.97 40.20 40.49
C PHE A 758 2.25 39.99 41.28
N GLY A 759 3.23 39.33 40.65
CA GLY A 759 4.50 39.04 41.29
C GLY A 759 5.64 39.71 40.55
N ILE A 760 6.70 40.03 41.30
CA ILE A 760 7.87 40.68 40.71
C ILE A 760 8.63 39.66 39.86
N GLY A 761 8.93 40.03 38.62
CA GLY A 761 9.64 39.15 37.73
C GLY A 761 11.08 38.96 38.18
N MET A 762 11.47 37.71 38.44
CA MET A 762 12.82 37.41 38.89
C MET A 762 13.25 36.08 38.29
N ARG A 763 14.56 35.87 38.23
CA ARG A 763 15.12 34.65 37.68
C ARG A 763 14.92 33.49 38.63
N LYS A 764 14.69 32.29 38.07
CA LYS A 764 14.46 31.11 38.89
C LYS A 764 15.74 30.69 39.62
N ASP A 765 16.85 30.60 38.90
CA ASP A 765 18.13 30.18 39.47
C ASP A 765 18.97 31.43 39.76
N SER A 766 18.69 32.04 40.92
CA SER A 766 19.43 33.21 41.36
C SER A 766 19.33 33.31 42.87
N PRO A 767 20.40 33.71 43.56
CA PRO A 767 20.37 33.80 45.03
C PRO A 767 19.72 35.06 45.57
N TRP A 768 19.01 35.84 44.75
CA TRP A 768 18.35 37.05 45.20
C TRP A 768 16.84 36.95 45.17
N LYS A 769 16.28 35.84 44.66
CA LYS A 769 14.82 35.70 44.62
C LYS A 769 14.22 35.51 46.01
N GLN A 770 15.00 35.03 46.97
CA GLN A 770 14.49 34.89 48.34
C GLN A 770 14.41 36.24 49.04
N ASN A 771 15.35 37.14 48.77
CA ASN A 771 15.32 38.46 49.39
C ASN A 771 14.09 39.25 48.97
N VAL A 772 13.68 39.10 47.71
CA VAL A 772 12.48 39.79 47.23
C VAL A 772 11.25 39.29 47.97
N SER A 773 11.14 37.97 48.15
CA SER A 773 10.01 37.41 48.89
C SER A 773 10.03 37.84 50.35
N LEU A 774 11.22 37.90 50.96
CA LEU A 774 11.31 38.36 52.34
C LEU A 774 10.89 39.82 52.46
N SER A 775 11.30 40.65 51.49
CA SER A 775 10.90 42.05 51.53
C SER A 775 9.40 42.22 51.32
N ILE A 776 8.81 41.42 50.43
CA ILE A 776 7.37 41.47 50.23
C ILE A 776 6.64 41.05 51.51
N LEU A 777 7.13 40.00 52.18
CA LEU A 777 6.51 39.56 53.41
C LEU A 777 6.62 40.62 54.51
N LYS A 778 7.79 41.27 54.61
CA LYS A 778 7.97 42.32 55.61
C LYS A 778 7.07 43.52 55.31
N SER A 779 6.91 43.87 54.04
CA SER A 779 6.02 44.97 53.69
C SER A 779 4.56 44.62 53.94
N HIS A 780 4.19 43.35 53.78
CA HIS A 780 2.81 42.94 54.04
C HIS A 780 2.51 42.92 55.53
N GLU A 781 3.44 42.39 56.34
CA GLU A 781 3.20 42.31 57.78
C GLU A 781 3.31 43.66 58.47
N ASN A 782 3.91 44.65 57.82
CA ASN A 782 4.03 45.99 58.37
C ASN A 782 2.93 46.89 57.83
N GLY A 783 2.92 48.14 58.29
CA GLY A 783 1.92 49.11 57.89
C GLY A 783 2.19 49.84 56.60
N PHE A 784 3.27 49.48 55.88
CA PHE A 784 3.59 50.16 54.63
C PHE A 784 2.71 49.73 53.46
N MET A 785 2.00 48.60 53.59
CA MET A 785 1.20 48.10 52.49
C MET A 785 0.06 49.05 52.16
N GLU A 786 -0.76 49.41 53.16
CA GLU A 786 -1.86 50.32 52.92
C GLU A 786 -1.38 51.72 52.54
N ASP A 787 -0.22 52.13 53.05
CA ASP A 787 0.35 53.42 52.67
C ASP A 787 0.70 53.43 51.19
N LEU A 788 1.42 52.40 50.72
CA LEU A 788 1.74 52.30 49.30
C LEU A 788 0.48 52.21 48.46
N ASP A 789 -0.53 51.49 48.94
CA ASP A 789 -1.80 51.40 48.20
C ASP A 789 -2.43 52.78 48.05
N LYS A 790 -2.57 53.52 49.16
CA LYS A 790 -3.21 54.83 49.10
C LYS A 790 -2.38 55.83 48.32
N THR A 791 -1.07 55.64 48.24
CA THR A 791 -0.24 56.58 47.50
C THR A 791 -0.17 56.28 46.01
N TRP A 792 -0.27 55.02 45.59
CA TRP A 792 -0.13 54.65 44.19
C TRP A 792 -1.41 54.12 43.56
N VAL A 793 -2.03 53.10 44.15
CA VAL A 793 -3.19 52.47 43.52
C VAL A 793 -4.42 53.36 43.66
N ARG A 794 -4.83 53.62 44.90
CA ARG A 794 -6.01 54.46 45.18
C ARG A 794 -5.54 55.86 45.52
N TYR A 795 -5.14 56.60 44.48
CA TYR A 795 -4.68 57.98 44.62
C TYR A 795 -5.76 58.91 44.10
N GLN A 796 -6.36 59.68 45.00
CA GLN A 796 -7.42 60.63 44.65
C GLN A 796 -6.87 62.05 44.71
N GLU A 797 -7.29 62.87 43.76
CA GLU A 797 -6.86 64.27 43.71
C GLU A 797 -8.06 65.22 43.74
N LEU B 34 53.97 27.79 -14.39
CA LEU B 34 55.07 26.84 -14.27
C LEU B 34 54.61 25.42 -14.60
N ASN B 35 55.17 24.44 -13.91
CA ASN B 35 54.83 23.03 -14.13
C ASN B 35 53.41 22.76 -13.67
N ILE B 36 52.61 22.17 -14.54
CA ILE B 36 51.21 21.84 -14.23
C ILE B 36 51.08 20.32 -14.35
N ALA B 37 51.12 19.63 -13.21
CA ALA B 37 51.01 18.18 -13.18
C ALA B 37 49.55 17.80 -13.08
N VAL B 38 48.93 17.55 -14.24
CA VAL B 38 47.52 17.17 -14.31
C VAL B 38 47.48 15.65 -14.20
N LEU B 39 47.38 15.16 -12.98
CA LEU B 39 47.36 13.72 -12.71
C LEU B 39 45.90 13.26 -12.81
N LEU B 40 45.47 12.92 -14.01
CA LEU B 40 44.12 12.43 -14.25
C LEU B 40 44.06 10.95 -13.87
N GLY B 41 43.43 10.65 -12.75
CA GLY B 41 43.33 9.29 -12.27
C GLY B 41 41.99 8.65 -12.56
N HIS B 42 41.26 9.19 -13.52
CA HIS B 42 39.95 8.65 -13.87
C HIS B 42 40.11 7.35 -14.68
N SER B 43 39.03 6.56 -14.68
CA SER B 43 39.08 5.25 -15.33
C SER B 43 39.12 5.37 -16.84
N HIS B 44 38.54 6.42 -17.41
CA HIS B 44 38.52 6.58 -18.85
C HIS B 44 39.92 6.87 -19.38
N ASP B 45 40.32 6.14 -20.42
CA ASP B 45 41.65 6.29 -21.01
C ASP B 45 41.57 7.34 -22.13
N VAL B 46 41.61 8.60 -21.72
CA VAL B 46 41.57 9.72 -22.65
C VAL B 46 42.99 10.04 -23.10
N THR B 47 43.11 10.60 -24.30
CA THR B 47 44.41 10.96 -24.84
C THR B 47 44.99 12.13 -24.06
N GLU B 48 46.13 11.91 -23.40
CA GLU B 48 46.78 12.94 -22.60
C GLU B 48 47.71 13.81 -23.42
N ARG B 49 47.87 13.53 -24.72
CA ARG B 49 48.75 14.36 -25.56
C ARG B 49 48.19 15.75 -25.77
N GLU B 50 46.87 15.90 -25.70
CA GLU B 50 46.22 17.19 -25.92
C GLU B 50 46.31 18.12 -24.72
N LEU B 51 46.96 17.70 -23.64
CA LEU B 51 47.07 18.53 -22.44
C LEU B 51 48.36 19.34 -22.40
N ARG B 52 49.38 18.94 -23.15
CA ARG B 52 50.64 19.68 -23.14
C ARG B 52 50.51 21.01 -23.89
N ASN B 53 49.72 21.05 -24.95
CA ASN B 53 49.55 22.26 -25.76
C ASN B 53 48.49 23.20 -25.20
N LEU B 54 48.03 22.98 -23.97
CA LEU B 54 47.03 23.86 -23.37
C LEU B 54 47.63 25.11 -22.74
N TRP B 55 48.96 25.27 -22.78
CA TRP B 55 49.58 26.46 -22.21
C TRP B 55 49.39 27.69 -23.08
N GLY B 56 49.19 27.51 -24.38
CA GLY B 56 49.05 28.61 -25.31
C GLY B 56 47.83 29.48 -25.03
N PRO B 57 46.63 28.92 -25.25
CA PRO B 57 45.41 29.71 -25.02
C PRO B 57 45.17 30.06 -23.56
N GLU B 58 45.77 29.33 -22.61
CA GLU B 58 45.58 29.59 -21.19
C GLU B 58 46.73 30.47 -20.66
N GLN B 59 46.74 31.72 -21.12
CA GLN B 59 47.64 32.75 -20.64
C GLN B 59 49.11 32.33 -20.81
N ALA B 60 49.50 32.21 -22.07
CA ALA B 60 50.87 31.84 -22.42
C ALA B 60 51.78 33.03 -22.15
N THR B 61 52.40 33.05 -20.97
CA THR B 61 53.30 34.11 -20.57
C THR B 61 54.71 33.57 -20.41
N GLY B 62 55.70 34.40 -20.76
CA GLY B 62 57.09 34.02 -20.66
C GLY B 62 57.70 34.12 -19.29
N LEU B 63 56.92 34.50 -18.27
CA LEU B 63 57.48 34.61 -16.93
C LEU B 63 57.77 33.24 -16.31
N PRO B 64 56.86 32.25 -16.36
CA PRO B 64 57.23 30.92 -15.84
C PRO B 64 58.30 30.28 -16.71
N LEU B 65 59.39 29.85 -16.07
CA LEU B 65 60.51 29.25 -16.78
C LEU B 65 60.41 27.73 -16.86
N ASP B 66 60.23 27.07 -15.71
CA ASP B 66 60.17 25.60 -15.65
C ASP B 66 58.72 25.17 -15.80
N VAL B 67 58.23 25.24 -17.03
CA VAL B 67 56.85 24.81 -17.35
C VAL B 67 56.96 23.32 -17.73
N ASN B 68 56.93 22.47 -16.71
CA ASN B 68 57.02 21.02 -16.90
C ASN B 68 55.61 20.45 -16.79
N VAL B 69 54.84 20.62 -17.87
CA VAL B 69 53.48 20.11 -17.93
C VAL B 69 53.52 18.62 -18.22
N VAL B 70 52.91 17.83 -17.33
CA VAL B 70 52.87 16.37 -17.48
C VAL B 70 51.44 15.91 -17.25
N ALA B 71 51.21 14.62 -17.53
CA ALA B 71 49.89 14.03 -17.36
C ALA B 71 50.05 12.52 -17.24
N LEU B 72 49.48 11.95 -16.18
CA LEU B 72 49.53 10.53 -15.92
C LEU B 72 48.13 9.92 -16.03
N LEU B 73 48.04 8.62 -15.76
CA LEU B 73 46.77 7.90 -15.84
C LEU B 73 46.83 6.78 -14.81
N MET B 74 46.20 7.01 -13.65
CA MET B 74 46.18 6.01 -12.59
C MET B 74 45.20 4.91 -12.97
N ASN B 75 45.72 3.72 -13.24
CA ASN B 75 44.89 2.58 -13.63
C ASN B 75 44.39 1.80 -12.41
N ARG B 76 45.31 1.37 -11.55
CA ARG B 76 44.93 0.61 -10.37
C ARG B 76 44.28 1.54 -9.34
N THR B 77 43.07 1.19 -8.90
CA THR B 77 42.32 1.99 -7.94
C THR B 77 42.70 1.53 -6.53
N ASP B 78 43.80 2.09 -6.03
CA ASP B 78 44.28 1.78 -4.69
C ASP B 78 45.13 2.95 -4.21
N PRO B 79 45.18 3.21 -2.90
CA PRO B 79 46.00 4.32 -2.40
C PRO B 79 47.49 4.12 -2.63
N LYS B 80 47.94 2.87 -2.75
CA LYS B 80 49.37 2.62 -2.92
C LYS B 80 49.87 3.19 -4.25
N SER B 81 49.10 3.00 -5.32
CA SER B 81 49.50 3.54 -6.63
C SER B 81 49.57 5.07 -6.58
N LEU B 82 48.59 5.70 -5.93
CA LEU B 82 48.60 7.16 -5.83
C LEU B 82 49.79 7.64 -5.02
N ILE B 83 50.11 6.95 -3.91
CA ILE B 83 51.26 7.34 -3.11
C ILE B 83 52.55 7.20 -3.90
N THR B 84 52.69 6.11 -4.67
CA THR B 84 53.89 5.92 -5.48
C THR B 84 53.99 6.99 -6.57
N HIS B 85 52.86 7.33 -7.19
CA HIS B 85 52.88 8.38 -8.22
C HIS B 85 53.26 9.72 -7.62
N VAL B 86 52.74 10.04 -6.43
CA VAL B 86 53.10 11.31 -5.78
C VAL B 86 54.57 11.33 -5.43
N CYS B 87 55.09 10.22 -4.89
CA CYS B 87 56.50 10.18 -4.52
C CYS B 87 57.41 10.24 -5.75
N ASP B 88 56.95 9.73 -6.89
CA ASP B 88 57.73 9.83 -8.12
C ASP B 88 57.69 11.24 -8.70
N LEU B 89 56.53 11.90 -8.62
CA LEU B 89 56.43 13.26 -9.15
C LEU B 89 57.16 14.26 -8.27
N MET B 90 57.24 14.01 -6.96
CA MET B 90 57.96 14.91 -6.08
C MET B 90 59.46 14.90 -6.37
N SER B 91 59.99 13.75 -6.82
CA SER B 91 61.40 13.65 -7.16
C SER B 91 61.73 14.31 -8.50
N GLY B 92 60.73 14.62 -9.32
CA GLY B 92 60.96 15.24 -10.61
C GLY B 92 61.20 16.73 -10.53
N ALA B 93 62.36 17.12 -9.97
CA ALA B 93 62.75 18.52 -9.86
C ALA B 93 61.74 19.32 -9.04
N ARG B 94 61.19 18.70 -8.00
CA ARG B 94 60.30 19.34 -7.03
C ARG B 94 59.07 19.93 -7.74
N ILE B 95 58.27 19.03 -8.31
CA ILE B 95 57.03 19.42 -8.95
C ILE B 95 56.09 20.04 -7.92
N HIS B 96 55.57 21.23 -8.21
CA HIS B 96 54.67 21.94 -7.33
C HIS B 96 53.34 22.17 -8.03
N GLY B 97 52.26 22.18 -7.23
CA GLY B 97 50.94 22.37 -7.77
C GLY B 97 50.44 21.17 -8.56
N LEU B 98 50.25 20.05 -7.88
CA LEU B 98 49.82 18.81 -8.52
C LEU B 98 48.29 18.74 -8.46
N VAL B 99 47.65 19.13 -9.56
CA VAL B 99 46.19 19.06 -9.66
C VAL B 99 45.77 17.63 -9.94
N PHE B 100 44.84 17.12 -9.13
CA PHE B 100 44.38 15.74 -9.24
C PHE B 100 42.86 15.72 -9.45
N GLY B 101 42.40 14.68 -10.14
CA GLY B 101 40.98 14.54 -10.42
C GLY B 101 40.65 13.13 -10.82
N ASP B 102 39.43 12.71 -10.50
CA ASP B 102 38.95 11.36 -10.83
C ASP B 102 37.60 11.41 -11.50
N ASP B 103 36.96 10.25 -11.66
CA ASP B 103 35.64 10.16 -12.26
C ASP B 103 34.56 9.73 -11.28
N THR B 104 34.91 8.98 -10.23
CA THR B 104 33.96 8.50 -9.23
C THR B 104 34.35 9.04 -7.86
N ASP B 105 33.37 9.56 -7.13
CA ASP B 105 33.62 10.10 -5.80
C ASP B 105 33.86 8.97 -4.81
N GLN B 106 35.04 8.97 -4.18
CA GLN B 106 35.41 7.97 -3.20
C GLN B 106 35.90 8.65 -1.93
N GLU B 107 35.51 8.11 -0.78
CA GLU B 107 35.89 8.72 0.49
C GLU B 107 37.37 8.50 0.79
N ALA B 108 37.97 7.45 0.24
CA ALA B 108 39.39 7.19 0.51
C ALA B 108 40.28 8.19 -0.23
N VAL B 109 39.95 8.48 -1.50
CA VAL B 109 40.74 9.41 -2.28
C VAL B 109 40.70 10.81 -1.68
N ALA B 110 39.54 11.21 -1.16
CA ALA B 110 39.42 12.54 -0.55
C ALA B 110 40.33 12.65 0.67
N GLN B 111 40.30 11.65 1.55
CA GLN B 111 41.15 11.68 2.74
C GLN B 111 42.63 11.60 2.35
N MET B 112 42.96 10.84 1.32
CA MET B 112 44.34 10.74 0.88
C MET B 112 44.84 12.08 0.36
N LEU B 113 44.03 12.76 -0.46
CA LEU B 113 44.41 14.06 -0.97
C LEU B 113 44.48 15.11 0.15
N ASP B 114 43.59 15.00 1.13
CA ASP B 114 43.67 15.92 2.28
C ASP B 114 44.96 15.71 3.06
N PHE B 115 45.35 14.45 3.29
CA PHE B 115 46.61 14.17 3.97
C PHE B 115 47.80 14.67 3.15
N ILE B 116 47.73 14.52 1.83
CA ILE B 116 48.83 14.99 0.97
C ILE B 116 48.95 16.50 1.05
N SER B 117 47.82 17.21 0.97
CA SER B 117 47.84 18.66 1.05
C SER B 117 48.22 19.16 2.43
N SER B 118 48.01 18.35 3.47
CA SER B 118 48.41 18.76 4.82
C SER B 118 49.90 18.52 5.05
N GLN B 119 50.44 17.43 4.51
CA GLN B 119 51.83 17.09 4.73
C GLN B 119 52.75 17.86 3.77
N THR B 120 52.58 17.63 2.47
CA THR B 120 53.44 18.28 1.49
C THR B 120 53.13 19.77 1.32
N PHE B 121 51.94 20.19 1.73
CA PHE B 121 51.51 21.60 1.64
C PHE B 121 51.58 22.10 0.20
N ILE B 122 50.80 21.45 -0.65
CA ILE B 122 50.73 21.81 -2.07
C ILE B 122 49.30 22.21 -2.42
N PRO B 123 49.11 23.26 -3.22
CA PRO B 123 47.75 23.70 -3.60
C PRO B 123 47.11 22.81 -4.65
N ILE B 124 46.55 21.69 -4.19
CA ILE B 124 45.86 20.76 -5.08
C ILE B 124 44.51 21.33 -5.46
N LEU B 125 44.05 20.99 -6.66
CA LEU B 125 42.78 21.48 -7.20
C LEU B 125 41.89 20.27 -7.51
N GLY B 126 40.88 20.06 -6.68
CA GLY B 126 39.95 18.97 -6.90
C GLY B 126 39.02 19.28 -8.06
N ILE B 127 39.04 18.45 -9.09
CA ILE B 127 38.24 18.69 -10.29
C ILE B 127 36.95 17.87 -10.22
N HIS B 128 37.08 16.56 -10.17
CA HIS B 128 35.91 15.68 -10.16
C HIS B 128 36.32 14.34 -9.55
N GLY B 129 35.31 13.58 -9.15
CA GLY B 129 35.53 12.27 -8.56
C GLY B 129 35.90 12.33 -7.10
N GLY B 130 36.85 11.50 -6.68
CA GLY B 130 37.31 11.51 -5.29
C GLY B 130 37.94 12.81 -4.87
N ALA B 131 38.41 13.61 -5.82
CA ALA B 131 39.02 14.90 -5.51
C ALA B 131 37.99 15.97 -5.19
N SER B 132 36.70 15.70 -5.38
CA SER B 132 35.64 16.67 -5.10
C SER B 132 34.67 16.20 -4.03
N MET B 133 35.01 15.14 -3.30
CA MET B 133 34.16 14.64 -2.23
C MET B 133 34.23 15.60 -1.05
N ILE B 134 33.14 16.32 -0.79
CA ILE B 134 33.12 17.31 0.28
C ILE B 134 33.06 16.61 1.63
N MET B 135 33.94 17.01 2.54
CA MET B 135 33.99 16.45 3.88
C MET B 135 33.30 17.41 4.87
N ALA B 136 33.19 16.97 6.12
CA ALA B 136 32.53 17.77 7.14
C ALA B 136 33.47 18.85 7.68
N ASP B 137 34.60 18.45 8.25
CA ASP B 137 35.57 19.37 8.83
C ASP B 137 36.93 19.10 8.21
N LYS B 138 37.44 20.06 7.44
CA LYS B 138 38.74 19.92 6.80
C LYS B 138 39.83 20.53 7.67
N ASP B 139 41.08 20.26 7.31
CA ASP B 139 42.21 20.80 8.05
C ASP B 139 42.43 22.27 7.69
N PRO B 140 42.81 23.10 8.66
CA PRO B 140 43.04 24.52 8.33
C PRO B 140 44.26 24.73 7.47
N THR B 141 45.34 23.99 7.71
CA THR B 141 46.56 24.13 6.91
C THR B 141 46.46 23.44 5.56
N SER B 142 45.45 22.60 5.34
CA SER B 142 45.30 21.92 4.07
C SER B 142 44.77 22.87 3.01
N THR B 143 45.32 22.76 1.80
CA THR B 143 44.93 23.59 0.66
C THR B 143 44.08 22.81 -0.33
N PHE B 144 43.23 21.92 0.15
CA PHE B 144 42.36 21.11 -0.72
C PHE B 144 41.27 22.01 -1.28
N PHE B 145 41.45 22.44 -2.54
CA PHE B 145 40.50 23.32 -3.21
C PHE B 145 39.67 22.48 -4.18
N GLN B 146 38.46 22.14 -3.76
CA GLN B 146 37.54 21.36 -4.58
C GLN B 146 36.70 22.27 -5.47
N PHE B 147 36.23 21.72 -6.58
CA PHE B 147 35.38 22.43 -7.52
C PHE B 147 33.96 21.88 -7.42
N GLY B 148 32.99 22.79 -7.31
CA GLY B 148 31.59 22.42 -7.20
C GLY B 148 30.93 23.21 -6.09
N ALA B 149 29.77 22.72 -5.66
CA ALA B 149 28.99 23.36 -4.62
C ALA B 149 29.18 22.65 -3.28
N SER B 150 29.07 23.43 -2.20
CA SER B 150 29.18 22.88 -0.86
C SER B 150 27.83 22.31 -0.41
N ILE B 151 27.82 21.73 0.79
CA ILE B 151 26.60 21.13 1.31
C ILE B 151 25.52 22.18 1.53
N GLN B 152 25.93 23.37 2.02
CA GLN B 152 24.96 24.43 2.24
C GLN B 152 24.39 24.95 0.93
N GLN B 153 25.23 25.05 -0.11
CA GLN B 153 24.73 25.48 -1.42
C GLN B 153 23.78 24.45 -2.01
N GLN B 154 24.08 23.16 -1.84
CA GLN B 154 23.18 22.12 -2.31
C GLN B 154 21.85 22.17 -1.56
N ALA B 155 21.89 22.37 -0.24
CA ALA B 155 20.67 22.50 0.52
C ALA B 155 19.86 23.71 0.06
N THR B 156 20.53 24.83 -0.20
CA THR B 156 19.84 26.03 -0.65
C THR B 156 19.17 25.80 -2.01
N VAL B 157 19.89 25.20 -2.96
CA VAL B 157 19.31 25.03 -4.29
C VAL B 157 18.20 23.99 -4.27
N MET B 158 18.32 22.94 -3.45
CA MET B 158 17.24 21.97 -3.37
C MET B 158 16.02 22.57 -2.67
N LEU B 159 16.22 23.44 -1.68
CA LEU B 159 15.09 24.13 -1.07
C LEU B 159 14.41 25.05 -2.07
N LYS B 160 15.20 25.73 -2.90
CA LYS B 160 14.60 26.57 -3.94
C LYS B 160 13.80 25.73 -4.94
N ILE B 161 14.34 24.58 -5.34
CA ILE B 161 13.63 23.70 -6.27
C ILE B 161 12.33 23.20 -5.65
N MET B 162 12.37 22.85 -4.36
CA MET B 162 11.16 22.35 -3.71
C MET B 162 10.12 23.44 -3.53
N GLN B 163 10.56 24.66 -3.21
CA GLN B 163 9.62 25.76 -3.03
C GLN B 163 9.08 26.28 -4.36
N ASP B 164 9.78 26.05 -5.47
CA ASP B 164 9.26 26.43 -6.77
C ASP B 164 8.11 25.52 -7.21
N TYR B 165 8.01 24.32 -6.64
CA TYR B 165 6.95 23.39 -6.97
C TYR B 165 5.93 23.23 -5.85
N ASP B 166 6.04 24.01 -4.79
CA ASP B 166 5.11 23.98 -3.64
C ASP B 166 5.08 22.59 -3.02
N TRP B 167 6.27 22.13 -2.62
CA TRP B 167 6.44 20.84 -1.96
C TRP B 167 7.03 21.09 -0.57
N HIS B 168 6.20 20.99 0.47
CA HIS B 168 6.62 21.23 1.83
C HIS B 168 6.68 19.97 2.69
N VAL B 169 6.16 18.84 2.21
CA VAL B 169 6.17 17.59 2.96
C VAL B 169 7.44 16.85 2.55
N PHE B 170 8.50 17.02 3.34
CA PHE B 170 9.78 16.39 3.07
C PHE B 170 10.15 15.45 4.22
N SER B 171 11.04 14.52 3.93
CA SER B 171 11.53 13.54 4.90
C SER B 171 13.03 13.43 4.75
N LEU B 172 13.77 13.94 5.74
CA LEU B 172 15.23 13.95 5.68
C LEU B 172 15.79 12.64 6.22
N VAL B 173 16.65 12.00 5.43
CA VAL B 173 17.29 10.74 5.80
C VAL B 173 18.79 10.91 5.61
N THR B 174 19.53 10.87 6.71
CA THR B 174 20.97 11.03 6.69
C THR B 174 21.65 9.67 6.84
N THR B 175 22.97 9.68 6.96
CA THR B 175 23.76 8.45 7.09
C THR B 175 25.00 8.76 7.92
N ILE B 176 25.96 7.84 7.92
CA ILE B 176 27.19 8.00 8.68
C ILE B 176 28.27 8.75 7.90
N PHE B 177 28.07 8.98 6.61
CA PHE B 177 29.08 9.68 5.82
C PHE B 177 29.25 11.11 6.32
N PRO B 178 30.46 11.68 6.18
CA PRO B 178 30.70 13.04 6.69
C PRO B 178 29.82 14.06 5.98
N GLY B 179 29.14 14.88 6.77
CA GLY B 179 28.30 15.93 6.22
C GLY B 179 26.83 15.77 6.55
N TYR B 180 26.53 15.14 7.68
CA TYR B 180 25.15 14.93 8.11
C TYR B 180 24.71 15.91 9.18
N ARG B 181 25.55 16.16 10.20
CA ARG B 181 25.18 17.12 11.23
C ARG B 181 25.10 18.53 10.69
N ASP B 182 26.08 18.92 9.87
CA ASP B 182 26.02 20.25 9.23
C ASP B 182 24.81 20.35 8.31
N PHE B 183 24.47 19.25 7.62
CA PHE B 183 23.34 19.27 6.71
C PHE B 183 22.02 19.45 7.47
N ILE B 184 21.84 18.71 8.57
CA ILE B 184 20.61 18.85 9.33
C ILE B 184 20.55 20.21 10.02
N SER B 185 21.70 20.76 10.43
CA SER B 185 21.71 22.11 10.99
C SER B 185 21.30 23.14 9.96
N PHE B 186 21.82 23.03 8.74
CA PHE B 186 21.44 23.95 7.67
C PHE B 186 19.96 23.81 7.32
N ILE B 187 19.45 22.58 7.32
CA ILE B 187 18.03 22.37 7.04
C ILE B 187 17.17 23.02 8.12
N LYS B 188 17.53 22.82 9.38
CA LYS B 188 16.78 23.42 10.48
C LYS B 188 16.85 24.94 10.42
N THR B 189 18.00 25.49 10.03
CA THR B 189 18.13 26.94 9.90
C THR B 189 17.26 27.47 8.77
N THR B 190 17.23 26.77 7.64
CA THR B 190 16.40 27.21 6.52
C THR B 190 14.93 27.10 6.83
N VAL B 191 14.52 26.10 7.62
CA VAL B 191 13.12 25.97 7.99
C VAL B 191 12.70 27.09 8.93
N ASP B 192 13.60 27.53 9.80
CA ASP B 192 13.25 28.55 10.79
C ASP B 192 12.95 29.89 10.11
N ASN B 193 13.87 30.36 9.25
CA ASN B 193 13.67 31.66 8.62
C ASN B 193 12.53 31.64 7.60
N SER B 194 12.26 30.48 7.01
CA SER B 194 11.16 30.36 6.05
C SER B 194 9.85 30.27 6.83
N PHE B 195 9.05 31.32 6.77
CA PHE B 195 7.78 31.41 7.50
C PHE B 195 6.59 31.12 6.61
N VAL B 196 6.74 30.20 5.65
CA VAL B 196 5.67 29.84 4.73
C VAL B 196 5.14 28.43 5.00
N GLY B 197 5.64 27.77 6.04
CA GLY B 197 5.17 26.45 6.40
C GLY B 197 5.96 25.33 5.74
N TRP B 198 6.53 24.45 6.56
CA TRP B 198 7.32 23.32 6.07
C TRP B 198 7.11 22.14 7.00
N ASP B 199 6.62 21.03 6.47
CA ASP B 199 6.39 19.83 7.27
C ASP B 199 7.73 19.21 7.65
N MET B 200 8.12 19.36 8.92
CA MET B 200 9.38 18.81 9.42
C MET B 200 9.09 17.46 10.06
N GLN B 201 9.27 16.39 9.28
CA GLN B 201 9.04 15.05 9.77
C GLN B 201 10.28 14.55 10.52
N ASN B 202 10.14 13.38 11.15
CA ASN B 202 11.24 12.81 11.90
C ASN B 202 12.37 12.40 10.97
N VAL B 203 13.60 12.68 11.38
CA VAL B 203 14.78 12.39 10.58
C VAL B 203 15.19 10.95 10.81
N ILE B 204 15.35 10.20 9.72
CA ILE B 204 15.77 8.80 9.79
C ILE B 204 17.27 8.72 9.61
N THR B 205 17.94 8.04 10.54
CA THR B 205 19.39 7.89 10.51
C THR B 205 19.77 6.52 9.99
N LEU B 206 20.76 6.49 9.11
CA LEU B 206 21.27 5.25 8.53
C LEU B 206 22.76 5.09 8.82
N ASP B 207 23.15 5.37 10.06
CA ASP B 207 24.55 5.24 10.44
C ASP B 207 24.97 3.77 10.53
N THR B 208 24.06 2.92 11.00
CA THR B 208 24.33 1.49 11.13
C THR B 208 23.69 0.72 9.98
N SER B 209 24.18 -0.50 9.78
CA SER B 209 23.65 -1.36 8.73
C SER B 209 22.26 -1.85 9.09
N PHE B 210 21.34 -1.76 8.12
CA PHE B 210 19.97 -2.19 8.34
C PHE B 210 19.83 -3.69 8.11
N GLU B 211 18.97 -4.32 8.90
CA GLU B 211 18.69 -5.75 8.80
C GLU B 211 17.24 -6.02 8.42
N ASP B 212 16.53 -5.02 7.90
CA ASP B 212 15.13 -5.14 7.50
C ASP B 212 14.24 -5.58 8.66
N ALA B 213 14.63 -5.22 9.88
CA ALA B 213 13.86 -5.58 11.07
C ALA B 213 13.62 -4.35 11.94
N LYS B 214 14.51 -3.36 11.85
CA LYS B 214 14.39 -2.13 12.63
C LYS B 214 14.32 -0.88 11.79
N THR B 215 14.45 -0.98 10.46
CA THR B 215 14.32 0.17 9.57
C THR B 215 13.06 0.15 8.73
N GLN B 216 12.45 -1.02 8.52
CA GLN B 216 11.21 -1.08 7.74
C GLN B 216 10.07 -0.37 8.46
N VAL B 217 10.03 -0.45 9.80
CA VAL B 217 8.99 0.24 10.55
C VAL B 217 9.19 1.75 10.46
N GLN B 218 10.44 2.21 10.39
CA GLN B 218 10.70 3.64 10.25
C GLN B 218 10.36 4.12 8.84
N LEU B 219 10.68 3.31 7.82
CA LEU B 219 10.35 3.70 6.46
C LEU B 219 8.85 3.63 6.18
N LYS B 220 8.13 2.78 6.92
CA LYS B 220 6.69 2.68 6.71
C LYS B 220 5.96 3.92 7.23
N LYS B 221 6.46 4.53 8.30
CA LYS B 221 5.82 5.72 8.85
C LYS B 221 6.03 6.95 7.98
N ILE B 222 7.02 6.91 7.08
CA ILE B 222 7.29 8.06 6.21
C ILE B 222 6.17 8.16 5.18
N HIS B 223 5.38 9.23 5.28
CA HIS B 223 4.28 9.46 4.36
C HIS B 223 4.43 10.72 3.51
N SER B 224 5.52 11.46 3.69
CA SER B 224 5.73 12.68 2.92
C SER B 224 6.10 12.35 1.47
N SER B 225 5.83 13.30 0.58
CA SER B 225 6.14 13.11 -0.83
C SER B 225 7.63 13.25 -1.09
N VAL B 226 8.22 14.38 -0.67
CA VAL B 226 9.65 14.59 -0.86
C VAL B 226 10.42 13.68 0.08
N ILE B 227 11.39 12.95 -0.47
CA ILE B 227 12.21 12.02 0.29
C ILE B 227 13.65 12.48 0.16
N LEU B 228 14.12 13.24 1.15
CA LEU B 228 15.50 13.69 1.17
C LEU B 228 16.41 12.51 1.51
N LEU B 229 17.12 12.00 0.51
CA LEU B 229 17.98 10.82 0.66
C LEU B 229 19.43 11.29 0.58
N TYR B 230 20.01 11.63 1.73
CA TYR B 230 21.41 12.05 1.82
C TYR B 230 22.23 10.84 2.19
N CYS B 231 22.62 10.05 1.18
CA CYS B 231 23.39 8.84 1.39
C CYS B 231 24.40 8.71 0.25
N SER B 232 25.00 7.54 0.13
CA SER B 232 25.95 7.25 -0.93
C SER B 232 25.24 6.54 -2.08
N LYS B 233 26.01 6.06 -3.05
CA LYS B 233 25.43 5.37 -4.19
C LYS B 233 24.85 4.02 -3.79
N ASP B 234 25.66 3.18 -3.15
CA ASP B 234 25.18 1.85 -2.76
C ASP B 234 24.05 1.94 -1.74
N GLU B 235 24.13 2.89 -0.81
CA GLU B 235 23.07 3.05 0.17
C GLU B 235 21.77 3.50 -0.50
N ALA B 236 21.87 4.39 -1.49
CA ALA B 236 20.67 4.82 -2.22
C ALA B 236 20.08 3.66 -3.02
N VAL B 237 20.93 2.83 -3.63
CA VAL B 237 20.44 1.68 -4.36
C VAL B 237 19.73 0.71 -3.42
N LEU B 238 20.30 0.48 -2.24
CA LEU B 238 19.65 -0.40 -1.26
C LEU B 238 18.33 0.18 -0.78
N ILE B 239 18.27 1.48 -0.56
CA ILE B 239 17.02 2.11 -0.13
C ILE B 239 15.95 1.98 -1.20
N LEU B 240 16.33 2.20 -2.47
CA LEU B 240 15.37 2.05 -3.55
C LEU B 240 14.90 0.61 -3.69
N SER B 241 15.81 -0.35 -3.51
CA SER B 241 15.43 -1.75 -3.58
C SER B 241 14.46 -2.12 -2.46
N GLU B 242 14.73 -1.63 -1.24
CA GLU B 242 13.82 -1.89 -0.12
C GLU B 242 12.46 -1.24 -0.35
N ALA B 243 12.45 -0.05 -0.93
CA ALA B 243 11.18 0.62 -1.21
C ALA B 243 10.39 -0.12 -2.28
N ARG B 244 11.08 -0.68 -3.28
CA ARG B 244 10.39 -1.43 -4.32
C ARG B 244 9.93 -2.80 -3.81
N SER B 245 10.64 -3.38 -2.84
CA SER B 245 10.27 -4.69 -2.32
C SER B 245 9.22 -4.62 -1.23
N LEU B 246 9.12 -3.52 -0.50
CA LEU B 246 8.15 -3.37 0.57
C LEU B 246 6.95 -2.51 0.17
N GLY B 247 6.87 -2.10 -1.09
CA GLY B 247 5.73 -1.34 -1.57
C GLY B 247 5.70 0.09 -1.09
N LEU B 248 6.84 0.78 -1.21
CA LEU B 248 6.93 2.19 -0.84
C LEU B 248 7.03 3.14 -2.02
N THR B 249 7.30 2.62 -3.22
CA THR B 249 7.41 3.44 -4.41
C THR B 249 6.02 3.67 -5.00
N GLY B 250 5.61 4.93 -5.08
CA GLY B 250 4.33 5.30 -5.63
C GLY B 250 4.45 6.46 -6.62
N TYR B 251 3.29 6.91 -7.09
CA TYR B 251 3.22 8.00 -8.04
C TYR B 251 3.30 9.37 -7.37
N ASP B 252 3.46 9.43 -6.06
CA ASP B 252 3.57 10.69 -5.33
C ASP B 252 4.91 10.87 -4.63
N PHE B 253 5.73 9.83 -4.54
CA PHE B 253 7.03 9.91 -3.86
C PHE B 253 8.08 10.40 -4.86
N PHE B 254 8.60 11.61 -4.61
CA PHE B 254 9.62 12.21 -5.44
C PHE B 254 10.94 12.18 -4.67
N TRP B 255 11.84 11.27 -5.06
CA TRP B 255 13.13 11.16 -4.39
C TRP B 255 14.09 12.23 -4.91
N ILE B 256 14.85 12.80 -3.98
CA ILE B 256 15.84 13.83 -4.30
C ILE B 256 17.17 13.41 -3.70
N VAL B 257 18.21 13.44 -4.53
CA VAL B 257 19.55 13.03 -4.09
C VAL B 257 20.53 14.17 -4.31
N PRO B 258 21.51 14.36 -3.42
CA PRO B 258 22.49 15.43 -3.61
C PRO B 258 23.58 15.04 -4.60
N SER B 259 24.59 15.91 -4.75
CA SER B 259 25.69 15.63 -5.66
C SER B 259 26.54 14.46 -5.19
N LEU B 260 26.42 14.05 -3.92
CA LEU B 260 27.21 12.92 -3.43
C LEU B 260 26.76 11.62 -4.07
N VAL B 261 25.46 11.48 -4.35
CA VAL B 261 24.96 10.26 -4.98
C VAL B 261 25.35 10.23 -6.45
N SER B 262 24.90 11.23 -7.22
CA SER B 262 25.20 11.31 -8.64
C SER B 262 26.51 12.06 -8.86
N GLY B 263 27.60 11.40 -8.47
CA GLY B 263 28.92 11.97 -8.63
C GLY B 263 29.63 11.49 -9.87
N ASN B 264 28.86 11.04 -10.86
CA ASN B 264 29.44 10.54 -12.10
C ASN B 264 28.41 10.69 -13.21
N THR B 265 28.89 10.61 -14.46
CA THR B 265 28.04 10.73 -15.63
C THR B 265 28.21 9.55 -16.58
N GLU B 266 28.69 8.41 -16.07
CA GLU B 266 28.88 7.23 -16.90
C GLU B 266 28.35 5.95 -16.26
N LEU B 267 27.97 5.95 -14.99
CA LEU B 267 27.44 4.78 -14.32
C LEU B 267 26.12 5.15 -13.65
N ILE B 268 25.03 4.54 -14.12
CA ILE B 268 23.71 4.79 -13.59
C ILE B 268 23.06 3.45 -13.23
N PRO B 269 22.70 3.24 -11.97
CA PRO B 269 22.05 1.97 -11.60
C PRO B 269 20.66 1.87 -12.19
N LYS B 270 20.10 0.65 -12.12
CA LYS B 270 18.78 0.37 -12.65
C LYS B 270 17.68 0.47 -11.60
N GLU B 271 18.03 0.50 -10.31
CA GLU B 271 17.02 0.60 -9.27
C GLU B 271 16.41 1.99 -9.21
N PHE B 272 17.15 3.01 -9.62
CA PHE B 272 16.65 4.38 -9.59
C PHE B 272 15.58 4.57 -10.66
N PRO B 273 14.37 4.98 -10.30
CA PRO B 273 13.31 5.17 -11.29
C PRO B 273 13.52 6.45 -12.09
N SER B 274 12.73 6.58 -13.15
CA SER B 274 12.82 7.76 -14.01
C SER B 274 12.15 8.95 -13.33
N GLY B 275 12.94 9.98 -13.03
CA GLY B 275 12.42 11.15 -12.37
C GLY B 275 13.20 11.53 -11.13
N LEU B 276 14.32 10.85 -10.89
CA LEU B 276 15.16 11.12 -9.74
C LEU B 276 15.87 12.45 -9.93
N ILE B 277 15.51 13.45 -9.12
CA ILE B 277 16.13 14.76 -9.21
C ILE B 277 17.56 14.65 -8.67
N SER B 278 18.54 14.79 -9.56
CA SER B 278 19.95 14.69 -9.21
C SER B 278 20.59 16.06 -9.39
N VAL B 279 20.93 16.72 -8.28
CA VAL B 279 21.56 18.05 -8.32
C VAL B 279 23.07 17.80 -8.24
N SER B 280 23.69 17.64 -9.40
CA SER B 280 25.13 17.40 -9.50
C SER B 280 25.86 18.68 -9.84
N TYR B 281 27.07 18.82 -9.28
CA TYR B 281 27.88 20.00 -9.54
C TYR B 281 28.48 20.01 -10.94
N ASP B 282 28.43 18.89 -11.66
CA ASP B 282 28.96 18.82 -13.02
C ASP B 282 28.27 17.70 -13.76
N ASP B 283 28.43 17.69 -15.07
CA ASP B 283 27.81 16.69 -15.94
C ASP B 283 28.76 16.43 -17.10
N TRP B 284 28.24 15.78 -18.15
CA TRP B 284 29.07 15.50 -19.32
C TRP B 284 29.50 16.77 -20.03
N ASP B 285 28.71 17.84 -19.92
CA ASP B 285 29.11 19.11 -20.52
C ASP B 285 30.33 19.68 -19.82
N TYR B 286 30.32 19.69 -18.49
CA TYR B 286 31.48 20.13 -17.70
C TYR B 286 32.36 18.93 -17.35
N SER B 287 33.07 18.43 -18.36
CA SER B 287 33.91 17.26 -18.20
C SER B 287 35.23 17.65 -17.55
N LEU B 288 36.19 16.72 -17.55
CA LEU B 288 37.49 16.99 -16.94
C LEU B 288 38.23 18.09 -17.69
N GLU B 289 38.26 18.00 -19.03
CA GLU B 289 38.97 18.98 -19.83
C GLU B 289 38.36 20.38 -19.72
N ALA B 290 37.08 20.48 -19.39
CA ALA B 290 36.45 21.78 -19.23
C ALA B 290 36.98 22.52 -18.01
N ARG B 291 37.41 21.78 -16.98
CA ARG B 291 37.93 22.39 -15.77
C ARG B 291 39.45 22.37 -15.68
N VAL B 292 40.12 21.52 -16.46
CA VAL B 292 41.58 21.49 -16.45
C VAL B 292 42.15 22.82 -16.94
N ARG B 293 41.58 23.36 -18.01
CA ARG B 293 42.03 24.64 -18.54
C ARG B 293 41.80 25.77 -17.54
N ASP B 294 40.63 25.76 -16.88
CA ASP B 294 40.34 26.79 -15.89
C ASP B 294 41.30 26.71 -14.71
N GLY B 295 41.59 25.50 -14.25
CA GLY B 295 42.53 25.34 -13.15
C GLY B 295 43.93 25.78 -13.52
N LEU B 296 44.37 25.42 -14.74
CA LEU B 296 45.69 25.86 -15.20
C LEU B 296 45.76 27.37 -15.31
N GLY B 297 44.69 28.00 -15.80
CA GLY B 297 44.66 29.45 -15.90
C GLY B 297 44.71 30.12 -14.53
N ILE B 298 43.92 29.60 -13.58
CA ILE B 298 43.96 30.14 -12.22
C ILE B 298 45.34 29.99 -11.62
N LEU B 299 45.98 28.83 -11.83
CA LEU B 299 47.29 28.59 -11.26
C LEU B 299 48.34 29.52 -11.85
N THR B 300 48.34 29.68 -13.18
CA THR B 300 49.33 30.57 -13.79
C THR B 300 49.06 32.03 -13.45
N THR B 301 47.79 32.41 -13.27
CA THR B 301 47.49 33.78 -12.86
C THR B 301 47.98 34.04 -11.43
N ALA B 302 47.73 33.10 -10.51
CA ALA B 302 48.24 33.24 -9.16
C ALA B 302 49.77 33.29 -9.14
N ALA B 303 50.40 32.48 -9.99
CA ALA B 303 51.86 32.48 -10.06
C ALA B 303 52.40 33.82 -10.56
N SER B 304 51.81 34.34 -11.65
CA SER B 304 52.24 35.63 -12.16
C SER B 304 51.92 36.78 -11.22
N SER B 305 50.92 36.62 -10.35
CA SER B 305 50.58 37.69 -9.42
C SER B 305 51.48 37.67 -8.20
N MET B 306 51.78 36.49 -7.64
CA MET B 306 52.56 36.38 -6.41
C MET B 306 53.98 35.89 -6.67
N LEU B 307 54.48 36.03 -7.90
CA LEU B 307 55.85 35.64 -8.19
C LEU B 307 56.88 36.63 -7.64
N GLU B 308 56.50 37.89 -7.44
CA GLU B 308 57.42 38.88 -6.91
C GLU B 308 57.76 38.63 -5.45
N LYS B 309 56.93 37.85 -4.73
CA LYS B 309 57.21 37.52 -3.34
C LYS B 309 58.15 36.33 -3.22
N PHE B 310 57.83 35.23 -3.89
CA PHE B 310 58.64 34.02 -3.87
C PHE B 310 59.21 33.80 -5.26
N SER B 311 60.53 33.92 -5.39
CA SER B 311 61.17 33.73 -6.69
C SER B 311 61.16 32.26 -7.11
N TYR B 312 61.51 31.36 -6.18
CA TYR B 312 61.53 29.93 -6.46
C TYR B 312 60.25 29.31 -5.91
N ILE B 313 59.19 29.41 -6.72
CA ILE B 313 57.88 28.87 -6.34
C ILE B 313 57.91 27.35 -6.33
N PRO B 314 58.39 26.65 -7.39
CA PRO B 314 58.40 25.18 -7.33
C PRO B 314 59.45 24.65 -6.37
N GLU B 315 59.19 24.73 -5.08
CA GLU B 315 60.09 24.26 -4.03
C GLU B 315 59.32 23.28 -3.15
N ALA B 316 59.53 21.99 -3.38
CA ALA B 316 58.88 20.93 -2.62
C ALA B 316 59.95 20.02 -2.01
N LYS B 317 59.51 18.93 -1.39
CA LYS B 317 60.42 17.98 -0.79
C LYS B 317 61.19 17.21 -1.85
N ALA B 318 62.33 16.65 -1.46
CA ALA B 318 63.16 15.91 -2.40
C ALA B 318 62.53 14.57 -2.77
N SER B 319 62.11 13.80 -1.78
CA SER B 319 61.51 12.49 -2.02
C SER B 319 60.66 12.13 -0.81
N CYS B 320 60.23 10.87 -0.75
CA CYS B 320 59.41 10.37 0.34
C CYS B 320 60.23 9.62 1.40
N TYR B 321 61.54 9.81 1.40
CA TYR B 321 62.44 9.17 2.37
C TYR B 321 63.11 10.27 3.17
N GLY B 322 62.66 10.47 4.41
CA GLY B 322 63.18 11.50 5.29
C GLY B 322 62.43 12.81 5.23
N GLN B 323 62.11 13.28 4.02
CA GLN B 323 61.38 14.53 3.85
C GLN B 323 59.90 14.26 3.58
N PRO B 330 54.86 28.77 3.71
CA PRO B 330 53.56 29.39 4.02
C PRO B 330 53.68 30.89 4.27
N LEU B 331 54.91 31.40 4.31
CA LEU B 331 55.12 32.82 4.56
C LEU B 331 54.78 33.65 3.31
N HIS B 332 55.36 33.30 2.17
CA HIS B 332 55.10 34.01 0.93
C HIS B 332 54.92 33.04 -0.24
N THR B 333 54.39 31.85 0.02
CA THR B 333 54.18 30.86 -1.02
C THR B 333 52.86 31.13 -1.73
N LEU B 334 52.43 30.18 -2.57
CA LEU B 334 51.18 30.29 -3.32
C LEU B 334 50.12 29.32 -2.79
N HIS B 335 50.10 29.12 -1.46
CA HIS B 335 49.16 28.18 -0.88
C HIS B 335 47.78 28.79 -0.70
N GLN B 336 47.68 29.87 0.06
CA GLN B 336 46.42 30.55 0.33
C GLN B 336 46.35 31.90 -0.37
N PHE B 337 46.90 31.97 -1.58
CA PHE B 337 46.89 33.20 -2.38
C PHE B 337 46.25 33.01 -3.74
N MET B 338 45.47 31.94 -3.91
CA MET B 338 44.78 31.67 -5.17
C MET B 338 43.29 31.50 -4.94
N VAL B 339 42.75 32.11 -3.89
CA VAL B 339 41.34 32.00 -3.56
C VAL B 339 40.54 33.21 -4.04
N ASN B 340 41.13 34.02 -4.93
CA ASN B 340 40.45 35.21 -5.42
C ASN B 340 40.62 35.39 -6.93
N VAL B 341 41.23 34.43 -7.63
CA VAL B 341 41.42 34.55 -9.07
C VAL B 341 40.09 34.31 -9.77
N THR B 342 39.64 35.30 -10.52
CA THR B 342 38.39 35.22 -11.27
C THR B 342 38.71 34.88 -12.72
N TRP B 343 38.56 33.60 -13.07
CA TRP B 343 38.87 33.13 -14.41
C TRP B 343 37.62 33.19 -15.28
N ASP B 344 37.70 33.92 -16.39
CA ASP B 344 36.61 34.07 -17.36
C ASP B 344 35.34 34.60 -16.71
N GLY B 345 35.49 35.45 -15.69
CA GLY B 345 34.37 36.04 -15.01
C GLY B 345 33.65 35.15 -14.02
N LYS B 346 33.96 33.85 -14.00
CA LYS B 346 33.30 32.96 -13.06
C LYS B 346 33.79 33.21 -11.64
N ASP B 347 32.85 33.31 -10.70
CA ASP B 347 33.17 33.54 -9.29
C ASP B 347 33.65 32.22 -8.69
N LEU B 348 34.93 31.93 -8.91
CA LEU B 348 35.55 30.69 -8.44
C LEU B 348 36.34 30.90 -7.15
N SER B 349 35.94 31.86 -6.32
CA SER B 349 36.62 32.10 -5.06
C SER B 349 36.38 30.94 -4.10
N PHE B 350 37.39 30.68 -3.26
CA PHE B 350 37.33 29.58 -2.30
C PHE B 350 37.10 30.11 -0.89
N THR B 351 36.53 29.25 -0.05
CA THR B 351 36.23 29.59 1.33
C THR B 351 37.45 29.29 2.20
N GLU B 352 37.27 29.31 3.53
CA GLU B 352 38.36 29.01 4.43
C GLU B 352 38.87 27.58 4.26
N GLU B 353 37.98 26.66 3.88
CA GLU B 353 38.39 25.28 3.62
C GLU B 353 38.72 25.04 2.15
N GLY B 354 38.13 25.81 1.24
CA GLY B 354 38.41 25.69 -0.17
C GLY B 354 37.29 25.03 -0.95
N TYR B 355 36.47 25.84 -1.61
CA TYR B 355 35.35 25.35 -2.41
C TYR B 355 34.80 26.51 -3.23
N GLN B 356 34.37 26.21 -4.45
CA GLN B 356 33.81 27.24 -5.33
C GLN B 356 32.55 27.83 -4.72
N VAL B 357 32.55 29.15 -4.52
CA VAL B 357 31.40 29.80 -3.90
C VAL B 357 30.22 29.87 -4.87
N HIS B 358 30.50 30.12 -6.15
CA HIS B 358 29.47 30.20 -7.18
C HIS B 358 29.85 29.25 -8.32
N PRO B 359 29.59 27.96 -8.15
CA PRO B 359 29.91 27.00 -9.21
C PRO B 359 28.88 26.99 -10.32
N ARG B 360 29.26 26.43 -11.45
CA ARG B 360 28.38 26.28 -12.61
C ARG B 360 27.74 24.90 -12.62
N LEU B 361 26.95 24.64 -11.58
CA LEU B 361 26.29 23.34 -11.44
C LEU B 361 25.06 23.27 -12.33
N VAL B 362 24.80 22.07 -12.85
CA VAL B 362 23.67 21.81 -13.73
C VAL B 362 22.75 20.80 -13.05
N VAL B 363 21.49 21.16 -12.89
CA VAL B 363 20.50 20.28 -12.26
C VAL B 363 19.80 19.49 -13.35
N ILE B 364 19.93 18.16 -13.30
CA ILE B 364 19.33 17.26 -14.27
C ILE B 364 18.49 16.24 -13.54
N VAL B 365 17.65 15.54 -14.31
CA VAL B 365 16.82 14.46 -13.77
C VAL B 365 17.12 13.18 -14.53
N LEU B 366 16.47 12.10 -14.16
CA LEU B 366 16.64 10.80 -14.81
C LEU B 366 15.54 10.59 -15.84
N ASN B 367 15.93 10.24 -17.05
CA ASN B 367 14.98 10.01 -18.13
C ASN B 367 14.55 8.54 -18.12
N LYS B 368 13.83 8.12 -19.15
CA LYS B 368 13.32 6.75 -19.18
C LYS B 368 14.41 5.76 -19.57
N ASP B 369 15.25 6.11 -20.55
CA ASP B 369 16.27 5.20 -21.04
C ASP B 369 17.60 5.36 -20.31
N ARG B 370 17.52 5.37 -18.98
CA ARG B 370 18.69 5.39 -18.09
C ARG B 370 19.71 6.43 -18.52
N GLU B 371 19.25 7.68 -18.64
CA GLU B 371 20.13 8.78 -19.02
C GLU B 371 19.70 10.04 -18.27
N TRP B 372 20.68 10.91 -18.01
CA TRP B 372 20.44 12.14 -17.27
C TRP B 372 19.90 13.20 -18.22
N GLU B 373 18.60 13.50 -18.09
CA GLU B 373 17.96 14.49 -18.93
C GLU B 373 18.06 15.86 -18.26
N LYS B 374 18.61 16.83 -18.99
CA LYS B 374 18.83 18.16 -18.43
C LYS B 374 17.53 18.94 -18.34
N VAL B 375 17.31 19.59 -17.20
CA VAL B 375 16.12 20.41 -16.98
C VAL B 375 16.44 21.84 -16.61
N GLY B 376 17.70 22.17 -16.39
CA GLY B 376 18.07 23.53 -16.02
C GLY B 376 19.39 23.56 -15.30
N LYS B 377 19.69 24.72 -14.73
CA LYS B 377 20.94 24.94 -14.01
C LYS B 377 20.67 25.95 -12.89
N TRP B 378 21.75 26.44 -12.28
CA TRP B 378 21.66 27.41 -11.19
C TRP B 378 22.74 28.45 -11.39
N GLU B 379 22.33 29.71 -11.51
CA GLU B 379 23.27 30.82 -11.68
C GLU B 379 23.69 31.38 -10.33
N ASN B 380 24.69 32.26 -10.36
CA ASN B 380 25.20 32.85 -9.12
C ASN B 380 24.22 33.83 -8.50
N GLN B 381 23.33 34.42 -9.29
CA GLN B 381 22.36 35.36 -8.76
C GLN B 381 21.18 34.64 -8.12
N THR B 382 20.43 33.88 -8.93
CA THR B 382 19.26 33.14 -8.47
C THR B 382 19.25 31.78 -9.15
N LEU B 383 18.13 31.08 -9.03
CA LEU B 383 17.96 29.77 -9.63
C LEU B 383 17.39 29.94 -11.04
N SER B 384 18.16 29.51 -12.04
CA SER B 384 17.75 29.61 -13.44
C SER B 384 17.16 28.28 -13.89
N LEU B 385 15.92 28.03 -13.46
CA LEU B 385 15.22 26.80 -13.81
C LEU B 385 14.72 26.90 -15.24
N ARG B 386 15.33 26.11 -16.14
CA ARG B 386 14.91 26.14 -17.54
C ARG B 386 13.55 25.50 -17.73
N HIS B 387 13.39 24.26 -17.24
CA HIS B 387 12.11 23.55 -17.32
C HIS B 387 11.29 23.91 -16.09
N ALA B 388 10.58 25.04 -16.18
CA ALA B 388 9.73 25.48 -15.08
C ALA B 388 8.49 24.62 -14.90
N VAL B 389 8.06 23.94 -15.95
CA VAL B 389 6.89 23.07 -15.89
C VAL B 389 7.35 21.69 -15.43
N TRP B 390 6.98 21.31 -14.22
CA TRP B 390 7.37 20.01 -13.67
C TRP B 390 6.57 18.90 -14.35
N PRO B 391 7.22 17.92 -14.97
CA PRO B 391 6.47 16.85 -15.63
C PRO B 391 5.66 16.03 -14.63
N ARG B 392 4.64 15.36 -15.16
CA ARG B 392 3.76 14.57 -14.31
C ARG B 392 4.45 13.32 -13.79
N TYR B 393 5.14 12.60 -14.68
CA TYR B 393 5.83 11.35 -14.35
C TYR B 393 4.88 10.35 -13.69
N LYS B 394 3.86 9.96 -14.46
CA LYS B 394 2.86 9.02 -13.94
C LYS B 394 3.44 7.64 -13.74
N SER B 395 4.50 7.28 -14.46
CA SER B 395 5.15 5.98 -14.35
C SER B 395 6.65 6.21 -14.16
N PHE B 396 7.10 6.21 -12.91
CA PHE B 396 8.53 6.40 -12.64
C PHE B 396 9.32 5.18 -13.09
N SER B 397 9.02 4.01 -12.52
CA SER B 397 9.68 2.78 -12.91
C SER B 397 8.84 2.06 -13.97
N ASP B 398 9.28 0.86 -14.34
CA ASP B 398 8.58 0.10 -15.38
C ASP B 398 7.27 -0.50 -14.87
N CYS B 399 7.26 -0.95 -13.62
CA CYS B 399 6.08 -1.60 -13.04
C CYS B 399 5.25 -0.59 -12.24
N GLU B 400 4.71 0.39 -12.95
CA GLU B 400 3.84 1.41 -12.36
C GLU B 400 2.66 1.66 -13.29
N PRO B 401 1.63 0.82 -13.21
CA PRO B 401 0.45 1.02 -14.06
C PRO B 401 -0.53 2.07 -13.55
N ASP B 402 -0.32 2.59 -12.35
CA ASP B 402 -1.23 3.58 -11.77
C ASP B 402 -0.97 4.94 -12.42
N ASP B 403 -2.04 5.58 -12.89
CA ASP B 403 -1.98 6.88 -13.54
C ASP B 403 -3.06 7.76 -12.91
N ASN B 404 -2.67 8.53 -11.89
CA ASN B 404 -3.58 9.41 -11.16
C ASN B 404 -3.14 10.86 -11.25
N HIS B 405 -2.60 11.25 -12.39
CA HIS B 405 -2.19 12.63 -12.64
C HIS B 405 -3.22 13.30 -13.54
N LEU B 406 -3.81 14.39 -13.05
CA LEU B 406 -4.86 15.11 -13.74
C LEU B 406 -4.38 16.51 -14.11
N SER B 407 -5.28 17.29 -14.71
CA SER B 407 -4.96 18.64 -15.14
C SER B 407 -6.24 19.48 -15.12
N ILE B 408 -6.13 20.69 -14.59
CA ILE B 408 -7.25 21.61 -14.46
C ILE B 408 -6.87 22.93 -15.12
N VAL B 409 -7.78 23.48 -15.92
CA VAL B 409 -7.58 24.75 -16.61
C VAL B 409 -8.59 25.76 -16.08
N THR B 410 -8.12 26.98 -15.82
CA THR B 410 -8.97 28.05 -15.32
C THR B 410 -8.65 29.34 -16.06
N LEU B 411 -9.59 30.28 -16.00
CA LEU B 411 -9.45 31.57 -16.66
C LEU B 411 -9.64 32.72 -15.69
N GLU B 412 -9.70 33.95 -16.20
CA GLU B 412 -9.86 35.14 -15.37
C GLU B 412 -11.35 35.48 -15.32
N GLU B 413 -11.93 35.41 -14.13
CA GLU B 413 -13.33 35.73 -13.91
C GLU B 413 -13.47 36.66 -12.72
N ALA B 414 -14.46 37.55 -12.80
CA ALA B 414 -14.72 38.52 -11.73
C ALA B 414 -15.44 37.88 -10.54
N PRO B 415 -16.56 37.16 -10.73
CA PRO B 415 -17.21 36.55 -9.56
C PRO B 415 -16.46 35.35 -9.01
N PHE B 416 -15.57 34.75 -9.79
CA PHE B 416 -14.79 33.59 -9.35
C PHE B 416 -13.48 34.08 -8.72
N VAL B 417 -12.53 33.16 -8.54
CA VAL B 417 -11.25 33.50 -7.93
C VAL B 417 -10.58 34.62 -8.71
N ILE B 418 -10.20 35.68 -8.00
CA ILE B 418 -9.55 36.83 -8.62
C ILE B 418 -8.09 36.47 -8.90
N VAL B 419 -7.66 36.72 -10.14
CA VAL B 419 -6.29 36.43 -10.52
C VAL B 419 -5.36 37.46 -9.88
N GLU B 420 -4.44 36.97 -9.05
CA GLU B 420 -3.48 37.85 -8.38
C GLU B 420 -2.06 37.39 -8.63
N ASP B 421 -1.10 38.02 -7.95
CA ASP B 421 0.32 37.69 -8.11
C ASP B 421 0.86 37.06 -6.84
N ILE B 422 2.02 36.40 -6.98
CA ILE B 422 2.64 35.75 -5.85
C ILE B 422 3.32 36.79 -4.96
N ASP B 423 3.36 36.52 -3.66
CA ASP B 423 3.98 37.42 -2.71
C ASP B 423 5.48 37.53 -3.00
N PRO B 424 5.99 38.73 -3.29
CA PRO B 424 7.41 38.89 -3.62
C PRO B 424 8.31 39.17 -2.42
N LEU B 425 7.79 39.15 -1.20
CA LEU B 425 8.62 39.38 -0.03
C LEU B 425 9.55 38.20 0.23
N THR B 426 9.13 36.99 -0.13
CA THR B 426 9.97 35.79 0.01
C THR B 426 9.95 34.94 -1.24
N GLU B 427 9.43 35.46 -2.36
CA GLU B 427 9.33 34.73 -3.63
C GLU B 427 8.54 33.43 -3.50
N THR B 428 7.71 33.32 -2.46
CA THR B 428 6.89 32.14 -2.23
C THR B 428 5.50 32.58 -1.79
N CYS B 429 4.65 31.60 -1.50
CA CYS B 429 3.29 31.85 -1.03
C CYS B 429 2.93 30.79 0.00
N VAL B 430 1.66 30.77 0.38
CA VAL B 430 1.19 29.87 1.42
C VAL B 430 0.41 28.73 0.78
N ARG B 431 0.08 27.70 1.58
CA ARG B 431 -0.65 26.55 1.08
C ARG B 431 -2.09 26.90 0.74
N ASN B 432 -2.66 27.94 1.37
CA ASN B 432 -4.03 28.34 1.04
C ASN B 432 -4.13 28.91 -0.36
N THR B 433 -3.06 29.50 -0.87
CA THR B 433 -3.01 30.07 -2.22
C THR B 433 -2.30 29.06 -3.12
N VAL B 434 -3.08 28.37 -3.95
CA VAL B 434 -2.50 27.35 -4.83
C VAL B 434 -1.75 28.03 -5.97
N PRO B 435 -0.49 27.67 -6.23
CA PRO B 435 0.26 28.31 -7.31
C PRO B 435 -0.32 27.96 -8.67
N CYS B 436 -0.79 28.98 -9.38
CA CYS B 436 -1.33 28.82 -10.72
C CYS B 436 -0.25 29.11 -11.76
N ARG B 437 -0.12 28.22 -12.74
CA ARG B 437 0.88 28.38 -13.79
C ARG B 437 0.35 29.37 -14.82
N LYS B 438 0.78 30.62 -14.70
CA LYS B 438 0.30 31.66 -15.61
C LYS B 438 0.95 31.50 -16.99
N PHE B 439 0.31 32.11 -17.99
CA PHE B 439 0.81 32.06 -19.36
C PHE B 439 0.68 33.42 -20.04
N VAL B 440 0.81 34.50 -19.28
CA VAL B 440 0.66 35.85 -19.83
C VAL B 440 1.91 36.23 -20.60
N LYS B 441 1.72 36.74 -21.81
CA LYS B 441 2.83 37.18 -22.65
C LYS B 441 3.15 38.65 -22.39
N ILE B 442 4.36 39.05 -22.79
CA ILE B 442 4.80 40.42 -22.57
C ILE B 442 4.15 41.36 -23.58
N ASN B 443 4.28 41.06 -24.87
CA ASN B 443 3.72 41.89 -25.93
C ASN B 443 2.88 41.02 -26.86
N ASN B 444 2.16 41.69 -27.76
CA ASN B 444 1.29 40.97 -28.69
C ASN B 444 2.11 40.30 -29.79
N SER B 445 3.08 41.03 -30.35
CA SER B 445 3.90 40.47 -31.43
C SER B 445 4.88 39.43 -30.90
N THR B 446 5.26 39.53 -29.63
CA THR B 446 6.20 38.57 -29.06
C THR B 446 5.54 37.23 -28.84
N ASN B 447 6.34 36.16 -28.93
CA ASN B 447 5.87 34.80 -28.75
C ASN B 447 6.32 34.19 -27.43
N GLU B 448 7.11 34.91 -26.64
CA GLU B 448 7.57 34.37 -25.36
C GLU B 448 6.45 34.42 -24.33
N GLY B 449 6.21 33.29 -23.67
CA GLY B 449 5.18 33.21 -22.65
C GLY B 449 5.73 33.07 -21.25
N MET B 450 5.47 34.04 -20.40
CA MET B 450 5.97 34.02 -19.02
C MET B 450 5.21 32.98 -18.22
N ASN B 451 5.88 31.89 -17.86
CA ASN B 451 5.27 30.83 -17.06
C ASN B 451 5.59 31.04 -15.57
N VAL B 452 5.18 32.20 -15.07
CA VAL B 452 5.42 32.53 -13.67
C VAL B 452 4.52 31.69 -12.79
N LYS B 453 5.03 31.33 -11.61
CA LYS B 453 4.29 30.49 -10.67
C LYS B 453 3.63 31.36 -9.61
N LYS B 454 2.56 32.04 -10.05
CA LYS B 454 1.80 32.91 -9.16
C LYS B 454 0.71 32.13 -8.45
N CYS B 455 0.49 32.46 -7.18
CA CYS B 455 -0.51 31.81 -6.36
C CYS B 455 -1.73 32.72 -6.22
N CYS B 456 -2.91 32.11 -6.18
CA CYS B 456 -4.16 32.85 -6.06
C CYS B 456 -5.08 32.15 -5.07
N LYS B 457 -6.02 32.92 -4.53
CA LYS B 457 -7.02 32.40 -3.61
C LYS B 457 -8.41 32.84 -4.06
N GLY B 458 -9.41 32.04 -3.75
CA GLY B 458 -10.77 32.37 -4.12
C GLY B 458 -11.70 31.17 -3.95
N PHE B 459 -12.80 31.21 -4.70
CA PHE B 459 -13.81 30.16 -4.59
C PHE B 459 -13.33 28.87 -5.25
N CYS B 460 -12.88 28.95 -6.50
CA CYS B 460 -12.38 27.76 -7.19
C CYS B 460 -11.14 27.20 -6.53
N ILE B 461 -10.30 28.07 -5.95
CA ILE B 461 -9.11 27.60 -5.23
C ILE B 461 -9.51 26.73 -4.05
N ASP B 462 -10.47 27.21 -3.25
CA ASP B 462 -10.94 26.41 -2.12
C ASP B 462 -11.64 25.14 -2.59
N ILE B 463 -12.36 25.20 -3.71
CA ILE B 463 -13.02 24.02 -4.25
C ILE B 463 -11.98 22.96 -4.59
N LEU B 464 -10.95 23.34 -5.35
CA LEU B 464 -9.93 22.36 -5.73
C LEU B 464 -9.13 21.89 -4.52
N LYS B 465 -8.94 22.75 -3.51
CA LYS B 465 -8.24 22.34 -2.31
C LYS B 465 -9.03 21.26 -1.56
N LYS B 466 -10.33 21.50 -1.33
CA LYS B 466 -11.12 20.50 -0.63
C LYS B 466 -11.30 19.24 -1.47
N LEU B 467 -11.30 19.37 -2.80
CA LEU B 467 -11.36 18.19 -3.66
C LEU B 467 -10.09 17.34 -3.52
N SER B 468 -8.92 17.98 -3.58
CA SER B 468 -7.67 17.26 -3.41
C SER B 468 -7.48 16.75 -1.99
N ARG B 469 -8.17 17.35 -1.02
CA ARG B 469 -8.07 16.86 0.36
C ARG B 469 -8.99 15.69 0.62
N THR B 470 -10.17 15.68 0.00
CA THR B 470 -11.14 14.59 0.20
C THR B 470 -10.90 13.45 -0.77
N VAL B 471 -10.91 13.74 -2.07
CA VAL B 471 -10.72 12.70 -3.08
C VAL B 471 -9.28 12.23 -3.14
N LYS B 472 -8.33 13.06 -2.71
CA LYS B 472 -6.91 12.71 -2.66
C LYS B 472 -6.38 12.35 -4.06
N PHE B 473 -6.43 13.35 -4.95
CA PHE B 473 -5.94 13.21 -6.31
C PHE B 473 -4.93 14.32 -6.61
N THR B 474 -4.10 14.07 -7.62
CA THR B 474 -3.11 15.04 -8.06
C THR B 474 -3.62 15.78 -9.29
N TYR B 475 -3.39 17.09 -9.34
CA TYR B 475 -3.84 17.93 -10.43
C TYR B 475 -2.71 18.80 -10.92
N ASP B 476 -2.87 19.31 -12.14
CA ASP B 476 -1.90 20.21 -12.78
C ASP B 476 -2.66 21.48 -13.18
N LEU B 477 -2.75 22.43 -12.26
CA LEU B 477 -3.50 23.65 -12.50
C LEU B 477 -2.64 24.67 -13.26
N TYR B 478 -3.24 25.29 -14.28
CA TYR B 478 -2.56 26.31 -15.06
C TYR B 478 -3.59 27.34 -15.52
N LEU B 479 -3.20 28.61 -15.47
CA LEU B 479 -4.06 29.72 -15.86
C LEU B 479 -3.49 30.33 -17.14
N VAL B 480 -4.04 29.90 -18.28
CA VAL B 480 -3.60 30.36 -19.59
C VAL B 480 -4.53 31.47 -20.08
N THR B 481 -3.96 32.48 -20.71
CA THR B 481 -4.74 33.59 -21.25
C THR B 481 -5.53 33.10 -22.45
N ASN B 482 -6.85 32.99 -22.29
CA ASN B 482 -7.74 32.50 -23.34
C ASN B 482 -8.83 33.55 -23.60
N GLY B 483 -9.86 33.14 -24.33
CA GLY B 483 -10.94 34.04 -24.68
C GLY B 483 -12.06 34.06 -23.66
N LYS B 484 -13.27 33.74 -24.09
CA LYS B 484 -14.45 33.78 -23.24
C LYS B 484 -15.26 32.51 -23.47
N HIS B 485 -16.48 32.49 -22.95
CA HIS B 485 -17.34 31.32 -23.07
C HIS B 485 -17.71 31.07 -24.52
N GLY B 486 -17.39 29.86 -25.00
CA GLY B 486 -17.68 29.51 -26.37
C GLY B 486 -18.95 28.68 -26.50
N LYS B 487 -19.57 28.77 -27.67
CA LYS B 487 -20.80 28.04 -27.97
C LYS B 487 -20.75 27.58 -29.42
N LYS B 488 -21.90 27.19 -29.95
CA LYS B 488 -21.99 26.61 -31.29
C LYS B 488 -22.16 27.67 -32.38
N VAL B 489 -21.76 28.91 -32.12
CA VAL B 489 -21.85 29.96 -33.13
C VAL B 489 -20.77 29.71 -34.19
N ASN B 490 -21.18 29.19 -35.34
CA ASN B 490 -20.28 28.86 -36.44
C ASN B 490 -19.18 27.88 -36.00
N ASN B 491 -19.47 27.08 -34.98
CA ASN B 491 -18.53 26.10 -34.43
C ASN B 491 -17.22 26.76 -34.03
N VAL B 492 -17.34 27.87 -33.31
CA VAL B 492 -16.19 28.61 -32.80
C VAL B 492 -16.09 28.35 -31.31
N TRP B 493 -15.07 27.60 -30.90
CA TRP B 493 -14.87 27.22 -29.51
C TRP B 493 -13.60 27.89 -29.00
N ASN B 494 -13.75 28.83 -28.07
CA ASN B 494 -12.63 29.54 -27.48
C ASN B 494 -12.78 29.55 -25.96
N GLY B 495 -11.73 29.99 -25.29
CA GLY B 495 -11.74 30.06 -23.83
C GLY B 495 -11.65 28.69 -23.19
N MET B 496 -11.94 28.67 -21.89
CA MET B 496 -11.93 27.42 -21.14
C MET B 496 -13.06 26.49 -21.58
N ILE B 497 -14.18 27.06 -22.04
CA ILE B 497 -15.28 26.22 -22.53
C ILE B 497 -14.84 25.45 -23.77
N GLY B 498 -14.17 26.14 -24.70
CA GLY B 498 -13.66 25.45 -25.87
C GLY B 498 -12.64 24.39 -25.56
N GLU B 499 -11.87 24.58 -24.48
CA GLU B 499 -10.90 23.57 -24.08
C GLU B 499 -11.58 22.35 -23.46
N VAL B 500 -12.57 22.58 -22.59
CA VAL B 500 -13.26 21.46 -21.94
C VAL B 500 -14.27 20.79 -22.85
N VAL B 501 -14.60 21.39 -24.00
CA VAL B 501 -15.51 20.73 -24.94
C VAL B 501 -14.86 19.47 -25.50
N TYR B 502 -13.61 19.57 -25.90
CA TYR B 502 -12.91 18.40 -26.44
C TYR B 502 -12.60 17.41 -25.33
N GLN B 503 -12.32 16.17 -25.73
CA GLN B 503 -11.99 15.12 -24.79
C GLN B 503 -10.56 15.30 -24.27
N ARG B 504 -10.10 14.30 -23.51
CA ARG B 504 -8.76 14.20 -22.97
C ARG B 504 -8.51 15.23 -21.87
N ALA B 505 -9.47 16.12 -21.64
CA ALA B 505 -9.41 17.09 -20.56
C ALA B 505 -10.09 16.50 -19.33
N VAL B 506 -9.39 16.51 -18.19
CA VAL B 506 -9.91 15.86 -17.00
C VAL B 506 -11.10 16.64 -16.45
N MET B 507 -10.89 17.88 -16.04
CA MET B 507 -11.93 18.69 -15.44
C MET B 507 -11.48 20.15 -15.44
N ALA B 508 -12.33 21.01 -14.89
CA ALA B 508 -12.04 22.42 -14.77
C ALA B 508 -12.79 22.98 -13.57
N VAL B 509 -12.09 23.77 -12.74
CA VAL B 509 -12.71 24.33 -11.55
C VAL B 509 -13.79 25.35 -11.90
N GLY B 510 -13.74 25.93 -13.09
CA GLY B 510 -14.75 26.89 -13.49
C GLY B 510 -16.13 26.28 -13.68
N SER B 511 -17.05 26.58 -12.77
CA SER B 511 -18.41 26.07 -12.82
C SER B 511 -19.31 27.19 -13.34
N LEU B 512 -19.62 27.12 -14.63
CA LEU B 512 -20.41 28.16 -15.29
C LEU B 512 -21.88 27.75 -15.31
N THR B 513 -22.70 28.60 -15.94
CA THR B 513 -24.14 28.35 -16.01
C THR B 513 -24.43 27.18 -16.94
N ILE B 514 -25.53 26.49 -16.66
CA ILE B 514 -25.94 25.34 -17.47
C ILE B 514 -26.54 25.84 -18.77
N ASN B 515 -26.16 25.21 -19.89
CA ASN B 515 -26.64 25.60 -21.20
C ASN B 515 -26.97 24.34 -21.99
N GLU B 516 -27.23 24.50 -23.28
CA GLU B 516 -27.62 23.37 -24.12
C GLU B 516 -26.41 22.62 -24.66
N GLU B 517 -25.53 23.34 -25.37
CA GLU B 517 -24.36 22.69 -25.96
C GLU B 517 -23.38 22.23 -24.90
N ARG B 518 -23.20 23.03 -23.83
CA ARG B 518 -22.31 22.65 -22.75
C ARG B 518 -22.82 21.45 -21.95
N SER B 519 -24.08 21.08 -22.12
CA SER B 519 -24.62 19.87 -21.51
C SER B 519 -24.71 18.70 -22.47
N GLU B 520 -24.84 18.98 -23.77
CA GLU B 520 -24.87 17.90 -24.76
C GLU B 520 -23.47 17.38 -25.07
N VAL B 521 -22.46 18.26 -25.07
CA VAL B 521 -21.10 17.84 -25.36
C VAL B 521 -20.51 17.08 -24.18
N VAL B 522 -20.43 17.73 -23.02
CA VAL B 522 -19.89 17.11 -21.83
C VAL B 522 -20.99 17.01 -20.78
N ASP B 523 -20.74 16.16 -19.79
CA ASP B 523 -21.71 15.90 -18.71
C ASP B 523 -21.25 16.63 -17.46
N PHE B 524 -21.95 17.71 -17.12
CA PHE B 524 -21.64 18.46 -15.91
C PHE B 524 -22.03 17.67 -14.66
N SER B 525 -21.44 18.03 -13.54
CA SER B 525 -21.74 17.40 -12.27
C SER B 525 -23.02 17.99 -11.69
N VAL B 526 -23.33 17.66 -10.45
CA VAL B 526 -24.55 18.18 -9.82
C VAL B 526 -24.37 19.66 -9.51
N PRO B 527 -25.35 20.51 -9.81
CA PRO B 527 -25.21 21.95 -9.51
C PRO B 527 -25.23 22.22 -8.01
N PHE B 528 -24.10 22.67 -7.47
CA PHE B 528 -24.04 22.97 -6.04
C PHE B 528 -24.81 24.24 -5.67
N VAL B 529 -25.03 25.13 -6.63
CA VAL B 529 -25.75 26.37 -6.39
C VAL B 529 -27.02 26.36 -7.24
N GLU B 530 -28.02 27.11 -6.79
CA GLU B 530 -29.30 27.22 -7.47
C GLU B 530 -29.54 28.60 -8.06
N THR B 531 -28.54 29.48 -8.02
CA THR B 531 -28.70 30.83 -8.55
C THR B 531 -28.88 30.78 -10.06
N GLY B 532 -29.89 31.50 -10.56
CA GLY B 532 -30.19 31.55 -11.97
C GLY B 532 -30.00 32.94 -12.56
N ILE B 533 -30.34 33.04 -13.84
CA ILE B 533 -30.21 34.30 -14.58
C ILE B 533 -31.35 35.21 -14.19
N SER B 534 -31.02 36.44 -13.78
CA SER B 534 -32.00 37.44 -13.40
C SER B 534 -31.52 38.80 -13.85
N VAL B 535 -32.30 39.83 -13.54
CA VAL B 535 -32.00 41.21 -13.92
C VAL B 535 -31.89 42.06 -12.65
N MET B 536 -30.88 42.93 -12.62
CA MET B 536 -30.64 43.82 -11.48
C MET B 536 -30.58 45.24 -12.02
N VAL B 537 -31.72 45.92 -12.00
CA VAL B 537 -31.79 47.30 -12.48
C VAL B 537 -31.15 48.23 -11.45
N SER B 538 -30.27 49.10 -11.91
CA SER B 538 -29.59 50.05 -11.03
C SER B 538 -30.54 51.16 -10.60
N ASP B 660 -37.24 49.61 -9.74
CA ASP B 660 -38.14 49.47 -8.60
C ASP B 660 -39.55 49.10 -9.06
N GLN B 661 -40.08 49.87 -10.01
CA GLN B 661 -41.43 49.61 -10.52
C GLN B 661 -41.46 48.44 -11.50
N VAL B 662 -40.30 48.01 -12.00
CA VAL B 662 -40.26 46.89 -12.93
C VAL B 662 -40.53 45.59 -12.19
N THR B 663 -41.02 44.59 -12.92
CA THR B 663 -41.32 43.28 -12.38
C THR B 663 -40.38 42.21 -12.92
N GLY B 664 -39.12 42.57 -13.16
CA GLY B 664 -38.15 41.62 -13.68
C GLY B 664 -38.14 41.64 -15.20
N LEU B 665 -38.27 40.45 -15.79
CA LEU B 665 -38.28 40.30 -17.24
C LEU B 665 -39.68 40.17 -17.83
N SER B 666 -40.70 39.98 -16.99
CA SER B 666 -42.07 39.85 -17.44
C SER B 666 -42.77 41.20 -17.64
N ASP B 667 -42.05 42.31 -17.44
CA ASP B 667 -42.65 43.62 -17.62
C ASP B 667 -42.88 43.89 -19.11
N LYS B 668 -43.97 44.61 -19.40
CA LYS B 668 -44.32 44.91 -20.78
C LYS B 668 -43.40 45.95 -21.42
N LYS B 669 -42.48 46.54 -20.66
CA LYS B 669 -41.56 47.53 -21.21
C LYS B 669 -40.51 46.93 -22.12
N PHE B 670 -40.31 45.61 -22.09
CA PHE B 670 -39.31 44.97 -22.93
C PHE B 670 -39.85 44.54 -24.28
N GLN B 671 -41.14 44.15 -24.35
CA GLN B 671 -41.71 43.74 -25.62
C GLN B 671 -41.91 44.92 -26.55
N ARG B 672 -42.24 46.09 -26.01
CA ARG B 672 -42.47 47.30 -26.79
C ARG B 672 -41.61 48.42 -26.21
N PRO B 673 -40.35 48.51 -26.62
CA PRO B 673 -39.47 49.57 -26.12
C PRO B 673 -39.66 50.93 -26.77
N HIS B 674 -40.68 51.09 -27.62
CA HIS B 674 -40.89 52.36 -28.30
C HIS B 674 -41.47 53.41 -27.36
N ASP B 675 -42.57 53.08 -26.67
CA ASP B 675 -43.20 54.04 -25.78
C ASP B 675 -42.46 54.14 -24.45
N TYR B 676 -42.39 53.04 -23.73
CA TYR B 676 -41.69 52.99 -22.45
C TYR B 676 -40.39 52.21 -22.60
N SER B 677 -39.44 52.50 -21.70
CA SER B 677 -38.11 51.90 -21.70
C SER B 677 -37.45 52.04 -23.06
N PRO B 678 -37.00 53.25 -23.43
CA PRO B 678 -36.36 53.43 -24.73
C PRO B 678 -35.09 52.60 -24.82
N PRO B 679 -34.67 52.24 -26.03
CA PRO B 679 -33.48 51.39 -26.18
C PRO B 679 -32.22 52.00 -25.59
N PHE B 680 -31.69 51.38 -24.55
CA PHE B 680 -30.45 51.80 -23.89
C PHE B 680 -29.46 50.65 -23.94
N ARG B 681 -28.33 50.83 -23.26
CA ARG B 681 -27.29 49.80 -23.20
C ARG B 681 -27.79 48.66 -22.32
N PHE B 682 -28.29 47.60 -22.96
CA PHE B 682 -28.82 46.44 -22.24
C PHE B 682 -28.04 45.16 -22.54
N GLY B 683 -26.92 45.26 -23.26
CA GLY B 683 -26.16 44.09 -23.62
C GLY B 683 -25.36 43.52 -22.47
N THR B 684 -25.03 42.25 -22.61
CA THR B 684 -24.20 41.54 -21.64
C THR B 684 -22.77 41.42 -22.18
N VAL B 685 -21.95 40.64 -21.49
CA VAL B 685 -20.56 40.42 -21.91
C VAL B 685 -20.55 39.74 -23.27
N PRO B 686 -19.56 40.02 -24.11
CA PRO B 686 -19.53 39.39 -25.45
C PRO B 686 -19.33 37.89 -25.34
N ASN B 687 -20.10 37.15 -26.14
CA ASN B 687 -20.04 35.70 -26.21
C ASN B 687 -20.28 35.07 -24.83
N GLY B 688 -21.48 35.32 -24.30
CA GLY B 688 -21.88 34.81 -23.02
C GLY B 688 -23.07 33.86 -23.13
N SER B 689 -23.31 33.13 -22.03
CA SER B 689 -24.43 32.19 -22.00
C SER B 689 -25.77 32.93 -22.04
N THR B 690 -25.83 34.12 -21.45
CA THR B 690 -27.08 34.89 -21.45
C THR B 690 -27.46 35.27 -22.88
N GLU B 691 -26.48 35.59 -23.72
CA GLU B 691 -26.77 35.91 -25.11
C GLU B 691 -27.43 34.73 -25.83
N ARG B 692 -26.87 33.53 -25.64
CA ARG B 692 -27.44 32.34 -26.26
C ARG B 692 -28.84 32.05 -25.72
N ASN B 693 -29.02 32.18 -24.40
CA ASN B 693 -30.33 31.93 -23.82
C ASN B 693 -31.37 32.89 -24.35
N ILE B 694 -31.01 34.17 -24.49
CA ILE B 694 -31.96 35.16 -25.01
C ILE B 694 -32.25 34.91 -26.48
N ARG B 695 -31.21 34.61 -27.27
CA ARG B 695 -31.43 34.30 -28.68
C ARG B 695 -32.34 33.09 -28.84
N ASN B 696 -32.24 32.13 -27.93
CA ASN B 696 -33.15 30.99 -27.97
C ASN B 696 -34.55 31.38 -27.51
N ASN B 697 -34.66 32.34 -26.59
CA ASN B 697 -35.95 32.75 -26.06
C ASN B 697 -36.53 33.95 -26.82
N TYR B 698 -35.82 35.07 -26.80
CA TYR B 698 -36.30 36.31 -27.40
C TYR B 698 -35.35 36.80 -28.47
N PRO B 699 -35.69 36.68 -29.76
CA PRO B 699 -34.77 37.15 -30.80
C PRO B 699 -34.59 38.66 -30.81
N TYR B 700 -35.67 39.43 -30.59
CA TYR B 700 -35.56 40.88 -30.63
C TYR B 700 -34.75 41.40 -29.45
N MET B 701 -34.92 40.80 -28.27
CA MET B 701 -34.09 41.20 -27.13
C MET B 701 -32.62 40.89 -27.38
N HIS B 702 -32.34 39.76 -28.04
CA HIS B 702 -30.95 39.43 -28.37
C HIS B 702 -30.38 40.42 -29.37
N GLN B 703 -31.16 40.82 -30.37
CA GLN B 703 -30.70 41.82 -31.33
C GLN B 703 -30.44 43.16 -30.64
N TYR B 704 -31.32 43.52 -29.69
CA TYR B 704 -31.12 44.76 -28.95
C TYR B 704 -29.86 44.72 -28.11
N MET B 705 -29.62 43.60 -27.41
CA MET B 705 -28.40 43.48 -26.62
C MET B 705 -27.16 43.43 -27.49
N THR B 706 -27.28 42.92 -28.72
CA THR B 706 -26.14 42.88 -29.63
C THR B 706 -25.81 44.27 -30.14
N ARG B 707 -26.84 45.03 -30.56
CA ARG B 707 -26.61 46.39 -31.04
C ARG B 707 -26.28 47.35 -29.90
N PHE B 708 -26.54 46.97 -28.66
CA PHE B 708 -26.16 47.75 -27.49
C PHE B 708 -25.23 46.95 -26.58
N ASN B 709 -24.25 46.28 -27.17
CA ASN B 709 -23.31 45.47 -26.39
C ASN B 709 -22.38 46.38 -25.59
N GLN B 710 -22.23 46.08 -24.31
CA GLN B 710 -21.38 46.86 -23.42
C GLN B 710 -19.99 46.22 -23.32
N ARG B 711 -19.18 46.75 -22.43
CA ARG B 711 -17.82 46.26 -22.22
C ARG B 711 -17.82 45.15 -21.17
N GLY B 712 -16.64 44.80 -20.66
CA GLY B 712 -16.49 43.71 -19.72
C GLY B 712 -17.17 43.91 -18.38
N VAL B 713 -16.91 42.99 -17.45
CA VAL B 713 -17.60 43.00 -16.16
C VAL B 713 -17.15 44.19 -15.32
N GLU B 714 -15.86 44.53 -15.38
CA GLU B 714 -15.36 45.65 -14.58
C GLU B 714 -15.93 46.98 -15.07
N ASP B 715 -16.00 47.16 -16.40
CA ASP B 715 -16.63 48.38 -16.93
C ASP B 715 -18.12 48.41 -16.62
N ALA B 716 -18.77 47.24 -16.61
CA ALA B 716 -20.18 47.19 -16.23
C ALA B 716 -20.36 47.61 -14.77
N LEU B 717 -19.47 47.17 -13.88
CA LEU B 717 -19.55 47.57 -12.48
C LEU B 717 -19.28 49.06 -12.32
N VAL B 718 -18.32 49.60 -13.09
CA VAL B 718 -18.05 51.03 -13.04
C VAL B 718 -19.27 51.81 -13.50
N SER B 719 -19.93 51.36 -14.56
CA SER B 719 -21.12 52.04 -15.06
C SER B 719 -22.27 51.95 -14.07
N LEU B 720 -22.39 50.81 -13.38
CA LEU B 720 -23.43 50.67 -12.36
C LEU B 720 -23.18 51.60 -11.18
N LYS B 721 -21.91 51.71 -10.75
CA LYS B 721 -21.57 52.64 -9.68
C LYS B 721 -21.72 54.10 -10.12
N THR B 722 -21.60 54.37 -11.41
CA THR B 722 -21.79 55.73 -11.91
C THR B 722 -23.27 56.07 -12.06
N GLY B 723 -24.02 55.24 -12.77
CA GLY B 723 -25.44 55.46 -12.94
C GLY B 723 -25.90 55.46 -14.38
N LYS B 724 -24.96 55.37 -15.32
CA LYS B 724 -25.31 55.40 -16.73
C LYS B 724 -25.89 54.09 -17.22
N LEU B 725 -25.48 52.97 -16.62
CA LEU B 725 -26.02 51.67 -17.00
C LEU B 725 -27.38 51.47 -16.35
N ASP B 726 -28.39 51.16 -17.17
CA ASP B 726 -29.75 51.01 -16.66
C ASP B 726 -29.92 49.68 -15.92
N ALA B 727 -29.71 48.57 -16.61
CA ALA B 727 -29.90 47.25 -16.04
C ALA B 727 -28.73 46.34 -16.45
N PHE B 728 -28.44 45.37 -15.59
CA PHE B 728 -27.38 44.40 -15.81
C PHE B 728 -27.94 43.01 -15.59
N ILE B 729 -28.08 42.24 -16.66
CA ILE B 729 -28.67 40.91 -16.62
C ILE B 729 -27.54 39.88 -16.58
N TYR B 730 -27.51 39.10 -15.51
CA TYR B 730 -26.51 38.04 -15.35
C TYR B 730 -27.05 37.03 -14.35
N ASP B 731 -26.17 36.14 -13.87
CA ASP B 731 -26.58 35.13 -12.90
C ASP B 731 -26.80 35.78 -11.53
N ALA B 732 -27.69 35.16 -10.74
CA ALA B 732 -28.03 35.71 -9.43
C ALA B 732 -26.82 35.70 -8.49
N ALA B 733 -25.94 34.70 -8.62
CA ALA B 733 -24.76 34.65 -7.77
C ALA B 733 -23.83 35.83 -8.06
N VAL B 734 -23.63 36.15 -9.34
CA VAL B 734 -22.79 37.29 -9.69
C VAL B 734 -23.41 38.59 -9.20
N LEU B 735 -24.73 38.71 -9.30
CA LEU B 735 -25.41 39.91 -8.83
C LEU B 735 -25.27 40.05 -7.31
N ASN B 736 -25.38 38.95 -6.57
CA ASN B 736 -25.22 39.01 -5.13
C ASN B 736 -23.77 39.35 -4.76
N TYR B 737 -22.81 38.79 -5.48
CA TYR B 737 -21.40 39.11 -5.22
C TYR B 737 -21.11 40.57 -5.50
N LYS B 738 -21.74 41.14 -6.53
CA LYS B 738 -21.54 42.56 -6.82
C LYS B 738 -22.22 43.43 -5.77
N ALA B 739 -23.43 43.05 -5.34
CA ALA B 739 -24.15 43.84 -4.34
C ALA B 739 -23.53 43.72 -2.95
N GLY B 740 -22.75 42.67 -2.69
CA GLY B 740 -22.12 42.52 -1.40
C GLY B 740 -21.10 43.59 -1.06
N ARG B 741 -20.63 44.34 -2.06
CA ARG B 741 -19.64 45.39 -1.87
C ARG B 741 -20.05 46.66 -2.60
N ASP B 742 -21.33 47.02 -2.50
CA ASP B 742 -21.82 48.24 -3.13
C ASP B 742 -21.32 49.48 -2.38
N GLU B 743 -21.19 50.57 -3.12
CA GLU B 743 -20.74 51.85 -2.56
C GLU B 743 -21.96 52.70 -2.19
N GLY B 744 -22.70 52.21 -1.21
CA GLY B 744 -23.90 52.89 -0.73
C GLY B 744 -25.20 52.13 -0.96
N CYS B 745 -25.15 50.93 -1.53
CA CYS B 745 -26.34 50.12 -1.79
C CYS B 745 -27.35 50.88 -2.65
N LYS B 746 -26.92 51.22 -3.86
CA LYS B 746 -27.77 51.93 -4.81
C LYS B 746 -28.57 50.96 -5.68
N LEU B 747 -27.89 50.05 -6.36
CA LEU B 747 -28.55 49.08 -7.22
C LEU B 747 -29.10 47.93 -6.37
N VAL B 748 -30.31 47.51 -6.69
CA VAL B 748 -31.01 46.45 -5.95
C VAL B 748 -31.48 45.40 -6.96
N THR B 749 -31.40 44.13 -6.56
CA THR B 749 -31.82 43.03 -7.42
C THR B 749 -33.35 42.94 -7.40
N ILE B 750 -33.97 43.30 -8.52
CA ILE B 750 -35.42 43.25 -8.66
C ILE B 750 -35.78 41.83 -9.09
N GLY B 751 -36.19 41.01 -8.12
CA GLY B 751 -36.55 39.63 -8.41
C GLY B 751 -35.37 38.69 -8.38
N SER B 752 -35.49 37.61 -7.61
CA SER B 752 -34.40 36.64 -7.51
C SER B 752 -34.31 35.81 -8.80
N GLY B 753 -33.23 35.04 -8.89
CA GLY B 753 -33.00 34.23 -10.07
C GLY B 753 -33.57 32.83 -10.00
N TYR B 754 -34.89 32.72 -9.88
CA TYR B 754 -35.53 31.42 -9.86
C TYR B 754 -36.82 31.39 -10.68
N ILE B 755 -37.14 32.46 -11.40
CA ILE B 755 -38.36 32.52 -12.21
C ILE B 755 -38.07 32.83 -13.67
N PHE B 756 -36.81 33.00 -14.05
CA PHE B 756 -36.44 33.33 -15.42
C PHE B 756 -35.71 32.17 -16.10
N ALA B 757 -34.62 31.70 -15.51
CA ALA B 757 -33.85 30.59 -16.06
C ALA B 757 -33.68 29.44 -15.09
N SER B 758 -33.42 29.73 -13.82
CA SER B 758 -33.20 28.72 -12.78
C SER B 758 -32.12 27.73 -13.21
N THR B 759 -30.91 28.25 -13.40
CA THR B 759 -29.76 27.46 -13.78
C THR B 759 -28.88 27.23 -12.55
N GLY B 760 -27.71 26.62 -12.77
CA GLY B 760 -26.78 26.35 -11.70
C GLY B 760 -25.36 26.33 -12.21
N TYR B 761 -24.42 26.07 -11.30
CA TYR B 761 -23.01 26.00 -11.62
C TYR B 761 -22.57 24.55 -11.55
N GLY B 762 -22.22 23.97 -12.68
CA GLY B 762 -21.77 22.59 -12.77
C GLY B 762 -20.32 22.52 -13.19
N ILE B 763 -19.57 21.61 -12.56
CA ILE B 763 -18.15 21.45 -12.86
C ILE B 763 -18.00 20.86 -14.25
N ALA B 764 -17.17 21.50 -15.07
CA ALA B 764 -16.94 21.05 -16.44
C ALA B 764 -16.12 19.77 -16.42
N LEU B 765 -16.79 18.64 -16.61
CA LEU B 765 -16.15 17.34 -16.61
C LEU B 765 -16.02 16.80 -18.02
N GLN B 766 -15.51 15.58 -18.14
CA GLN B 766 -15.31 14.93 -19.43
C GLN B 766 -16.44 13.95 -19.70
N LYS B 767 -16.85 13.88 -20.96
CA LYS B 767 -17.91 12.97 -21.38
C LYS B 767 -17.47 11.51 -21.21
N GLY B 768 -18.11 10.79 -20.29
CA GLY B 768 -17.77 9.42 -20.02
C GLY B 768 -16.44 9.27 -19.30
N SER B 769 -16.26 10.03 -18.23
CA SER B 769 -15.03 10.00 -17.45
C SER B 769 -15.24 9.24 -16.15
N PRO B 770 -14.26 8.45 -15.72
CA PRO B 770 -14.41 7.73 -14.45
C PRO B 770 -14.40 8.63 -13.22
N TRP B 771 -13.86 9.85 -13.35
CA TRP B 771 -13.83 10.78 -12.23
C TRP B 771 -15.16 11.51 -12.04
N LYS B 772 -16.11 11.34 -12.96
CA LYS B 772 -17.40 12.02 -12.83
C LYS B 772 -18.14 11.58 -11.57
N ARG B 773 -18.20 10.26 -11.34
CA ARG B 773 -18.87 9.75 -10.16
C ARG B 773 -18.19 10.23 -8.88
N GLN B 774 -16.85 10.25 -8.88
CA GLN B 774 -16.12 10.71 -7.69
C GLN B 774 -16.39 12.18 -7.43
N ILE B 775 -16.40 13.01 -8.47
CA ILE B 775 -16.68 14.43 -8.29
C ILE B 775 -18.10 14.64 -7.80
N ASP B 776 -19.07 13.88 -8.34
CA ASP B 776 -20.45 14.01 -7.89
C ASP B 776 -20.60 13.61 -6.44
N LEU B 777 -19.94 12.51 -6.03
CA LEU B 777 -20.01 12.10 -4.63
C LEU B 777 -19.35 13.12 -3.72
N ALA B 778 -18.22 13.69 -4.14
CA ALA B 778 -17.56 14.71 -3.35
C ALA B 778 -18.45 15.94 -3.17
N LEU B 779 -19.11 16.37 -4.25
CA LEU B 779 -20.00 17.52 -4.15
C LEU B 779 -21.20 17.22 -3.26
N LEU B 780 -21.80 16.03 -3.40
CA LEU B 780 -22.94 15.69 -2.57
C LEU B 780 -22.56 15.53 -1.11
N GLN B 781 -21.30 15.17 -0.83
CA GLN B 781 -20.84 15.11 0.55
C GLN B 781 -20.53 16.49 1.10
N PHE B 782 -20.01 17.39 0.25
CA PHE B 782 -19.70 18.73 0.70
C PHE B 782 -20.97 19.55 0.95
N VAL B 783 -22.01 19.34 0.14
CA VAL B 783 -23.28 20.03 0.35
C VAL B 783 -24.30 19.11 1.01
N GLY B 784 -23.82 18.08 1.72
CA GLY B 784 -24.71 17.16 2.40
C GLY B 784 -24.20 16.75 3.77
N ASP B 785 -23.38 17.61 4.38
CA ASP B 785 -22.82 17.34 5.70
C ASP B 785 -23.15 18.41 6.73
N GLY B 786 -23.79 19.50 6.33
CA GLY B 786 -24.16 20.56 7.25
C GLY B 786 -23.28 21.78 7.24
N GLU B 787 -22.42 21.94 6.23
CA GLU B 787 -21.54 23.09 6.12
C GLU B 787 -21.98 24.06 5.03
N MET B 788 -23.18 23.87 4.49
CA MET B 788 -23.68 24.79 3.47
C MET B 788 -23.90 26.19 4.04
N GLU B 789 -24.44 26.27 5.27
CA GLU B 789 -24.61 27.57 5.91
C GLU B 789 -23.27 28.22 6.19
N GLU B 790 -22.28 27.43 6.58
CA GLU B 790 -20.94 27.97 6.81
C GLU B 790 -20.35 28.52 5.52
N LEU B 791 -20.52 27.79 4.41
CA LEU B 791 -20.01 28.28 3.13
C LEU B 791 -20.74 29.55 2.71
N GLU B 792 -22.05 29.61 2.93
CA GLU B 792 -22.81 30.81 2.56
C GLU B 792 -22.37 32.01 3.40
N THR B 793 -22.09 31.80 4.69
CA THR B 793 -21.65 32.90 5.54
C THR B 793 -20.22 33.32 5.24
N LEU B 794 -19.37 32.39 4.79
CA LEU B 794 -17.99 32.73 4.51
C LEU B 794 -17.84 33.42 3.16
N TRP B 795 -18.43 32.85 2.10
CA TRP B 795 -18.27 33.42 0.77
C TRP B 795 -19.13 34.67 0.60
N LEU B 796 -20.44 34.52 0.76
CA LEU B 796 -21.38 35.64 0.61
C LEU B 796 -21.29 36.50 1.87
N THR B 797 -20.75 37.71 1.73
CA THR B 797 -20.57 38.65 2.82
C THR B 797 -21.39 39.92 2.58
N GLY B 798 -22.60 39.75 2.06
CA GLY B 798 -23.47 40.88 1.80
C GLY B 798 -23.98 41.54 3.06
N ILE B 799 -23.54 42.78 3.31
CA ILE B 799 -23.97 43.51 4.49
C ILE B 799 -25.17 44.41 4.23
N CYS B 800 -25.43 44.78 2.98
CA CYS B 800 -26.56 45.65 2.64
C CYS B 800 -27.63 44.88 1.89
N LYS C 25 2.40 -50.34 -19.16
CA LYS C 25 2.31 -50.65 -20.58
C LYS C 25 1.33 -51.79 -20.85
N ILE C 26 0.56 -52.15 -19.82
CA ILE C 26 -0.44 -53.21 -19.93
C ILE C 26 -1.82 -52.63 -19.65
N VAL C 27 -2.01 -51.35 -19.97
CA VAL C 27 -3.26 -50.66 -19.71
C VAL C 27 -4.32 -51.13 -20.70
N ASN C 28 -5.20 -52.02 -20.26
CA ASN C 28 -6.28 -52.51 -21.09
C ASN C 28 -7.45 -51.54 -21.08
N ILE C 29 -8.18 -51.50 -22.20
CA ILE C 29 -9.31 -50.62 -22.37
C ILE C 29 -10.58 -51.46 -22.30
N GLY C 30 -11.31 -51.34 -21.20
CA GLY C 30 -12.55 -52.07 -21.03
C GLY C 30 -13.73 -51.36 -21.67
N ALA C 31 -14.30 -51.97 -22.70
CA ALA C 31 -15.40 -51.39 -23.45
C ALA C 31 -16.70 -52.11 -23.08
N VAL C 32 -17.74 -51.34 -22.78
CA VAL C 32 -19.06 -51.87 -22.48
C VAL C 32 -19.88 -51.80 -23.76
N LEU C 33 -20.03 -52.94 -24.42
CA LEU C 33 -20.71 -53.03 -25.70
C LEU C 33 -22.08 -53.69 -25.53
N SER C 34 -22.95 -53.46 -26.50
CA SER C 34 -24.30 -54.01 -26.46
C SER C 34 -24.68 -54.77 -27.72
N THR C 35 -24.24 -54.33 -28.89
CA THR C 35 -24.62 -54.93 -30.16
C THR C 35 -23.38 -55.43 -30.89
N ARG C 36 -23.58 -56.44 -31.74
CA ARG C 36 -22.47 -56.99 -32.52
C ARG C 36 -21.87 -55.96 -33.46
N LYS C 37 -22.69 -55.06 -34.00
CA LYS C 37 -22.17 -53.98 -34.83
C LYS C 37 -21.27 -53.07 -34.02
N HIS C 38 -21.66 -52.78 -32.77
CA HIS C 38 -20.80 -51.99 -31.90
C HIS C 38 -19.49 -52.71 -31.62
N GLU C 39 -19.54 -54.04 -31.46
CA GLU C 39 -18.32 -54.81 -31.26
C GLU C 39 -17.40 -54.71 -32.47
N GLN C 40 -17.97 -54.83 -33.68
CA GLN C 40 -17.16 -54.72 -34.89
C GLN C 40 -16.56 -53.33 -35.02
N MET C 41 -17.34 -52.30 -34.70
CA MET C 41 -16.82 -50.93 -34.77
C MET C 41 -15.70 -50.72 -33.76
N PHE C 42 -15.84 -51.26 -32.55
CA PHE C 42 -14.79 -51.11 -31.56
C PHE C 42 -13.54 -51.87 -31.97
N ARG C 43 -13.69 -53.06 -32.56
CA ARG C 43 -12.53 -53.80 -33.05
C ARG C 43 -11.82 -53.04 -34.16
N GLU C 44 -12.59 -52.46 -35.09
CA GLU C 44 -11.98 -51.68 -36.16
C GLU C 44 -11.28 -50.45 -35.61
N ALA C 45 -11.86 -49.81 -34.59
CA ALA C 45 -11.23 -48.64 -33.99
C ALA C 45 -9.92 -49.03 -33.28
N VAL C 46 -9.92 -50.15 -32.58
CA VAL C 46 -8.69 -50.62 -31.94
C VAL C 46 -7.63 -50.96 -32.98
N ASN C 47 -8.05 -51.54 -34.11
CA ASN C 47 -7.10 -51.88 -35.16
C ASN C 47 -6.51 -50.63 -35.80
N GLN C 48 -7.33 -49.61 -36.04
CA GLN C 48 -6.84 -48.39 -36.68
C GLN C 48 -6.20 -47.42 -35.69
N ALA C 49 -6.29 -47.68 -34.39
CA ALA C 49 -5.71 -46.79 -33.39
C ALA C 49 -4.20 -46.88 -33.31
N ASN C 50 -3.56 -47.69 -34.15
CA ASN C 50 -2.10 -47.79 -34.11
C ASN C 50 -1.44 -46.49 -34.57
N LYS C 51 -2.09 -45.74 -35.46
CA LYS C 51 -1.55 -44.48 -35.93
C LYS C 51 -1.77 -43.34 -34.95
N ARG C 52 -2.73 -43.48 -34.04
CA ARG C 52 -3.00 -42.41 -33.07
C ARG C 52 -1.89 -42.31 -32.04
N HIS C 53 -1.62 -43.42 -31.34
CA HIS C 53 -0.58 -43.44 -30.31
C HIS C 53 0.77 -43.90 -30.85
N GLY C 54 0.95 -43.91 -32.17
CA GLY C 54 2.22 -44.30 -32.75
C GLY C 54 2.59 -45.75 -32.56
N SER C 55 1.60 -46.64 -32.53
CA SER C 55 1.81 -48.08 -32.36
C SER C 55 2.59 -48.38 -31.08
N TRP C 56 1.98 -48.02 -29.95
CA TRP C 56 2.60 -48.24 -28.66
C TRP C 56 2.37 -49.68 -28.20
N LYS C 57 3.12 -50.08 -27.18
CA LYS C 57 3.08 -51.45 -26.67
C LYS C 57 1.87 -51.71 -25.76
N ILE C 58 0.90 -50.81 -25.73
CA ILE C 58 -0.30 -51.03 -24.93
C ILE C 58 -1.19 -52.05 -25.60
N GLN C 59 -1.82 -52.91 -24.80
CA GLN C 59 -2.71 -53.96 -25.30
C GLN C 59 -4.14 -53.59 -24.97
N LEU C 60 -4.90 -53.19 -25.98
CA LEU C 60 -6.31 -52.86 -25.80
C LEU C 60 -7.13 -54.14 -25.77
N ASN C 61 -7.82 -54.38 -24.66
CA ASN C 61 -8.59 -55.61 -24.51
C ASN C 61 -9.83 -55.58 -25.41
N ALA C 62 -10.23 -56.77 -25.85
CA ALA C 62 -11.35 -56.95 -26.77
C ALA C 62 -12.59 -57.48 -26.06
N THR C 63 -12.83 -57.03 -24.83
CA THR C 63 -13.99 -57.47 -24.07
C THR C 63 -15.28 -57.08 -24.79
N SER C 64 -16.03 -58.10 -25.23
CA SER C 64 -17.28 -57.91 -25.95
C SER C 64 -18.39 -58.56 -25.14
N VAL C 65 -19.12 -57.75 -24.37
CA VAL C 65 -20.21 -58.22 -23.53
C VAL C 65 -21.52 -58.00 -24.28
N THR C 66 -22.49 -58.89 -24.03
CA THR C 66 -23.79 -58.79 -24.65
C THR C 66 -24.71 -57.89 -23.81
N HIS C 67 -25.77 -57.40 -24.45
CA HIS C 67 -26.70 -56.50 -23.79
C HIS C 67 -27.71 -57.27 -22.97
N LYS C 68 -28.02 -56.75 -21.79
CA LYS C 68 -28.98 -57.37 -20.88
C LYS C 68 -30.04 -56.36 -20.47
N PRO C 69 -31.30 -56.79 -20.35
CA PRO C 69 -32.35 -55.84 -19.95
C PRO C 69 -32.23 -55.38 -18.51
N ASN C 70 -31.87 -56.29 -17.60
CA ASN C 70 -31.72 -55.91 -16.19
C ASN C 70 -30.51 -55.01 -16.02
N ALA C 71 -30.69 -53.93 -15.26
CA ALA C 71 -29.61 -52.96 -15.09
C ALA C 71 -28.53 -53.50 -14.15
N ILE C 72 -28.93 -54.17 -13.07
CA ILE C 72 -27.94 -54.66 -12.10
C ILE C 72 -27.26 -55.91 -12.61
N GLN C 73 -27.99 -56.77 -13.33
CA GLN C 73 -27.38 -57.99 -13.87
C GLN C 73 -26.38 -57.65 -14.98
N MET C 74 -26.72 -56.67 -15.83
CA MET C 74 -25.79 -56.23 -16.85
C MET C 74 -24.53 -55.63 -16.22
N ALA C 75 -24.70 -54.84 -15.16
CA ALA C 75 -23.56 -54.27 -14.46
C ALA C 75 -22.68 -55.35 -13.85
N LEU C 76 -23.31 -56.38 -13.26
CA LEU C 76 -22.54 -57.48 -12.68
C LEU C 76 -21.78 -58.25 -13.77
N SER C 77 -22.43 -58.50 -14.90
CA SER C 77 -21.76 -59.20 -16.00
C SER C 77 -20.59 -58.39 -16.54
N VAL C 78 -20.77 -57.07 -16.68
CA VAL C 78 -19.68 -56.22 -17.14
C VAL C 78 -18.53 -56.23 -16.14
N CYS C 79 -18.85 -56.14 -14.85
CA CYS C 79 -17.80 -56.17 -13.83
C CYS C 79 -17.03 -57.48 -13.86
N GLU C 80 -17.73 -58.60 -14.03
CA GLU C 80 -17.05 -59.89 -14.11
C GLU C 80 -16.19 -59.98 -15.35
N ASP C 81 -16.70 -59.55 -16.51
CA ASP C 81 -15.93 -59.64 -17.74
C ASP C 81 -14.72 -58.70 -17.72
N LEU C 82 -14.80 -57.60 -16.96
CA LEU C 82 -13.67 -56.69 -16.86
C LEU C 82 -12.67 -57.09 -15.79
N ILE C 83 -13.11 -57.80 -14.74
CA ILE C 83 -12.17 -58.30 -13.75
C ILE C 83 -11.51 -59.59 -14.21
N SER C 84 -12.11 -60.31 -15.16
CA SER C 84 -11.45 -61.46 -15.75
C SER C 84 -10.23 -61.07 -16.58
N SER C 85 -10.16 -59.81 -17.03
CA SER C 85 -9.02 -59.30 -17.78
C SER C 85 -8.31 -58.15 -17.09
N GLN C 86 -8.86 -57.60 -16.01
CA GLN C 86 -8.24 -56.53 -15.24
C GLN C 86 -7.98 -55.30 -16.11
N VAL C 87 -9.07 -54.71 -16.60
CA VAL C 87 -8.98 -53.51 -17.43
C VAL C 87 -8.75 -52.30 -16.53
N TYR C 88 -8.41 -51.16 -17.14
CA TYR C 88 -8.13 -49.94 -16.39
C TYR C 88 -9.03 -48.77 -16.77
N ALA C 89 -9.93 -48.95 -17.73
CA ALA C 89 -10.80 -47.85 -18.16
C ALA C 89 -12.15 -48.39 -18.57
N ILE C 90 -13.14 -47.50 -18.59
CA ILE C 90 -14.50 -47.82 -19.00
C ILE C 90 -14.81 -47.08 -20.29
N LEU C 91 -15.46 -47.77 -21.23
CA LEU C 91 -15.80 -47.19 -22.53
C LEU C 91 -17.20 -47.66 -22.90
N VAL C 92 -18.20 -46.85 -22.61
CA VAL C 92 -19.58 -47.15 -22.97
C VAL C 92 -19.80 -46.70 -24.41
N SER C 93 -20.02 -47.66 -25.31
CA SER C 93 -20.18 -47.40 -26.73
C SER C 93 -21.60 -47.66 -27.21
N HIS C 94 -22.59 -47.34 -26.38
CA HIS C 94 -23.98 -47.52 -26.76
C HIS C 94 -24.83 -46.41 -26.16
N PRO C 95 -25.54 -45.63 -26.98
CA PRO C 95 -26.42 -44.58 -26.46
C PRO C 95 -27.52 -45.14 -25.56
N PRO C 96 -28.22 -46.24 -25.94
CA PRO C 96 -29.24 -46.76 -25.03
C PRO C 96 -28.64 -47.40 -23.78
N THR C 97 -28.80 -46.74 -22.64
CA THR C 97 -28.27 -47.26 -21.39
C THR C 97 -29.15 -48.38 -20.86
N PRO C 98 -28.57 -49.35 -20.14
CA PRO C 98 -29.39 -50.45 -19.59
C PRO C 98 -30.38 -49.99 -18.55
N ASN C 99 -30.20 -48.81 -17.96
CA ASN C 99 -31.13 -48.32 -16.95
C ASN C 99 -32.46 -47.95 -17.58
N ASP C 100 -33.54 -48.13 -16.81
CA ASP C 100 -34.88 -47.85 -17.31
C ASP C 100 -35.12 -46.36 -17.48
N HIS C 101 -34.54 -45.54 -16.61
CA HIS C 101 -34.71 -44.09 -16.67
C HIS C 101 -33.71 -43.42 -17.62
N PHE C 102 -32.98 -44.19 -18.40
CA PHE C 102 -32.00 -43.67 -19.36
C PHE C 102 -30.96 -42.80 -18.65
N THR C 103 -30.39 -43.34 -17.58
CA THR C 103 -29.38 -42.66 -16.78
C THR C 103 -28.16 -43.53 -16.62
N PRO C 104 -26.95 -42.93 -16.55
CA PRO C 104 -25.71 -43.69 -16.37
C PRO C 104 -25.41 -44.02 -14.92
N THR C 105 -26.41 -44.57 -14.22
CA THR C 105 -26.27 -44.89 -12.80
C THR C 105 -25.48 -46.18 -12.56
N PRO C 106 -25.77 -47.31 -13.24
CA PRO C 106 -25.05 -48.56 -12.90
C PRO C 106 -23.56 -48.49 -13.17
N VAL C 107 -23.19 -47.96 -14.34
CA VAL C 107 -21.77 -47.88 -14.70
C VAL C 107 -21.02 -46.97 -13.74
N SER C 108 -21.62 -45.81 -13.41
CA SER C 108 -20.97 -44.89 -12.48
C SER C 108 -20.83 -45.50 -11.10
N TYR C 109 -21.88 -46.18 -10.62
CA TYR C 109 -21.84 -46.76 -9.28
C TYR C 109 -20.94 -47.97 -9.20
N THR C 110 -20.69 -48.66 -10.32
CA THR C 110 -19.75 -49.78 -10.31
C THR C 110 -18.32 -49.36 -10.62
N ALA C 111 -18.12 -48.16 -11.18
CA ALA C 111 -16.77 -47.67 -11.43
C ALA C 111 -16.27 -46.71 -10.35
N GLY C 112 -17.15 -46.16 -9.52
CA GLY C 112 -16.69 -45.26 -8.47
C GLY C 112 -15.96 -45.98 -7.36
N PHE C 113 -16.35 -47.22 -7.05
CA PHE C 113 -15.67 -47.97 -6.00
C PHE C 113 -14.25 -48.35 -6.40
N TYR C 114 -14.04 -48.64 -7.68
CA TYR C 114 -12.72 -48.99 -8.19
C TYR C 114 -11.91 -47.79 -8.62
N ARG C 115 -12.47 -46.58 -8.54
CA ARG C 115 -11.80 -45.35 -8.95
C ARG C 115 -11.34 -45.43 -10.40
N ILE C 116 -12.29 -45.73 -11.29
CA ILE C 116 -12.03 -45.86 -12.72
C ILE C 116 -12.93 -44.87 -13.45
N PRO C 117 -12.39 -43.97 -14.25
CA PRO C 117 -13.24 -43.01 -14.98
C PRO C 117 -14.09 -43.71 -16.03
N VAL C 118 -15.31 -43.21 -16.21
CA VAL C 118 -16.24 -43.75 -17.20
C VAL C 118 -16.08 -42.90 -18.46
N LEU C 119 -15.19 -43.33 -19.34
CA LEU C 119 -14.91 -42.62 -20.58
C LEU C 119 -15.73 -43.23 -21.72
N GLY C 120 -17.03 -42.98 -21.67
CA GLY C 120 -17.94 -43.51 -22.68
C GLY C 120 -19.17 -42.63 -22.83
N LEU C 121 -19.86 -42.82 -23.94
CA LEU C 121 -21.08 -42.07 -24.25
C LEU C 121 -22.28 -42.81 -23.68
N THR C 122 -22.97 -42.17 -22.74
CA THR C 122 -24.15 -42.77 -22.10
C THR C 122 -25.42 -41.98 -22.41
N THR C 123 -25.44 -40.68 -22.12
CA THR C 123 -26.61 -39.85 -22.36
C THR C 123 -26.19 -38.40 -22.33
N ARG C 124 -27.14 -37.51 -22.61
CA ARG C 124 -26.91 -36.07 -22.63
C ARG C 124 -27.44 -35.38 -21.38
N MET C 125 -27.67 -36.14 -20.30
CA MET C 125 -28.18 -35.56 -19.07
C MET C 125 -27.05 -34.85 -18.32
N SER C 126 -27.37 -33.66 -17.80
CA SER C 126 -26.35 -32.80 -17.18
C SER C 126 -26.29 -32.92 -15.67
N ILE C 127 -27.27 -33.54 -15.02
CA ILE C 127 -27.25 -33.62 -13.57
C ILE C 127 -26.14 -34.54 -13.09
N TYR C 128 -25.82 -35.58 -13.87
CA TYR C 128 -24.75 -36.49 -13.51
C TYR C 128 -23.36 -35.94 -13.85
N SER C 129 -23.29 -34.83 -14.59
CA SER C 129 -21.98 -34.27 -14.93
C SER C 129 -21.33 -33.61 -13.72
N ASP C 130 -22.12 -32.95 -12.88
CA ASP C 130 -21.58 -32.31 -11.68
C ASP C 130 -21.14 -33.36 -10.67
N LYS C 131 -19.84 -33.37 -10.38
CA LYS C 131 -19.26 -34.34 -9.45
C LYS C 131 -19.51 -33.85 -8.02
N SER C 132 -20.64 -34.28 -7.46
CA SER C 132 -21.00 -33.92 -6.09
C SER C 132 -21.00 -35.13 -5.17
N ILE C 133 -21.74 -36.17 -5.51
CA ILE C 133 -21.74 -37.41 -4.71
C ILE C 133 -20.68 -38.38 -5.21
N HIS C 134 -20.67 -38.65 -6.51
CA HIS C 134 -19.67 -39.54 -7.10
C HIS C 134 -18.37 -38.80 -7.32
N LEU C 135 -17.25 -39.49 -7.10
CA LEU C 135 -15.94 -38.90 -7.26
C LEU C 135 -15.16 -39.46 -8.45
N SER C 136 -15.64 -40.54 -9.08
CA SER C 136 -14.94 -41.16 -10.20
C SER C 136 -15.79 -41.16 -11.46
N PHE C 137 -16.61 -40.13 -11.65
CA PHE C 137 -17.45 -39.99 -12.83
C PHE C 137 -16.81 -38.96 -13.75
N LEU C 138 -16.19 -39.43 -14.82
CA LEU C 138 -15.51 -38.55 -15.78
C LEU C 138 -16.10 -38.72 -17.17
N ARG C 139 -17.43 -38.71 -17.27
CA ARG C 139 -18.10 -38.86 -18.54
C ARG C 139 -17.65 -37.79 -19.53
N THR C 140 -17.26 -38.22 -20.73
CA THR C 140 -16.79 -37.33 -21.79
C THR C 140 -17.90 -36.93 -22.75
N VAL C 141 -19.14 -36.89 -22.27
CA VAL C 141 -20.29 -36.51 -23.09
C VAL C 141 -20.60 -35.04 -22.80
N PRO C 142 -20.77 -34.20 -23.82
CA PRO C 142 -21.07 -32.78 -23.57
C PRO C 142 -22.46 -32.60 -22.99
N PRO C 143 -22.55 -32.16 -21.74
CA PRO C 143 -23.87 -31.98 -21.11
C PRO C 143 -24.45 -30.60 -21.37
N TYR C 144 -25.59 -30.30 -20.76
CA TYR C 144 -26.17 -28.97 -20.87
C TYR C 144 -25.26 -27.88 -20.32
N SER C 145 -24.34 -28.25 -19.42
CA SER C 145 -23.36 -27.28 -18.94
C SER C 145 -22.44 -26.83 -20.07
N HIS C 146 -22.03 -27.77 -20.93
CA HIS C 146 -21.22 -27.40 -22.08
C HIS C 146 -22.01 -26.53 -23.05
N GLN C 147 -23.31 -26.81 -23.21
CA GLN C 147 -24.15 -25.96 -24.05
C GLN C 147 -24.23 -24.54 -23.49
N SER C 148 -24.38 -24.43 -22.16
CA SER C 148 -24.41 -23.10 -21.55
C SER C 148 -23.08 -22.37 -21.71
N SER C 149 -21.98 -23.11 -21.60
CA SER C 149 -20.66 -22.50 -21.80
C SER C 149 -20.48 -22.02 -23.24
N VAL C 150 -20.95 -22.81 -24.21
CA VAL C 150 -20.87 -22.39 -25.61
C VAL C 150 -21.74 -21.16 -25.84
N TRP C 151 -22.94 -21.14 -25.26
CA TRP C 151 -23.81 -19.98 -25.39
C TRP C 151 -23.17 -18.74 -24.77
N PHE C 152 -22.49 -18.90 -23.64
CA PHE C 152 -21.81 -17.78 -23.01
C PHE C 152 -20.67 -17.27 -23.88
N GLU C 153 -19.87 -18.19 -24.44
CA GLU C 153 -18.77 -17.78 -25.31
C GLU C 153 -19.28 -17.14 -26.59
N MET C 154 -20.49 -17.50 -27.03
CA MET C 154 -21.04 -16.91 -28.25
C MET C 154 -21.70 -15.56 -28.00
N MET C 155 -22.31 -15.37 -26.84
CA MET C 155 -23.00 -14.12 -26.54
C MET C 155 -22.09 -13.01 -26.06
N ARG C 156 -20.76 -13.18 -26.18
CA ARG C 156 -19.85 -12.13 -25.76
C ARG C 156 -19.96 -10.89 -26.63
N VAL C 157 -20.32 -11.07 -27.91
CA VAL C 157 -20.52 -9.94 -28.81
C VAL C 157 -21.96 -9.50 -28.90
N TYR C 158 -22.90 -10.26 -28.34
CA TYR C 158 -24.31 -9.91 -28.39
C TYR C 158 -24.77 -9.12 -27.17
N ASN C 159 -24.02 -9.18 -26.07
CA ASN C 159 -24.38 -8.50 -24.82
C ASN C 159 -25.77 -8.93 -24.33
N TRP C 160 -25.88 -10.24 -24.06
CA TRP C 160 -27.14 -10.83 -23.61
C TRP C 160 -26.98 -11.47 -22.24
N ASN C 161 -26.33 -10.77 -21.31
CA ASN C 161 -26.12 -11.31 -19.97
C ASN C 161 -27.43 -11.56 -19.24
N HIS C 162 -28.45 -10.73 -19.51
CA HIS C 162 -29.76 -10.91 -18.89
C HIS C 162 -30.46 -12.09 -19.56
N ILE C 163 -30.63 -13.19 -18.82
CA ILE C 163 -31.24 -14.40 -19.34
C ILE C 163 -32.40 -14.79 -18.43
N ILE C 164 -33.55 -15.06 -19.03
CA ILE C 164 -34.75 -15.45 -18.30
C ILE C 164 -34.75 -16.98 -18.20
N LEU C 165 -34.43 -17.48 -17.01
CA LEU C 165 -34.42 -18.92 -16.77
C LEU C 165 -35.86 -19.43 -16.66
N LEU C 166 -36.29 -20.22 -17.63
CA LEU C 166 -37.64 -20.77 -17.65
C LEU C 166 -37.65 -22.30 -17.71
N VAL C 167 -36.55 -22.94 -17.33
CA VAL C 167 -36.44 -24.39 -17.37
C VAL C 167 -37.25 -24.97 -16.23
N SER C 168 -38.21 -25.85 -16.56
CA SER C 168 -39.06 -26.49 -15.56
C SER C 168 -38.56 -27.91 -15.34
N ASP C 169 -37.57 -28.04 -14.46
CA ASP C 169 -36.97 -29.33 -14.15
C ASP C 169 -36.34 -29.26 -12.78
N ASP C 170 -36.29 -30.41 -12.10
CA ASP C 170 -35.75 -30.48 -10.76
C ASP C 170 -34.29 -30.91 -10.70
N HIS C 171 -33.79 -31.60 -11.73
CA HIS C 171 -32.38 -31.97 -11.80
C HIS C 171 -31.67 -31.22 -12.91
N GLU C 172 -32.15 -31.33 -14.15
CA GLU C 172 -31.53 -30.60 -15.26
C GLU C 172 -31.73 -29.10 -15.10
N GLY C 173 -32.90 -28.69 -14.59
CA GLY C 173 -33.11 -27.28 -14.34
C GLY C 173 -32.17 -26.72 -13.28
N ARG C 174 -31.96 -27.47 -12.20
CA ARG C 174 -31.03 -27.03 -11.17
C ARG C 174 -29.60 -27.01 -11.68
N ALA C 175 -29.22 -27.99 -12.50
CA ALA C 175 -27.89 -27.99 -13.08
C ALA C 175 -27.69 -26.78 -13.99
N ALA C 176 -28.68 -26.47 -14.84
CA ALA C 176 -28.58 -25.31 -15.71
C ALA C 176 -28.55 -24.02 -14.91
N GLN C 177 -29.31 -23.94 -13.82
CA GLN C 177 -29.28 -22.75 -12.98
C GLN C 177 -27.92 -22.57 -12.33
N LYS C 178 -27.32 -23.65 -11.84
CA LYS C 178 -25.99 -23.56 -11.25
C LYS C 178 -24.95 -23.17 -12.29
N ARG C 179 -25.07 -23.71 -13.50
CA ARG C 179 -24.13 -23.35 -14.56
C ARG C 179 -24.26 -21.88 -14.95
N LEU C 180 -25.49 -21.39 -15.04
CA LEU C 180 -25.70 -19.97 -15.36
C LEU C 180 -25.18 -19.08 -14.24
N GLU C 181 -25.35 -19.50 -12.98
CA GLU C 181 -24.80 -18.73 -11.87
C GLU C 181 -23.28 -18.68 -11.94
N THR C 182 -22.64 -19.81 -12.24
CA THR C 182 -21.18 -19.82 -12.38
C THR C 182 -20.74 -18.94 -13.54
N LEU C 183 -21.48 -18.97 -14.65
CA LEU C 183 -21.13 -18.13 -15.79
C LEU C 183 -21.26 -16.65 -15.46
N LEU C 184 -22.33 -16.27 -14.76
CA LEU C 184 -22.49 -14.86 -14.38
C LEU C 184 -21.46 -14.44 -13.35
N GLU C 185 -21.01 -15.34 -12.48
CA GLU C 185 -19.97 -15.01 -11.52
C GLU C 185 -18.62 -14.84 -12.23
N GLU C 186 -18.34 -15.69 -13.22
CA GLU C 186 -17.09 -15.57 -13.95
C GLU C 186 -17.09 -14.37 -14.89
N ARG C 187 -18.26 -13.94 -15.33
CA ARG C 187 -18.38 -12.78 -16.23
C ARG C 187 -18.47 -11.46 -15.47
N GLU C 188 -18.55 -11.50 -14.13
CA GLU C 188 -18.68 -10.30 -13.31
C GLU C 188 -19.89 -9.47 -13.72
N SER C 189 -21.03 -10.14 -13.91
CA SER C 189 -22.27 -9.48 -14.31
C SER C 189 -23.40 -10.08 -13.49
N LYS C 190 -24.63 -9.69 -13.82
CA LYS C 190 -25.81 -10.17 -13.12
C LYS C 190 -26.87 -10.55 -14.13
N ALA C 191 -27.78 -11.42 -13.69
CA ALA C 191 -28.87 -11.89 -14.53
C ALA C 191 -30.13 -11.06 -14.29
N GLU C 192 -31.17 -11.33 -15.08
CA GLU C 192 -32.44 -10.61 -14.96
C GLU C 192 -33.40 -11.34 -14.04
N LYS C 193 -33.74 -12.58 -14.36
CA LYS C 193 -34.66 -13.38 -13.56
C LYS C 193 -34.24 -14.83 -13.69
N VAL C 194 -33.48 -15.32 -12.71
CA VAL C 194 -32.99 -16.70 -12.69
C VAL C 194 -33.75 -17.44 -11.59
N LEU C 195 -34.52 -18.45 -11.98
CA LEU C 195 -35.31 -19.23 -11.05
C LEU C 195 -35.79 -20.50 -11.76
N GLN C 196 -35.71 -21.63 -11.05
CA GLN C 196 -36.16 -22.91 -11.60
C GLN C 196 -37.65 -23.10 -11.35
N PHE C 197 -38.25 -23.98 -12.14
CA PHE C 197 -39.67 -24.27 -12.05
C PHE C 197 -39.87 -25.78 -11.98
N ASP C 198 -41.12 -26.18 -11.73
CA ASP C 198 -41.47 -27.59 -11.62
C ASP C 198 -41.99 -28.12 -12.96
N PRO C 199 -41.64 -29.35 -13.31
CA PRO C 199 -42.14 -29.92 -14.57
C PRO C 199 -43.65 -30.12 -14.53
N GLY C 200 -44.32 -29.71 -15.60
CA GLY C 200 -45.76 -29.85 -15.69
C GLY C 200 -46.51 -28.57 -15.36
N THR C 201 -46.00 -27.44 -15.84
CA THR C 201 -46.64 -26.15 -15.59
C THR C 201 -47.80 -25.94 -16.56
N LYS C 202 -48.97 -25.62 -16.03
CA LYS C 202 -50.14 -25.37 -16.85
C LYS C 202 -50.35 -23.88 -17.16
N ASN C 203 -50.01 -23.00 -16.21
CA ASN C 203 -50.17 -21.56 -16.40
C ASN C 203 -48.90 -20.96 -16.99
N VAL C 204 -48.53 -21.46 -18.17
CA VAL C 204 -47.31 -20.99 -18.84
C VAL C 204 -47.51 -19.60 -19.43
N THR C 205 -48.74 -19.13 -19.58
CA THR C 205 -48.98 -17.80 -20.14
C THR C 205 -48.47 -16.72 -19.18
N ALA C 206 -48.61 -16.94 -17.88
CA ALA C 206 -48.10 -15.97 -16.91
C ALA C 206 -46.59 -15.83 -17.00
N LEU C 207 -45.88 -16.94 -17.29
CA LEU C 207 -44.44 -16.87 -17.45
C LEU C 207 -44.05 -16.02 -18.65
N LEU C 208 -44.76 -16.19 -19.77
CA LEU C 208 -44.48 -15.37 -20.95
C LEU C 208 -44.82 -13.91 -20.70
N MET C 209 -45.91 -13.64 -19.97
CA MET C 209 -46.27 -12.26 -19.66
C MET C 209 -45.23 -11.61 -18.75
N GLU C 210 -44.67 -12.39 -17.81
CA GLU C 210 -43.63 -11.85 -16.94
C GLU C 210 -42.33 -11.63 -17.71
N ALA C 211 -41.99 -12.54 -18.62
CA ALA C 211 -40.78 -12.37 -19.43
C ALA C 211 -40.89 -11.22 -20.40
N ARG C 212 -42.11 -10.94 -20.88
CA ARG C 212 -42.30 -9.82 -21.82
C ARG C 212 -42.13 -8.48 -21.11
N GLU C 213 -42.58 -8.38 -19.86
CA GLU C 213 -42.47 -7.12 -19.13
C GLU C 213 -41.01 -6.78 -18.83
N LEU C 214 -40.20 -7.79 -18.51
CA LEU C 214 -38.79 -7.55 -18.25
C LEU C 214 -38.05 -7.22 -19.54
N GLU C 215 -36.92 -6.53 -19.39
CA GLU C 215 -36.14 -6.12 -20.55
C GLU C 215 -35.48 -7.31 -21.24
N ALA C 216 -35.23 -8.39 -20.51
CA ALA C 216 -34.60 -9.56 -21.07
C ALA C 216 -35.59 -10.37 -21.90
N ARG C 217 -35.10 -10.92 -23.01
CA ARG C 217 -35.92 -11.75 -23.89
C ARG C 217 -35.20 -13.05 -24.25
N VAL C 218 -34.30 -13.51 -23.37
CA VAL C 218 -33.54 -14.73 -23.61
C VAL C 218 -34.31 -15.86 -22.94
N ILE C 219 -35.13 -16.54 -23.73
CA ILE C 219 -35.94 -17.67 -23.25
C ILE C 219 -35.13 -18.95 -23.45
N ILE C 220 -34.80 -19.62 -22.37
CA ILE C 220 -33.99 -20.84 -22.39
C ILE C 220 -34.81 -21.98 -21.81
N LEU C 221 -35.01 -23.02 -22.61
CA LEU C 221 -35.71 -24.23 -22.17
C LEU C 221 -34.78 -25.42 -22.37
N SER C 222 -34.45 -26.09 -21.27
CA SER C 222 -33.55 -27.23 -21.31
C SER C 222 -34.03 -28.36 -20.41
N ALA C 223 -35.35 -28.51 -20.24
CA ALA C 223 -35.91 -29.55 -19.39
C ALA C 223 -36.29 -30.79 -20.21
N SER C 224 -37.18 -30.63 -21.18
CA SER C 224 -37.63 -31.73 -22.01
C SER C 224 -38.25 -31.16 -23.28
N GLU C 225 -38.91 -32.01 -24.06
CA GLU C 225 -39.56 -31.57 -25.29
C GLU C 225 -41.01 -31.19 -25.08
N ASP C 226 -41.67 -31.76 -24.05
CA ASP C 226 -43.06 -31.39 -23.78
C ASP C 226 -43.18 -29.94 -23.34
N ASP C 227 -42.35 -29.53 -22.38
CA ASP C 227 -42.35 -28.13 -21.96
C ASP C 227 -41.90 -27.21 -23.08
N ALA C 228 -40.99 -27.68 -23.95
CA ALA C 228 -40.57 -26.88 -25.08
C ALA C 228 -41.74 -26.63 -26.03
N ALA C 229 -42.49 -27.68 -26.36
CA ALA C 229 -43.65 -27.51 -27.22
C ALA C 229 -44.71 -26.65 -26.54
N THR C 230 -44.85 -26.76 -25.22
CA THR C 230 -45.82 -25.96 -24.50
C THR C 230 -45.48 -24.47 -24.57
N VAL C 231 -44.22 -24.13 -24.32
CA VAL C 231 -43.83 -22.73 -24.37
C VAL C 231 -43.83 -22.22 -25.82
N TYR C 232 -43.56 -23.09 -26.79
CA TYR C 232 -43.67 -22.68 -28.18
C TYR C 232 -45.11 -22.34 -28.54
N ARG C 233 -46.06 -23.17 -28.11
CA ARG C 233 -47.48 -22.87 -28.36
C ARG C 233 -47.91 -21.61 -27.63
N ALA C 234 -47.41 -21.41 -26.41
CA ALA C 234 -47.75 -20.21 -25.65
C ALA C 234 -47.22 -18.95 -26.32
N ALA C 235 -46.02 -19.04 -26.91
CA ALA C 235 -45.45 -17.89 -27.60
C ALA C 235 -46.15 -17.64 -28.92
N ALA C 236 -46.54 -18.70 -29.63
CA ALA C 236 -47.24 -18.55 -30.90
C ALA C 236 -48.67 -18.04 -30.70
N MET C 237 -49.27 -18.32 -29.54
CA MET C 237 -50.62 -17.84 -29.27
C MET C 237 -50.65 -16.33 -29.12
N LEU C 238 -49.60 -15.75 -28.52
CA LEU C 238 -49.50 -14.31 -28.32
C LEU C 238 -48.67 -13.63 -29.40
N ASN C 239 -48.27 -14.36 -30.43
CA ASN C 239 -47.48 -13.82 -31.55
C ASN C 239 -46.19 -13.17 -31.05
N MET C 240 -45.46 -13.90 -30.21
CA MET C 240 -44.20 -13.43 -29.65
C MET C 240 -43.11 -14.48 -29.87
N THR C 241 -43.06 -15.06 -31.07
CA THR C 241 -42.09 -16.07 -31.42
C THR C 241 -41.09 -15.48 -32.40
N GLY C 242 -39.88 -15.22 -31.94
CA GLY C 242 -38.82 -14.67 -32.76
C GLY C 242 -38.77 -13.17 -32.82
N SER C 243 -39.83 -12.47 -32.41
CA SER C 243 -39.88 -11.02 -32.44
C SER C 243 -39.07 -10.47 -31.27
N GLY C 244 -37.74 -10.53 -31.42
CA GLY C 244 -36.84 -10.04 -30.41
C GLY C 244 -36.52 -11.02 -29.31
N TYR C 245 -37.14 -12.20 -29.29
CA TYR C 245 -36.90 -13.20 -28.26
C TYR C 245 -35.81 -14.16 -28.69
N VAL C 246 -34.90 -14.47 -27.76
CA VAL C 246 -33.80 -15.38 -28.02
C VAL C 246 -34.23 -16.79 -27.68
N TRP C 247 -34.13 -17.70 -28.64
CA TRP C 247 -34.52 -19.10 -28.48
C TRP C 247 -33.28 -19.97 -28.75
N LEU C 248 -32.51 -20.23 -27.69
CA LEU C 248 -31.32 -21.07 -27.76
C LEU C 248 -31.66 -22.40 -27.11
N VAL C 249 -31.92 -23.42 -27.93
CA VAL C 249 -32.26 -24.76 -27.46
C VAL C 249 -31.35 -25.77 -28.16
N GLY C 250 -31.28 -26.96 -27.58
CA GLY C 250 -30.46 -28.03 -28.10
C GLY C 250 -31.26 -29.03 -28.91
N GLU C 251 -30.56 -30.10 -29.32
CA GLU C 251 -31.20 -31.14 -30.11
C GLU C 251 -32.15 -31.99 -29.27
N ARG C 252 -31.80 -32.22 -28.00
CA ARG C 252 -32.68 -33.01 -27.13
C ARG C 252 -33.98 -32.29 -26.85
N GLU C 253 -33.96 -30.95 -26.80
CA GLU C 253 -35.17 -30.19 -26.51
C GLU C 253 -36.09 -30.07 -27.72
N ILE C 254 -35.58 -30.33 -28.93
CA ILE C 254 -36.41 -30.28 -30.14
C ILE C 254 -36.75 -31.67 -30.67
N SER C 255 -36.14 -32.72 -30.12
CA SER C 255 -36.45 -34.07 -30.56
C SER C 255 -37.84 -34.49 -30.09
N GLY C 256 -38.32 -35.61 -30.63
CA GLY C 256 -39.63 -36.11 -30.30
C GLY C 256 -40.74 -35.30 -30.94
N ASN C 257 -41.50 -34.57 -30.14
CA ASN C 257 -42.59 -33.71 -30.62
C ASN C 257 -42.40 -32.33 -29.99
N ALA C 258 -41.58 -31.49 -30.62
CA ALA C 258 -41.36 -30.12 -30.15
C ALA C 258 -41.40 -29.08 -31.24
N LEU C 259 -41.17 -29.43 -32.51
CA LEU C 259 -41.16 -28.46 -33.61
C LEU C 259 -42.47 -28.46 -34.38
N ARG C 260 -43.49 -29.16 -33.89
CA ARG C 260 -44.77 -29.20 -34.59
C ARG C 260 -45.50 -27.87 -34.57
N TYR C 261 -45.20 -27.00 -33.60
CA TYR C 261 -45.81 -25.68 -33.52
C TYR C 261 -44.81 -24.54 -33.64
N ALA C 262 -43.52 -24.82 -33.56
CA ALA C 262 -42.51 -23.76 -33.67
C ALA C 262 -42.24 -23.46 -35.14
N PRO C 263 -42.30 -22.19 -35.56
CA PRO C 263 -42.02 -21.85 -36.96
C PRO C 263 -40.56 -22.07 -37.29
N ASP C 264 -40.26 -21.93 -38.58
CA ASP C 264 -38.90 -22.10 -39.08
C ASP C 264 -38.04 -20.92 -38.64
N GLY C 265 -36.97 -21.20 -37.90
CA GLY C 265 -36.09 -20.15 -37.42
C GLY C 265 -35.57 -20.39 -36.02
N ILE C 266 -36.09 -21.42 -35.37
CA ILE C 266 -35.65 -21.75 -34.01
C ILE C 266 -34.22 -22.25 -34.05
N ILE C 267 -33.36 -21.64 -33.23
CA ILE C 267 -31.95 -22.01 -33.18
C ILE C 267 -31.83 -23.31 -32.39
N GLY C 268 -31.59 -24.41 -33.09
CA GLY C 268 -31.44 -25.70 -32.45
C GLY C 268 -30.03 -26.24 -32.51
N LEU C 269 -29.36 -26.29 -31.36
CA LEU C 269 -27.98 -26.78 -31.31
C LEU C 269 -27.98 -28.30 -31.44
N GLN C 270 -27.38 -28.81 -32.50
CA GLN C 270 -27.29 -30.24 -32.71
C GLN C 270 -26.19 -30.83 -31.84
N LEU C 271 -26.47 -32.00 -31.26
CA LEU C 271 -25.54 -32.66 -30.35
C LEU C 271 -24.43 -33.31 -31.17
N ILE C 272 -23.28 -32.63 -31.25
CA ILE C 272 -22.13 -33.17 -31.97
C ILE C 272 -21.49 -34.26 -31.12
N ASN C 273 -21.32 -35.45 -31.70
CA ASN C 273 -20.71 -36.60 -31.03
C ASN C 273 -21.45 -36.94 -29.74
N GLY C 274 -22.78 -36.93 -29.80
CA GLY C 274 -23.60 -37.26 -28.65
C GLY C 274 -24.48 -38.48 -28.87
N LYS C 275 -24.85 -38.74 -30.12
CA LYS C 275 -25.71 -39.87 -30.44
C LYS C 275 -25.18 -40.75 -31.56
N ASN C 276 -24.20 -40.29 -32.34
CA ASN C 276 -23.68 -41.09 -33.43
C ASN C 276 -22.90 -42.30 -32.90
N GLU C 277 -23.00 -43.40 -33.64
CA GLU C 277 -22.31 -44.64 -33.27
C GLU C 277 -21.47 -45.18 -34.42
N SER C 278 -21.09 -44.31 -35.37
CA SER C 278 -20.25 -44.70 -36.49
C SER C 278 -18.85 -44.10 -36.40
N ALA C 279 -18.74 -42.79 -36.23
CA ALA C 279 -17.46 -42.11 -36.06
C ALA C 279 -17.21 -41.64 -34.65
N HIS C 280 -18.27 -41.39 -33.88
CA HIS C 280 -18.09 -40.96 -32.49
C HIS C 280 -17.45 -42.05 -31.65
N ILE C 281 -17.78 -43.31 -31.92
CA ILE C 281 -17.17 -44.41 -31.18
C ILE C 281 -15.67 -44.47 -31.45
N SER C 282 -15.28 -44.33 -32.73
CA SER C 282 -13.86 -44.34 -33.06
C SER C 282 -13.15 -43.14 -32.47
N ASP C 283 -13.80 -41.97 -32.47
CA ASP C 283 -13.19 -40.79 -31.86
C ASP C 283 -12.98 -40.98 -30.36
N ALA C 284 -13.97 -41.56 -29.67
CA ALA C 284 -13.83 -41.81 -28.24
C ALA C 284 -12.74 -42.84 -27.98
N VAL C 285 -12.64 -43.87 -28.81
CA VAL C 285 -11.59 -44.86 -28.65
C VAL C 285 -10.22 -44.22 -28.81
N GLY C 286 -10.06 -43.37 -29.83
CA GLY C 286 -8.80 -42.68 -30.02
C GLY C 286 -8.46 -41.75 -28.87
N VAL C 287 -9.47 -41.04 -28.34
CA VAL C 287 -9.23 -40.15 -27.21
C VAL C 287 -8.79 -40.94 -25.99
N VAL C 288 -9.46 -42.06 -25.71
CA VAL C 288 -9.08 -42.88 -24.56
C VAL C 288 -7.69 -43.45 -24.75
N ALA C 289 -7.34 -43.84 -25.98
CA ALA C 289 -6.02 -44.39 -26.24
C ALA C 289 -4.94 -43.33 -26.01
N GLN C 290 -5.16 -42.11 -26.53
CA GLN C 290 -4.21 -41.04 -26.31
C GLN C 290 -4.09 -40.68 -24.83
N ALA C 291 -5.23 -40.73 -24.11
CA ALA C 291 -5.21 -40.41 -22.68
C ALA C 291 -4.40 -41.44 -21.90
N VAL C 292 -4.64 -42.72 -22.15
CA VAL C 292 -3.90 -43.75 -21.41
C VAL C 292 -2.43 -43.75 -21.83
N HIS C 293 -2.14 -43.38 -23.08
CA HIS C 293 -0.74 -43.27 -23.50
C HIS C 293 -0.03 -42.15 -22.75
N GLU C 294 -0.65 -40.98 -22.69
CA GLU C 294 -0.05 -39.87 -21.96
C GLU C 294 0.02 -40.16 -20.47
N LEU C 295 -0.89 -40.97 -19.94
CA LEU C 295 -0.83 -41.34 -18.54
C LEU C 295 0.32 -42.31 -18.27
N LEU C 296 0.53 -43.26 -19.19
CA LEU C 296 1.65 -44.18 -19.05
C LEU C 296 2.99 -43.46 -19.22
N GLU C 297 3.03 -42.44 -20.07
CA GLU C 297 4.26 -41.67 -20.23
C GLU C 297 4.60 -40.88 -18.97
N LYS C 298 3.59 -40.52 -18.18
CA LYS C 298 3.81 -39.77 -16.94
C LYS C 298 3.99 -40.75 -15.78
N GLU C 299 4.00 -40.22 -14.56
CA GLU C 299 4.18 -41.03 -13.36
C GLU C 299 2.83 -41.50 -12.85
N ASN C 300 2.81 -42.08 -11.65
CA ASN C 300 1.60 -42.59 -11.00
C ASN C 300 0.91 -43.62 -11.89
N ILE C 301 1.62 -44.72 -12.14
CA ILE C 301 1.13 -45.80 -12.99
C ILE C 301 1.08 -47.10 -12.20
N THR C 302 0.85 -46.98 -10.89
CA THR C 302 0.80 -48.16 -10.03
C THR C 302 -0.45 -48.98 -10.34
N ASP C 303 -0.27 -50.28 -10.54
CA ASP C 303 -1.40 -51.16 -10.86
C ASP C 303 -2.25 -51.38 -9.63
N PRO C 304 -3.56 -51.13 -9.68
CA PRO C 304 -4.41 -51.36 -8.52
C PRO C 304 -4.62 -52.85 -8.29
N PRO C 305 -5.00 -53.24 -7.07
CA PRO C 305 -5.25 -54.66 -6.80
C PRO C 305 -6.44 -55.18 -7.57
N ARG C 306 -6.61 -56.50 -7.53
CA ARG C 306 -7.71 -57.17 -8.24
C ARG C 306 -9.03 -56.79 -7.58
N GLY C 307 -9.83 -55.98 -8.27
CA GLY C 307 -11.11 -55.55 -7.75
C GLY C 307 -12.22 -56.57 -7.96
N CYS C 308 -12.18 -57.67 -7.21
CA CYS C 308 -13.20 -58.70 -7.30
C CYS C 308 -14.38 -58.38 -6.40
N VAL C 309 -15.43 -59.18 -6.53
CA VAL C 309 -16.64 -58.99 -5.73
C VAL C 309 -16.41 -59.53 -4.33
N GLY C 310 -17.11 -58.96 -3.36
CA GLY C 310 -16.99 -59.39 -1.98
C GLY C 310 -15.69 -59.01 -1.31
N ASN C 311 -14.96 -58.04 -1.85
CA ASN C 311 -13.69 -57.61 -1.28
C ASN C 311 -13.56 -56.11 -1.40
N THR C 312 -12.89 -55.50 -0.41
CA THR C 312 -12.65 -54.07 -0.38
C THR C 312 -11.39 -53.77 -1.19
N ASN C 313 -11.57 -53.21 -2.39
CA ASN C 313 -10.45 -52.89 -3.26
C ASN C 313 -10.40 -51.40 -3.57
N ILE C 314 -10.58 -50.58 -2.54
CA ILE C 314 -10.54 -49.12 -2.74
C ILE C 314 -9.13 -48.72 -3.16
N TRP C 315 -9.03 -48.07 -4.31
CA TRP C 315 -7.74 -47.66 -4.83
C TRP C 315 -7.21 -46.47 -4.03
N LYS C 316 -6.05 -46.65 -3.40
CA LYS C 316 -5.48 -45.60 -2.57
C LYS C 316 -4.96 -44.43 -3.39
N THR C 317 -4.60 -44.67 -4.66
CA THR C 317 -4.16 -43.62 -5.56
C THR C 317 -5.25 -43.14 -6.50
N GLY C 318 -6.50 -43.16 -6.03
CA GLY C 318 -7.63 -42.73 -6.82
C GLY C 318 -7.56 -41.27 -7.23
N PRO C 319 -7.51 -40.37 -6.25
CA PRO C 319 -7.37 -38.94 -6.59
C PRO C 319 -6.14 -38.64 -7.43
N LEU C 320 -5.01 -39.29 -7.14
CA LEU C 320 -3.81 -39.06 -7.92
C LEU C 320 -3.98 -39.55 -9.36
N PHE C 321 -4.60 -40.72 -9.54
CA PHE C 321 -4.86 -41.22 -10.88
C PHE C 321 -5.79 -40.29 -11.65
N LYS C 322 -6.83 -39.77 -10.98
CA LYS C 322 -7.74 -38.85 -11.64
C LYS C 322 -7.05 -37.54 -12.00
N ARG C 323 -6.16 -37.06 -11.13
CA ARG C 323 -5.42 -35.83 -11.43
C ARG C 323 -4.47 -36.04 -12.60
N VAL C 324 -3.84 -37.21 -12.68
CA VAL C 324 -2.94 -37.48 -13.81
C VAL C 324 -3.75 -37.61 -15.10
N LEU C 325 -4.90 -38.28 -15.05
CA LEU C 325 -5.72 -38.42 -16.25
C LEU C 325 -6.38 -37.11 -16.66
N MET C 326 -6.54 -36.17 -15.73
CA MET C 326 -7.16 -34.89 -16.06
C MET C 326 -6.32 -34.10 -17.05
N SER C 327 -5.02 -33.96 -16.77
CA SER C 327 -4.11 -33.23 -17.64
C SER C 327 -3.76 -34.13 -18.83
N SER C 328 -4.65 -34.11 -19.83
CA SER C 328 -4.51 -34.91 -21.04
C SER C 328 -4.59 -34.02 -22.27
N LYS C 329 -3.87 -32.90 -22.25
CA LYS C 329 -3.85 -31.96 -23.36
C LYS C 329 -3.05 -32.54 -24.52
N TYR C 330 -3.72 -32.87 -25.61
CA TYR C 330 -3.09 -33.40 -26.82
C TYR C 330 -3.32 -32.43 -27.98
N ALA C 331 -2.72 -32.76 -29.12
CA ALA C 331 -2.80 -31.94 -30.33
C ALA C 331 -3.47 -32.78 -31.42
N ASP C 332 -4.77 -32.57 -31.60
CA ASP C 332 -5.56 -33.28 -32.60
C ASP C 332 -5.76 -32.39 -33.83
N GLY C 333 -5.93 -33.04 -34.99
CA GLY C 333 -6.15 -32.30 -36.21
C GLY C 333 -7.55 -31.74 -36.38
N VAL C 334 -8.54 -32.36 -35.72
CA VAL C 334 -9.91 -31.88 -35.84
C VAL C 334 -10.17 -30.73 -34.87
N THR C 335 -9.88 -30.94 -33.59
CA THR C 335 -10.11 -29.94 -32.56
C THR C 335 -8.77 -29.29 -32.19
N GLY C 336 -8.76 -27.97 -32.10
CA GLY C 336 -7.55 -27.24 -31.75
C GLY C 336 -7.06 -27.52 -30.35
N ARG C 337 -7.84 -27.10 -29.35
CA ARG C 337 -7.51 -27.32 -27.94
C ARG C 337 -8.50 -28.29 -27.32
N VAL C 338 -8.01 -29.10 -26.40
CA VAL C 338 -8.82 -30.11 -25.71
C VAL C 338 -8.51 -30.02 -24.22
N GLU C 339 -9.53 -29.72 -23.42
CA GLU C 339 -9.36 -29.58 -21.98
C GLU C 339 -10.71 -29.80 -21.31
N PHE C 340 -10.70 -30.56 -20.21
CA PHE C 340 -11.92 -30.79 -19.45
C PHE C 340 -12.44 -29.51 -18.81
N ASN C 341 -13.74 -29.48 -18.56
CA ASN C 341 -14.38 -28.33 -17.94
C ASN C 341 -14.31 -28.48 -16.41
N GLU C 342 -15.03 -27.62 -15.69
CA GLU C 342 -15.02 -27.66 -14.24
C GLU C 342 -15.73 -28.90 -13.69
N ASP C 343 -16.60 -29.52 -14.48
CA ASP C 343 -17.33 -30.70 -14.05
C ASP C 343 -16.89 -31.95 -14.79
N GLY C 344 -15.73 -31.93 -15.42
CA GLY C 344 -15.24 -33.08 -16.15
C GLY C 344 -16.03 -33.40 -17.41
N ASP C 345 -16.41 -32.37 -18.17
CA ASP C 345 -17.19 -32.57 -19.39
C ASP C 345 -16.26 -32.96 -20.53
N ARG C 346 -16.79 -32.96 -21.75
CA ARG C 346 -15.99 -33.31 -22.92
C ARG C 346 -14.92 -32.24 -23.16
N LYS C 347 -13.77 -32.68 -23.68
CA LYS C 347 -12.62 -31.80 -23.88
C LYS C 347 -12.87 -30.90 -25.09
N PHE C 348 -13.62 -29.82 -24.84
CA PHE C 348 -13.91 -28.78 -25.83
C PHE C 348 -14.58 -29.38 -27.07
N ALA C 349 -15.78 -29.90 -26.84
CA ALA C 349 -16.57 -30.47 -27.93
C ALA C 349 -16.90 -29.40 -28.97
N ASN C 350 -16.71 -29.76 -30.24
CA ASN C 350 -16.96 -28.84 -31.36
C ASN C 350 -18.46 -28.82 -31.67
N TYR C 351 -19.21 -28.14 -30.81
CA TYR C 351 -20.65 -28.01 -30.99
C TYR C 351 -20.95 -27.12 -32.18
N SER C 352 -21.52 -27.71 -33.23
CA SER C 352 -21.90 -26.97 -34.43
C SER C 352 -23.36 -26.54 -34.27
N ILE C 353 -23.56 -25.25 -33.99
CA ILE C 353 -24.90 -24.73 -33.77
C ILE C 353 -25.66 -24.72 -35.10
N MET C 354 -26.83 -25.36 -35.11
CA MET C 354 -27.67 -25.44 -36.29
C MET C 354 -28.89 -24.54 -36.12
N ASN C 355 -29.59 -24.33 -37.24
CA ASN C 355 -30.78 -23.51 -37.26
C ASN C 355 -31.87 -24.21 -38.07
N LEU C 356 -33.12 -24.00 -37.67
CA LEU C 356 -34.27 -24.65 -38.30
C LEU C 356 -34.86 -23.82 -39.43
N GLN C 357 -34.06 -22.98 -40.09
CA GLN C 357 -34.57 -22.19 -41.21
C GLN C 357 -34.94 -23.10 -42.36
N ASN C 358 -36.21 -23.06 -42.75
CA ASN C 358 -36.75 -23.93 -43.80
C ASN C 358 -36.55 -25.41 -43.48
N ARG C 359 -36.50 -25.74 -42.19
CA ARG C 359 -36.30 -27.10 -41.71
C ARG C 359 -35.04 -27.73 -42.30
N LYS C 360 -33.91 -27.07 -42.04
CA LYS C 360 -32.63 -27.53 -42.53
C LYS C 360 -31.63 -27.69 -41.39
N LEU C 361 -30.37 -27.97 -41.71
CA LEU C 361 -29.31 -28.16 -40.74
C LEU C 361 -28.10 -27.32 -41.10
N VAL C 362 -28.34 -26.05 -41.44
CA VAL C 362 -27.25 -25.15 -41.80
C VAL C 362 -26.43 -24.83 -40.56
N GLN C 363 -25.12 -24.70 -40.75
CA GLN C 363 -24.21 -24.43 -39.65
C GLN C 363 -23.99 -22.92 -39.52
N VAL C 364 -24.20 -22.39 -38.31
CA VAL C 364 -24.03 -20.97 -38.04
C VAL C 364 -22.83 -20.70 -37.13
N GLY C 365 -22.09 -21.73 -36.75
CA GLY C 365 -20.93 -21.53 -35.90
C GLY C 365 -20.33 -22.85 -35.49
N ILE C 366 -19.11 -22.77 -34.98
CA ILE C 366 -18.37 -23.94 -34.53
C ILE C 366 -17.55 -23.56 -33.31
N TYR C 367 -17.67 -24.35 -32.24
CA TYR C 367 -16.94 -24.10 -30.99
C TYR C 367 -15.54 -24.70 -31.14
N ASN C 368 -14.59 -23.86 -31.56
CA ASN C 368 -13.22 -24.34 -31.72
C ASN C 368 -12.54 -24.54 -30.38
N GLY C 369 -12.95 -23.82 -29.35
CA GLY C 369 -12.35 -23.96 -28.03
C GLY C 369 -12.20 -22.64 -27.30
N THR C 370 -12.23 -21.54 -28.04
CA THR C 370 -12.07 -20.22 -27.43
C THR C 370 -13.18 -19.27 -27.86
N HIS C 371 -13.76 -19.51 -29.03
CA HIS C 371 -14.82 -18.66 -29.55
C HIS C 371 -15.56 -19.39 -30.66
N VAL C 372 -16.86 -19.13 -30.77
CA VAL C 372 -17.69 -19.72 -31.81
C VAL C 372 -17.76 -18.71 -32.96
N ILE C 373 -17.06 -19.02 -34.04
CA ILE C 373 -17.00 -18.15 -35.21
C ILE C 373 -17.94 -18.68 -36.28
N PRO C 374 -18.82 -17.87 -36.86
CA PRO C 374 -19.68 -18.37 -37.93
C PRO C 374 -18.89 -18.66 -39.19
N ASN C 375 -19.28 -19.72 -39.90
CA ASN C 375 -18.59 -20.12 -41.12
C ASN C 375 -19.25 -19.51 -42.36
N ASP C 376 -20.51 -19.84 -42.59
CA ASP C 376 -21.24 -19.32 -43.74
C ASP C 376 -22.57 -18.69 -43.36
N ARG C 377 -23.26 -19.22 -42.36
CA ARG C 377 -24.57 -18.74 -41.96
C ARG C 377 -24.48 -17.99 -40.64
N LYS C 378 -25.44 -17.10 -40.41
CA LYS C 378 -25.53 -16.30 -39.20
C LYS C 378 -26.82 -16.65 -38.46
N ILE C 379 -27.09 -15.91 -37.38
CA ILE C 379 -28.27 -16.17 -36.58
C ILE C 379 -29.52 -15.80 -37.37
N ILE C 380 -30.47 -16.72 -37.43
CA ILE C 380 -31.73 -16.52 -38.15
C ILE C 380 -32.87 -16.64 -37.15
N TRP C 381 -33.84 -15.72 -37.26
CA TRP C 381 -34.98 -15.71 -36.36
C TRP C 381 -36.28 -15.80 -37.14
N PRO C 382 -37.29 -16.50 -36.61
CA PRO C 382 -38.56 -16.61 -37.35
C PRO C 382 -39.36 -15.32 -37.36
N GLY C 383 -39.24 -14.50 -36.32
CA GLY C 383 -39.99 -13.25 -36.25
C GLY C 383 -39.10 -12.03 -36.18
N GLY C 384 -37.79 -12.24 -36.24
CA GLY C 384 -36.85 -11.15 -36.17
C GLY C 384 -36.12 -10.88 -37.48
N GLU C 385 -34.88 -10.44 -37.39
CA GLU C 385 -34.06 -10.13 -38.55
C GLU C 385 -32.82 -11.02 -38.56
N THR C 386 -32.26 -11.20 -39.76
CA THR C 386 -31.06 -12.03 -39.91
C THR C 386 -29.84 -11.43 -39.24
N GLU C 387 -29.88 -10.15 -38.89
CA GLU C 387 -28.77 -9.48 -38.21
C GLU C 387 -28.97 -9.60 -36.70
N LYS C 388 -28.19 -8.85 -35.93
CA LYS C 388 -28.29 -8.88 -34.48
C LYS C 388 -29.65 -8.33 -34.04
N PRO C 389 -30.47 -9.11 -33.35
CA PRO C 389 -31.79 -8.63 -32.92
C PRO C 389 -31.68 -7.69 -31.73
N ARG C 390 -32.83 -7.21 -31.27
CA ARG C 390 -32.91 -6.30 -30.13
C ARG C 390 -33.34 -7.11 -28.92
N GLY C 391 -32.37 -7.62 -28.17
CA GLY C 391 -32.68 -8.43 -27.01
C GLY C 391 -33.25 -7.62 -25.86
N TYR C 392 -32.62 -6.50 -25.54
CA TYR C 392 -33.08 -5.63 -24.46
C TYR C 392 -34.22 -4.75 -24.94
N GLN C 393 -35.13 -4.42 -24.02
CA GLN C 393 -36.27 -3.59 -24.34
C GLN C 393 -35.96 -2.12 -24.07
N MET C 394 -36.86 -1.25 -24.53
CA MET C 394 -36.70 0.19 -24.36
C MET C 394 -37.13 0.59 -22.96
N SER C 395 -37.24 1.90 -22.72
CA SER C 395 -37.62 2.44 -21.43
C SER C 395 -38.99 3.13 -21.49
N THR C 396 -39.92 2.53 -22.24
CA THR C 396 -41.27 3.06 -22.40
C THR C 396 -42.22 2.58 -21.31
N ARG C 397 -41.70 2.09 -20.19
CA ARG C 397 -42.49 1.57 -19.08
C ARG C 397 -42.09 2.26 -17.78
N LEU C 398 -41.96 3.58 -17.83
CA LEU C 398 -41.58 4.36 -16.65
C LEU C 398 -42.80 4.55 -15.76
N LYS C 399 -42.86 3.80 -14.66
CA LYS C 399 -43.95 3.93 -13.69
C LYS C 399 -43.69 5.15 -12.82
N ILE C 400 -44.48 6.20 -13.01
CA ILE C 400 -44.32 7.45 -12.26
C ILE C 400 -45.04 7.29 -10.92
N VAL C 401 -44.27 7.24 -9.84
CA VAL C 401 -44.83 7.13 -8.50
C VAL C 401 -45.04 8.53 -7.93
N THR C 402 -46.23 8.77 -7.41
CA THR C 402 -46.60 10.06 -6.84
C THR C 402 -46.71 9.97 -5.32
N ILE C 403 -46.57 11.11 -4.66
CA ILE C 403 -46.64 11.22 -3.22
C ILE C 403 -47.37 12.52 -2.88
N HIS C 404 -47.59 12.76 -1.58
CA HIS C 404 -48.33 13.93 -1.14
C HIS C 404 -47.54 15.20 -1.36
N GLN C 405 -47.77 15.87 -2.50
CA GLN C 405 -47.10 17.10 -2.88
C GLN C 405 -48.11 18.10 -3.40
N GLU C 406 -49.19 18.31 -2.63
CA GLU C 406 -50.32 19.19 -2.96
C GLU C 406 -49.92 20.50 -3.63
N PRO C 407 -48.91 21.23 -3.15
CA PRO C 407 -48.49 22.44 -3.88
C PRO C 407 -47.96 22.16 -5.28
N PHE C 408 -47.43 20.97 -5.53
CA PHE C 408 -46.94 20.59 -6.85
C PHE C 408 -47.84 19.55 -7.51
N VAL C 409 -48.20 18.48 -6.79
CA VAL C 409 -49.08 17.45 -7.31
C VAL C 409 -50.44 17.56 -6.63
N TYR C 410 -51.37 18.25 -7.29
CA TYR C 410 -52.71 18.46 -6.72
C TYR C 410 -53.50 17.17 -6.86
N VAL C 411 -53.42 16.33 -5.83
CA VAL C 411 -54.13 15.05 -5.80
C VAL C 411 -55.58 15.34 -5.42
N LYS C 412 -56.45 15.38 -6.42
CA LYS C 412 -57.87 15.65 -6.19
C LYS C 412 -58.67 14.35 -6.26
N PRO C 413 -59.59 14.14 -5.32
CA PRO C 413 -60.44 12.95 -5.37
C PRO C 413 -61.25 12.89 -6.65
N THR C 414 -61.59 11.68 -7.06
CA THR C 414 -62.32 11.48 -8.31
C THR C 414 -63.73 12.04 -8.21
N MET C 415 -64.21 12.60 -9.32
CA MET C 415 -65.55 13.16 -9.36
C MET C 415 -66.59 12.08 -9.63
N SER C 416 -66.27 11.12 -10.50
CA SER C 416 -67.17 10.04 -10.84
C SER C 416 -66.36 8.75 -10.94
N ASP C 417 -66.98 7.70 -11.49
CA ASP C 417 -66.33 6.40 -11.62
C ASP C 417 -65.34 6.44 -12.80
N GLY C 418 -64.25 7.16 -12.59
CA GLY C 418 -63.20 7.30 -13.58
C GLY C 418 -63.23 8.60 -14.36
N THR C 419 -64.31 9.37 -14.26
CA THR C 419 -64.43 10.63 -14.99
C THR C 419 -63.79 11.75 -14.19
N CYS C 420 -62.84 12.45 -14.81
CA CYS C 420 -62.14 13.58 -14.20
C CYS C 420 -62.45 14.84 -15.00
N LYS C 421 -63.36 15.66 -14.47
CA LYS C 421 -63.72 16.91 -15.12
C LYS C 421 -62.56 17.89 -15.00
N GLU C 422 -62.02 18.31 -16.15
CA GLU C 422 -60.90 19.24 -16.18
C GLU C 422 -61.35 20.61 -15.70
N GLU C 423 -60.96 20.97 -14.47
CA GLU C 423 -61.33 22.26 -13.92
C GLU C 423 -60.55 23.38 -14.60
N PHE C 424 -61.19 24.54 -14.72
CA PHE C 424 -60.56 25.68 -15.36
C PHE C 424 -59.54 26.31 -14.42
N THR C 425 -58.40 26.71 -14.97
CA THR C 425 -57.34 27.35 -14.20
C THR C 425 -57.60 28.85 -14.13
N VAL C 426 -56.61 29.61 -13.66
CA VAL C 426 -56.76 31.06 -13.57
C VAL C 426 -56.86 31.71 -14.95
N ASN C 427 -56.35 31.05 -15.98
CA ASN C 427 -56.45 31.56 -17.35
C ASN C 427 -57.66 31.03 -18.09
N GLY C 428 -58.52 30.26 -17.44
CA GLY C 428 -59.70 29.72 -18.10
C GLY C 428 -59.41 28.67 -19.14
N ASP C 429 -58.39 27.84 -18.90
CA ASP C 429 -58.02 26.78 -19.84
C ASP C 429 -58.14 25.43 -19.15
N PRO C 430 -58.90 24.48 -19.70
CA PRO C 430 -59.00 23.15 -19.08
C PRO C 430 -57.66 22.43 -19.13
N VAL C 431 -57.10 22.14 -17.95
CA VAL C 431 -55.81 21.48 -17.87
C VAL C 431 -56.01 19.97 -17.99
N LYS C 432 -55.21 19.35 -18.85
CA LYS C 432 -55.29 17.91 -19.03
C LYS C 432 -54.68 17.20 -17.81
N LYS C 433 -55.44 16.28 -17.24
CA LYS C 433 -55.02 15.55 -16.05
C LYS C 433 -55.11 14.05 -16.31
N VAL C 434 -54.20 13.30 -15.70
CA VAL C 434 -54.15 11.85 -15.81
C VAL C 434 -54.57 11.24 -14.49
N ILE C 435 -55.35 10.15 -14.56
CA ILE C 435 -55.81 9.48 -13.35
C ILE C 435 -54.63 8.84 -12.62
N CYS C 436 -54.74 8.76 -11.30
CA CYS C 436 -53.70 8.21 -10.44
C CYS C 436 -54.34 7.13 -9.57
N THR C 437 -54.37 5.90 -10.07
CA THR C 437 -54.96 4.78 -9.35
C THR C 437 -53.96 4.28 -8.30
N GLY C 438 -54.26 4.53 -7.04
CA GLY C 438 -53.40 4.10 -5.96
C GLY C 438 -54.06 4.25 -4.60
N PRO C 439 -53.52 3.59 -3.59
CA PRO C 439 -54.09 3.69 -2.23
C PRO C 439 -53.98 5.11 -1.70
N ASN C 440 -55.14 5.74 -1.47
CA ASN C 440 -55.15 7.10 -0.97
C ASN C 440 -54.67 7.18 0.47
N ASP C 441 -54.87 6.12 1.24
CA ASP C 441 -54.46 6.10 2.64
C ASP C 441 -53.04 5.51 2.74
N THR C 442 -52.57 5.32 3.98
CA THR C 442 -51.24 4.77 4.20
C THR C 442 -51.32 3.24 4.13
N SER C 443 -50.22 2.57 4.55
CA SER C 443 -50.21 1.11 4.52
C SER C 443 -51.20 0.51 5.51
N PRO C 444 -51.27 0.94 6.77
CA PRO C 444 -52.29 0.37 7.66
C PRO C 444 -53.71 0.70 7.23
N GLY C 445 -53.93 1.91 6.70
CA GLY C 445 -55.26 2.30 6.24
C GLY C 445 -55.72 1.52 5.03
N SER C 446 -55.02 1.67 3.91
CA SER C 446 -55.36 0.98 2.67
C SER C 446 -54.16 0.16 2.21
N PRO C 447 -54.11 -1.14 2.51
CA PRO C 447 -52.97 -1.94 2.06
C PRO C 447 -52.84 -2.01 0.54
N ARG C 448 -53.93 -2.41 -0.15
CA ARG C 448 -53.88 -2.50 -1.60
C ARG C 448 -55.13 -1.94 -2.28
N HIS C 449 -55.95 -1.19 -1.54
CA HIS C 449 -57.18 -0.61 -2.11
C HIS C 449 -56.78 0.59 -2.96
N THR C 450 -56.42 0.31 -4.22
CA THR C 450 -56.01 1.36 -5.16
C THR C 450 -57.25 2.10 -5.63
N VAL C 451 -57.46 3.29 -5.08
CA VAL C 451 -58.60 4.14 -5.44
C VAL C 451 -58.12 5.16 -6.47
N PRO C 452 -58.79 5.29 -7.61
CA PRO C 452 -58.37 6.27 -8.61
C PRO C 452 -58.73 7.68 -8.19
N GLN C 453 -57.78 8.60 -8.38
CA GLN C 453 -57.99 10.02 -8.12
C GLN C 453 -57.63 10.82 -9.37
N CYS C 454 -58.03 12.09 -9.37
CA CYS C 454 -57.75 13.00 -10.48
C CYS C 454 -56.57 13.88 -10.12
N CYS C 455 -55.37 13.30 -10.24
CA CYS C 455 -54.15 14.06 -9.96
C CYS C 455 -53.87 15.04 -11.09
N TYR C 456 -53.65 16.30 -10.74
CA TYR C 456 -53.31 17.33 -11.71
C TYR C 456 -52.27 18.26 -11.11
N GLY C 457 -51.83 19.23 -11.89
CA GLY C 457 -50.83 20.18 -11.42
C GLY C 457 -49.62 20.27 -12.35
N PHE C 458 -48.48 20.69 -11.80
CA PHE C 458 -47.28 20.84 -12.61
C PHE C 458 -46.67 19.49 -12.98
N CYS C 459 -46.86 18.48 -12.14
CA CYS C 459 -46.30 17.16 -12.42
C CYS C 459 -46.94 16.55 -13.66
N ILE C 460 -48.26 16.66 -13.80
CA ILE C 460 -48.93 16.12 -14.97
C ILE C 460 -48.49 16.84 -16.23
N ASP C 461 -48.33 18.16 -16.15
CA ASP C 461 -47.86 18.92 -17.31
C ASP C 461 -46.44 18.52 -17.70
N LEU C 462 -45.57 18.32 -16.70
CA LEU C 462 -44.22 17.87 -16.99
C LEU C 462 -44.21 16.48 -17.62
N LEU C 463 -45.05 15.58 -17.13
CA LEU C 463 -45.15 14.25 -17.72
C LEU C 463 -45.65 14.32 -19.15
N ILE C 464 -46.63 15.19 -19.42
CA ILE C 464 -47.15 15.33 -20.77
C ILE C 464 -46.07 15.88 -21.70
N LYS C 465 -45.30 16.86 -21.23
CA LYS C 465 -44.23 17.42 -22.05
C LYS C 465 -43.14 16.37 -22.32
N LEU C 466 -42.82 15.54 -21.32
CA LEU C 466 -41.82 14.50 -21.52
C LEU C 466 -42.32 13.45 -22.49
N ALA C 467 -43.60 13.06 -22.40
CA ALA C 467 -44.15 12.09 -23.33
C ALA C 467 -44.31 12.67 -24.73
N ARG C 468 -44.41 13.99 -24.85
CA ARG C 468 -44.45 14.61 -26.18
C ARG C 468 -43.06 14.70 -26.80
N THR C 469 -42.05 15.01 -25.99
CA THR C 469 -40.68 15.08 -26.50
C THR C 469 -40.16 13.68 -26.84
N MET C 470 -40.22 12.77 -25.88
CA MET C 470 -39.77 11.40 -26.09
C MET C 470 -40.94 10.55 -26.57
N ASN C 471 -40.77 9.22 -26.58
CA ASN C 471 -41.80 8.31 -27.04
C ASN C 471 -42.09 7.23 -26.00
N PHE C 472 -41.88 7.54 -24.72
CA PHE C 472 -42.14 6.59 -23.66
C PHE C 472 -43.57 6.74 -23.14
N THR C 473 -44.08 5.64 -22.57
CA THR C 473 -45.43 5.60 -22.01
C THR C 473 -45.32 5.63 -20.49
N TYR C 474 -45.70 6.77 -19.90
CA TYR C 474 -45.64 6.94 -18.46
C TYR C 474 -46.86 6.30 -17.80
N GLU C 475 -46.66 5.83 -16.57
CA GLU C 475 -47.73 5.21 -15.78
C GLU C 475 -47.85 5.98 -14.47
N VAL C 476 -48.97 6.65 -14.29
CA VAL C 476 -49.23 7.44 -13.09
C VAL C 476 -49.88 6.55 -12.04
N HIS C 477 -49.24 6.42 -10.88
CA HIS C 477 -49.76 5.61 -9.79
C HIS C 477 -49.35 6.23 -8.47
N LEU C 478 -50.22 6.07 -7.47
CA LEU C 478 -49.96 6.61 -6.14
C LEU C 478 -49.32 5.53 -5.26
N VAL C 479 -48.34 5.94 -4.45
CA VAL C 479 -47.66 5.00 -3.58
C VAL C 479 -48.59 4.56 -2.46
N ALA C 480 -48.46 3.30 -2.05
CA ALA C 480 -49.33 2.76 -1.00
C ALA C 480 -49.04 3.41 0.35
N ASP C 481 -47.76 3.67 0.64
CA ASP C 481 -47.37 4.28 1.90
C ASP C 481 -47.44 5.80 1.78
N GLY C 482 -46.93 6.51 2.78
CA GLY C 482 -46.93 7.96 2.77
C GLY C 482 -45.63 8.56 3.22
N LYS C 483 -44.59 7.73 3.32
CA LYS C 483 -43.27 8.16 3.74
C LYS C 483 -42.25 7.86 2.65
N PHE C 484 -41.06 8.43 2.80
CA PHE C 484 -39.97 8.22 1.84
C PHE C 484 -39.10 7.02 2.22
N GLY C 485 -38.79 6.88 3.50
CA GLY C 485 -37.96 5.78 3.95
C GLY C 485 -36.61 6.24 4.44
N THR C 486 -36.02 5.47 5.34
CA THR C 486 -34.71 5.75 5.90
C THR C 486 -33.75 4.62 5.56
N GLN C 487 -32.45 4.91 5.66
CA GLN C 487 -31.40 3.94 5.36
C GLN C 487 -30.94 3.18 6.60
N GLU C 488 -31.79 3.04 7.60
CA GLU C 488 -31.45 2.31 8.81
C GLU C 488 -31.64 0.82 8.59
N ARG C 489 -31.31 0.02 9.61
CA ARG C 489 -31.46 -1.42 9.53
C ARG C 489 -32.93 -1.80 9.54
N VAL C 490 -33.42 -2.31 8.42
CA VAL C 490 -34.83 -2.67 8.32
C VAL C 490 -35.05 -4.07 8.89
N ASN C 491 -36.32 -4.39 9.18
CA ASN C 491 -36.69 -5.67 9.75
C ASN C 491 -36.95 -6.73 8.69
N ASN C 492 -36.38 -6.59 7.50
CA ASN C 492 -36.55 -7.53 6.40
C ASN C 492 -35.19 -8.13 6.04
N SER C 493 -34.82 -9.21 6.74
CA SER C 493 -33.60 -9.96 6.46
C SER C 493 -32.35 -9.09 6.56
N ASN C 494 -32.39 -8.05 7.39
CA ASN C 494 -31.26 -7.16 7.63
C ASN C 494 -30.73 -6.56 6.32
N LYS C 495 -31.60 -5.80 5.67
CA LYS C 495 -31.27 -5.11 4.42
C LYS C 495 -31.15 -3.63 4.72
N LYS C 496 -29.91 -3.14 4.83
CA LYS C 496 -29.67 -1.74 5.13
C LYS C 496 -29.94 -0.88 3.90
N GLU C 497 -31.21 -0.70 3.56
CA GLU C 497 -31.61 0.09 2.41
C GLU C 497 -32.81 0.95 2.81
N TRP C 498 -33.43 1.59 1.82
CA TRP C 498 -34.58 2.44 2.07
C TRP C 498 -35.85 1.60 2.12
N ASN C 499 -36.75 1.96 3.05
CA ASN C 499 -38.01 1.26 3.25
C ASN C 499 -39.14 2.20 2.84
N GLY C 500 -39.51 2.16 1.56
CA GLY C 500 -40.57 2.99 1.04
C GLY C 500 -40.61 3.03 -0.46
N MET C 501 -40.82 4.22 -1.03
CA MET C 501 -40.86 4.34 -2.49
C MET C 501 -39.48 4.12 -3.09
N MET C 502 -38.42 4.54 -2.39
CA MET C 502 -37.07 4.27 -2.86
C MET C 502 -36.75 2.78 -2.80
N GLY C 503 -37.30 2.07 -1.82
CA GLY C 503 -37.12 0.62 -1.78
C GLY C 503 -37.90 -0.08 -2.86
N GLU C 504 -39.11 0.42 -3.16
CA GLU C 504 -39.88 -0.13 -4.27
C GLU C 504 -39.20 0.14 -5.61
N LEU C 505 -38.46 1.25 -5.72
CA LEU C 505 -37.69 1.50 -6.94
C LEU C 505 -36.60 0.46 -7.13
N LEU C 506 -35.96 0.04 -6.03
CA LEU C 506 -34.90 -0.97 -6.14
C LEU C 506 -35.47 -2.34 -6.45
N SER C 507 -36.66 -2.66 -5.94
CA SER C 507 -37.24 -3.98 -6.19
C SER C 507 -37.72 -4.11 -7.63
N GLY C 508 -38.39 -3.08 -8.15
CA GLY C 508 -38.88 -3.12 -9.51
C GLY C 508 -40.28 -2.56 -9.65
N GLN C 509 -40.91 -2.21 -8.53
CA GLN C 509 -42.25 -1.65 -8.58
C GLN C 509 -42.25 -0.28 -9.22
N ALA C 510 -41.35 0.61 -8.78
CA ALA C 510 -41.22 1.94 -9.35
C ALA C 510 -40.10 1.97 -10.37
N ASP C 511 -40.20 2.90 -11.31
CA ASP C 511 -39.21 3.08 -12.35
C ASP C 511 -38.62 4.48 -12.40
N MET C 512 -39.43 5.50 -12.13
CA MET C 512 -38.97 6.89 -12.15
C MET C 512 -39.68 7.65 -11.03
N ILE C 513 -38.93 8.02 -9.99
CA ILE C 513 -39.48 8.76 -8.86
C ILE C 513 -39.52 10.22 -9.26
N VAL C 514 -40.71 10.71 -9.62
CA VAL C 514 -40.87 12.11 -10.03
C VAL C 514 -40.74 13.07 -8.86
N ALA C 515 -40.77 12.58 -7.63
CA ALA C 515 -40.65 13.46 -6.48
C ALA C 515 -39.24 14.04 -6.41
N PRO C 516 -39.11 15.36 -6.19
CA PRO C 516 -37.76 15.95 -6.11
C PRO C 516 -37.04 15.59 -4.83
N LEU C 517 -36.45 14.40 -4.79
CA LEU C 517 -35.74 13.95 -3.60
C LEU C 517 -34.46 14.75 -3.40
N THR C 518 -34.10 14.94 -2.14
CA THR C 518 -32.90 15.70 -1.80
C THR C 518 -31.66 14.91 -2.20
N ILE C 519 -30.83 15.50 -3.06
CA ILE C 519 -29.62 14.83 -3.51
C ILE C 519 -28.61 14.81 -2.37
N ASN C 520 -27.89 13.69 -2.24
CA ASN C 520 -26.91 13.51 -1.18
C ASN C 520 -26.04 12.32 -1.54
N ASN C 521 -24.96 12.13 -0.76
CA ASN C 521 -24.06 11.01 -1.01
C ASN C 521 -24.65 9.68 -0.58
N GLU C 522 -25.58 9.70 0.38
CA GLU C 522 -26.20 8.45 0.83
C GLU C 522 -27.14 7.89 -0.24
N ARG C 523 -27.97 8.74 -0.83
CA ARG C 523 -28.88 8.26 -1.87
C ARG C 523 -28.15 7.97 -3.17
N ALA C 524 -26.99 8.59 -3.40
CA ALA C 524 -26.23 8.37 -4.61
C ALA C 524 -25.52 7.03 -4.63
N GLN C 525 -25.49 6.30 -3.52
CA GLN C 525 -24.79 5.02 -3.49
C GLN C 525 -25.65 3.91 -4.12
N TYR C 526 -26.95 3.91 -3.86
CA TYR C 526 -27.85 2.89 -4.40
C TYR C 526 -28.31 3.25 -5.81
N ILE C 527 -28.95 4.41 -5.97
CA ILE C 527 -29.45 4.84 -7.26
C ILE C 527 -28.86 6.21 -7.61
N GLU C 528 -29.22 6.73 -8.77
CA GLU C 528 -28.73 8.02 -9.25
C GLU C 528 -29.88 9.01 -9.31
N PHE C 529 -29.56 10.23 -9.75
CA PHE C 529 -30.53 11.31 -9.89
C PHE C 529 -30.53 11.83 -11.32
N SER C 530 -31.42 12.76 -11.59
CA SER C 530 -31.57 13.39 -12.89
C SER C 530 -31.34 14.90 -12.75
N LYS C 531 -31.59 15.62 -13.84
CA LYS C 531 -31.44 17.08 -13.84
C LYS C 531 -32.47 17.69 -12.90
N PRO C 532 -32.05 18.48 -11.90
CA PRO C 532 -33.02 19.09 -10.99
C PRO C 532 -33.94 20.06 -11.72
N PHE C 533 -35.24 19.96 -11.43
CA PHE C 533 -36.24 20.81 -12.04
C PHE C 533 -36.77 21.89 -11.10
N LYS C 534 -36.79 21.64 -9.80
CA LYS C 534 -37.30 22.58 -8.80
C LYS C 534 -36.15 22.94 -7.87
N TYR C 535 -35.46 24.05 -8.16
CA TYR C 535 -34.34 24.51 -7.35
C TYR C 535 -34.89 25.24 -6.13
N GLN C 536 -35.02 24.53 -5.01
CA GLN C 536 -35.53 25.12 -3.79
C GLN C 536 -34.56 24.90 -2.63
N GLY C 537 -34.98 25.27 -1.41
CA GLY C 537 -34.16 25.14 -0.24
C GLY C 537 -34.91 24.44 0.88
N LEU C 538 -34.56 24.82 2.11
CA LEU C 538 -35.16 24.24 3.31
C LEU C 538 -35.28 25.33 4.36
N THR C 539 -36.52 25.60 4.79
CA THR C 539 -36.76 26.63 5.80
C THR C 539 -37.71 26.11 6.88
N ILE C 540 -38.14 27.01 7.77
CA ILE C 540 -39.02 26.66 8.89
C ILE C 540 -40.29 27.48 8.77
N LEU C 541 -41.42 26.84 9.08
CA LEU C 541 -42.72 27.48 9.05
C LEU C 541 -43.06 27.99 10.45
N VAL C 542 -43.31 29.29 10.57
CA VAL C 542 -43.64 29.90 11.85
C VAL C 542 -45.08 30.36 11.81
N LYS C 543 -45.60 30.82 12.95
CA LYS C 543 -46.98 31.29 13.06
C LYS C 543 -47.02 32.77 13.41
N LYS C 544 -46.14 33.54 12.79
CA LYS C 544 -46.07 34.98 13.04
C LYS C 544 -47.11 35.73 12.20
N GLU C 661 -41.06 32.64 22.99
CA GLU C 661 -40.43 33.24 21.83
C GLU C 661 -41.23 32.95 20.56
N GLU C 662 -41.85 34.00 20.01
CA GLU C 662 -42.63 33.83 18.79
C GLU C 662 -41.74 33.59 17.58
N ARG C 663 -40.65 34.36 17.46
CA ARG C 663 -39.74 34.21 16.35
C ARG C 663 -38.79 33.04 16.59
N ILE C 664 -38.35 32.42 15.50
CA ILE C 664 -37.42 31.29 15.57
C ILE C 664 -36.04 31.61 15.04
N THR C 665 -35.89 32.66 14.21
CA THR C 665 -34.64 33.09 13.60
C THR C 665 -33.76 31.90 13.19
N GLY C 666 -34.37 30.97 12.48
CA GLY C 666 -33.64 29.82 11.97
C GLY C 666 -33.50 28.71 12.99
N ILE C 667 -32.52 27.85 12.76
CA ILE C 667 -32.24 26.72 13.63
C ILE C 667 -30.95 26.88 14.43
N ASN C 668 -30.10 27.84 14.06
CA ASN C 668 -28.84 28.05 14.78
C ASN C 668 -29.04 28.63 16.17
N ASP C 669 -30.22 29.16 16.47
CA ASP C 669 -30.47 29.71 17.79
C ASP C 669 -30.52 28.59 18.84
N PRO C 670 -30.01 28.83 20.05
CA PRO C 670 -30.05 27.78 21.08
C PRO C 670 -31.43 27.49 21.62
N ARG C 671 -32.45 28.28 21.26
CA ARG C 671 -33.80 28.02 21.75
C ARG C 671 -34.37 26.75 21.15
N LEU C 672 -34.09 26.49 19.87
CA LEU C 672 -34.58 25.31 19.18
C LEU C 672 -33.50 24.30 18.85
N ARG C 673 -32.22 24.67 18.96
CA ARG C 673 -31.15 23.72 18.70
C ARG C 673 -31.12 22.62 19.75
N ASN C 674 -31.38 22.97 21.01
CA ASN C 674 -31.45 22.00 22.10
C ASN C 674 -32.79 22.18 22.82
N PRO C 675 -33.87 21.67 22.23
CA PRO C 675 -35.20 21.87 22.82
C PRO C 675 -35.42 20.96 24.02
N SER C 676 -36.57 21.16 24.66
CA SER C 676 -36.98 20.38 25.82
C SER C 676 -38.08 19.40 25.41
N ASP C 677 -38.63 18.69 26.39
CA ASP C 677 -39.69 17.73 26.10
C ASP C 677 -40.96 18.42 25.65
N LYS C 678 -41.18 19.67 26.06
CA LYS C 678 -42.37 20.43 25.68
C LYS C 678 -42.05 21.53 24.67
N PHE C 679 -40.95 21.39 23.93
CA PHE C 679 -40.52 22.37 22.94
C PHE C 679 -40.19 21.69 21.62
N ILE C 680 -40.93 20.63 21.30
CA ILE C 680 -40.72 19.87 20.08
C ILE C 680 -41.69 20.37 19.02
N TYR C 681 -41.15 20.76 17.86
CA TYR C 681 -41.96 21.25 16.76
C TYR C 681 -42.42 20.07 15.90
N ALA C 682 -43.05 20.38 14.76
CA ALA C 682 -43.59 19.34 13.89
C ALA C 682 -42.48 18.72 13.06
N THR C 683 -42.51 17.39 12.94
CA THR C 683 -41.55 16.66 12.12
C THR C 683 -42.25 15.46 11.51
N VAL C 684 -41.71 15.00 10.38
CA VAL C 684 -42.27 13.88 9.64
C VAL C 684 -41.25 12.75 9.65
N LYS C 685 -41.70 11.55 10.03
CA LYS C 685 -40.82 10.40 10.06
C LYS C 685 -40.55 9.89 8.65
N GLN C 686 -39.29 9.52 8.39
CA GLN C 686 -38.86 9.02 7.09
C GLN C 686 -39.13 10.04 5.99
N SER C 687 -38.67 11.27 6.21
CA SER C 687 -38.83 12.36 5.27
C SER C 687 -37.48 12.99 4.98
N SER C 688 -37.48 14.03 4.16
CA SER C 688 -36.24 14.72 3.83
C SER C 688 -35.65 15.41 5.07
N VAL C 689 -36.50 15.95 5.93
CA VAL C 689 -36.03 16.59 7.15
C VAL C 689 -35.39 15.57 8.08
N ASP C 690 -35.93 14.34 8.12
CA ASP C 690 -35.32 13.30 8.94
C ASP C 690 -33.93 12.94 8.43
N ILE C 691 -33.75 12.83 7.12
CA ILE C 691 -32.44 12.52 6.57
C ILE C 691 -31.49 13.68 6.80
N TYR C 692 -31.99 14.91 6.73
CA TYR C 692 -31.14 16.07 6.97
C TYR C 692 -30.69 16.13 8.43
N PHE C 693 -31.56 15.76 9.36
CA PHE C 693 -31.17 15.72 10.76
C PHE C 693 -30.22 14.55 11.03
N ARG C 694 -30.39 13.43 10.32
CA ARG C 694 -29.49 12.30 10.51
C ARG C 694 -28.10 12.60 9.99
N ARG C 695 -28.00 13.23 8.81
CA ARG C 695 -26.71 13.54 8.23
C ARG C 695 -25.99 14.66 8.96
N GLN C 696 -26.68 15.42 9.81
CA GLN C 696 -26.05 16.52 10.53
C GLN C 696 -25.14 15.99 11.63
N VAL C 697 -24.04 16.70 11.86
CA VAL C 697 -23.04 16.27 12.84
C VAL C 697 -23.16 16.98 14.18
N GLU C 698 -23.77 18.17 14.23
CA GLU C 698 -23.91 18.90 15.47
C GLU C 698 -25.33 18.89 16.03
N LEU C 699 -26.31 18.38 15.27
CA LEU C 699 -27.68 18.30 15.72
C LEU C 699 -28.07 16.88 16.17
N SER C 700 -27.11 16.11 16.66
CA SER C 700 -27.41 14.76 17.12
C SER C 700 -28.30 14.77 18.35
N THR C 701 -28.16 15.77 19.22
CA THR C 701 -29.01 15.85 20.40
C THR C 701 -30.44 16.21 20.03
N MET C 702 -30.65 16.91 18.91
CA MET C 702 -31.99 17.24 18.47
C MET C 702 -32.58 16.13 17.61
N TYR C 703 -31.73 15.33 16.96
CA TYR C 703 -32.23 14.22 16.14
C TYR C 703 -33.02 13.22 16.99
N ARG C 704 -32.56 12.95 18.21
CA ARG C 704 -33.27 12.03 19.09
C ARG C 704 -34.53 12.65 19.68
N HIS C 705 -34.56 13.97 19.82
CA HIS C 705 -35.72 14.65 20.38
C HIS C 705 -36.90 14.68 19.41
N MET C 706 -36.63 14.61 18.10
CA MET C 706 -37.70 14.64 17.10
C MET C 706 -38.49 13.33 17.05
N GLU C 707 -38.04 12.28 17.74
CA GLU C 707 -38.73 11.01 17.71
C GLU C 707 -40.08 11.04 18.43
N LYS C 708 -40.37 12.11 19.16
CA LYS C 708 -41.64 12.19 19.90
C LYS C 708 -42.80 12.58 18.99
N HIS C 709 -42.58 13.54 18.10
CA HIS C 709 -43.64 14.06 17.22
C HIS C 709 -43.52 13.54 15.80
N ASN C 710 -43.11 12.29 15.62
CA ASN C 710 -43.02 11.71 14.29
C ASN C 710 -44.41 11.40 13.75
N TYR C 711 -44.69 11.86 12.54
CA TYR C 711 -45.96 11.62 11.88
C TYR C 711 -45.76 10.73 10.65
N GLU C 712 -46.86 10.35 10.04
CA GLU C 712 -46.83 9.51 8.85
C GLU C 712 -46.81 10.32 7.55
N SER C 713 -47.19 11.59 7.60
CA SER C 713 -47.21 12.43 6.41
C SER C 713 -47.08 13.88 6.84
N ALA C 714 -46.89 14.76 5.86
CA ALA C 714 -46.76 16.19 6.13
C ALA C 714 -48.11 16.85 6.34
N ALA C 715 -49.20 16.26 5.84
CA ALA C 715 -50.52 16.86 6.02
C ALA C 715 -50.91 16.91 7.49
N GLU C 716 -50.54 15.89 8.25
CA GLU C 716 -50.84 15.90 9.69
C GLU C 716 -50.09 17.04 10.39
N ALA C 717 -48.81 17.22 10.07
CA ALA C 717 -48.05 18.30 10.67
C ALA C 717 -48.59 19.66 10.26
N ILE C 718 -49.03 19.80 9.01
CA ILE C 718 -49.62 21.06 8.57
C ILE C 718 -50.91 21.35 9.33
N GLN C 719 -51.77 20.34 9.45
CA GLN C 719 -53.02 20.51 10.20
C GLN C 719 -52.74 20.82 11.67
N ALA C 720 -51.66 20.28 12.23
CA ALA C 720 -51.32 20.56 13.62
C ALA C 720 -50.83 22.00 13.78
N VAL C 721 -49.93 22.44 12.90
CA VAL C 721 -49.36 23.78 13.05
C VAL C 721 -50.35 24.86 12.63
N ARG C 722 -51.37 24.53 11.84
CA ARG C 722 -52.36 25.51 11.43
C ARG C 722 -53.49 25.67 12.45
N ASP C 723 -53.59 24.78 13.44
CA ASP C 723 -54.65 24.83 14.43
C ASP C 723 -54.11 25.06 15.84
N ASN C 724 -52.91 25.63 15.95
CA ASN C 724 -52.28 25.96 17.23
C ASN C 724 -52.14 24.73 18.12
N LYS C 725 -51.41 23.74 17.60
CA LYS C 725 -51.09 22.52 18.33
C LYS C 725 -49.61 22.34 18.60
N LEU C 726 -48.74 22.77 17.69
CA LEU C 726 -47.31 22.63 17.87
C LEU C 726 -46.61 23.98 17.72
N HIS C 727 -45.28 23.97 17.72
CA HIS C 727 -44.51 25.21 17.69
C HIS C 727 -44.21 25.68 16.27
N ALA C 728 -43.52 24.84 15.49
CA ALA C 728 -43.12 25.21 14.14
C ALA C 728 -43.14 23.96 13.27
N PHE C 729 -42.69 24.11 12.02
CA PHE C 729 -42.65 23.01 11.07
C PHE C 729 -41.56 23.28 10.05
N ILE C 730 -40.68 22.31 9.86
CA ILE C 730 -39.59 22.40 8.89
C ILE C 730 -39.97 21.57 7.67
N TRP C 731 -40.03 22.20 6.51
CA TRP C 731 -40.37 21.53 5.27
C TRP C 731 -39.73 22.29 4.11
N ASP C 732 -40.07 21.89 2.89
CA ASP C 732 -39.50 22.52 1.71
C ASP C 732 -39.87 23.99 1.65
N SER C 733 -38.98 24.80 1.05
CA SER C 733 -39.19 26.23 1.00
C SER C 733 -40.41 26.60 0.16
N ALA C 734 -40.57 25.96 -1.01
CA ALA C 734 -41.70 26.28 -1.87
C ALA C 734 -43.02 25.86 -1.24
N VAL C 735 -43.04 24.70 -0.57
CA VAL C 735 -44.27 24.24 0.07
C VAL C 735 -44.68 25.19 1.19
N LEU C 736 -43.72 25.59 2.02
CA LEU C 736 -44.05 26.51 3.11
C LEU C 736 -44.44 27.88 2.58
N GLU C 737 -43.82 28.32 1.49
CA GLU C 737 -44.21 29.59 0.89
C GLU C 737 -45.63 29.54 0.34
N PHE C 738 -46.00 28.42 -0.30
CA PHE C 738 -47.36 28.27 -0.78
C PHE C 738 -48.36 28.21 0.37
N GLU C 739 -47.99 27.54 1.47
CA GLU C 739 -48.88 27.48 2.63
C GLU C 739 -49.05 28.86 3.26
N ALA C 740 -47.98 29.66 3.28
CA ALA C 740 -48.07 31.01 3.83
C ALA C 740 -48.89 31.92 2.92
N SER C 741 -48.78 31.74 1.60
CA SER C 741 -49.57 32.56 0.68
C SER C 741 -51.04 32.16 0.73
N GLN C 742 -51.33 30.88 0.95
CA GLN C 742 -52.73 30.44 1.05
C GLN C 742 -53.29 30.69 2.44
N LYS C 743 -52.67 30.11 3.46
CA LYS C 743 -53.11 30.28 4.84
C LYS C 743 -52.46 31.53 5.42
N CYS C 744 -53.28 32.51 5.80
CA CYS C 744 -52.76 33.76 6.32
C CYS C 744 -52.21 33.62 7.74
N ASP C 745 -52.67 32.62 8.50
CA ASP C 745 -52.19 32.46 9.86
C ASP C 745 -50.75 31.94 9.91
N LEU C 746 -50.35 31.17 8.90
CA LEU C 746 -49.00 30.62 8.83
C LEU C 746 -48.09 31.60 8.11
N VAL C 747 -47.07 32.09 8.82
CA VAL C 747 -46.10 33.03 8.28
C VAL C 747 -44.72 32.44 8.52
N THR C 748 -44.13 31.86 7.48
CA THR C 748 -42.81 31.25 7.60
C THR C 748 -41.74 32.32 7.71
N THR C 749 -40.57 31.89 8.20
CA THR C 749 -39.45 32.81 8.36
C THR C 749 -38.81 33.11 7.00
N GLY C 750 -37.88 34.07 7.01
CA GLY C 750 -37.21 34.48 5.79
C GLY C 750 -35.84 33.86 5.60
N GLU C 751 -35.27 33.34 6.69
CA GLU C 751 -33.95 32.72 6.63
C GLU C 751 -34.04 31.40 5.88
N LEU C 752 -33.41 31.33 4.70
CA LEU C 752 -33.42 30.14 3.86
C LEU C 752 -32.03 29.52 3.86
N PHE C 753 -31.98 28.20 4.04
CA PHE C 753 -30.73 27.46 4.04
C PHE C 753 -30.89 26.20 3.21
N PHE C 754 -29.78 25.49 3.01
CA PHE C 754 -29.75 24.25 2.24
C PHE C 754 -30.27 24.49 0.82
N ARG C 755 -29.71 25.50 0.16
CA ARG C 755 -30.10 25.85 -1.21
C ARG C 755 -29.43 24.88 -2.17
N SER C 756 -30.18 23.84 -2.55
CA SER C 756 -29.67 22.81 -3.45
C SER C 756 -30.80 22.33 -4.34
N GLY C 757 -30.49 22.14 -5.62
CA GLY C 757 -31.48 21.67 -6.58
C GLY C 757 -31.81 20.19 -6.42
N PHE C 758 -33.03 19.91 -5.98
CA PHE C 758 -33.45 18.52 -5.76
C PHE C 758 -33.73 17.86 -7.11
N GLY C 759 -32.95 16.82 -7.44
CA GLY C 759 -33.09 16.14 -8.70
C GLY C 759 -34.11 15.01 -8.66
N ILE C 760 -34.46 14.53 -9.84
CA ILE C 760 -35.41 13.43 -9.98
C ILE C 760 -34.67 12.10 -9.83
N GLY C 761 -35.16 11.26 -8.92
CA GLY C 761 -34.51 9.98 -8.70
C GLY C 761 -34.71 9.05 -9.88
N MET C 762 -33.61 8.50 -10.38
CA MET C 762 -33.62 7.59 -11.51
C MET C 762 -33.01 6.26 -11.09
N ARG C 763 -33.13 5.26 -11.96
CA ARG C 763 -32.61 3.93 -11.67
C ARG C 763 -31.08 3.94 -11.73
N LYS C 764 -30.49 2.78 -11.45
CA LYS C 764 -29.04 2.64 -11.43
C LYS C 764 -28.46 2.31 -12.79
N ASP C 765 -29.13 1.44 -13.55
CA ASP C 765 -28.66 1.02 -14.87
C ASP C 765 -29.72 1.28 -15.93
N SER C 766 -30.46 2.36 -15.78
CA SER C 766 -31.48 2.70 -16.77
C SER C 766 -30.82 3.19 -18.05
N PRO C 767 -31.30 2.74 -19.22
CA PRO C 767 -30.69 3.18 -20.47
C PRO C 767 -30.97 4.64 -20.81
N TRP C 768 -32.11 5.18 -20.36
CA TRP C 768 -32.47 6.57 -20.62
C TRP C 768 -32.20 7.46 -19.42
N LYS C 769 -31.12 7.19 -18.68
CA LYS C 769 -30.78 8.01 -17.53
C LYS C 769 -30.41 9.43 -17.94
N GLN C 770 -29.76 9.59 -19.09
CA GLN C 770 -29.37 10.90 -19.58
C GLN C 770 -30.42 11.53 -20.49
N ASN C 771 -31.29 10.72 -21.11
CA ASN C 771 -32.29 11.27 -22.01
C ASN C 771 -33.30 12.13 -21.26
N VAL C 772 -33.81 11.63 -20.13
CA VAL C 772 -34.78 12.38 -19.36
C VAL C 772 -34.15 13.64 -18.77
N SER C 773 -32.89 13.55 -18.36
CA SER C 773 -32.20 14.73 -17.84
C SER C 773 -32.02 15.78 -18.92
N LEU C 774 -31.64 15.35 -20.13
CA LEU C 774 -31.49 16.29 -21.24
C LEU C 774 -32.83 16.92 -21.61
N SER C 775 -33.91 16.13 -21.55
CA SER C 775 -35.24 16.67 -21.85
C SER C 775 -35.65 17.71 -20.81
N ILE C 776 -35.42 17.42 -19.53
CA ILE C 776 -35.75 18.37 -18.48
C ILE C 776 -34.92 19.64 -18.63
N LEU C 777 -33.64 19.49 -19.01
CA LEU C 777 -32.78 20.64 -19.19
C LEU C 777 -33.26 21.50 -20.34
N LYS C 778 -33.61 20.88 -21.47
CA LYS C 778 -34.13 21.63 -22.61
C LYS C 778 -35.45 22.31 -22.29
N SER C 779 -36.30 21.67 -21.47
CA SER C 779 -37.56 22.28 -21.10
C SER C 779 -37.35 23.45 -20.14
N HIS C 780 -36.34 23.37 -19.28
CA HIS C 780 -36.07 24.46 -18.35
C HIS C 780 -35.31 25.62 -19.00
N GLU C 781 -34.59 25.36 -20.09
CA GLU C 781 -33.88 26.44 -20.77
C GLU C 781 -34.86 27.44 -21.38
N ASN C 782 -35.97 26.96 -21.94
CA ASN C 782 -36.96 27.82 -22.51
C ASN C 782 -37.92 28.33 -21.44
N GLY C 783 -38.77 29.29 -21.82
CA GLY C 783 -39.68 29.91 -20.89
C GLY C 783 -41.03 29.22 -20.78
N PHE C 784 -41.01 27.92 -20.48
CA PHE C 784 -42.22 27.13 -20.29
C PHE C 784 -42.37 26.63 -18.86
N MET C 785 -41.34 25.97 -18.33
CA MET C 785 -41.42 25.47 -16.96
C MET C 785 -41.54 26.61 -15.96
N GLU C 786 -40.82 27.71 -16.19
CA GLU C 786 -40.91 28.86 -15.30
C GLU C 786 -42.32 29.46 -15.31
N ASP C 787 -42.92 29.57 -16.49
CA ASP C 787 -44.29 30.10 -16.57
C ASP C 787 -45.28 29.16 -15.90
N LEU C 788 -45.11 27.84 -16.09
CA LEU C 788 -45.99 26.89 -15.44
C LEU C 788 -45.87 26.96 -13.92
N ASP C 789 -44.65 27.10 -13.41
CA ASP C 789 -44.45 27.24 -11.97
C ASP C 789 -45.08 28.52 -11.45
N LYS C 790 -44.91 29.63 -12.18
CA LYS C 790 -45.48 30.90 -11.76
C LYS C 790 -47.00 30.87 -11.79
N THR C 791 -47.59 30.09 -12.70
CA THR C 791 -49.05 30.04 -12.83
C THR C 791 -49.69 28.98 -11.94
N TRP C 792 -48.94 27.99 -11.47
CA TRP C 792 -49.49 26.93 -10.63
C TRP C 792 -49.05 27.03 -9.18
N VAL C 793 -47.74 27.06 -8.92
CA VAL C 793 -47.27 27.04 -7.55
C VAL C 793 -47.41 28.42 -6.91
N ARG C 794 -47.21 29.49 -7.69
CA ARG C 794 -47.26 30.85 -7.17
C ARG C 794 -48.70 31.34 -7.14
N TYR C 795 -49.44 30.84 -6.15
CA TYR C 795 -50.83 31.24 -5.91
C TYR C 795 -50.81 32.34 -4.85
N GLN C 796 -50.77 33.59 -5.31
CA GLN C 796 -50.75 34.75 -4.42
C GLN C 796 -52.14 35.36 -4.33
N GLU C 797 -52.63 35.53 -3.10
CA GLU C 797 -53.95 36.10 -2.88
C GLU C 797 -53.84 37.44 -2.15
N HIS D 34 -65.96 -49.98 0.58
CA HIS D 34 -64.53 -50.21 0.73
C HIS D 34 -64.07 -51.39 -0.11
N PRO D 35 -63.26 -51.13 -1.13
CA PRO D 35 -62.75 -52.21 -1.99
C PRO D 35 -61.85 -53.16 -1.21
N GLN D 36 -62.24 -54.42 -1.18
CA GLN D 36 -61.47 -55.44 -0.47
C GLN D 36 -60.25 -55.82 -1.29
N PRO D 37 -59.03 -55.65 -0.75
CA PRO D 37 -57.81 -56.00 -1.49
C PRO D 37 -57.40 -57.47 -1.28
N CYS D 38 -58.32 -58.38 -1.58
CA CYS D 38 -58.08 -59.81 -1.42
C CYS D 38 -57.58 -60.46 -2.71
N GLN D 39 -56.96 -59.69 -3.60
CA GLN D 39 -56.45 -60.22 -4.86
C GLN D 39 -54.97 -59.95 -5.09
N ILE D 40 -54.31 -59.23 -4.18
CA ILE D 40 -52.90 -58.92 -4.32
C ILE D 40 -52.05 -59.46 -3.18
N LEU D 41 -52.65 -59.97 -2.11
CA LEU D 41 -51.92 -60.50 -0.97
C LEU D 41 -51.65 -62.00 -1.09
N LYS D 42 -51.81 -62.57 -2.29
CA LYS D 42 -51.58 -64.01 -2.47
C LYS D 42 -50.10 -64.36 -2.59
N ARG D 43 -49.25 -63.39 -2.91
CA ARG D 43 -47.82 -63.65 -3.05
C ARG D 43 -47.00 -63.11 -1.89
N ILE D 44 -47.45 -62.02 -1.25
CA ILE D 44 -46.72 -61.46 -0.11
C ILE D 44 -47.18 -62.02 1.22
N GLY D 45 -48.29 -62.76 1.26
CA GLY D 45 -48.78 -63.32 2.50
C GLY D 45 -49.49 -62.33 3.40
N HIS D 46 -50.04 -61.26 2.84
CA HIS D 46 -50.76 -60.24 3.59
C HIS D 46 -49.87 -59.64 4.69
N ALA D 47 -48.63 -59.30 4.30
CA ALA D 47 -47.68 -58.72 5.24
C ALA D 47 -46.63 -57.93 4.46
N VAL D 48 -46.30 -56.76 4.96
CA VAL D 48 -45.30 -55.92 4.32
C VAL D 48 -43.93 -56.54 4.51
N ARG D 49 -43.31 -56.97 3.41
CA ARG D 49 -42.00 -57.61 3.45
C ARG D 49 -40.92 -56.52 3.45
N VAL D 50 -40.35 -56.24 4.61
CA VAL D 50 -39.31 -55.24 4.75
C VAL D 50 -37.96 -55.91 4.53
N GLY D 51 -37.14 -55.32 3.66
CA GLY D 51 -35.83 -55.87 3.38
C GLY D 51 -34.76 -55.40 4.33
N ALA D 52 -34.11 -56.35 5.02
CA ALA D 52 -33.05 -56.02 5.98
C ALA D 52 -31.71 -56.14 5.26
N VAL D 53 -31.40 -55.11 4.47
CA VAL D 53 -30.15 -55.06 3.72
C VAL D 53 -29.07 -54.44 4.59
N HIS D 54 -27.82 -54.65 4.20
CA HIS D 54 -26.65 -54.11 4.90
C HIS D 54 -26.61 -54.59 6.35
N LEU D 55 -26.54 -55.91 6.51
CA LEU D 55 -26.43 -56.53 7.82
C LEU D 55 -25.01 -56.57 8.35
N GLN D 56 -24.04 -56.09 7.60
CA GLN D 56 -22.66 -56.09 8.06
C GLN D 56 -22.49 -55.10 9.20
N PRO D 57 -21.81 -55.49 10.28
CA PRO D 57 -21.64 -54.58 11.42
C PRO D 57 -20.87 -53.33 11.04
N TRP D 58 -21.22 -52.22 11.69
CA TRP D 58 -20.58 -50.95 11.43
C TRP D 58 -19.13 -50.98 11.91
N THR D 59 -18.20 -50.77 10.98
CA THR D 59 -16.77 -50.76 11.31
C THR D 59 -16.03 -49.51 10.85
N THR D 60 -16.53 -48.81 9.84
CA THR D 60 -15.87 -47.60 9.35
C THR D 60 -16.37 -46.38 10.11
N ALA D 61 -15.62 -45.28 9.96
CA ALA D 61 -15.97 -44.04 10.64
C ALA D 61 -17.17 -43.36 9.96
N GLU D 120 -19.99 -46.00 14.76
CA GLU D 120 -18.66 -46.50 15.08
C GLU D 120 -18.65 -48.01 15.25
N THR D 121 -19.26 -48.48 16.34
CA THR D 121 -19.37 -49.90 16.64
C THR D 121 -20.82 -50.30 16.85
N LEU D 122 -21.70 -49.81 15.97
CA LEU D 122 -23.12 -50.10 16.09
C LEU D 122 -23.42 -51.54 15.67
N TRP D 123 -24.63 -51.99 15.97
CA TRP D 123 -25.09 -53.34 15.64
C TRP D 123 -26.47 -53.26 15.01
N PRO D 124 -26.60 -53.48 13.70
CA PRO D 124 -27.92 -53.41 13.08
C PRO D 124 -28.87 -54.51 13.53
N ARG D 125 -28.34 -55.69 13.87
CA ARG D 125 -29.20 -56.81 14.26
C ARG D 125 -29.95 -56.49 15.55
N ASP D 126 -29.24 -56.06 16.59
CA ASP D 126 -29.88 -55.74 17.85
C ASP D 126 -30.82 -54.55 17.70
N ALA D 127 -30.47 -53.58 16.85
CA ALA D 127 -31.34 -52.44 16.63
C ALA D 127 -32.65 -52.87 15.96
N LEU D 128 -32.57 -53.72 14.94
CA LEU D 128 -33.78 -54.21 14.30
C LEU D 128 -34.61 -55.06 15.25
N LEU D 129 -33.96 -55.88 16.08
CA LEU D 129 -34.70 -56.67 17.05
C LEU D 129 -35.44 -55.80 18.05
N PHE D 130 -34.77 -54.76 18.57
CA PHE D 130 -35.42 -53.85 19.50
C PHE D 130 -36.55 -53.08 18.83
N ALA D 131 -36.38 -52.70 17.56
CA ALA D 131 -37.44 -52.02 16.83
C ALA D 131 -38.66 -52.92 16.65
N VAL D 132 -38.44 -54.18 16.29
CA VAL D 132 -39.55 -55.12 16.13
C VAL D 132 -40.24 -55.36 17.47
N GLU D 133 -39.46 -55.44 18.55
CA GLU D 133 -40.05 -55.64 19.88
C GLU D 133 -40.90 -54.44 20.28
N ASN D 134 -40.41 -53.21 19.99
CA ASN D 134 -41.17 -52.02 20.32
C ASN D 134 -42.43 -51.91 19.47
N LEU D 135 -42.35 -52.33 18.20
CA LEU D 135 -43.53 -52.30 17.35
C LEU D 135 -44.57 -53.32 17.79
N ASN D 136 -44.12 -54.49 18.24
CA ASN D 136 -45.05 -55.52 18.73
C ASN D 136 -45.60 -55.21 20.10
N ARG D 137 -44.89 -54.42 20.91
CA ARG D 137 -45.37 -54.08 22.25
C ARG D 137 -46.54 -53.11 22.17
N VAL D 138 -46.36 -52.00 21.46
CA VAL D 138 -47.41 -50.99 21.33
C VAL D 138 -48.29 -51.37 20.14
N GLU D 139 -49.51 -51.78 20.43
CA GLU D 139 -50.45 -52.16 19.38
C GLU D 139 -51.07 -50.93 18.74
N GLY D 140 -51.46 -51.06 17.48
CA GLY D 140 -52.08 -49.99 16.74
C GLY D 140 -51.16 -49.28 15.75
N LEU D 141 -49.87 -49.62 15.75
CA LEU D 141 -48.95 -48.98 14.82
C LEU D 141 -49.15 -49.48 13.39
N LEU D 142 -49.53 -50.75 13.24
CA LEU D 142 -49.75 -51.37 11.94
C LEU D 142 -51.21 -51.78 11.83
N PRO D 143 -52.07 -50.92 11.28
CA PRO D 143 -53.49 -51.24 11.15
C PRO D 143 -53.73 -52.13 9.95
N TYR D 144 -55.02 -52.43 9.71
CA TYR D 144 -55.46 -53.25 8.58
C TYR D 144 -54.83 -54.64 8.59
N ASN D 145 -54.54 -55.15 9.79
CA ASN D 145 -53.97 -56.49 9.96
C ASN D 145 -52.69 -56.65 9.16
N LEU D 146 -51.80 -55.67 9.26
CA LEU D 146 -50.52 -55.67 8.57
C LEU D 146 -49.39 -55.91 9.55
N SER D 147 -48.27 -56.43 9.03
CA SER D 147 -47.09 -56.71 9.83
C SER D 147 -45.85 -56.52 8.98
N LEU D 148 -44.90 -55.73 9.50
CA LEU D 148 -43.65 -55.45 8.80
C LEU D 148 -42.76 -56.69 8.90
N GLU D 149 -42.82 -57.53 7.88
CA GLU D 149 -42.01 -58.76 7.83
C GLU D 149 -40.58 -58.37 7.49
N VAL D 150 -39.73 -58.29 8.51
CA VAL D 150 -38.33 -57.92 8.33
C VAL D 150 -37.58 -59.18 7.88
N VAL D 151 -37.39 -59.31 6.56
CA VAL D 151 -36.68 -60.45 6.00
C VAL D 151 -35.19 -60.12 5.97
N MET D 152 -34.39 -60.91 6.69
CA MET D 152 -32.95 -60.70 6.75
C MET D 152 -32.33 -61.12 5.43
N ALA D 153 -31.88 -60.16 4.64
CA ALA D 153 -31.24 -60.41 3.35
C ALA D 153 -29.74 -60.31 3.53
N ILE D 154 -29.09 -61.46 3.70
CA ILE D 154 -27.64 -61.54 3.90
C ILE D 154 -27.04 -62.33 2.76
N GLU D 155 -25.91 -61.82 2.23
CA GLU D 155 -25.24 -62.50 1.13
C GLU D 155 -24.61 -63.80 1.59
N ALA D 156 -24.60 -64.79 0.70
CA ALA D 156 -24.02 -66.08 1.02
C ALA D 156 -23.45 -66.73 -0.23
N SER D 171 -12.88 -56.10 7.20
CA SER D 171 -14.17 -56.57 6.69
C SER D 171 -14.25 -56.39 5.18
N PRO D 172 -14.05 -57.49 4.44
CA PRO D 172 -14.12 -57.40 2.97
C PRO D 172 -15.51 -57.05 2.45
N TRP D 173 -16.55 -57.24 3.25
CA TRP D 173 -17.92 -56.93 2.85
C TRP D 173 -18.44 -55.67 3.54
N SER D 174 -17.56 -54.68 3.74
CA SER D 174 -17.98 -53.45 4.39
C SER D 174 -18.59 -52.46 3.40
N SER D 175 -18.06 -52.41 2.18
CA SER D 175 -18.55 -51.47 1.17
C SER D 175 -18.68 -52.13 -0.20
N ASP D 176 -19.01 -53.42 -0.24
CA ASP D 176 -19.17 -54.13 -1.50
C ASP D 176 -20.63 -54.05 -1.94
N PRO D 177 -20.95 -53.34 -3.03
CA PRO D 177 -22.36 -53.22 -3.43
C PRO D 177 -22.90 -54.49 -4.08
N PHE D 178 -22.02 -55.29 -4.67
CA PHE D 178 -22.46 -56.46 -5.42
C PHE D 178 -23.10 -57.49 -4.51
N SER D 179 -22.43 -57.83 -3.40
CA SER D 179 -22.96 -58.86 -2.50
C SER D 179 -24.25 -58.40 -1.83
N PHE D 180 -24.34 -57.12 -1.48
CA PHE D 180 -25.53 -56.58 -0.83
C PHE D 180 -26.58 -56.10 -1.81
N LEU D 181 -26.37 -56.31 -3.11
CA LEU D 181 -27.37 -55.95 -4.11
C LEU D 181 -27.90 -57.18 -4.86
N GLN D 182 -27.03 -57.96 -5.49
CA GLN D 182 -27.48 -59.05 -6.35
C GLN D 182 -28.18 -60.14 -5.55
N SER D 183 -27.47 -60.73 -4.59
CA SER D 183 -28.09 -61.77 -3.77
C SER D 183 -29.25 -61.24 -2.95
N VAL D 184 -29.18 -59.98 -2.52
CA VAL D 184 -30.27 -59.40 -1.74
C VAL D 184 -31.54 -59.34 -2.57
N CYS D 185 -31.45 -58.83 -3.80
CA CYS D 185 -32.63 -58.80 -4.67
C CYS D 185 -33.09 -60.21 -5.01
N HIS D 186 -32.15 -61.11 -5.29
CA HIS D 186 -32.52 -62.49 -5.62
C HIS D 186 -33.29 -63.16 -4.50
N THR D 187 -32.95 -62.84 -3.25
CA THR D 187 -33.64 -63.43 -2.11
C THR D 187 -34.86 -62.65 -1.66
N VAL D 188 -34.99 -61.39 -2.07
CA VAL D 188 -36.13 -60.57 -1.64
C VAL D 188 -37.26 -60.52 -2.66
N VAL D 189 -36.99 -60.84 -3.93
CA VAL D 189 -38.05 -60.79 -4.94
C VAL D 189 -38.72 -62.17 -5.05
N VAL D 190 -38.44 -63.05 -4.10
CA VAL D 190 -39.04 -64.38 -4.12
C VAL D 190 -40.52 -64.34 -3.80
N GLN D 191 -40.99 -63.30 -3.11
CA GLN D 191 -42.41 -63.18 -2.75
C GLN D 191 -42.98 -61.80 -2.98
N GLY D 192 -42.19 -60.83 -3.44
CA GLY D 192 -42.67 -59.48 -3.66
C GLY D 192 -42.07 -58.46 -2.73
N VAL D 193 -41.49 -57.40 -3.30
CA VAL D 193 -40.84 -56.36 -2.52
C VAL D 193 -41.87 -55.31 -2.15
N SER D 194 -42.07 -55.09 -0.85
CA SER D 194 -42.99 -54.09 -0.34
C SER D 194 -42.29 -52.90 0.30
N ALA D 195 -41.35 -53.16 1.20
CA ALA D 195 -40.58 -52.11 1.86
C ALA D 195 -39.11 -52.52 1.89
N LEU D 196 -38.27 -51.56 2.29
CA LEU D 196 -36.83 -51.80 2.35
C LEU D 196 -36.20 -50.75 3.25
N LEU D 197 -35.38 -51.20 4.20
CA LEU D 197 -34.65 -50.32 5.11
C LEU D 197 -33.16 -50.55 4.90
N ALA D 198 -32.45 -49.48 4.54
CA ALA D 198 -31.03 -49.55 4.23
C ALA D 198 -30.20 -48.98 5.37
N PHE D 199 -28.91 -49.35 5.37
CA PHE D 199 -27.96 -48.86 6.37
C PHE D 199 -26.65 -48.54 5.65
N PRO D 200 -26.55 -47.35 5.04
CA PRO D 200 -25.34 -46.98 4.31
C PRO D 200 -24.16 -46.81 5.26
N GLN D 201 -23.15 -47.67 5.10
CA GLN D 201 -21.94 -47.58 5.91
C GLN D 201 -20.91 -46.64 5.30
N SER D 202 -20.74 -46.68 3.99
CA SER D 202 -19.80 -45.82 3.28
C SER D 202 -20.48 -45.28 2.03
N GLN D 203 -19.69 -44.65 1.16
CA GLN D 203 -20.25 -44.11 -0.08
C GLN D 203 -20.63 -45.22 -1.05
N GLY D 204 -19.91 -46.34 -1.03
CA GLY D 204 -20.24 -47.45 -1.91
C GLY D 204 -21.57 -48.10 -1.59
N GLU D 205 -21.91 -48.15 -0.30
CA GLU D 205 -23.20 -48.69 0.11
C GLU D 205 -24.33 -47.66 0.04
N MET D 206 -24.00 -46.38 -0.15
CA MET D 206 -24.99 -45.33 -0.23
C MET D 206 -25.36 -44.96 -1.67
N MET D 207 -24.39 -45.00 -2.59
CA MET D 207 -24.69 -44.64 -3.97
C MET D 207 -25.59 -45.67 -4.65
N GLU D 208 -25.56 -46.92 -4.19
CA GLU D 208 -26.39 -47.96 -4.80
C GLU D 208 -27.87 -47.77 -4.50
N LEU D 209 -28.21 -47.01 -3.46
CA LEU D 209 -29.62 -46.81 -3.13
C LEU D 209 -30.33 -46.02 -4.21
N ASP D 210 -29.65 -45.06 -4.85
CA ASP D 210 -30.25 -44.32 -5.94
C ASP D 210 -30.55 -45.25 -7.12
N LEU D 211 -29.62 -46.13 -7.47
CA LEU D 211 -29.86 -47.09 -8.54
C LEU D 211 -31.00 -48.03 -8.19
N VAL D 212 -31.07 -48.46 -6.93
CA VAL D 212 -32.15 -49.35 -6.50
C VAL D 212 -33.49 -48.65 -6.63
N SER D 213 -33.58 -47.40 -6.17
CA SER D 213 -34.83 -46.66 -6.25
C SER D 213 -35.20 -46.33 -7.69
N SER D 214 -34.21 -46.21 -8.57
CA SER D 214 -34.51 -45.91 -9.97
C SER D 214 -34.93 -47.15 -10.75
N VAL D 215 -34.38 -48.33 -10.40
CA VAL D 215 -34.69 -49.54 -11.15
C VAL D 215 -35.86 -50.33 -10.54
N LEU D 216 -36.23 -50.07 -9.29
CA LEU D 216 -37.32 -50.79 -8.65
C LEU D 216 -38.45 -49.89 -8.15
N HIS D 217 -38.22 -48.58 -8.06
CA HIS D 217 -39.22 -47.63 -7.58
C HIS D 217 -39.71 -48.01 -6.17
N ILE D 218 -38.77 -48.16 -5.26
CA ILE D 218 -39.05 -48.52 -3.88
C ILE D 218 -38.47 -47.44 -2.98
N PRO D 219 -39.27 -46.79 -2.13
CA PRO D 219 -38.73 -45.77 -1.22
C PRO D 219 -37.81 -46.40 -0.18
N VAL D 220 -36.55 -45.97 -0.17
CA VAL D 220 -35.55 -46.48 0.75
C VAL D 220 -35.15 -45.37 1.70
N LEU D 221 -34.62 -45.76 2.86
CA LEU D 221 -34.18 -44.84 3.90
C LEU D 221 -32.67 -44.92 4.03
N SER D 222 -32.01 -43.77 3.96
CA SER D 222 -30.54 -43.68 4.04
C SER D 222 -30.16 -43.23 5.44
N ILE D 223 -29.75 -44.18 6.28
CA ILE D 223 -29.27 -43.89 7.62
C ILE D 223 -27.76 -43.70 7.51
N VAL D 224 -27.35 -42.47 7.25
CA VAL D 224 -25.94 -42.16 7.04
C VAL D 224 -25.32 -41.68 8.35
N ARG D 225 -24.00 -41.76 8.43
CA ARG D 225 -23.29 -41.32 9.62
C ARG D 225 -22.97 -39.83 9.56
N HIS D 226 -22.30 -39.38 8.50
CA HIS D 226 -21.94 -37.99 8.32
C HIS D 226 -22.76 -37.39 7.18
N GLU D 227 -22.57 -36.10 6.95
CA GLU D 227 -23.34 -35.38 5.94
C GLU D 227 -22.85 -35.74 4.54
N PHE D 228 -23.75 -36.25 3.71
CA PHE D 228 -23.49 -36.57 2.32
C PHE D 228 -24.14 -35.55 1.39
N PRO D 229 -23.56 -35.30 0.22
CA PRO D 229 -24.18 -34.37 -0.73
C PRO D 229 -25.53 -34.88 -1.21
N ARG D 230 -26.30 -33.97 -1.78
CA ARG D 230 -27.65 -34.30 -2.24
C ARG D 230 -27.79 -34.04 -3.74
N GLU D 231 -26.82 -34.52 -4.52
CA GLU D 231 -26.88 -34.36 -5.97
C GLU D 231 -28.12 -35.03 -6.55
N SER D 232 -28.45 -36.24 -6.06
CA SER D 232 -29.63 -36.97 -6.54
C SER D 232 -30.82 -36.52 -5.72
N GLN D 233 -31.53 -35.51 -6.24
CA GLN D 233 -32.73 -34.97 -5.57
C GLN D 233 -33.95 -35.80 -5.97
N ASN D 234 -33.94 -37.06 -5.54
CA ASN D 234 -35.02 -37.97 -5.87
C ASN D 234 -35.91 -38.22 -4.65
N PRO D 235 -37.23 -38.21 -4.82
CA PRO D 235 -38.10 -38.48 -3.66
C PRO D 235 -38.08 -39.92 -3.20
N LEU D 236 -37.78 -40.86 -4.09
CA LEU D 236 -37.72 -42.26 -3.68
C LEU D 236 -36.45 -42.55 -2.88
N HIS D 237 -35.38 -41.81 -3.12
CA HIS D 237 -34.13 -41.99 -2.40
C HIS D 237 -34.08 -40.98 -1.26
N LEU D 238 -34.71 -41.35 -0.15
CA LEU D 238 -34.75 -40.48 1.02
C LEU D 238 -33.38 -40.45 1.70
N GLN D 239 -33.19 -39.44 2.56
CA GLN D 239 -31.95 -39.27 3.30
C GLN D 239 -32.30 -38.86 4.72
N LEU D 240 -32.10 -39.77 5.67
CA LEU D 240 -32.39 -39.53 7.08
C LEU D 240 -31.05 -39.45 7.82
N SER D 241 -30.55 -38.22 7.97
CA SER D 241 -29.28 -37.98 8.65
C SER D 241 -29.58 -37.60 10.10
N LEU D 242 -29.81 -38.62 10.92
CA LEU D 242 -30.12 -38.43 12.33
C LEU D 242 -28.83 -38.10 13.07
N GLU D 243 -28.49 -36.81 13.09
CA GLU D 243 -27.28 -36.33 13.75
C GLU D 243 -27.59 -35.05 14.48
N ASN D 244 -26.63 -34.59 15.28
CA ASN D 244 -26.76 -33.37 16.06
C ASN D 244 -26.49 -32.17 15.15
N SER D 245 -27.53 -31.74 14.45
CA SER D 245 -27.41 -30.61 13.53
C SER D 245 -27.52 -29.30 14.30
N LEU D 246 -27.47 -28.19 13.56
CA LEU D 246 -27.55 -26.85 14.15
C LEU D 246 -28.82 -26.11 13.76
N SER D 247 -29.68 -26.70 12.92
CA SER D 247 -30.89 -26.03 12.50
C SER D 247 -31.85 -25.82 13.68
N SER D 248 -32.04 -26.86 14.49
CA SER D 248 -32.93 -26.74 15.65
C SER D 248 -32.36 -25.75 16.67
N ASP D 249 -31.05 -25.77 16.88
CA ASP D 249 -30.44 -24.82 17.80
C ASP D 249 -30.59 -23.39 17.31
N ALA D 250 -30.40 -23.18 16.00
CA ALA D 250 -30.57 -21.84 15.44
C ALA D 250 -32.03 -21.39 15.56
N ASP D 251 -32.98 -22.30 15.36
CA ASP D 251 -34.39 -21.96 15.51
C ASP D 251 -34.71 -21.59 16.96
N VAL D 252 -34.17 -22.34 17.91
CA VAL D 252 -34.38 -22.01 19.32
C VAL D 252 -33.77 -20.66 19.66
N THR D 253 -32.59 -20.37 19.11
CA THR D 253 -31.95 -19.08 19.36
C THR D 253 -32.78 -17.94 18.77
N VAL D 254 -33.31 -18.13 17.56
CA VAL D 254 -34.15 -17.11 16.94
C VAL D 254 -35.41 -16.88 17.77
N SER D 255 -36.02 -17.97 18.25
CA SER D 255 -37.23 -17.83 19.08
C SER D 255 -36.92 -17.10 20.37
N ILE D 256 -35.77 -17.39 20.99
CA ILE D 256 -35.41 -16.73 22.24
C ILE D 256 -35.13 -15.25 21.99
N LEU D 257 -34.49 -14.93 20.86
CA LEU D 257 -34.21 -13.53 20.56
C LEU D 257 -35.48 -12.76 20.22
N THR D 258 -36.47 -13.43 19.61
CA THR D 258 -37.72 -12.75 19.27
C THR D 258 -38.64 -12.61 20.48
N MET D 259 -38.57 -13.54 21.43
CA MET D 259 -39.41 -13.46 22.62
C MET D 259 -38.82 -12.56 23.71
N ASN D 260 -37.55 -12.16 23.57
CA ASN D 260 -36.90 -11.31 24.56
C ASN D 260 -36.48 -9.96 24.01
N ASN D 261 -36.74 -9.69 22.73
CA ASN D 261 -36.40 -8.41 22.09
C ASN D 261 -34.90 -8.13 22.17
N TRP D 262 -34.12 -9.01 21.56
CA TRP D 262 -32.67 -8.88 21.46
C TRP D 262 -32.27 -9.10 20.02
N TYR D 263 -31.90 -8.03 19.32
CA TYR D 263 -31.50 -8.11 17.92
C TYR D 263 -30.01 -8.32 17.73
N ASN D 264 -29.21 -8.08 18.76
CA ASN D 264 -27.76 -8.23 18.68
C ASN D 264 -27.32 -9.57 19.26
N PHE D 265 -26.14 -10.01 18.85
CA PHE D 265 -25.59 -11.28 19.31
C PHE D 265 -24.09 -11.27 19.07
N SER D 266 -23.38 -12.11 19.84
CA SER D 266 -21.94 -12.29 19.71
C SER D 266 -21.69 -13.67 19.11
N LEU D 267 -21.16 -13.70 17.89
CA LEU D 267 -20.90 -14.96 17.20
C LEU D 267 -19.61 -15.57 17.73
N LEU D 268 -19.74 -16.63 18.53
CA LEU D 268 -18.58 -17.36 19.06
C LEU D 268 -18.10 -18.31 17.97
N LEU D 269 -17.22 -17.82 17.10
CA LEU D 269 -16.69 -18.60 15.98
C LEU D 269 -15.29 -19.06 16.35
N CYS D 270 -15.20 -20.23 16.99
CA CYS D 270 -13.90 -20.79 17.36
C CYS D 270 -13.28 -21.55 16.19
N GLN D 271 -14.01 -22.50 15.63
CA GLN D 271 -13.55 -23.30 14.50
C GLN D 271 -14.52 -23.14 13.33
N GLU D 272 -14.19 -23.80 12.22
CA GLU D 272 -15.01 -23.72 11.02
C GLU D 272 -15.35 -25.09 10.45
N ASP D 273 -14.99 -26.18 11.13
CA ASP D 273 -15.31 -27.53 10.68
C ASP D 273 -16.60 -28.02 11.36
N TRP D 274 -17.69 -27.32 11.05
CA TRP D 274 -18.99 -27.63 11.61
C TRP D 274 -20.05 -27.43 10.51
N ASN D 275 -21.31 -27.42 10.93
CA ASN D 275 -22.45 -27.23 10.03
C ASN D 275 -22.97 -25.80 10.08
N ILE D 276 -22.07 -24.82 10.22
CA ILE D 276 -22.45 -23.42 10.36
C ILE D 276 -23.04 -22.86 9.08
N THR D 277 -23.03 -23.67 8.01
CA THR D 277 -23.61 -23.23 6.75
C THR D 277 -25.12 -23.01 6.89
N ASP D 278 -25.81 -23.95 7.55
CA ASP D 278 -27.23 -23.76 7.82
C ASP D 278 -27.47 -22.57 8.74
N PHE D 279 -26.55 -22.32 9.67
CA PHE D 279 -26.67 -21.14 10.53
C PHE D 279 -26.64 -19.87 9.69
N LEU D 280 -25.71 -19.78 8.74
CA LEU D 280 -25.65 -18.61 7.88
C LEU D 280 -26.88 -18.51 6.98
N LEU D 281 -27.37 -19.65 6.49
CA LEU D 281 -28.57 -19.63 5.65
C LEU D 281 -29.79 -19.12 6.42
N LEU D 282 -29.92 -19.52 7.68
CA LEU D 282 -31.01 -19.03 8.51
C LEU D 282 -30.80 -17.59 8.96
N THR D 283 -29.53 -17.17 9.07
CA THR D 283 -29.25 -15.78 9.43
C THR D 283 -29.59 -14.82 8.29
N GLU D 284 -29.31 -15.24 7.05
CA GLU D 284 -29.62 -14.39 5.90
C GLU D 284 -31.12 -14.19 5.72
N ASN D 285 -31.95 -15.02 6.35
CA ASN D 285 -33.40 -14.89 6.24
C ASN D 285 -33.99 -14.05 7.37
N ASN D 286 -33.49 -14.21 8.59
CA ASN D 286 -34.01 -13.48 9.74
C ASN D 286 -33.30 -12.14 9.87
N SER D 287 -34.02 -11.15 10.40
CA SER D 287 -33.50 -9.80 10.58
C SER D 287 -33.19 -9.48 12.05
N LYS D 288 -32.98 -10.51 12.87
CA LYS D 288 -32.67 -10.34 14.27
C LYS D 288 -31.22 -10.75 14.57
N PHE D 289 -30.31 -10.42 13.66
CA PHE D 289 -28.89 -10.75 13.80
C PHE D 289 -28.07 -9.50 13.53
N HIS D 290 -27.40 -8.99 14.57
CA HIS D 290 -26.53 -7.82 14.45
C HIS D 290 -25.18 -8.19 15.03
N LEU D 291 -24.26 -8.61 14.17
CA LEU D 291 -22.93 -9.04 14.58
C LEU D 291 -21.94 -7.89 14.38
N GLU D 292 -21.14 -7.62 15.40
CA GLU D 292 -20.13 -6.58 15.36
C GLU D 292 -18.71 -7.11 15.42
N SER D 293 -18.44 -8.08 16.30
CA SER D 293 -17.11 -8.66 16.44
C SER D 293 -17.24 -10.09 16.91
N VAL D 294 -16.54 -11.01 16.24
CA VAL D 294 -16.58 -12.41 16.60
C VAL D 294 -15.57 -12.70 17.71
N ILE D 295 -15.84 -13.73 18.49
CA ILE D 295 -14.98 -14.13 19.61
C ILE D 295 -14.19 -15.35 19.16
N ASN D 296 -12.87 -15.21 19.07
CA ASN D 296 -11.98 -16.29 18.68
C ASN D 296 -11.16 -16.76 19.87
N ILE D 297 -10.67 -17.99 19.78
CA ILE D 297 -9.85 -18.58 20.84
C ILE D 297 -8.51 -19.09 20.36
N THR D 298 -8.35 -19.42 19.07
CA THR D 298 -7.09 -19.93 18.53
C THR D 298 -6.61 -19.05 17.39
N ALA D 299 -6.66 -17.73 17.57
CA ALA D 299 -6.23 -16.79 16.54
C ALA D 299 -4.73 -16.53 16.64
N ASN D 300 -3.97 -17.61 16.51
CA ASN D 300 -2.50 -17.57 16.56
C ASN D 300 -2.02 -16.94 17.86
N LEU D 301 -2.37 -17.60 18.97
CA LEU D 301 -2.00 -17.16 20.32
C LEU D 301 -1.41 -18.36 21.05
N SER D 302 -0.09 -18.52 20.97
CA SER D 302 0.57 -19.65 21.59
C SER D 302 0.65 -19.50 23.10
N SER D 303 1.07 -18.32 23.58
CA SER D 303 1.21 -18.07 25.01
C SER D 303 -0.16 -17.80 25.63
N THR D 304 -0.17 -17.47 26.92
CA THR D 304 -1.41 -17.22 27.64
C THR D 304 -1.66 -15.76 27.94
N LYS D 305 -0.61 -14.95 28.07
CA LYS D 305 -0.80 -13.53 28.37
C LYS D 305 -1.50 -12.82 27.21
N ASP D 306 -1.07 -13.09 25.98
CA ASP D 306 -1.71 -12.46 24.83
C ASP D 306 -3.16 -12.94 24.69
N LEU D 307 -3.41 -14.21 24.98
CA LEU D 307 -4.78 -14.73 24.92
C LEU D 307 -5.67 -14.04 25.95
N LEU D 308 -5.16 -13.89 27.18
CA LEU D 308 -5.95 -13.22 28.22
C LEU D 308 -6.19 -11.76 27.87
N SER D 309 -5.18 -11.09 27.30
CA SER D 309 -5.36 -9.70 26.91
C SER D 309 -6.40 -9.56 25.79
N PHE D 310 -6.35 -10.47 24.81
CA PHE D 310 -7.34 -10.44 23.74
C PHE D 310 -8.74 -10.71 24.27
N LEU D 311 -8.87 -11.65 25.21
CA LEU D 311 -10.18 -11.93 25.79
C LEU D 311 -10.71 -10.73 26.58
N GLN D 312 -9.82 -10.06 27.32
CA GLN D 312 -10.23 -8.87 28.06
C GLN D 312 -10.67 -7.75 27.13
N VAL D 313 -9.92 -7.53 26.05
CA VAL D 313 -10.31 -6.50 25.09
C VAL D 313 -11.65 -6.85 24.45
N GLN D 314 -11.84 -8.12 24.08
CA GLN D 314 -13.09 -8.53 23.45
C GLN D 314 -14.27 -8.36 24.39
N MET D 315 -14.11 -8.73 25.66
CA MET D 315 -15.23 -8.61 26.60
C MET D 315 -15.52 -7.14 26.92
N ASP D 316 -14.47 -6.31 27.02
CA ASP D 316 -14.70 -4.89 27.24
C ASP D 316 -15.35 -4.23 26.03
N ASN D 317 -15.12 -4.78 24.83
CA ASN D 317 -15.77 -4.25 23.65
C ASN D 317 -17.23 -4.69 23.55
N ILE D 318 -17.52 -5.95 23.92
CA ILE D 318 -18.87 -6.48 23.79
C ILE D 318 -19.74 -6.18 25.01
N ARG D 319 -19.17 -5.60 26.07
CA ARG D 319 -20.00 -5.18 27.19
C ARG D 319 -21.06 -4.17 26.76
N ASN D 320 -20.68 -3.24 25.88
CA ASN D 320 -21.60 -2.22 25.39
C ASN D 320 -22.08 -2.48 23.97
N SER D 321 -21.35 -3.25 23.18
CA SER D 321 -21.75 -3.51 21.79
C SER D 321 -22.91 -4.50 21.73
N THR D 322 -22.69 -5.72 22.24
CA THR D 322 -23.72 -6.76 22.19
C THR D 322 -23.54 -7.67 23.39
N PRO D 323 -24.27 -7.40 24.49
CA PRO D 323 -24.21 -8.23 25.69
C PRO D 323 -24.98 -9.56 25.56
N THR D 324 -24.70 -10.29 24.49
CA THR D 324 -25.37 -11.58 24.25
C THR D 324 -24.38 -12.47 23.50
N MET D 325 -23.73 -13.37 24.23
CA MET D 325 -22.74 -14.29 23.67
C MET D 325 -23.37 -15.67 23.58
N VAL D 326 -23.64 -16.12 22.35
CA VAL D 326 -24.28 -17.40 22.10
C VAL D 326 -23.27 -18.36 21.49
N MET D 327 -23.29 -19.60 21.97
CA MET D 327 -22.40 -20.65 21.47
C MET D 327 -22.90 -21.16 20.13
N PHE D 328 -22.12 -20.95 19.08
CA PHE D 328 -22.51 -21.36 17.73
C PHE D 328 -21.33 -22.04 17.02
N GLY D 329 -20.66 -22.96 17.71
CA GLY D 329 -19.62 -23.74 17.06
C GLY D 329 -18.36 -23.95 17.87
N CYS D 330 -18.28 -23.36 19.05
CA CYS D 330 -17.10 -23.51 19.89
C CYS D 330 -17.14 -24.84 20.63
N ASP D 331 -15.97 -25.46 20.76
CA ASP D 331 -15.86 -26.77 21.38
C ASP D 331 -16.06 -26.65 22.90
N MET D 332 -15.99 -27.80 23.58
CA MET D 332 -16.18 -27.82 25.02
C MET D 332 -15.02 -27.14 25.75
N ASP D 333 -13.82 -27.15 25.16
CA ASP D 333 -12.69 -26.51 25.80
C ASP D 333 -12.86 -25.00 25.88
N SER D 334 -13.37 -24.39 24.81
CA SER D 334 -13.60 -22.95 24.82
C SER D 334 -14.68 -22.57 25.84
N ILE D 335 -15.74 -23.38 25.93
CA ILE D 335 -16.78 -23.11 26.90
C ILE D 335 -16.25 -23.26 28.33
N ARG D 336 -15.40 -24.27 28.55
CA ARG D 336 -14.81 -24.45 29.87
C ARG D 336 -13.91 -23.28 30.24
N GLN D 337 -13.10 -22.79 29.28
CA GLN D 337 -12.24 -21.65 29.55
C GLN D 337 -13.06 -20.39 29.81
N ILE D 338 -14.15 -20.20 29.08
CA ILE D 338 -15.01 -19.04 29.30
C ILE D 338 -15.65 -19.10 30.68
N PHE D 339 -16.10 -20.29 31.09
CA PHE D 339 -16.70 -20.44 32.42
C PHE D 339 -15.68 -20.26 33.53
N GLU D 340 -14.42 -20.65 33.27
CA GLU D 340 -13.37 -20.44 34.28
C GLU D 340 -13.01 -18.97 34.40
N MET D 341 -12.92 -18.26 33.26
CA MET D 341 -12.57 -16.84 33.29
C MET D 341 -13.74 -15.97 33.76
N SER D 342 -14.97 -16.47 33.66
CA SER D 342 -16.13 -15.68 34.09
C SER D 342 -16.16 -15.55 35.61
N THR D 343 -15.85 -16.63 36.33
CA THR D 343 -15.85 -16.58 37.78
C THR D 343 -14.70 -15.75 38.33
N GLN D 344 -13.56 -15.73 37.62
CA GLN D 344 -12.41 -14.96 38.08
C GLN D 344 -12.61 -13.47 37.83
N PHE D 345 -13.27 -13.12 36.73
CA PHE D 345 -13.52 -11.72 36.38
C PHE D 345 -14.86 -11.20 36.88
N GLY D 346 -15.74 -12.08 37.34
CA GLY D 346 -17.04 -11.67 37.81
C GLY D 346 -17.96 -11.20 36.69
N LEU D 347 -18.03 -12.01 35.63
CA LEU D 347 -18.87 -11.68 34.47
C LEU D 347 -20.30 -12.11 34.76
N SER D 348 -21.11 -11.18 35.25
CA SER D 348 -22.49 -11.49 35.59
C SER D 348 -23.37 -11.49 34.34
N PRO D 349 -24.47 -12.24 34.36
CA PRO D 349 -25.40 -12.25 33.21
C PRO D 349 -25.91 -10.85 32.86
N PRO D 350 -26.18 -9.97 33.84
CA PRO D 350 -26.50 -8.58 33.45
C PRO D 350 -25.39 -7.91 32.69
N GLU D 351 -24.13 -8.14 33.06
CA GLU D 351 -23.01 -7.56 32.33
C GLU D 351 -22.72 -8.34 31.05
N LEU D 352 -22.42 -9.63 31.18
CA LEU D 352 -22.14 -10.51 30.05
C LEU D 352 -23.09 -11.70 30.13
N HIS D 353 -24.14 -11.69 29.31
CA HIS D 353 -25.14 -12.75 29.30
C HIS D 353 -24.65 -13.87 28.39
N TRP D 354 -24.06 -14.90 29.00
CA TRP D 354 -23.56 -16.05 28.25
C TRP D 354 -24.71 -16.98 27.91
N VAL D 355 -24.83 -17.32 26.62
CA VAL D 355 -25.88 -18.20 26.12
C VAL D 355 -25.23 -19.42 25.49
N LEU D 356 -25.77 -20.60 25.80
CA LEU D 356 -25.28 -21.86 25.25
C LEU D 356 -26.29 -22.32 24.21
N GLY D 357 -26.05 -21.95 22.95
CA GLY D 357 -26.96 -22.28 21.87
C GLY D 357 -26.89 -23.74 21.43
N ASP D 358 -25.68 -24.22 21.15
CA ASP D 358 -25.49 -25.59 20.68
C ASP D 358 -25.75 -26.55 21.84
N SER D 359 -26.85 -27.28 21.77
CA SER D 359 -27.24 -28.25 22.79
C SER D 359 -27.02 -29.66 22.22
N GLN D 360 -25.86 -30.24 22.50
CA GLN D 360 -25.54 -31.57 21.98
C GLN D 360 -26.26 -32.65 22.79
N ASN D 361 -25.96 -32.74 24.08
CA ASN D 361 -26.56 -33.74 24.96
C ASN D 361 -26.72 -33.15 26.35
N VAL D 362 -27.39 -33.91 27.21
CA VAL D 362 -27.58 -33.47 28.60
C VAL D 362 -26.44 -33.95 29.49
N GLU D 363 -25.76 -35.04 29.13
CA GLU D 363 -24.65 -35.53 29.93
C GLU D 363 -23.34 -34.82 29.57
N GLU D 364 -23.23 -34.31 28.35
CA GLU D 364 -22.06 -33.54 27.95
C GLU D 364 -22.17 -32.05 28.29
N LEU D 365 -23.33 -31.61 28.76
CA LEU D 365 -23.51 -30.20 29.11
C LEU D 365 -22.77 -29.88 30.40
N ARG D 366 -22.16 -28.70 30.44
CA ARG D 366 -21.41 -28.29 31.62
C ARG D 366 -22.35 -27.98 32.77
N THR D 367 -22.06 -28.55 33.95
CA THR D 367 -22.86 -28.35 35.15
C THR D 367 -22.03 -27.78 36.30
N GLU D 368 -20.85 -27.23 36.00
CA GLU D 368 -19.97 -26.68 37.02
C GLU D 368 -19.55 -25.28 36.60
N GLY D 369 -19.58 -24.34 37.54
CA GLY D 369 -19.23 -22.97 37.26
C GLY D 369 -20.21 -22.28 36.34
N LEU D 370 -21.50 -22.35 36.67
CA LEU D 370 -22.54 -21.75 35.84
C LEU D 370 -23.01 -20.47 36.51
N PRO D 371 -22.97 -19.33 35.82
CA PRO D 371 -23.47 -18.09 36.42
C PRO D 371 -24.98 -18.11 36.59
N LEU D 372 -25.44 -17.50 37.67
CA LEU D 372 -26.86 -17.48 38.00
C LEU D 372 -27.59 -16.54 37.04
N GLY D 373 -28.24 -17.11 36.03
CA GLY D 373 -28.99 -16.31 35.07
C GLY D 373 -28.55 -16.50 33.64
N LEU D 374 -27.96 -17.65 33.33
CA LEU D 374 -27.49 -17.96 31.99
C LEU D 374 -28.53 -18.79 31.25
N ILE D 375 -28.34 -18.88 29.93
CA ILE D 375 -29.20 -19.67 29.06
C ILE D 375 -28.39 -20.87 28.59
N ALA D 376 -28.56 -22.00 29.28
CA ALA D 376 -27.85 -23.24 28.96
C ALA D 376 -28.88 -24.35 28.73
N HIS D 377 -29.15 -24.65 27.47
CA HIS D 377 -30.10 -25.68 27.10
C HIS D 377 -29.38 -26.98 26.76
N GLY D 378 -30.11 -28.08 26.86
CA GLY D 378 -29.55 -29.39 26.57
C GLY D 378 -30.51 -30.31 25.83
N LYS D 379 -30.00 -31.03 24.84
CA LYS D 379 -30.82 -31.96 24.07
C LYS D 379 -31.13 -33.19 24.93
N THR D 380 -32.42 -33.37 25.25
CA THR D 380 -32.82 -34.50 26.08
C THR D 380 -32.58 -35.83 25.37
N THR D 381 -32.72 -35.86 24.04
CA THR D 381 -32.51 -37.09 23.30
C THR D 381 -31.01 -37.31 23.07
N GLN D 382 -30.66 -38.56 22.81
CA GLN D 382 -29.27 -38.97 22.57
C GLN D 382 -29.10 -39.38 21.11
N SER D 383 -27.90 -39.87 20.80
CA SER D 383 -27.56 -40.33 19.45
C SER D 383 -27.57 -41.86 19.36
N VAL D 384 -28.49 -42.50 20.08
CA VAL D 384 -28.56 -43.96 20.08
C VAL D 384 -29.08 -44.43 18.73
N PHE D 385 -28.40 -45.43 18.15
CA PHE D 385 -28.81 -45.97 16.87
C PHE D 385 -30.12 -46.74 16.97
N GLU D 386 -30.36 -47.40 18.11
CA GLU D 386 -31.61 -48.13 18.29
C GLU D 386 -32.81 -47.19 18.28
N TYR D 387 -32.67 -46.02 18.91
CA TYR D 387 -33.75 -45.04 18.88
C TYR D 387 -34.00 -44.53 17.47
N TYR D 388 -32.94 -44.36 16.68
CA TYR D 388 -33.11 -43.94 15.30
C TYR D 388 -33.82 -45.01 14.47
N VAL D 389 -33.47 -46.27 14.69
CA VAL D 389 -34.14 -47.36 13.98
C VAL D 389 -35.61 -47.43 14.39
N GLN D 390 -35.90 -47.21 15.68
CA GLN D 390 -37.29 -47.22 16.13
C GLN D 390 -38.07 -46.07 15.51
N ASP D 391 -37.46 -44.88 15.42
CA ASP D 391 -38.12 -43.75 14.79
C ASP D 391 -38.37 -44.01 13.31
N ALA D 392 -37.40 -44.63 12.63
CA ALA D 392 -37.59 -44.97 11.22
C ALA D 392 -38.72 -45.98 11.04
N MET D 393 -38.79 -46.98 11.93
CA MET D 393 -39.87 -47.95 11.86
C MET D 393 -41.22 -47.30 12.10
N GLU D 394 -41.30 -46.38 13.07
CA GLU D 394 -42.55 -45.67 13.32
C GLU D 394 -42.95 -44.80 12.13
N LEU D 395 -41.97 -44.18 11.47
CA LEU D 395 -42.27 -43.37 10.30
C LEU D 395 -42.77 -44.23 9.15
N VAL D 396 -42.15 -45.40 8.94
CA VAL D 396 -42.62 -46.32 7.91
C VAL D 396 -44.03 -46.81 8.22
N ALA D 397 -44.30 -47.09 9.50
CA ALA D 397 -45.63 -47.53 9.89
C ALA D 397 -46.67 -46.45 9.64
N ARG D 398 -46.35 -45.20 9.98
CA ARG D 398 -47.27 -44.10 9.74
C ARG D 398 -47.49 -43.89 8.24
N ALA D 399 -46.43 -44.03 7.43
CA ALA D 399 -46.58 -43.90 5.99
C ALA D 399 -47.47 -44.99 5.42
N VAL D 400 -47.29 -46.23 5.88
CA VAL D 400 -48.13 -47.33 5.41
C VAL D 400 -49.58 -47.12 5.84
N ALA D 401 -49.79 -46.64 7.07
CA ALA D 401 -51.15 -46.36 7.53
C ALA D 401 -51.81 -45.28 6.69
N THR D 402 -51.08 -44.20 6.38
CA THR D 402 -51.63 -43.14 5.54
C THR D 402 -51.94 -43.65 4.14
N ALA D 403 -51.06 -44.49 3.58
CA ALA D 403 -51.30 -45.05 2.27
C ALA D 403 -52.54 -45.93 2.26
N THR D 404 -52.72 -46.75 3.30
CA THR D 404 -53.90 -47.59 3.39
C THR D 404 -55.18 -46.76 3.57
N MET D 405 -55.08 -45.66 4.32
CA MET D 405 -56.22 -44.78 4.49
C MET D 405 -56.59 -44.07 3.19
N ILE D 406 -55.59 -43.76 2.36
CA ILE D 406 -55.88 -43.11 1.07
C ILE D 406 -56.47 -44.12 0.09
N GLN D 407 -55.79 -45.25 -0.10
CA GLN D 407 -56.25 -46.28 -1.02
C GLN D 407 -55.91 -47.64 -0.42
N PRO D 408 -56.88 -48.54 -0.30
CA PRO D 408 -56.59 -49.86 0.30
C PRO D 408 -55.67 -50.72 -0.55
N GLU D 409 -55.67 -50.53 -1.87
CA GLU D 409 -54.80 -51.28 -2.77
C GLU D 409 -53.53 -50.51 -3.12
N LEU D 410 -53.09 -49.63 -2.24
CA LEU D 410 -51.89 -48.82 -2.48
C LEU D 410 -50.67 -49.38 -1.76
N ALA D 411 -50.77 -49.56 -0.44
CA ALA D 411 -49.64 -50.08 0.33
C ALA D 411 -49.50 -51.59 0.20
N LEU D 412 -50.62 -52.30 0.07
CA LEU D 412 -50.55 -53.76 -0.06
C LEU D 412 -50.00 -54.18 -1.43
N LEU D 413 -50.18 -53.34 -2.44
CA LEU D 413 -49.67 -53.66 -3.77
C LEU D 413 -48.17 -53.46 -3.81
N PRO D 414 -47.39 -54.49 -4.09
CA PRO D 414 -45.93 -54.32 -4.15
C PRO D 414 -45.51 -53.49 -5.36
N SER D 415 -44.52 -52.63 -5.15
CA SER D 415 -44.04 -51.78 -6.24
C SER D 415 -43.30 -52.59 -7.29
N THR D 416 -42.56 -53.60 -6.87
CA THR D 416 -41.79 -54.44 -7.79
C THR D 416 -41.82 -55.89 -7.30
N MET D 417 -41.64 -56.81 -8.23
CA MET D 417 -41.61 -58.24 -7.91
C MET D 417 -40.39 -58.97 -8.44
N ASN D 418 -39.52 -58.31 -9.20
CA ASN D 418 -38.28 -58.89 -9.69
C ASN D 418 -37.13 -57.92 -9.45
N CYS D 419 -35.92 -58.34 -9.80
CA CYS D 419 -34.74 -57.50 -9.66
C CYS D 419 -34.67 -56.40 -10.71
N MET D 420 -35.58 -56.38 -11.68
CA MET D 420 -35.57 -55.36 -12.72
C MET D 420 -36.93 -54.74 -12.99
N ASP D 421 -37.99 -55.17 -12.31
CA ASP D 421 -39.32 -54.61 -12.54
C ASP D 421 -39.43 -53.24 -11.91
N VAL D 422 -40.02 -52.29 -12.64
CA VAL D 422 -40.22 -50.94 -12.17
C VAL D 422 -41.70 -50.58 -12.35
N LYS D 423 -42.25 -49.86 -11.38
CA LYS D 423 -43.65 -49.45 -11.41
C LYS D 423 -43.75 -48.10 -12.10
N THR D 424 -44.09 -48.11 -13.39
CA THR D 424 -44.24 -46.90 -14.19
C THR D 424 -45.65 -46.82 -14.79
N THR D 425 -46.66 -47.15 -14.00
CA THR D 425 -48.03 -47.12 -14.46
C THR D 425 -48.68 -45.78 -14.12
N ASN D 426 -49.96 -45.64 -14.47
CA ASN D 426 -50.67 -44.40 -14.19
C ASN D 426 -50.96 -44.24 -12.70
N LEU D 427 -51.11 -45.35 -11.98
CA LEU D 427 -51.36 -45.35 -10.54
C LEU D 427 -50.25 -46.16 -9.87
N THR D 428 -49.17 -45.46 -9.51
CA THR D 428 -48.03 -46.10 -8.87
C THR D 428 -48.24 -46.16 -7.36
N SER D 429 -47.21 -46.61 -6.64
CA SER D 429 -47.28 -46.71 -5.19
C SER D 429 -46.11 -45.99 -4.53
N GLY D 430 -44.96 -46.00 -5.20
CA GLY D 430 -43.77 -45.39 -4.62
C GLY D 430 -43.89 -43.89 -4.46
N GLN D 431 -44.43 -43.21 -5.49
CA GLN D 431 -44.59 -41.76 -5.40
C GLN D 431 -45.57 -41.38 -4.30
N TYR D 432 -46.69 -42.10 -4.20
CA TYR D 432 -47.65 -41.82 -3.14
C TYR D 432 -47.05 -42.07 -1.77
N LEU D 433 -46.29 -43.16 -1.63
CA LEU D 433 -45.67 -43.48 -0.34
C LEU D 433 -44.62 -42.43 0.04
N SER D 434 -43.92 -41.88 -0.95
CA SER D 434 -42.91 -40.87 -0.67
C SER D 434 -43.49 -39.48 -0.50
N ARG D 435 -44.73 -39.25 -0.96
CA ARG D 435 -45.35 -37.94 -0.80
C ARG D 435 -46.33 -37.86 0.36
N PHE D 436 -46.80 -39.01 0.88
CA PHE D 436 -47.77 -38.95 1.98
C PHE D 436 -47.10 -38.73 3.33
N LEU D 437 -45.94 -39.36 3.56
CA LEU D 437 -45.27 -39.21 4.85
C LEU D 437 -44.66 -37.83 5.02
N ALA D 438 -44.48 -37.07 3.94
CA ALA D 438 -43.93 -35.73 4.05
C ALA D 438 -44.92 -34.72 4.60
N ASN D 439 -46.22 -35.01 4.52
CA ASN D 439 -47.24 -34.10 5.03
C ASN D 439 -47.61 -34.41 6.48
N THR D 440 -47.99 -35.66 6.76
CA THR D 440 -48.40 -36.07 8.10
C THR D 440 -47.14 -36.37 8.91
N THR D 441 -46.50 -35.30 9.40
CA THR D 441 -45.29 -35.42 10.21
C THR D 441 -45.69 -35.49 11.68
N PHE D 442 -45.29 -36.57 12.35
CA PHE D 442 -45.58 -36.81 13.75
C PHE D 442 -44.34 -36.55 14.59
N ARG D 443 -44.47 -36.80 15.89
CA ARG D 443 -43.38 -36.62 16.85
C ARG D 443 -42.86 -37.99 17.23
N GLY D 444 -41.63 -38.30 16.81
CA GLY D 444 -41.02 -39.58 17.10
C GLY D 444 -40.53 -39.67 18.53
N LEU D 445 -39.90 -40.81 18.83
CA LEU D 445 -39.36 -41.03 20.17
C LEU D 445 -38.14 -40.15 20.42
N SER D 446 -37.10 -40.31 19.61
CA SER D 446 -35.87 -39.53 19.75
C SER D 446 -35.92 -38.32 18.82
N GLY D 447 -36.83 -37.42 19.13
CA GLY D 447 -37.01 -36.21 18.34
C GLY D 447 -38.19 -36.32 17.39
N SER D 448 -38.81 -35.17 17.13
CA SER D 448 -39.96 -35.12 16.23
C SER D 448 -39.51 -35.33 14.79
N ILE D 449 -40.06 -36.36 14.14
CA ILE D 449 -39.71 -36.66 12.76
C ILE D 449 -40.41 -35.65 11.86
N LYS D 450 -39.63 -34.74 11.27
CA LYS D 450 -40.15 -33.70 10.38
C LYS D 450 -39.50 -33.90 9.01
N VAL D 451 -40.27 -34.38 8.05
CA VAL D 451 -39.75 -34.62 6.71
C VAL D 451 -39.56 -33.30 5.99
N LYS D 452 -38.31 -33.00 5.62
CA LYS D 452 -37.98 -31.78 4.89
C LYS D 452 -37.79 -32.13 3.42
N GLY D 453 -38.91 -32.20 2.70
CA GLY D 453 -38.87 -32.47 1.28
C GLY D 453 -38.35 -33.84 0.90
N SER D 454 -38.26 -34.77 1.86
CA SER D 454 -37.80 -36.13 1.65
C SER D 454 -36.37 -36.18 1.10
N THR D 455 -35.61 -35.11 1.26
CA THR D 455 -34.23 -35.05 0.78
C THR D 455 -33.25 -34.65 1.87
N ILE D 456 -33.63 -33.73 2.76
CA ILE D 456 -32.76 -33.25 3.82
C ILE D 456 -33.41 -33.51 5.17
N ILE D 457 -34.14 -34.62 5.26
CA ILE D 457 -34.86 -35.00 6.49
C ILE D 457 -33.93 -34.99 7.69
N SER D 458 -34.31 -34.24 8.71
CA SER D 458 -33.54 -34.15 9.96
C SER D 458 -34.51 -34.09 11.12
N SER D 459 -34.44 -35.07 12.01
CA SER D 459 -35.34 -35.14 13.15
C SER D 459 -35.04 -33.99 14.12
N GLU D 460 -36.02 -33.10 14.29
CA GLU D 460 -35.87 -31.98 15.20
C GLU D 460 -36.11 -32.46 16.63
N ASN D 461 -35.05 -32.47 17.43
CA ASN D 461 -35.16 -32.94 18.81
C ASN D 461 -35.92 -31.94 19.66
N ASN D 462 -36.63 -32.46 20.66
CA ASN D 462 -37.40 -31.62 21.57
C ASN D 462 -36.49 -31.03 22.64
N PHE D 463 -36.59 -29.72 22.83
CA PHE D 463 -35.77 -29.01 23.81
C PHE D 463 -36.63 -28.48 24.96
N PHE D 464 -35.95 -27.97 25.98
CA PHE D 464 -36.60 -27.39 27.14
C PHE D 464 -35.78 -26.18 27.59
N ILE D 465 -36.47 -25.07 27.86
CA ILE D 465 -35.79 -23.85 28.30
C ILE D 465 -35.34 -24.01 29.75
N TRP D 466 -34.05 -24.21 29.95
CA TRP D 466 -33.46 -24.38 31.27
C TRP D 466 -32.59 -23.17 31.56
N ASN D 467 -33.18 -22.13 32.13
CA ASN D 467 -32.48 -20.90 32.48
C ASN D 467 -32.17 -20.95 33.97
N LEU D 468 -30.92 -21.28 34.30
CA LEU D 468 -30.51 -21.40 35.70
C LEU D 468 -30.36 -20.01 36.33
N GLN D 469 -31.42 -19.53 36.98
CA GLN D 469 -31.41 -18.23 37.63
C GLN D 469 -30.86 -18.36 39.05
N HIS D 470 -31.01 -17.31 39.84
CA HIS D 470 -30.52 -17.30 41.22
C HIS D 470 -31.41 -18.22 42.05
N ASP D 471 -30.87 -19.38 42.44
CA ASP D 471 -31.63 -20.33 43.24
C ASP D 471 -31.71 -19.84 44.68
N PRO D 472 -32.91 -19.64 45.23
CA PRO D 472 -32.99 -19.16 46.63
C PRO D 472 -32.50 -20.20 47.63
N MET D 473 -32.75 -21.49 47.37
CA MET D 473 -32.34 -22.52 48.31
C MET D 473 -30.83 -22.75 48.31
N GLY D 474 -30.15 -22.41 47.23
CA GLY D 474 -28.72 -22.57 47.14
C GLY D 474 -28.24 -23.78 46.36
N LYS D 475 -29.13 -24.49 45.67
CA LYS D 475 -28.76 -25.64 44.87
C LYS D 475 -29.02 -25.35 43.40
N PRO D 476 -28.02 -25.44 42.53
CA PRO D 476 -28.22 -25.13 41.11
C PRO D 476 -29.09 -26.18 40.44
N MET D 477 -30.27 -25.76 40.00
CA MET D 477 -31.21 -26.65 39.32
C MET D 477 -31.68 -25.99 38.03
N TRP D 478 -31.93 -26.82 37.02
CA TRP D 478 -32.38 -26.35 35.71
C TRP D 478 -33.85 -25.98 35.80
N THR D 479 -34.11 -24.69 36.03
CA THR D 479 -35.48 -24.21 36.12
C THR D 479 -36.12 -24.17 34.73
N ARG D 480 -37.32 -24.75 34.63
CA ARG D 480 -38.05 -24.79 33.36
C ARG D 480 -38.95 -23.57 33.26
N LEU D 481 -38.35 -22.46 32.84
CA LEU D 481 -39.11 -21.22 32.69
C LEU D 481 -39.99 -21.24 31.44
N GLY D 482 -39.60 -22.01 30.43
CA GLY D 482 -40.37 -22.10 29.21
C GLY D 482 -40.47 -23.50 28.65
N SER D 483 -40.85 -23.63 27.39
CA SER D 483 -40.98 -24.93 26.75
C SER D 483 -40.68 -24.78 25.26
N TRP D 484 -40.53 -25.93 24.59
CA TRP D 484 -40.24 -25.96 23.16
C TRP D 484 -40.87 -27.21 22.58
N GLN D 485 -42.01 -27.05 21.89
CA GLN D 485 -42.72 -28.15 21.26
C GLN D 485 -42.56 -28.15 19.74
N GLY D 486 -41.40 -27.73 19.26
CA GLY D 486 -41.14 -27.71 17.83
C GLY D 486 -41.49 -26.40 17.17
N GLY D 487 -41.13 -25.29 17.81
CA GLY D 487 -41.39 -23.97 17.25
C GLY D 487 -42.15 -23.06 18.19
N ARG D 488 -43.08 -23.62 18.95
CA ARG D 488 -43.87 -22.85 19.89
C ARG D 488 -43.25 -22.87 21.28
N ILE D 489 -43.45 -21.78 22.01
CA ILE D 489 -42.92 -21.62 23.37
C ILE D 489 -44.07 -21.18 24.26
N VAL D 490 -44.43 -22.02 25.23
CA VAL D 490 -45.52 -21.74 26.16
C VAL D 490 -44.87 -21.23 27.44
N MET D 491 -44.88 -19.92 27.64
CA MET D 491 -44.29 -19.33 28.83
C MET D 491 -45.16 -19.59 30.05
N ASP D 492 -44.57 -19.42 31.22
CA ASP D 492 -45.23 -19.62 32.50
C ASP D 492 -45.40 -18.27 33.18
N SER D 493 -46.63 -17.78 33.25
CA SER D 493 -46.90 -16.50 33.89
C SER D 493 -46.74 -16.62 35.41
N GLY D 494 -45.92 -15.75 35.98
CA GLY D 494 -45.68 -15.77 37.42
C GLY D 494 -44.27 -16.23 37.77
N ILE D 495 -43.76 -17.21 37.03
CA ILE D 495 -42.42 -17.72 37.28
C ILE D 495 -41.36 -16.94 36.51
N TRP D 496 -41.72 -16.39 35.36
CA TRP D 496 -40.75 -15.63 34.57
C TRP D 496 -40.37 -14.35 35.31
N PRO D 497 -39.07 -14.02 35.37
CA PRO D 497 -38.67 -12.84 36.16
C PRO D 497 -39.07 -11.52 35.54
N GLU D 498 -38.96 -11.39 34.21
CA GLU D 498 -39.29 -10.12 33.57
C GLU D 498 -40.78 -9.80 33.68
N GLN D 499 -41.64 -10.82 33.55
CA GLN D 499 -43.07 -10.59 33.65
C GLN D 499 -43.51 -10.33 35.08
N ALA D 500 -42.77 -10.86 36.06
CA ALA D 500 -43.12 -10.69 37.46
C ALA D 500 -42.47 -9.47 38.10
N GLN D 501 -41.47 -8.87 37.45
CA GLN D 501 -40.78 -7.71 38.00
C GLN D 501 -41.67 -6.47 37.83
N ARG D 502 -42.62 -6.34 38.77
CA ARG D 502 -43.53 -5.21 38.79
C ARG D 502 -43.36 -4.35 40.04
N HIS D 503 -43.38 -4.98 41.22
CA HIS D 503 -43.17 -4.27 42.47
C HIS D 503 -41.96 -4.78 43.25
N LYS D 504 -41.25 -5.79 42.74
CA LYS D 504 -40.10 -6.36 43.43
C LYS D 504 -38.89 -6.37 42.51
N THR D 505 -37.81 -7.02 42.93
CA THR D 505 -36.60 -7.10 42.13
C THR D 505 -36.81 -8.02 40.94
N HIS D 506 -35.73 -8.20 40.15
CA HIS D 506 -35.79 -9.02 38.95
C HIS D 506 -36.13 -10.47 39.28
N PHE D 507 -35.23 -11.15 39.99
CA PHE D 507 -35.50 -12.53 40.42
C PHE D 507 -34.66 -12.79 41.67
N GLN D 508 -35.30 -12.68 42.83
CA GLN D 508 -34.65 -12.92 44.12
C GLN D 508 -33.34 -12.14 44.25
N HIS D 509 -33.35 -10.90 43.79
CA HIS D 509 -32.16 -10.06 43.83
C HIS D 509 -32.12 -9.28 45.15
N PRO D 510 -30.95 -9.20 45.78
CA PRO D 510 -30.84 -8.43 47.03
C PRO D 510 -31.13 -6.95 46.79
N ASN D 511 -32.16 -6.45 47.47
CA ASN D 511 -32.59 -5.07 47.28
C ASN D 511 -31.59 -4.11 47.93
N LYS D 512 -31.89 -2.82 47.84
CA LYS D 512 -31.03 -1.80 48.40
C LYS D 512 -31.01 -1.88 49.91
N LEU D 513 -29.81 -1.82 50.49
CA LEU D 513 -29.68 -1.87 51.94
C LEU D 513 -30.24 -0.60 52.58
N HIS D 514 -31.18 -0.77 53.50
CA HIS D 514 -31.81 0.38 54.14
C HIS D 514 -30.85 1.03 55.12
N LEU D 515 -30.47 2.27 54.84
CA LEU D 515 -29.57 3.03 55.69
C LEU D 515 -30.27 4.31 56.16
N ARG D 516 -29.71 4.91 57.22
CA ARG D 516 -30.26 6.12 57.83
C ARG D 516 -29.32 7.28 57.51
N VAL D 517 -29.66 8.05 56.48
CA VAL D 517 -28.90 9.23 56.09
C VAL D 517 -29.64 10.47 56.55
N VAL D 518 -28.89 11.46 57.03
CA VAL D 518 -29.46 12.70 57.54
C VAL D 518 -28.84 13.87 56.80
N THR D 519 -29.62 14.93 56.62
CA THR D 519 -29.18 16.14 55.94
C THR D 519 -29.60 17.36 56.74
N LEU D 520 -29.10 18.51 56.31
CA LEU D 520 -29.37 19.79 56.95
C LEU D 520 -30.53 20.49 56.24
N ILE D 521 -30.78 21.75 56.62
CA ILE D 521 -31.87 22.53 56.06
C ILE D 521 -31.33 23.69 55.20
N GLU D 522 -30.06 23.64 54.81
CA GLU D 522 -29.48 24.71 54.03
C GLU D 522 -30.04 24.71 52.61
N HIS D 523 -30.61 25.83 52.20
CA HIS D 523 -31.24 25.99 50.89
C HIS D 523 -30.26 25.80 49.73
N PRO D 524 -29.04 26.36 49.78
CA PRO D 524 -28.10 26.12 48.67
C PRO D 524 -27.80 24.65 48.42
N PHE D 525 -27.91 23.80 49.44
CA PHE D 525 -27.70 22.37 49.28
C PHE D 525 -29.00 21.59 49.10
N VAL D 526 -30.04 21.93 49.85
CA VAL D 526 -31.35 21.29 49.73
C VAL D 526 -32.41 22.37 49.85
N PHE D 527 -33.09 22.67 48.75
CA PHE D 527 -34.14 23.69 48.74
C PHE D 527 -35.42 23.09 49.29
N THR D 528 -35.79 23.50 50.51
CA THR D 528 -37.01 23.02 51.13
C THR D 528 -38.22 23.70 50.50
N ARG D 529 -39.10 22.92 49.89
CA ARG D 529 -40.30 23.45 49.24
C ARG D 529 -41.47 22.55 49.63
N GLU D 530 -42.61 22.78 48.98
CA GLU D 530 -43.82 22.01 49.22
C GLU D 530 -44.02 20.95 48.15
N VAL D 531 -45.03 20.11 48.38
CA VAL D 531 -45.34 19.03 47.46
C VAL D 531 -46.58 19.40 46.66
N ASP D 532 -46.84 18.65 45.59
CA ASP D 532 -48.01 18.88 44.75
C ASP D 532 -49.22 18.15 45.35
N ASP D 533 -50.30 18.07 44.57
CA ASP D 533 -51.53 17.44 45.06
C ASP D 533 -51.40 15.92 45.13
N GLU D 534 -50.45 15.33 44.41
CA GLU D 534 -50.28 13.88 44.43
C GLU D 534 -49.38 13.40 45.57
N GLY D 535 -48.60 14.30 46.17
CA GLY D 535 -47.73 13.91 47.26
C GLY D 535 -46.41 13.30 46.85
N LEU D 536 -45.88 13.71 45.70
CA LEU D 536 -44.61 13.19 45.20
C LEU D 536 -43.72 14.36 44.78
N CYS D 537 -42.46 14.05 44.51
CA CYS D 537 -41.48 15.04 44.07
C CYS D 537 -40.88 14.61 42.73
N PRO D 538 -41.34 15.18 41.62
CA PRO D 538 -40.76 14.78 40.32
C PRO D 538 -39.31 15.16 40.16
N ALA D 539 -38.92 16.35 40.60
CA ALA D 539 -37.54 16.80 40.48
C ALA D 539 -36.73 16.55 41.74
N GLY D 540 -37.33 16.74 42.91
CA GLY D 540 -36.65 16.55 44.18
C GLY D 540 -36.81 15.14 44.72
N GLN D 541 -36.43 15.00 45.99
CA GLN D 541 -36.50 13.72 46.70
C GLN D 541 -37.55 13.80 47.80
N LEU D 542 -38.13 12.64 48.13
CA LEU D 542 -39.17 12.55 49.16
C LEU D 542 -38.51 12.65 50.54
N CYS D 543 -38.16 13.89 50.91
CA CYS D 543 -37.57 14.18 52.20
C CYS D 543 -38.64 14.61 53.18
N LEU D 544 -38.57 14.09 54.40
CA LEU D 544 -39.55 14.35 55.44
C LEU D 544 -38.92 15.15 56.58
N ASP D 545 -39.65 16.12 57.09
CA ASP D 545 -39.20 16.96 58.20
C ASP D 545 -40.22 16.91 59.32
N PRO D 546 -39.89 16.32 60.47
CA PRO D 546 -40.84 16.27 61.60
C PRO D 546 -40.78 17.45 62.55
N MET D 547 -39.96 18.47 62.26
CA MET D 547 -39.78 19.64 63.11
C MET D 547 -39.28 19.28 64.50
N THR D 548 -38.64 18.12 64.65
CA THR D 548 -38.12 17.70 65.95
C THR D 548 -37.00 16.69 65.72
N ASN D 549 -35.97 16.76 66.56
CA ASN D 549 -34.83 15.84 66.49
C ASN D 549 -35.03 14.70 67.50
N ASP D 550 -36.02 13.86 67.19
CA ASP D 550 -36.36 12.72 68.02
C ASP D 550 -36.00 11.42 67.30
N SER D 551 -35.40 10.49 68.04
CA SER D 551 -35.01 9.22 67.44
C SER D 551 -36.24 8.36 67.13
N SER D 552 -37.21 8.33 68.03
CA SER D 552 -38.42 7.55 67.80
C SER D 552 -39.21 8.09 66.62
N MET D 553 -39.21 9.42 66.44
CA MET D 553 -39.93 10.02 65.33
C MET D 553 -39.34 9.59 63.99
N LEU D 554 -38.02 9.68 63.85
CA LEU D 554 -37.38 9.27 62.61
C LEU D 554 -37.47 7.76 62.41
N ASP D 555 -37.44 6.98 63.49
CA ASP D 555 -37.65 5.54 63.38
C ASP D 555 -39.03 5.23 62.82
N ARG D 556 -40.05 5.91 63.33
CA ARG D 556 -41.40 5.70 62.82
C ARG D 556 -41.52 6.17 61.37
N LEU D 557 -40.85 7.27 61.02
CA LEU D 557 -40.89 7.75 59.65
C LEU D 557 -40.25 6.74 58.69
N PHE D 558 -39.11 6.17 59.08
CA PHE D 558 -38.47 5.17 58.24
C PHE D 558 -39.29 3.88 58.17
N SER D 559 -39.97 3.52 59.27
CA SER D 559 -40.83 2.34 59.23
C SER D 559 -42.03 2.55 58.32
N SER D 560 -42.58 3.77 58.31
CA SER D 560 -43.71 4.06 57.44
C SER D 560 -43.29 4.21 55.98
N LEU D 561 -42.07 4.68 55.74
CA LEU D 561 -41.61 4.85 54.36
C LEU D 561 -41.32 3.52 53.69
N HIS D 562 -40.82 2.54 54.43
CA HIS D 562 -40.54 1.23 53.85
C HIS D 562 -41.81 0.51 53.45
N SER D 563 -42.86 0.61 54.26
CA SER D 563 -44.13 -0.04 53.96
C SER D 563 -44.97 0.84 53.04
N SER D 564 -46.11 0.30 52.62
CA SER D 564 -47.03 0.99 51.72
C SER D 564 -48.22 1.60 52.45
N ASN D 565 -48.02 2.08 53.67
CA ASN D 565 -49.12 2.68 54.42
C ASN D 565 -49.38 4.12 53.98
N ASP D 566 -48.32 4.89 53.76
CA ASP D 566 -48.41 6.29 53.32
C ASP D 566 -49.28 7.12 54.28
N THR D 567 -48.91 7.08 55.55
CA THR D 567 -49.60 7.83 56.59
C THR D 567 -48.98 9.18 56.86
N VAL D 568 -47.95 9.57 56.10
CA VAL D 568 -47.31 10.87 56.30
C VAL D 568 -48.25 11.96 55.81
N PRO D 569 -48.48 13.02 56.60
CA PRO D 569 -49.38 14.09 56.16
C PRO D 569 -48.83 14.83 54.94
N ILE D 570 -49.68 15.69 54.37
CA ILE D 570 -49.31 16.41 53.16
C ILE D 570 -48.26 17.48 53.48
N LYS D 571 -48.54 18.31 54.49
CA LYS D 571 -47.62 19.39 54.84
C LYS D 571 -46.32 18.90 55.46
N PHE D 572 -46.25 17.63 55.88
CA PHE D 572 -45.01 17.09 56.39
C PHE D 572 -44.06 16.65 55.28
N LYS D 573 -44.60 16.29 54.11
CA LYS D 573 -43.77 15.88 52.99
C LYS D 573 -43.13 17.09 52.34
N LYS D 574 -41.83 16.99 52.07
CA LYS D 574 -41.07 18.05 51.42
C LYS D 574 -40.35 17.49 50.19
N CYS D 575 -39.86 18.39 49.35
CA CYS D 575 -39.13 18.04 48.14
C CYS D 575 -37.76 18.71 48.20
N CYS D 576 -36.73 17.91 48.47
CA CYS D 576 -35.36 18.39 48.56
C CYS D 576 -34.62 18.12 47.26
N TYR D 577 -33.96 19.14 46.73
CA TYR D 577 -33.19 19.00 45.51
C TYR D 577 -31.97 19.93 45.58
N GLY D 578 -30.86 19.46 45.03
CA GLY D 578 -29.64 20.25 45.05
C GLY D 578 -28.43 19.34 44.88
N TYR D 579 -27.29 19.82 45.40
CA TYR D 579 -26.05 19.07 45.28
C TYR D 579 -26.07 17.82 46.14
N CYS D 580 -26.59 17.92 47.35
CA CYS D 580 -26.62 16.76 48.24
C CYS D 580 -27.53 15.66 47.69
N ILE D 581 -28.68 16.05 47.14
CA ILE D 581 -29.59 15.05 46.58
C ILE D 581 -28.97 14.35 45.38
N ASP D 582 -28.31 15.11 44.50
CA ASP D 582 -27.66 14.50 43.35
C ASP D 582 -26.51 13.59 43.78
N LEU D 583 -25.74 13.99 44.79
CA LEU D 583 -24.66 13.15 45.28
C LEU D 583 -25.21 11.86 45.88
N LEU D 584 -26.30 11.96 46.66
CA LEU D 584 -26.90 10.76 47.24
C LEU D 584 -27.45 9.84 46.16
N GLU D 585 -28.06 10.42 45.11
CA GLU D 585 -28.57 9.59 44.02
C GLU D 585 -27.43 8.89 43.28
N GLN D 586 -26.33 9.61 43.05
CA GLN D 586 -25.18 8.99 42.38
C GLN D 586 -24.59 7.88 43.23
N LEU D 587 -24.49 8.09 44.56
CA LEU D 587 -23.98 7.05 45.44
C LEU D 587 -24.91 5.84 45.45
N ALA D 588 -26.22 6.07 45.43
CA ALA D 588 -27.16 4.95 45.41
C ALA D 588 -27.08 4.19 44.09
N GLU D 589 -26.83 4.89 42.99
CA GLU D 589 -26.72 4.22 41.70
C GLU D 589 -25.39 3.47 41.56
N ASP D 590 -24.33 3.97 42.20
CA ASP D 590 -23.02 3.35 42.07
C ASP D 590 -22.69 2.36 43.19
N MET D 591 -23.53 2.27 44.22
CA MET D 591 -23.29 1.33 45.31
C MET D 591 -24.49 0.47 45.67
N ASN D 592 -25.66 0.74 45.10
CA ASN D 592 -26.87 -0.07 45.31
C ASN D 592 -27.25 -0.11 46.80
N PHE D 593 -27.57 1.06 47.33
CA PHE D 593 -28.07 1.17 48.69
C PHE D 593 -29.24 2.14 48.71
N ASP D 594 -30.08 2.01 49.74
CA ASP D 594 -31.30 2.80 49.81
C ASP D 594 -30.97 4.26 50.09
N PHE D 595 -31.51 5.16 49.26
CA PHE D 595 -31.25 6.59 49.36
C PHE D 595 -32.29 7.34 50.18
N ASP D 596 -32.91 6.67 51.15
CA ASP D 596 -33.90 7.34 52.00
C ASP D 596 -33.22 8.43 52.83
N LEU D 597 -33.65 9.67 52.64
CA LEU D 597 -33.07 10.82 53.31
C LEU D 597 -34.18 11.60 54.01
N TYR D 598 -33.99 11.86 55.30
CA TYR D 598 -34.94 12.64 56.08
C TYR D 598 -34.30 13.94 56.54
N ILE D 599 -35.14 14.92 56.86
CA ILE D 599 -34.68 16.23 57.32
C ILE D 599 -34.62 16.22 58.84
N VAL D 600 -33.48 16.66 59.39
CA VAL D 600 -33.34 16.73 60.84
C VAL D 600 -34.19 17.86 61.39
N GLY D 601 -34.70 17.67 62.61
CA GLY D 601 -35.59 18.67 63.19
C GLY D 601 -34.89 19.99 63.50
N ASP D 602 -33.68 19.91 64.06
CA ASP D 602 -32.96 21.13 64.43
C ASP D 602 -32.51 21.89 63.18
N GLY D 603 -31.81 21.21 62.27
CA GLY D 603 -31.35 21.85 61.06
C GLY D 603 -29.98 22.49 61.15
N LYS D 604 -29.15 22.06 62.09
CA LYS D 604 -27.81 22.63 62.24
C LYS D 604 -26.77 21.52 62.37
N TYR D 605 -25.51 21.90 62.59
CA TYR D 605 -24.44 20.92 62.75
C TYR D 605 -24.49 20.27 64.13
N GLY D 606 -24.34 21.08 65.18
CA GLY D 606 -24.36 20.57 66.53
C GLY D 606 -23.02 20.65 67.23
N ALA D 607 -22.86 21.63 68.11
CA ALA D 607 -21.62 21.82 68.85
C ALA D 607 -21.74 21.22 70.25
N TRP D 608 -20.68 21.37 71.04
CA TRP D 608 -20.66 20.86 72.40
C TRP D 608 -21.57 21.73 73.28
N LYS D 609 -22.73 21.19 73.65
CA LYS D 609 -23.70 21.91 74.46
C LYS D 609 -24.17 21.00 75.58
N ASN D 610 -24.23 21.55 76.80
CA ASN D 610 -24.70 20.83 77.98
C ASN D 610 -23.89 19.57 78.22
N GLY D 611 -22.59 19.63 77.92
CA GLY D 611 -21.71 18.51 78.15
C GLY D 611 -21.94 17.31 77.24
N HIS D 612 -22.61 17.52 76.11
CA HIS D 612 -22.85 16.43 75.17
C HIS D 612 -22.90 17.02 73.76
N TRP D 613 -23.33 16.21 72.80
CA TRP D 613 -23.41 16.61 71.40
C TRP D 613 -24.85 16.62 70.94
N THR D 614 -25.18 17.60 70.10
CA THR D 614 -26.51 17.74 69.53
C THR D 614 -26.42 17.76 68.00
N GLY D 615 -27.55 17.99 67.36
CA GLY D 615 -27.56 18.07 65.90
C GLY D 615 -27.30 16.71 65.28
N LEU D 616 -26.30 16.66 64.40
CA LEU D 616 -25.95 15.43 63.70
C LEU D 616 -25.01 14.55 64.51
N VAL D 617 -24.12 15.14 65.31
CA VAL D 617 -23.18 14.35 66.09
C VAL D 617 -23.92 13.51 67.12
N GLY D 618 -24.97 14.07 67.73
CA GLY D 618 -25.75 13.31 68.69
C GLY D 618 -26.45 12.12 68.05
N ASP D 619 -27.02 12.33 66.85
CA ASP D 619 -27.67 11.22 66.15
C ASP D 619 -26.67 10.17 65.69
N LEU D 620 -25.45 10.59 65.36
CA LEU D 620 -24.43 9.62 64.95
C LEU D 620 -23.93 8.82 66.16
N LEU D 621 -23.81 9.47 67.31
CA LEU D 621 -23.37 8.76 68.51
C LEU D 621 -24.46 7.87 69.10
N SER D 622 -25.74 8.23 68.90
CA SER D 622 -26.82 7.42 69.43
C SER D 622 -26.93 6.08 68.69
N GLY D 623 -26.50 6.03 67.43
CA GLY D 623 -26.54 4.81 66.66
C GLY D 623 -27.67 4.76 65.64
N THR D 624 -28.54 5.76 65.61
CA THR D 624 -29.66 5.75 64.67
C THR D 624 -29.16 6.03 63.24
N ALA D 625 -28.53 7.19 63.05
CA ALA D 625 -28.05 7.56 61.72
C ALA D 625 -26.83 6.72 61.35
N ASN D 626 -26.83 6.19 60.13
CA ASN D 626 -25.73 5.38 59.63
C ASN D 626 -24.75 6.14 58.76
N MET D 627 -25.22 7.12 57.99
CA MET D 627 -24.36 7.92 57.14
C MET D 627 -24.72 9.39 57.29
N ALA D 628 -23.74 10.25 57.02
CA ALA D 628 -23.89 11.69 57.13
C ALA D 628 -23.32 12.38 55.90
N VAL D 629 -23.72 11.92 54.72
CA VAL D 629 -23.21 12.46 53.47
C VAL D 629 -23.93 13.76 53.14
N THR D 630 -23.37 14.87 53.59
CA THR D 630 -23.93 16.21 53.38
C THR D 630 -22.84 17.21 53.75
N SER D 631 -23.21 18.49 53.79
CA SER D 631 -22.28 19.54 54.20
C SER D 631 -22.01 19.40 55.69
N PHE D 632 -20.79 18.99 56.04
CA PHE D 632 -20.41 18.79 57.45
C PHE D 632 -18.93 19.15 57.58
N SER D 633 -18.67 20.30 58.20
CA SER D 633 -17.30 20.74 58.39
C SER D 633 -16.62 19.92 59.50
N ILE D 634 -15.35 19.60 59.28
CA ILE D 634 -14.58 18.81 60.24
C ILE D 634 -13.97 19.76 61.26
N ASN D 635 -14.40 19.64 62.52
CA ASN D 635 -13.88 20.44 63.61
C ASN D 635 -12.80 19.69 64.37
N THR D 636 -12.06 20.43 65.20
CA THR D 636 -10.96 19.84 65.96
C THR D 636 -11.47 18.78 66.93
N ALA D 637 -12.31 19.19 67.89
CA ALA D 637 -12.81 18.28 68.91
C ALA D 637 -14.01 17.47 68.45
N ARG D 638 -14.44 17.62 67.20
CA ARG D 638 -15.59 16.88 66.69
C ARG D 638 -15.21 15.64 65.90
N SER D 639 -14.02 15.62 65.30
CA SER D 639 -13.56 14.48 64.53
C SER D 639 -13.00 13.35 65.38
N GLN D 640 -13.00 13.50 66.70
CA GLN D 640 -12.47 12.47 67.59
C GLN D 640 -13.54 11.62 68.25
N VAL D 641 -14.82 12.01 68.14
CA VAL D 641 -15.91 11.22 68.70
C VAL D 641 -16.52 10.36 67.62
N ILE D 642 -16.41 10.80 66.37
CA ILE D 642 -16.94 10.06 65.22
C ILE D 642 -15.86 9.97 64.15
N ASP D 643 -15.98 8.95 63.32
CA ASP D 643 -15.00 8.68 62.26
C ASP D 643 -15.45 9.37 60.99
N PHE D 644 -14.85 10.52 60.69
CA PHE D 644 -15.16 11.24 59.46
C PHE D 644 -14.52 10.55 58.26
N THR D 645 -15.27 10.49 57.17
CA THR D 645 -14.77 9.87 55.93
C THR D 645 -13.91 10.89 55.19
N SER D 646 -13.47 10.53 53.99
CA SER D 646 -12.64 11.43 53.20
C SER D 646 -13.46 12.62 52.72
N PRO D 647 -13.00 13.85 52.95
CA PRO D 647 -13.75 15.04 52.50
C PRO D 647 -13.83 15.08 50.98
N PHE D 648 -15.07 15.13 50.47
CA PHE D 648 -15.26 15.17 49.02
C PHE D 648 -14.95 16.55 48.44
N PHE D 649 -15.09 17.60 49.25
CA PHE D 649 -14.81 18.96 48.80
C PHE D 649 -14.00 19.67 49.86
N SER D 650 -12.79 20.10 49.48
CA SER D 650 -11.90 20.81 50.39
C SER D 650 -12.37 22.25 50.52
N THR D 651 -13.24 22.50 51.49
CA THR D 651 -13.80 23.81 51.72
C THR D 651 -12.97 24.58 52.74
N SER D 652 -13.27 25.87 52.86
CA SER D 652 -12.56 26.73 53.80
C SER D 652 -13.52 27.79 54.31
N LEU D 653 -13.12 28.46 55.39
CA LEU D 653 -13.93 29.52 55.97
C LEU D 653 -13.73 30.82 55.22
N GLY D 654 -14.84 31.51 54.96
CA GLY D 654 -14.79 32.77 54.23
C GLY D 654 -15.58 33.88 54.89
N ILE D 655 -14.97 35.06 54.99
CA ILE D 655 -15.62 36.21 55.61
C ILE D 655 -16.61 36.81 54.62
N LEU D 656 -17.84 37.03 55.08
CA LEU D 656 -18.90 37.61 54.26
C LEU D 656 -19.34 38.92 54.91
N VAL D 657 -18.89 40.04 54.35
CA VAL D 657 -19.24 41.36 54.83
C VAL D 657 -19.91 42.14 53.70
N ARG D 658 -20.43 43.31 54.04
CA ARG D 658 -21.09 44.19 53.08
C ARG D 658 -20.17 45.32 52.68
N THR D 659 -20.40 45.85 51.48
CA THR D 659 -19.61 46.95 50.95
C THR D 659 -20.14 48.26 51.51
N ARG D 660 -19.37 48.89 52.40
CA ARG D 660 -19.80 50.14 53.01
C ARG D 660 -19.75 51.27 51.98
N ASP D 661 -20.84 52.04 51.90
CA ASP D 661 -20.91 53.14 50.95
C ASP D 661 -20.01 54.28 51.40
N THR D 662 -19.14 54.73 50.51
CA THR D 662 -18.22 55.82 50.82
C THR D 662 -18.92 57.17 50.73
N GLY D 770 -12.85 58.46 45.04
CA GLY D 770 -14.06 58.12 45.75
C GLY D 770 -14.57 56.72 45.44
N GLU D 771 -13.67 55.74 45.52
CA GLU D 771 -14.03 54.36 45.24
C GLU D 771 -14.78 53.75 46.42
N LYS D 772 -15.51 52.68 46.15
CA LYS D 772 -16.26 51.98 47.19
C LYS D 772 -15.31 51.17 48.06
N ILE D 773 -15.34 51.43 49.36
CA ILE D 773 -14.46 50.75 50.29
C ILE D 773 -15.24 49.63 50.97
N TYR D 774 -14.50 48.74 51.64
CA TYR D 774 -15.11 47.60 52.33
C TYR D 774 -14.20 47.21 53.48
N GLU D 775 -14.50 46.07 54.12
CA GLU D 775 -13.74 45.57 55.25
C GLU D 775 -12.46 44.92 54.73
N GLU D 776 -11.31 45.55 55.00
CA GLU D 776 -10.02 45.04 54.55
C GLU D 776 -9.50 44.01 55.56
N LEU D 777 -10.21 42.89 55.63
CA LEU D 777 -9.85 41.80 56.54
C LEU D 777 -8.95 40.80 55.83
N SER D 778 -7.97 40.28 56.55
CA SER D 778 -7.03 39.31 56.01
C SER D 778 -7.26 37.89 56.50
N GLY D 779 -8.06 37.71 57.55
CA GLY D 779 -8.32 36.37 58.06
C GLY D 779 -8.39 36.31 59.57
N ILE D 780 -7.97 35.18 60.14
CA ILE D 780 -8.01 35.02 61.59
C ILE D 780 -6.90 35.85 62.25
N HIS D 781 -5.77 36.00 61.58
CA HIS D 781 -4.65 36.77 62.13
C HIS D 781 -4.85 38.27 62.03
N ASP D 782 -5.95 38.72 61.44
CA ASP D 782 -6.19 40.15 61.32
C ASP D 782 -6.54 40.74 62.68
N PRO D 783 -5.97 41.89 63.05
CA PRO D 783 -6.27 42.47 64.36
C PRO D 783 -7.72 42.91 64.50
N LYS D 784 -8.32 43.45 63.42
CA LYS D 784 -9.69 43.92 63.49
C LYS D 784 -10.71 42.80 63.56
N LEU D 785 -10.28 41.53 63.40
CA LEU D 785 -11.21 40.43 63.47
C LEU D 785 -11.50 40.03 64.92
N HIS D 786 -10.48 40.08 65.78
CA HIS D 786 -10.67 39.70 67.18
C HIS D 786 -11.49 40.75 67.92
N HIS D 787 -11.06 42.01 67.85
CA HIS D 787 -11.80 43.06 68.55
C HIS D 787 -12.75 43.78 67.60
N PRO D 788 -13.96 44.11 68.05
CA PRO D 788 -14.91 44.81 67.18
C PRO D 788 -14.42 46.20 66.79
N SER D 789 -14.16 46.39 65.50
CA SER D 789 -13.68 47.67 64.99
C SER D 789 -14.87 48.63 64.85
N GLN D 790 -14.94 49.61 65.75
CA GLN D 790 -16.02 50.61 65.75
C GLN D 790 -17.39 49.94 65.82
N GLY D 791 -17.55 49.04 66.78
CA GLY D 791 -18.81 48.34 66.96
C GLY D 791 -19.11 47.36 65.86
N PHE D 792 -18.14 46.52 65.52
CA PHE D 792 -18.31 45.51 64.48
C PHE D 792 -19.02 44.31 65.08
N ARG D 793 -20.28 44.11 64.71
CA ARG D 793 -21.07 43.00 65.25
C ARG D 793 -20.57 41.68 64.72
N PHE D 794 -20.44 40.70 65.61
CA PHE D 794 -19.98 39.36 65.25
C PHE D 794 -21.18 38.42 65.15
N GLY D 795 -21.25 37.67 64.07
CA GLY D 795 -22.35 36.73 63.88
C GLY D 795 -21.86 35.44 63.25
N THR D 796 -22.49 34.34 63.65
CA THR D 796 -22.14 33.02 63.13
C THR D 796 -23.38 32.14 63.17
N VAL D 797 -23.26 30.97 62.55
CA VAL D 797 -24.35 30.01 62.51
C VAL D 797 -24.47 29.33 63.87
N ARG D 798 -25.70 29.21 64.36
CA ARG D 798 -25.94 28.59 65.65
C ARG D 798 -25.66 27.09 65.57
N GLU D 799 -24.87 26.59 66.53
CA GLU D 799 -24.53 25.17 66.63
C GLU D 799 -23.88 24.67 65.35
N SER D 800 -22.76 25.29 65.00
CA SER D 800 -21.99 24.94 63.82
C SER D 800 -20.57 24.56 64.23
N SER D 801 -19.75 24.19 63.24
CA SER D 801 -18.37 23.82 63.51
C SER D 801 -17.50 25.05 63.74
N ALA D 802 -17.74 26.12 62.97
CA ALA D 802 -16.98 27.35 63.17
C ALA D 802 -17.27 27.98 64.53
N GLU D 803 -18.51 27.87 65.00
CA GLU D 803 -18.85 28.38 66.31
C GLU D 803 -18.08 27.64 67.41
N ASP D 804 -18.04 26.32 67.32
CA ASP D 804 -17.29 25.53 68.30
C ASP D 804 -15.79 25.83 68.21
N TYR D 805 -15.28 26.01 67.00
CA TYR D 805 -13.86 26.34 66.83
C TYR D 805 -13.53 27.68 67.48
N VAL D 806 -14.40 28.69 67.28
CA VAL D 806 -14.17 29.99 67.89
C VAL D 806 -14.29 29.90 69.41
N ARG D 807 -15.24 29.11 69.91
CA ARG D 807 -15.43 28.99 71.35
C ARG D 807 -14.24 28.29 71.99
N GLN D 808 -13.64 27.31 71.31
CA GLN D 808 -12.51 26.59 71.88
C GLN D 808 -11.21 27.35 71.70
N SER D 809 -11.08 28.17 70.65
CA SER D 809 -9.86 28.92 70.43
C SER D 809 -9.81 30.19 71.28
N PHE D 810 -10.78 31.08 71.09
CA PHE D 810 -10.86 32.35 71.83
C PHE D 810 -12.29 32.54 72.31
N PRO D 811 -12.61 32.10 73.53
CA PRO D 811 -13.98 32.23 74.04
C PRO D 811 -14.34 33.61 74.54
N GLU D 812 -13.38 34.55 74.62
CA GLU D 812 -13.68 35.87 75.15
C GLU D 812 -14.48 36.72 74.18
N MET D 813 -14.43 36.42 72.88
CA MET D 813 -15.18 37.15 71.87
C MET D 813 -16.39 36.37 71.36
N HIS D 814 -16.86 35.39 72.14
CA HIS D 814 -17.98 34.54 71.72
C HIS D 814 -19.31 35.05 72.24
N GLU D 815 -19.32 36.05 73.13
CA GLU D 815 -20.58 36.54 73.69
C GLU D 815 -21.44 37.17 72.61
N TYR D 816 -20.84 38.01 71.76
CA TYR D 816 -21.61 38.64 70.68
C TYR D 816 -22.11 37.61 69.69
N MET D 817 -21.31 36.58 69.40
CA MET D 817 -21.74 35.54 68.48
C MET D 817 -22.90 34.73 69.06
N ARG D 818 -22.86 34.45 70.37
CA ARG D 818 -23.96 33.72 70.98
C ARG D 818 -25.22 34.56 71.08
N ARG D 819 -25.07 35.87 71.29
CA ARG D 819 -26.24 36.74 71.36
C ARG D 819 -26.81 37.04 69.98
N TYR D 820 -26.01 36.92 68.93
CA TYR D 820 -26.44 37.18 67.56
C TYR D 820 -26.59 35.89 66.76
N ASN D 821 -27.08 34.84 67.41
CA ASN D 821 -27.28 33.56 66.73
C ASN D 821 -28.40 33.70 65.70
N VAL D 822 -28.10 33.27 64.47
CA VAL D 822 -29.07 33.35 63.37
C VAL D 822 -29.80 32.01 63.27
N PRO D 823 -31.06 31.99 62.83
CA PRO D 823 -31.76 30.70 62.70
C PRO D 823 -31.15 29.79 61.66
N ALA D 824 -30.79 30.32 60.49
CA ALA D 824 -30.21 29.53 59.42
C ALA D 824 -29.37 30.44 58.53
N THR D 825 -28.73 29.83 57.52
CA THR D 825 -27.94 30.63 56.58
C THR D 825 -28.79 31.52 55.70
N PRO D 826 -29.86 31.03 55.05
CA PRO D 826 -30.66 31.96 54.22
C PRO D 826 -31.33 33.06 55.03
N ASP D 827 -31.73 32.78 56.27
CA ASP D 827 -32.29 33.82 57.12
C ASP D 827 -31.26 34.92 57.40
N GLY D 828 -30.02 34.52 57.70
CA GLY D 828 -28.98 35.51 57.91
C GLY D 828 -28.65 36.30 56.65
N VAL D 829 -28.69 35.62 55.49
CA VAL D 829 -28.43 36.31 54.23
C VAL D 829 -29.53 37.34 53.95
N GLN D 830 -30.78 36.97 54.19
CA GLN D 830 -31.88 37.92 54.00
C GLN D 830 -31.82 39.06 54.99
N TYR D 831 -31.37 38.79 56.22
CA TYR D 831 -31.23 39.86 57.20
C TYR D 831 -30.12 40.83 56.81
N LEU D 832 -29.01 40.31 56.27
CA LEU D 832 -27.93 41.16 55.82
C LEU D 832 -28.33 41.98 54.60
N LYS D 833 -29.09 41.37 53.67
CA LYS D 833 -29.55 42.09 52.49
C LYS D 833 -30.61 43.13 52.82
N ASN D 834 -31.26 43.02 53.97
CA ASN D 834 -32.27 44.00 54.36
C ASN D 834 -31.63 45.36 54.63
N ASP D 835 -32.46 46.40 54.58
CA ASP D 835 -31.95 47.75 54.77
C ASP D 835 -31.37 47.98 56.16
N PRO D 836 -32.04 47.60 57.27
CA PRO D 836 -31.40 47.76 58.58
C PRO D 836 -30.23 46.81 58.77
N GLU D 837 -29.01 47.35 58.80
CA GLU D 837 -27.82 46.54 58.97
C GLU D 837 -27.71 46.10 60.42
N LYS D 838 -28.18 44.89 60.71
CA LYS D 838 -28.16 44.36 62.07
C LYS D 838 -26.86 43.66 62.41
N LEU D 839 -26.29 42.93 61.46
CA LEU D 839 -25.06 42.18 61.67
C LEU D 839 -23.99 42.62 60.68
N ASP D 840 -22.74 42.32 61.01
CA ASP D 840 -21.60 42.68 60.16
C ASP D 840 -20.75 41.48 59.78
N ALA D 841 -20.59 40.50 60.66
CA ALA D 841 -19.75 39.34 60.41
C ALA D 841 -20.62 38.13 60.10
N PHE D 842 -20.33 37.47 58.99
CA PHE D 842 -21.04 36.26 58.56
C PHE D 842 -20.03 35.21 58.11
N ILE D 843 -19.01 34.97 58.94
CA ILE D 843 -17.97 34.01 58.60
C ILE D 843 -18.57 32.61 58.54
N MET D 844 -18.44 31.96 57.38
CA MET D 844 -18.95 30.62 57.19
C MET D 844 -18.12 29.96 56.10
N ASP D 845 -18.56 28.78 55.65
CA ASP D 845 -17.85 28.07 54.59
C ASP D 845 -17.97 28.81 53.27
N LYS D 846 -16.98 28.60 52.40
CA LYS D 846 -16.98 29.27 51.10
C LYS D 846 -18.00 28.66 50.15
N ALA D 847 -18.12 27.33 50.16
CA ALA D 847 -19.05 26.67 49.25
C ALA D 847 -20.50 27.00 49.57
N LEU D 848 -20.81 27.23 50.85
CA LEU D 848 -22.17 27.58 51.23
C LEU D 848 -22.51 29.01 50.84
N LEU D 849 -21.55 29.92 50.92
CA LEU D 849 -21.78 31.32 50.62
C LEU D 849 -21.60 31.67 49.14
N ASP D 850 -20.98 30.79 48.36
CA ASP D 850 -20.82 31.07 46.93
C ASP D 850 -22.17 31.16 46.23
N TYR D 851 -23.09 30.26 46.56
CA TYR D 851 -24.42 30.29 45.94
C TYR D 851 -25.18 31.54 46.36
N GLU D 852 -25.00 31.99 47.61
CA GLU D 852 -25.68 33.20 48.07
C GLU D 852 -25.11 34.44 47.40
N VAL D 853 -23.80 34.48 47.21
CA VAL D 853 -23.17 35.62 46.54
C VAL D 853 -23.56 35.65 45.07
N SER D 854 -23.67 34.47 44.44
CA SER D 854 -24.01 34.41 43.03
C SER D 854 -25.43 34.92 42.78
N ILE D 855 -26.39 34.53 43.63
CA ILE D 855 -27.77 34.96 43.46
C ILE D 855 -28.06 36.30 44.10
N ASP D 856 -27.05 36.96 44.64
CA ASP D 856 -27.25 38.27 45.28
C ASP D 856 -27.56 39.31 44.20
N ALA D 857 -28.80 39.80 44.18
CA ALA D 857 -29.20 40.80 43.20
C ALA D 857 -28.79 42.21 43.58
N ASP D 858 -28.20 42.41 44.76
CA ASP D 858 -27.81 43.74 45.22
C ASP D 858 -26.33 44.03 45.01
N CYS D 859 -25.53 43.02 44.65
CA CYS D 859 -24.09 43.18 44.42
C CYS D 859 -23.38 43.76 45.65
N LYS D 860 -23.77 43.27 46.83
CA LYS D 860 -23.17 43.71 48.09
C LYS D 860 -22.46 42.59 48.82
N LEU D 861 -23.09 41.43 48.94
CA LEU D 861 -22.48 40.29 49.63
C LEU D 861 -21.43 39.65 48.73
N LEU D 862 -20.20 39.52 49.24
CA LEU D 862 -19.12 38.93 48.48
C LEU D 862 -18.14 38.29 49.45
N THR D 863 -17.43 37.25 48.97
CA THR D 863 -16.46 36.53 49.78
C THR D 863 -15.06 36.98 49.40
N VAL D 864 -14.37 37.62 50.35
CA VAL D 864 -13.01 38.10 50.14
C VAL D 864 -12.10 37.45 51.19
N GLY D 865 -10.81 37.71 51.05
CA GLY D 865 -9.83 37.19 51.97
C GLY D 865 -9.17 35.92 51.46
N LYS D 866 -7.95 35.68 51.93
CA LYS D 866 -7.22 34.49 51.52
C LYS D 866 -7.84 33.24 52.15
N PRO D 867 -7.78 32.10 51.46
CA PRO D 867 -8.35 30.87 52.02
C PRO D 867 -7.57 30.39 53.23
N PHE D 868 -8.23 30.36 54.38
CA PHE D 868 -7.62 29.92 55.63
C PHE D 868 -8.60 29.04 56.38
N ALA D 869 -8.08 28.32 57.38
CA ALA D 869 -8.87 27.44 58.23
C ALA D 869 -9.60 26.38 57.40
N ILE D 870 -8.80 25.52 56.77
CA ILE D 870 -9.32 24.46 55.93
C ILE D 870 -10.09 23.48 56.81
N GLU D 871 -11.41 23.45 56.65
CA GLU D 871 -12.25 22.57 57.44
C GLU D 871 -12.50 21.24 56.74
N GLY D 872 -13.08 21.29 55.54
CA GLY D 872 -13.35 20.09 54.78
C GLY D 872 -14.72 19.51 55.05
N TYR D 873 -15.48 19.26 53.98
CA TYR D 873 -16.82 18.69 54.09
C TYR D 873 -16.69 17.19 54.37
N GLY D 874 -16.54 16.87 55.65
CA GLY D 874 -16.43 15.49 56.07
C GLY D 874 -17.76 14.76 56.07
N ILE D 875 -17.68 13.44 56.20
CA ILE D 875 -18.85 12.56 56.21
C ILE D 875 -18.79 11.73 57.47
N GLY D 876 -19.73 11.95 58.38
CA GLY D 876 -19.76 11.18 59.61
C GLY D 876 -20.26 9.78 59.36
N LEU D 877 -19.61 8.81 60.01
CA LEU D 877 -19.96 7.41 59.87
C LEU D 877 -19.50 6.68 61.12
N PRO D 878 -20.39 5.97 61.81
CA PRO D 878 -19.98 5.24 63.01
C PRO D 878 -18.98 4.16 62.66
N PRO D 879 -18.12 3.78 63.61
CA PRO D 879 -17.12 2.74 63.33
C PRO D 879 -17.75 1.37 63.08
N ASN D 880 -16.91 0.39 62.74
CA ASN D 880 -17.34 -0.98 62.46
C ASN D 880 -18.37 -1.00 61.32
N SER D 881 -17.92 -0.57 60.15
CA SER D 881 -18.77 -0.54 58.97
C SER D 881 -17.92 -0.75 57.72
N PRO D 882 -18.18 -1.80 56.93
CA PRO D 882 -17.38 -2.03 55.72
C PRO D 882 -17.69 -1.08 54.59
N LEU D 883 -18.76 -0.28 54.68
CA LEU D 883 -19.13 0.64 53.62
C LEU D 883 -18.23 1.87 53.57
N THR D 884 -17.41 2.11 54.59
CA THR D 884 -16.52 3.27 54.59
C THR D 884 -15.52 3.19 53.45
N SER D 885 -14.93 2.01 53.23
CA SER D 885 -13.97 1.84 52.15
C SER D 885 -14.63 2.06 50.79
N ASN D 886 -15.86 1.55 50.62
CA ASN D 886 -16.57 1.74 49.36
C ASN D 886 -16.88 3.22 49.12
N ILE D 887 -17.31 3.92 50.17
CA ILE D 887 -17.60 5.35 50.03
C ILE D 887 -16.33 6.11 49.69
N SER D 888 -15.20 5.75 50.32
CA SER D 888 -13.94 6.41 50.02
C SER D 888 -13.52 6.16 48.58
N GLU D 889 -13.67 4.93 48.11
CA GLU D 889 -13.31 4.62 46.72
C GLU D 889 -14.21 5.36 45.74
N LEU D 890 -15.51 5.47 46.05
CA LEU D 890 -16.41 6.22 45.19
C LEU D 890 -16.05 7.70 45.14
N ILE D 891 -15.70 8.28 46.31
CA ILE D 891 -15.30 9.68 46.34
C ILE D 891 -14.02 9.90 45.55
N SER D 892 -13.06 8.98 45.68
CA SER D 892 -11.82 9.09 44.93
C SER D 892 -12.08 8.98 43.43
N GLN D 893 -12.96 8.08 43.03
CA GLN D 893 -13.30 7.95 41.60
C GLN D 893 -13.99 9.20 41.08
N TYR D 894 -14.88 9.79 41.89
CA TYR D 894 -15.55 11.02 41.46
C TYR D 894 -14.57 12.18 41.35
N LYS D 895 -13.60 12.26 42.27
CA LYS D 895 -12.61 13.32 42.19
C LYS D 895 -11.65 13.12 41.03
N SER D 896 -11.35 11.87 40.68
CA SER D 896 -10.45 11.60 39.57
C SER D 896 -11.14 11.86 38.23
N HIS D 897 -12.38 11.42 38.09
CA HIS D 897 -13.10 11.62 36.83
C HIS D 897 -13.58 13.07 36.67
N GLY D 898 -13.90 13.75 37.76
CA GLY D 898 -14.37 15.11 37.70
C GLY D 898 -15.87 15.28 37.58
N PHE D 899 -16.64 14.19 37.70
CA PHE D 899 -18.09 14.31 37.60
C PHE D 899 -18.68 15.03 38.79
N MET D 900 -18.00 14.98 39.94
CA MET D 900 -18.48 15.69 41.13
C MET D 900 -18.47 17.20 40.91
N ASP D 901 -17.44 17.71 40.24
CA ASP D 901 -17.39 19.14 39.94
C ASP D 901 -18.52 19.53 38.99
N VAL D 902 -18.85 18.65 38.03
CA VAL D 902 -19.94 18.93 37.11
C VAL D 902 -21.28 18.94 37.86
N LEU D 903 -21.46 18.00 38.78
CA LEU D 903 -22.68 17.99 39.59
C LEU D 903 -22.76 19.22 40.49
N HIS D 904 -21.62 19.70 40.99
CA HIS D 904 -21.63 20.87 41.86
C HIS D 904 -21.96 22.14 41.07
N ASP D 905 -21.26 22.36 39.96
CA ASP D 905 -21.49 23.54 39.13
C ASP D 905 -22.60 23.28 38.11
N LYS D 906 -23.81 23.07 38.64
CA LYS D 906 -24.98 22.80 37.81
C LYS D 906 -26.17 23.70 38.11
N TRP D 907 -26.35 24.15 39.34
CA TRP D 907 -27.47 25.01 39.71
C TRP D 907 -27.09 26.48 39.77
N TYR D 908 -26.01 26.87 39.10
CA TYR D 908 -25.53 28.24 39.08
C TYR D 908 -25.83 28.91 37.74
N LYS D 909 -26.99 28.60 37.15
CA LYS D 909 -27.36 29.19 35.87
C LYS D 909 -27.65 30.67 36.02
N VAL D 910 -28.63 31.02 36.84
CA VAL D 910 -28.98 32.42 37.07
C VAL D 910 -27.95 33.04 38.02
N VAL D 911 -27.32 34.13 37.58
CA VAL D 911 -26.28 34.79 38.37
C VAL D 911 -26.41 36.30 38.21
N PRO D 912 -27.20 36.97 39.05
CA PRO D 912 -27.26 38.45 38.96
C PRO D 912 -25.91 39.11 39.21
N CYS D 913 -25.23 38.74 40.28
CA CYS D 913 -23.91 39.27 40.60
C CYS D 913 -22.92 38.14 40.85
N GLY D 914 -23.01 37.08 40.04
CA GLY D 914 -22.11 35.96 40.20
C GLY D 914 -20.68 36.30 39.83
N LYS D 915 -20.48 36.82 38.62
CA LYS D 915 -19.16 37.23 38.15
C LYS D 915 -18.96 38.73 38.22
N ARG D 916 -19.94 39.49 38.74
CA ARG D 916 -19.81 40.92 38.93
C ARG D 916 -19.46 41.32 40.36
N SER D 917 -19.46 40.36 41.29
CA SER D 917 -19.16 40.68 42.69
C SER D 917 -17.69 40.96 42.92
N PHE D 918 -16.81 40.55 42.00
CA PHE D 918 -15.38 40.80 42.15
C PHE D 918 -15.01 42.26 41.99
N ALA D 919 -15.90 43.07 41.41
CA ALA D 919 -15.65 44.50 41.21
C ALA D 919 -16.04 45.25 42.48
N VAL D 920 -15.10 45.30 43.43
CA VAL D 920 -15.32 45.97 44.69
C VAL D 920 -14.15 46.91 44.98
N THR D 921 -13.07 46.75 44.22
CA THR D 921 -11.87 47.56 44.46
C THR D 921 -12.09 49.01 44.05
N GLU D 922 -12.76 49.23 42.91
CA GLU D 922 -12.98 50.57 42.39
C GLU D 922 -14.48 50.85 42.30
N THR D 923 -14.82 52.00 41.73
CA THR D 923 -16.21 52.42 41.64
C THR D 923 -16.93 51.62 40.56
N LEU D 924 -18.22 51.38 40.80
CA LEU D 924 -19.07 50.66 39.86
C LEU D 924 -19.68 51.64 38.85
N GLN D 925 -20.65 51.17 38.07
CA GLN D 925 -21.31 52.01 37.08
C GLN D 925 -22.15 53.06 37.77
N MET D 926 -21.78 54.33 37.60
CA MET D 926 -22.52 55.43 38.20
C MET D 926 -23.11 56.35 37.14
N ASP E 1 104.73 8.12 43.73
CA ASP E 1 103.81 8.41 42.63
C ASP E 1 102.55 7.56 42.74
N ILE E 2 102.68 6.39 43.36
CA ILE E 2 101.54 5.49 43.51
C ILE E 2 100.63 5.91 44.66
N GLN E 3 101.15 6.67 45.62
CA GLN E 3 100.35 7.13 46.76
C GLN E 3 100.69 8.59 47.02
N TRP E 4 99.71 9.47 46.85
CA TRP E 4 99.88 10.90 47.06
C TRP E 4 99.10 11.33 48.30
N VAL E 5 99.23 12.61 48.63
CA VAL E 5 98.53 13.17 49.79
C VAL E 5 97.06 13.35 49.45
N LEU E 6 96.19 12.89 50.34
CA LEU E 6 94.75 12.99 50.13
C LEU E 6 94.25 14.35 50.66
N LEU E 7 92.93 14.52 50.67
CA LEU E 7 92.36 15.79 51.12
C LEU E 7 92.45 15.94 52.63
N LEU E 8 91.84 15.02 53.37
CA LEU E 8 91.83 15.09 54.82
C LEU E 8 93.05 14.36 55.37
N TRP E 9 93.08 14.14 56.69
CA TRP E 9 94.18 13.44 57.33
C TRP E 9 93.91 11.97 57.56
N VAL E 10 92.68 11.61 57.91
CA VAL E 10 92.30 10.22 58.15
C VAL E 10 92.05 9.53 56.82
N PRO E 11 92.27 8.22 56.71
CA PRO E 11 92.00 7.55 55.43
C PRO E 11 90.53 7.53 55.06
N GLY E 12 89.64 7.30 56.04
CA GLY E 12 88.23 7.24 55.76
C GLY E 12 87.82 5.94 55.09
N SER E 13 86.57 5.92 54.62
CA SER E 13 86.05 4.74 53.95
C SER E 13 86.72 4.54 52.59
N THR E 14 86.76 5.59 51.78
CA THR E 14 87.38 5.55 50.46
C THR E 14 88.64 6.40 50.51
N GLY E 15 89.75 5.77 50.86
CA GLY E 15 91.03 6.45 50.98
C GLY E 15 92.06 5.83 50.05
N ASP E 16 92.96 6.67 49.56
CA ASP E 16 94.01 6.25 48.64
C ASP E 16 95.20 5.60 49.35
N ILE E 17 95.06 5.25 50.62
CA ILE E 17 96.12 4.61 51.39
C ILE E 17 95.76 3.15 51.59
N VAL E 18 96.59 2.25 51.06
CA VAL E 18 96.36 0.81 51.21
C VAL E 18 97.03 0.24 52.44
N LEU E 19 97.93 0.98 53.08
CA LEU E 19 98.62 0.51 54.28
C LEU E 19 97.88 0.86 55.56
N THR E 20 96.61 1.26 55.46
CA THR E 20 95.84 1.61 56.64
C THR E 20 95.32 0.36 57.33
N GLN E 21 95.04 0.50 58.63
CA GLN E 21 94.54 -0.61 59.45
C GLN E 21 93.06 -0.45 59.77
N SER E 22 92.67 0.71 60.31
CA SER E 22 91.30 1.06 60.67
C SER E 22 90.68 1.95 59.60
N PRO E 23 89.36 1.88 59.41
CA PRO E 23 88.72 2.74 58.41
C PRO E 23 88.84 4.22 58.73
N ALA E 24 88.45 4.62 59.94
CA ALA E 24 88.49 6.02 60.35
C ALA E 24 89.78 6.34 61.12
N SER E 25 89.97 5.68 62.27
CA SER E 25 91.12 5.91 63.12
C SER E 25 91.14 4.84 64.20
N LEU E 26 92.23 4.84 64.98
CA LEU E 26 92.39 3.89 66.08
C LEU E 26 91.77 4.46 67.35
N ALA E 27 91.14 3.58 68.13
CA ALA E 27 90.50 3.97 69.39
C ALA E 27 91.54 3.95 70.52
N VAL E 28 92.43 4.93 70.47
CA VAL E 28 93.48 5.10 71.47
C VAL E 28 93.45 6.52 71.98
N SER E 29 93.55 6.68 73.30
CA SER E 29 93.53 7.99 73.95
C SER E 29 94.85 8.34 74.61
N LEU E 30 95.34 7.49 75.52
CA LEU E 30 96.58 7.76 76.23
C LEU E 30 97.07 6.51 76.95
N GLY E 31 98.35 6.19 76.78
CA GLY E 31 98.94 5.07 77.49
C GLY E 31 98.45 3.70 77.06
N GLN E 32 97.98 3.57 75.83
CA GLN E 32 97.50 2.30 75.31
C GLN E 32 98.18 2.00 73.99
N ARG E 33 98.22 0.71 73.64
CA ARG E 33 98.91 0.27 72.44
C ARG E 33 98.19 0.74 71.19
N ALA E 34 98.94 1.33 70.26
CA ALA E 34 98.41 1.80 68.97
C ALA E 34 99.32 1.24 67.89
N THR E 35 99.02 0.03 67.42
CA THR E 35 99.84 -0.64 66.42
C THR E 35 99.48 -0.10 65.03
N ILE E 36 100.42 0.62 64.42
CA ILE E 36 100.23 1.15 63.07
C ILE E 36 100.90 0.15 62.12
N SER E 37 100.11 -0.83 61.67
CA SER E 37 100.62 -1.90 60.82
C SER E 37 100.73 -1.38 59.38
N CYS E 38 101.97 -1.15 58.94
CA CYS E 38 102.26 -0.73 57.57
C CYS E 38 102.85 -1.88 56.75
N LYS E 39 102.34 -3.09 56.98
CA LYS E 39 102.82 -4.26 56.26
C LYS E 39 102.56 -4.13 54.78
N ALA E 40 103.59 -4.43 53.97
CA ALA E 40 103.47 -4.35 52.52
C ALA E 40 104.32 -5.46 51.92
N SER E 41 103.66 -6.55 51.51
CA SER E 41 104.35 -7.68 50.91
C SER E 41 104.58 -7.47 49.42
N GLN E 42 105.21 -6.35 49.07
CA GLN E 42 105.47 -5.99 47.69
C GLN E 42 106.93 -6.29 47.34
N SER E 43 107.35 -5.91 46.14
CA SER E 43 108.71 -6.15 45.66
C SER E 43 109.64 -5.08 46.21
N VAL E 44 109.92 -5.19 47.51
CA VAL E 44 110.82 -4.27 48.20
C VAL E 44 111.95 -4.99 48.93
N ASP E 45 111.90 -6.33 49.07
CA ASP E 45 112.95 -7.08 49.74
C ASP E 45 114.07 -7.35 48.74
N TYR E 46 114.87 -6.31 48.51
CA TYR E 46 116.00 -6.39 47.58
C TYR E 46 117.24 -6.88 48.32
N ASP E 47 117.20 -8.16 48.69
CA ASP E 47 118.29 -8.83 49.39
C ASP E 47 118.63 -8.11 50.70
N GLY E 48 117.64 -8.07 51.59
CA GLY E 48 117.82 -7.43 52.88
C GLY E 48 116.49 -7.03 53.46
N ASN E 49 116.55 -6.11 54.43
CA ASN E 49 115.35 -5.64 55.11
C ASN E 49 114.58 -4.68 54.22
N SER E 50 113.25 -4.71 54.34
CA SER E 50 112.39 -3.84 53.56
C SER E 50 112.52 -2.41 54.06
N TYR E 51 112.83 -1.49 53.15
CA TYR E 51 112.99 -0.08 53.49
C TYR E 51 111.61 0.55 53.71
N MET E 52 111.37 1.05 54.92
CA MET E 52 110.10 1.69 55.27
C MET E 52 110.41 2.90 56.15
N ASN E 53 110.29 4.09 55.59
CA ASN E 53 110.57 5.34 56.30
C ASN E 53 109.25 6.05 56.56
N TRP E 54 108.70 5.85 57.75
CA TRP E 54 107.46 6.50 58.15
C TRP E 54 107.75 7.84 58.81
N TYR E 55 106.93 8.83 58.48
CA TYR E 55 107.09 10.18 59.01
C TYR E 55 105.71 10.80 59.22
N GLN E 56 105.70 11.96 59.86
CA GLN E 56 104.48 12.70 60.15
C GLN E 56 104.54 14.08 59.53
N GLN E 57 103.36 14.64 59.23
CA GLN E 57 103.23 15.96 58.64
C GLN E 57 102.20 16.79 59.42
N LYS E 58 102.35 16.80 60.74
CA LYS E 58 101.44 17.57 61.57
C LYS E 58 101.61 19.07 61.29
N PRO E 59 100.54 19.85 61.41
CA PRO E 59 100.65 21.30 61.18
C PRO E 59 101.55 21.96 62.20
N GLY E 60 102.67 22.52 61.71
CA GLY E 60 103.64 23.20 62.54
C GLY E 60 105.02 22.58 62.50
N GLN E 61 105.09 21.26 62.24
CA GLN E 61 106.36 20.55 62.18
C GLN E 61 106.62 20.05 60.78
N PRO E 62 107.79 20.30 60.21
CA PRO E 62 108.10 19.80 58.87
C PRO E 62 108.20 18.28 58.87
N PRO E 63 107.99 17.64 57.71
CA PRO E 63 108.08 16.17 57.65
C PRO E 63 109.52 15.71 57.88
N LYS E 64 109.73 14.96 58.95
CA LYS E 64 111.04 14.42 59.30
C LYS E 64 110.95 12.91 59.43
N LEU E 65 111.84 12.21 58.73
CA LEU E 65 111.85 10.76 58.78
C LEU E 65 112.22 10.27 60.17
N LEU E 66 111.35 9.42 60.75
CA LEU E 66 111.60 8.92 62.10
C LEU E 66 112.65 7.83 62.11
N ILE E 67 112.38 6.72 61.41
CA ILE E 67 113.30 5.59 61.35
C ILE E 67 113.38 5.13 59.89
N TYR E 68 114.60 5.02 59.37
CA TYR E 68 114.81 4.56 58.01
C TYR E 68 115.05 3.05 57.99
N ALA E 69 114.44 2.38 57.01
CA ALA E 69 114.56 0.94 56.78
C ALA E 69 114.03 0.10 57.92
N ALA E 70 113.42 0.73 58.94
CA ALA E 70 112.83 0.07 60.10
C ALA E 70 113.83 -0.80 60.86
N SER E 71 115.13 -0.57 60.67
CA SER E 71 116.17 -1.34 61.35
C SER E 71 117.02 -0.50 62.27
N ASN E 72 117.58 0.61 61.76
CA ASN E 72 118.46 1.46 62.55
C ASN E 72 117.73 2.77 62.89
N LEU E 73 117.87 3.19 64.14
CA LEU E 73 117.25 4.44 64.58
C LEU E 73 117.98 5.63 63.97
N GLU E 74 117.23 6.49 63.27
CA GLU E 74 117.82 7.66 62.63
C GLU E 74 118.14 8.73 63.67
N SER E 75 119.34 9.29 63.59
CA SER E 75 119.76 10.32 64.53
C SER E 75 119.01 11.61 64.26
N GLY E 76 118.22 12.06 65.23
CA GLY E 76 117.46 13.28 65.08
C GLY E 76 116.07 13.19 65.68
N ILE E 77 115.60 11.96 65.90
CA ILE E 77 114.28 11.71 66.48
C ILE E 77 114.49 11.02 67.82
N PRO E 78 113.89 11.50 68.90
CA PRO E 78 114.06 10.83 70.19
C PRO E 78 113.44 9.44 70.19
N ALA E 79 114.13 8.51 70.85
CA ALA E 79 113.66 7.12 70.93
C ALA E 79 112.46 7.07 71.86
N ARG E 80 111.27 6.91 71.27
CA ARG E 80 110.03 6.84 72.04
C ARG E 80 109.20 5.61 71.74
N PHE E 81 109.66 4.72 70.86
CA PHE E 81 108.94 3.50 70.52
C PHE E 81 109.94 2.46 70.03
N SER E 82 109.43 1.28 69.71
CA SER E 82 110.23 0.16 69.25
C SER E 82 109.81 -0.19 67.83
N GLY E 83 110.49 0.40 66.85
CA GLY E 83 110.21 0.12 65.46
C GLY E 83 111.18 -0.86 64.84
N SER E 84 110.74 -2.11 64.67
CA SER E 84 111.58 -3.16 64.11
C SER E 84 110.71 -4.02 63.19
N GLY E 85 111.25 -5.16 62.80
CA GLY E 85 110.55 -6.09 61.92
C GLY E 85 111.29 -6.28 60.62
N SER E 86 111.27 -7.51 60.11
CA SER E 86 111.94 -7.85 58.87
C SER E 86 110.96 -8.55 57.93
N GLY E 87 111.17 -8.40 56.64
CA GLY E 87 110.31 -9.00 55.64
C GLY E 87 109.08 -8.17 55.36
N THR E 88 107.93 -8.61 55.88
CA THR E 88 106.68 -7.88 55.71
C THR E 88 106.02 -7.48 57.02
N ASP E 89 106.27 -8.21 58.11
CA ASP E 89 105.69 -7.88 59.41
C ASP E 89 106.49 -6.76 60.04
N PHE E 90 105.88 -5.58 60.16
CA PHE E 90 106.53 -4.41 60.74
C PHE E 90 105.91 -4.14 62.11
N THR E 91 106.74 -4.19 63.15
CA THR E 91 106.28 -3.93 64.51
C THR E 91 106.38 -2.43 64.77
N LEU E 92 105.22 -1.78 64.90
CA LEU E 92 105.13 -0.34 65.14
C LEU E 92 104.15 -0.06 66.27
N ASN E 93 104.29 -0.79 67.37
CA ASN E 93 103.42 -0.63 68.53
C ASN E 93 103.72 0.71 69.20
N ILE E 94 102.86 1.70 68.97
CA ILE E 94 103.03 3.03 69.54
C ILE E 94 102.25 3.04 70.86
N HIS E 95 102.92 2.64 71.93
CA HIS E 95 102.30 2.61 73.26
C HIS E 95 102.18 4.02 73.85
N PRO E 96 103.24 4.85 73.86
CA PRO E 96 103.09 6.21 74.39
C PRO E 96 102.25 7.08 73.46
N VAL E 97 101.03 7.40 73.87
CA VAL E 97 100.13 8.24 73.08
C VAL E 97 100.14 9.61 73.74
N GLU E 98 101.00 10.50 73.25
CA GLU E 98 101.14 11.85 73.75
C GLU E 98 100.63 12.85 72.72
N GLU E 99 100.80 14.13 73.03
CA GLU E 99 100.38 15.18 72.12
C GLU E 99 101.24 15.24 70.85
N GLU E 100 102.48 14.75 70.92
CA GLU E 100 103.33 14.75 69.74
C GLU E 100 103.08 13.51 68.88
N ASP E 101 102.77 12.38 69.50
CA ASP E 101 102.48 11.14 68.77
C ASP E 101 101.01 11.02 68.44
N ALA E 102 100.45 12.05 67.81
CA ALA E 102 99.05 12.07 67.41
C ALA E 102 98.91 12.62 66.00
N ALA E 103 99.77 12.19 65.09
CA ALA E 103 99.77 12.64 63.72
C ALA E 103 99.67 11.44 62.79
N THR E 104 99.43 11.72 61.51
CA THR E 104 99.31 10.69 60.50
C THR E 104 100.70 10.19 60.12
N TYR E 105 101.01 8.95 60.49
CA TYR E 105 102.31 8.35 60.18
C TYR E 105 102.33 7.96 58.71
N TYR E 106 102.93 8.81 57.87
CA TYR E 106 103.01 8.56 56.44
C TYR E 106 104.11 7.54 56.17
N CYS E 107 103.72 6.29 56.01
CA CYS E 107 104.66 5.20 55.74
C CYS E 107 105.13 5.31 54.29
N GLN E 108 106.26 5.98 54.08
CA GLN E 108 106.80 6.16 52.74
C GLN E 108 107.62 4.94 52.35
N GLN E 109 107.40 4.44 51.12
CA GLN E 109 108.15 3.30 50.62
C GLN E 109 109.60 3.71 50.34
N GLY E 110 110.54 3.13 51.08
CA GLY E 110 111.93 3.46 50.90
C GLY E 110 112.50 2.98 49.58
N ASN E 111 111.96 1.89 49.04
CA ASN E 111 112.40 1.35 47.77
C ASN E 111 111.77 2.05 46.57
N GLU E 112 111.04 3.13 46.79
CA GLU E 112 110.40 3.90 45.73
C GLU E 112 111.03 5.28 45.64
N ASP E 113 111.47 5.65 44.44
CA ASP E 113 112.14 6.94 44.27
C ASP E 113 111.19 8.12 44.50
N PRO E 114 110.01 8.18 43.90
CA PRO E 114 109.09 9.29 44.19
C PRO E 114 108.60 9.21 45.64
N PRO E 115 108.47 10.36 46.31
CA PRO E 115 108.00 10.36 47.70
C PRO E 115 106.57 9.85 47.80
N THR E 116 106.40 8.73 48.50
CA THR E 116 105.10 8.12 48.71
C THR E 116 104.59 8.45 50.11
N PHE E 117 103.38 7.98 50.40
CA PHE E 117 102.73 8.21 51.69
C PHE E 117 102.17 6.89 52.21
N GLY E 118 101.50 6.95 53.34
CA GLY E 118 100.92 5.76 53.93
C GLY E 118 100.26 6.09 55.25
N GLY E 119 99.82 5.02 55.93
CA GLY E 119 99.17 5.16 57.22
C GLY E 119 97.93 6.03 57.19
N GLY E 120 98.02 7.22 57.78
CA GLY E 120 96.92 8.16 57.80
C GLY E 120 96.03 8.07 59.02
N THR E 121 96.12 6.99 59.81
CA THR E 121 95.29 6.81 60.98
C THR E 121 95.80 7.73 62.10
N LYS E 122 95.20 8.91 62.20
CA LYS E 122 95.59 9.86 63.23
C LYS E 122 95.15 9.37 64.61
N LEU E 123 96.04 9.50 65.59
CA LEU E 123 95.76 9.08 66.96
C LEU E 123 94.93 10.15 67.66
N GLU E 124 93.64 10.18 67.30
CA GLU E 124 92.72 11.15 67.87
C GLU E 124 91.44 10.46 68.35
N ILE E 125 90.45 11.25 68.76
CA ILE E 125 89.19 10.68 69.23
C ILE E 125 88.39 10.16 68.03
N LYS E 126 87.60 9.12 68.28
CA LYS E 126 86.76 8.49 67.25
C LYS E 126 85.38 8.25 67.84
N ARG E 127 84.44 9.15 67.55
CA ARG E 127 83.07 9.03 68.03
C ARG E 127 82.18 8.29 67.02
N ALA E 128 82.62 7.09 66.64
CA ALA E 128 81.88 6.26 65.68
C ALA E 128 81.56 4.88 66.22
N ASP E 129 81.85 4.61 67.49
CA ASP E 129 81.58 3.29 68.08
C ASP E 129 80.19 3.30 68.70
N ALA E 130 79.88 2.26 69.49
CA ALA E 130 78.57 2.16 70.10
C ALA E 130 78.41 3.16 71.23
N ARG E 131 79.39 3.22 72.14
CA ARG E 131 79.31 4.16 73.25
C ARG E 131 79.66 5.58 72.82
N THR E 132 80.71 5.72 72.00
CA THR E 132 81.14 7.04 71.53
C THR E 132 80.31 7.43 70.31
N VAL E 133 79.44 8.43 70.46
CA VAL E 133 78.57 8.88 69.39
C VAL E 133 78.86 10.35 69.13
N ALA E 134 78.37 10.83 67.98
CA ALA E 134 78.53 12.22 67.57
C ALA E 134 77.22 12.72 67.00
N ALA E 135 76.64 13.72 67.64
CA ALA E 135 75.35 14.29 67.21
C ALA E 135 75.52 15.76 66.87
N PRO E 136 75.40 16.15 65.61
CA PRO E 136 75.53 17.55 65.23
C PRO E 136 74.27 18.33 65.59
N SER E 137 74.25 19.60 65.21
CA SER E 137 73.12 20.46 65.47
C SER E 137 72.00 20.18 64.46
N VAL E 138 70.85 20.81 64.70
CA VAL E 138 69.67 20.63 63.86
C VAL E 138 69.12 21.95 63.34
N PHE E 139 69.69 23.09 63.72
CA PHE E 139 69.18 24.37 63.27
C PHE E 139 69.58 24.61 61.81
N ILE E 140 68.60 24.92 60.97
CA ILE E 140 68.83 25.19 59.56
C ILE E 140 68.97 26.69 59.36
N PHE E 141 70.11 27.12 58.84
CA PHE E 141 70.34 28.54 58.60
C PHE E 141 69.57 28.99 57.37
N PRO E 142 68.67 29.97 57.48
CA PRO E 142 67.91 30.42 56.31
C PRO E 142 68.82 31.08 55.29
N PRO E 143 68.57 30.86 54.00
CA PRO E 143 69.41 31.46 52.97
C PRO E 143 69.20 32.96 52.88
N SER E 144 70.27 33.67 52.53
CA SER E 144 70.21 35.11 52.40
C SER E 144 69.38 35.52 51.18
N ASP E 145 68.90 36.76 51.21
CA ASP E 145 68.09 37.26 50.11
C ASP E 145 68.91 37.46 48.85
N GLU E 146 70.20 37.79 48.98
CA GLU E 146 71.05 37.96 47.81
C GLU E 146 71.23 36.64 47.06
N GLN E 147 71.39 35.54 47.80
CA GLN E 147 71.51 34.23 47.17
C GLN E 147 70.22 33.84 46.46
N LEU E 148 69.07 34.29 46.97
CA LEU E 148 67.80 34.00 46.30
C LEU E 148 67.61 34.86 45.06
N LYS E 149 68.06 36.12 45.11
CA LYS E 149 67.94 36.99 43.94
C LYS E 149 68.93 36.61 42.85
N SER E 150 70.08 36.03 43.22
CA SER E 150 71.08 35.63 42.25
C SER E 150 70.75 34.31 41.56
N GLY E 151 69.63 33.69 41.90
CA GLY E 151 69.25 32.43 41.29
C GLY E 151 69.79 31.22 42.02
N THR E 152 71.12 31.06 42.03
CA THR E 152 71.77 29.95 42.70
C THR E 152 71.93 30.29 44.17
N ALA E 153 71.05 29.74 45.01
CA ALA E 153 71.09 30.01 46.43
C ALA E 153 71.93 28.94 47.13
N SER E 154 71.95 28.97 48.46
CA SER E 154 72.73 28.00 49.24
C SER E 154 72.05 27.84 50.60
N VAL E 155 71.30 26.74 50.75
CA VAL E 155 70.61 26.43 52.00
C VAL E 155 71.60 25.64 52.84
N VAL E 156 72.46 26.37 53.57
CA VAL E 156 73.50 25.75 54.38
C VAL E 156 72.92 25.38 55.74
N CYS E 157 73.02 24.11 56.09
CA CYS E 157 72.57 23.62 57.40
C CYS E 157 73.75 23.62 58.36
N LEU E 158 73.47 23.87 59.65
CA LEU E 158 74.52 23.96 60.66
C LEU E 158 74.88 22.55 61.14
N LEU E 159 76.08 22.10 60.79
CA LEU E 159 76.62 20.82 61.26
C LEU E 159 78.01 21.07 61.82
N ASN E 160 78.19 20.80 63.11
CA ASN E 160 79.46 21.04 63.79
C ASN E 160 80.11 19.75 64.30
N ASN E 161 79.36 18.92 65.02
CA ASN E 161 79.89 17.67 65.58
C ASN E 161 79.48 16.52 64.66
N PHE E 162 80.32 16.25 63.66
CA PHE E 162 80.07 15.16 62.73
C PHE E 162 81.39 14.77 62.07
N TYR E 163 81.37 13.62 61.42
CA TYR E 163 82.52 13.08 60.70
C TYR E 163 82.27 13.09 59.20
N PRO E 164 83.33 13.09 58.38
CA PRO E 164 83.12 13.04 56.93
C PRO E 164 82.42 11.78 56.47
N ARG E 165 82.61 10.65 57.16
CA ARG E 165 81.88 9.44 56.83
C ARG E 165 80.42 9.52 57.25
N GLU E 166 80.08 10.38 58.21
CA GLU E 166 78.71 10.55 58.68
C GLU E 166 78.10 11.74 57.95
N ALA E 167 77.77 11.51 56.68
CA ALA E 167 77.18 12.53 55.81
C ALA E 167 75.83 12.02 55.34
N LYS E 168 74.79 12.32 56.11
CA LYS E 168 73.43 11.89 55.79
C LYS E 168 72.85 12.83 54.74
N VAL E 169 72.90 12.42 53.47
CA VAL E 169 72.36 13.21 52.37
C VAL E 169 71.07 12.63 51.82
N GLN E 170 70.67 11.43 52.23
CA GLN E 170 69.44 10.81 51.75
C GLN E 170 68.25 11.51 52.38
N TRP E 171 67.60 12.37 51.60
CA TRP E 171 66.45 13.14 52.06
C TRP E 171 65.15 12.44 51.65
N LYS E 172 64.05 12.87 52.26
CA LYS E 172 62.74 12.29 52.00
C LYS E 172 61.69 13.37 52.24
N VAL E 173 61.25 14.01 51.17
CA VAL E 173 60.29 15.12 51.25
C VAL E 173 59.10 14.73 50.37
N ASP E 174 58.11 14.09 50.97
CA ASP E 174 56.83 13.76 50.32
C ASP E 174 57.03 13.08 48.98
N ASN E 175 57.91 12.08 48.96
CA ASN E 175 58.21 11.28 47.77
C ASN E 175 58.66 12.18 46.61
N ALA E 176 59.77 12.88 46.84
CA ALA E 176 60.33 13.77 45.83
C ALA E 176 61.36 13.00 45.00
N LEU E 177 61.07 12.84 43.71
CA LEU E 177 61.95 12.10 42.80
C LEU E 177 62.95 13.08 42.19
N GLN E 178 63.99 13.39 42.96
CA GLN E 178 65.08 14.25 42.52
C GLN E 178 66.41 13.54 42.73
N SER E 179 67.48 14.14 42.20
CA SER E 179 68.80 13.53 42.29
C SER E 179 69.83 14.66 42.29
N GLY E 180 70.39 14.94 43.46
CA GLY E 180 71.47 15.90 43.58
C GLY E 180 71.05 17.27 44.06
N ASN E 181 71.24 17.53 45.36
CA ASN E 181 70.95 18.84 45.93
C ASN E 181 71.98 19.32 46.94
N SER E 182 73.06 18.56 47.16
CA SER E 182 74.08 18.94 48.13
C SER E 182 75.33 18.13 47.85
N GLN E 183 76.35 18.33 48.69
CA GLN E 183 77.61 17.61 48.56
C GLN E 183 78.16 17.36 49.95
N GLU E 184 79.25 16.58 50.00
CA GLU E 184 79.89 16.22 51.26
C GLU E 184 80.99 17.24 51.56
N SER E 185 80.55 18.42 52.00
CA SER E 185 81.48 19.48 52.34
C SER E 185 82.10 19.23 53.70
N VAL E 186 83.44 19.25 53.75
CA VAL E 186 84.19 19.01 54.97
C VAL E 186 85.22 20.11 55.14
N THR E 187 85.80 20.19 56.33
CA THR E 187 86.81 21.19 56.67
C THR E 187 87.90 20.49 57.48
N GLU E 188 88.77 21.28 58.10
CA GLU E 188 89.83 20.74 58.92
C GLU E 188 89.25 20.13 60.20
N GLN E 189 89.88 19.05 60.65
CA GLN E 189 89.43 18.34 61.84
C GLN E 189 90.20 18.80 63.07
N ASP E 190 89.56 18.68 64.23
CA ASP E 190 90.14 19.06 65.50
C ASP E 190 90.44 17.83 66.33
N SER E 191 91.45 17.93 67.18
CA SER E 191 91.84 16.83 68.06
C SER E 191 91.01 16.77 69.33
N LYS E 192 90.08 17.70 69.53
CA LYS E 192 89.26 17.72 70.73
C LYS E 192 87.96 16.95 70.52
N ASP E 193 87.16 17.35 69.52
CA ASP E 193 85.89 16.69 69.27
C ASP E 193 85.62 16.47 67.78
N SER E 194 86.66 16.60 66.94
CA SER E 194 86.53 16.41 65.50
C SER E 194 85.47 17.34 64.90
N THR E 195 85.74 18.64 65.03
CA THR E 195 84.81 19.67 64.59
C THR E 195 84.96 19.88 63.09
N TYR E 196 83.98 19.40 62.32
CA TYR E 196 83.93 19.62 60.89
C TYR E 196 82.90 20.70 60.56
N SER E 197 82.66 20.92 59.27
CA SER E 197 81.69 21.93 58.83
C SER E 197 81.11 21.50 57.50
N LEU E 198 79.79 21.38 57.44
CA LEU E 198 79.08 20.98 56.24
C LEU E 198 78.32 22.17 55.66
N SER E 199 78.28 22.25 54.33
CA SER E 199 77.56 23.30 53.64
C SER E 199 76.75 22.69 52.50
N SER E 200 75.89 23.51 51.90
CA SER E 200 75.05 23.07 50.79
C SER E 200 74.77 24.26 49.88
N THR E 201 74.96 24.05 48.58
CA THR E 201 74.75 25.08 47.57
C THR E 201 73.47 24.83 46.78
N LEU E 202 72.42 24.38 47.47
CA LEU E 202 71.16 24.06 46.82
C LEU E 202 70.57 25.29 46.15
N THR E 203 70.40 25.22 44.84
CA THR E 203 69.85 26.34 44.08
C THR E 203 68.38 26.54 44.41
N LEU E 204 68.02 27.75 44.83
CA LEU E 204 66.64 28.08 45.17
C LEU E 204 66.35 29.49 44.68
N SER E 205 65.51 29.60 43.66
CA SER E 205 65.14 30.87 43.08
C SER E 205 63.84 31.38 43.70
N LYS E 206 63.31 32.49 43.16
CA LYS E 206 62.06 33.04 43.68
C LYS E 206 60.88 32.12 43.37
N ALA E 207 60.80 31.61 42.14
CA ALA E 207 59.69 30.73 41.78
C ALA E 207 59.77 29.41 42.53
N ASP E 208 60.97 28.83 42.62
CA ASP E 208 61.14 27.57 43.34
C ASP E 208 60.81 27.71 44.82
N TYR E 209 61.13 28.87 45.42
CA TYR E 209 60.76 29.11 46.80
C TYR E 209 59.27 29.37 46.93
N GLU E 210 58.64 29.93 45.89
CA GLU E 210 57.20 30.16 45.92
C GLU E 210 56.43 28.86 45.88
N LYS E 211 56.85 27.93 45.01
CA LYS E 211 56.20 26.62 44.92
C LYS E 211 56.89 25.61 45.83
N HIS E 212 57.02 26.00 47.11
CA HIS E 212 57.67 25.16 48.11
C HIS E 212 56.84 25.22 49.38
N LYS E 213 56.39 24.04 49.85
CA LYS E 213 55.53 23.96 51.02
C LYS E 213 56.34 23.74 52.30
N VAL E 214 57.09 22.63 52.37
CA VAL E 214 57.86 22.28 53.54
C VAL E 214 59.29 21.92 53.11
N TYR E 215 60.18 21.89 54.09
CA TYR E 215 61.59 21.57 53.88
C TYR E 215 62.07 20.57 54.92
N ALA E 216 61.26 19.55 55.16
CA ALA E 216 61.59 18.52 56.16
C ALA E 216 62.73 17.66 55.64
N CYS E 217 63.93 17.89 56.17
CA CYS E 217 65.11 17.15 55.77
C CYS E 217 65.34 15.97 56.72
N GLU E 218 66.40 15.21 56.45
CA GLU E 218 66.77 14.05 57.26
C GLU E 218 68.21 14.20 57.69
N VAL E 219 68.44 14.40 59.00
CA VAL E 219 69.78 14.56 59.53
C VAL E 219 70.07 13.39 60.47
N THR E 220 69.47 12.23 60.18
CA THR E 220 69.63 11.06 61.02
C THR E 220 71.02 10.47 60.84
N HIS E 221 71.83 10.53 61.88
CA HIS E 221 73.18 9.98 61.89
C HIS E 221 73.25 8.83 62.89
N GLN E 222 74.46 8.28 63.07
CA GLN E 222 74.65 7.19 64.03
C GLN E 222 74.48 7.67 65.46
N GLY E 223 74.76 8.94 65.73
CA GLY E 223 74.60 9.49 67.06
C GLY E 223 73.34 10.33 67.19
N LEU E 224 73.00 11.06 66.13
CA LEU E 224 71.81 11.90 66.11
C LEU E 224 70.66 11.09 65.49
N SER E 225 70.09 10.21 66.32
CA SER E 225 69.01 9.35 65.83
C SER E 225 67.69 10.09 65.70
N SER E 226 67.44 11.08 66.55
CA SER E 226 66.21 11.87 66.54
C SER E 226 66.57 13.33 66.25
N PRO E 227 66.69 13.70 64.98
CA PRO E 227 67.01 15.08 64.63
C PRO E 227 65.76 15.94 64.44
N VAL E 228 65.81 17.15 65.01
CA VAL E 228 64.70 18.09 64.91
C VAL E 228 64.80 18.84 63.59
N THR E 229 64.12 18.33 62.57
CA THR E 229 64.16 18.97 61.25
C THR E 229 63.39 20.29 61.30
N LYS E 230 63.88 21.27 60.53
CA LYS E 230 63.27 22.59 60.46
C LYS E 230 62.56 22.70 59.11
N SER E 231 61.29 22.30 59.09
CA SER E 231 60.48 22.34 57.87
C SER E 231 59.73 23.67 57.83
N PHE E 232 60.47 24.72 57.46
CA PHE E 232 59.89 26.05 57.35
C PHE E 232 59.27 26.26 55.98
N ASN E 233 58.29 27.17 55.93
CA ASN E 233 57.58 27.48 54.70
C ASN E 233 58.31 28.58 53.95
N ARG E 234 57.67 29.10 52.90
CA ARG E 234 58.27 30.15 52.09
C ARG E 234 58.33 31.47 52.86
N GLY E 235 59.15 32.39 52.34
CA GLY E 235 59.30 33.68 52.95
C GLY E 235 60.39 33.78 54.00
N GLU E 236 61.23 32.76 54.13
CA GLU E 236 62.31 32.78 55.13
C GLU E 236 63.60 33.26 54.46
N CYS E 237 63.61 34.56 54.15
CA CYS E 237 64.76 35.19 53.51
C CYS E 237 65.77 35.65 54.54
N ASP F 1 61.49 3.40 40.99
CA ASP F 1 62.07 4.70 40.71
C ASP F 1 63.55 4.73 41.08
N VAL F 2 64.03 3.64 41.68
CA VAL F 2 65.43 3.52 42.09
C VAL F 2 66.27 2.79 41.06
N GLN F 3 65.73 2.56 39.86
CA GLN F 3 66.44 1.87 38.80
C GLN F 3 67.19 2.83 37.88
N LEU F 4 67.34 4.10 38.27
CA LEU F 4 68.05 5.10 37.47
C LEU F 4 69.54 5.02 37.76
N GLN F 5 70.17 3.98 37.22
CA GLN F 5 71.60 3.74 37.41
C GLN F 5 72.38 4.73 36.54
N GLU F 6 72.93 5.76 37.17
CA GLU F 6 73.71 6.77 36.46
C GLU F 6 75.07 6.18 36.12
N SER F 7 75.26 5.84 34.84
CA SER F 7 76.51 5.26 34.36
C SER F 7 77.31 6.33 33.64
N GLY F 8 78.45 6.72 34.20
CA GLY F 8 79.31 7.71 33.61
C GLY F 8 80.56 7.11 33.02
N PRO F 9 80.78 7.34 31.72
CA PRO F 9 81.99 6.80 31.08
C PRO F 9 83.24 7.52 31.53
N GLY F 10 84.28 6.74 31.80
CA GLY F 10 85.56 7.29 32.24
C GLY F 10 86.70 7.17 31.26
N LEU F 11 86.44 6.73 30.03
CA LEU F 11 87.48 6.57 29.01
C LEU F 11 87.20 7.45 27.80
N VAL F 12 86.50 8.55 28.00
CA VAL F 12 86.19 9.47 26.90
C VAL F 12 87.40 10.34 26.62
N LYS F 13 87.50 10.81 25.37
CA LYS F 13 88.64 11.61 24.96
C LYS F 13 88.52 13.02 25.57
N PRO F 14 89.62 13.58 26.06
CA PRO F 14 89.57 14.95 26.61
C PRO F 14 89.25 15.96 25.53
N SER F 15 88.47 16.97 25.93
CA SER F 15 88.04 18.05 25.02
C SER F 15 87.30 17.49 23.80
N GLN F 16 86.47 16.48 24.02
CA GLN F 16 85.66 15.90 22.97
C GLN F 16 84.20 15.83 23.38
N SER F 17 83.36 15.20 22.55
CA SER F 17 81.94 15.09 22.82
C SER F 17 81.72 14.02 23.89
N LEU F 18 81.23 14.43 25.05
CA LEU F 18 80.96 13.52 26.15
C LEU F 18 79.58 12.92 25.98
N SER F 19 79.50 11.59 25.96
CA SER F 19 78.25 10.85 25.81
C SER F 19 78.02 10.04 27.07
N LEU F 20 77.34 10.63 28.05
CA LEU F 20 77.05 9.96 29.29
C LEU F 20 75.86 9.03 29.13
N THR F 21 75.97 7.83 29.71
CA THR F 21 74.91 6.82 29.63
C THR F 21 73.79 7.22 30.58
N CYS F 22 72.89 8.07 30.11
CA CYS F 22 71.74 8.53 30.89
C CYS F 22 70.68 7.43 30.91
N THR F 23 70.96 6.39 31.68
CA THR F 23 70.04 5.25 31.81
C THR F 23 68.81 5.69 32.56
N VAL F 24 67.67 5.74 31.86
CA VAL F 24 66.39 6.14 32.43
C VAL F 24 65.47 4.94 32.34
N THR F 25 65.40 4.16 33.41
CA THR F 25 64.53 2.99 33.49
C THR F 25 63.55 3.20 34.64
N GLY F 26 62.28 3.44 34.29
CA GLY F 26 61.26 3.69 35.30
C GLY F 26 59.97 4.19 34.71
N TYR F 27 59.45 5.28 35.28
CA TYR F 27 58.20 5.86 34.78
C TYR F 27 58.39 6.41 33.36
N SER F 28 57.28 6.49 32.64
CA SER F 28 57.31 6.99 31.27
C SER F 28 57.63 8.47 31.25
N ILE F 29 58.54 8.87 30.37
CA ILE F 29 58.95 10.26 30.23
C ILE F 29 57.85 11.00 29.48
N THR F 30 57.01 11.73 30.21
CA THR F 30 55.91 12.49 29.63
C THR F 30 55.96 13.94 30.12
N SER F 31 57.16 14.51 30.16
CA SER F 31 57.37 15.90 30.60
C SER F 31 56.82 16.11 32.01
N ASP F 32 57.22 15.23 32.93
CA ASP F 32 56.78 15.29 34.32
C ASP F 32 57.84 15.85 35.26
N TYR F 33 59.10 15.51 35.03
CA TYR F 33 60.21 15.96 35.87
C TYR F 33 61.21 16.72 35.01
N ALA F 34 62.34 17.08 35.62
CA ALA F 34 63.42 17.81 34.95
C ALA F 34 64.56 16.83 34.68
N TRP F 35 64.55 16.23 33.49
CA TRP F 35 65.60 15.30 33.08
C TRP F 35 66.77 16.10 32.54
N ASN F 36 67.71 16.44 33.41
CA ASN F 36 68.88 17.19 33.02
C ASN F 36 70.06 16.72 33.87
N TRP F 37 71.26 17.06 33.40
CA TRP F 37 72.50 16.69 34.09
C TRP F 37 72.94 17.81 35.01
N ILE F 38 73.20 17.49 36.26
CA ILE F 38 73.61 18.46 37.26
C ILE F 38 75.14 18.51 37.30
N ARG F 39 75.70 19.69 37.00
CA ARG F 39 77.14 19.88 37.01
C ARG F 39 77.55 20.27 38.43
N GLN F 40 77.88 19.27 39.24
CA GLN F 40 78.29 19.47 40.62
C GLN F 40 79.81 19.40 40.68
N PHE F 41 80.45 20.56 40.53
CA PHE F 41 81.91 20.65 40.56
C PHE F 41 82.37 21.40 41.80
N PRO F 42 83.39 20.89 42.50
CA PRO F 42 83.89 21.59 43.69
C PRO F 42 84.48 22.96 43.36
N GLY F 43 83.84 24.03 43.85
CA GLY F 43 84.30 25.37 43.59
C GLY F 43 83.21 26.29 43.07
N ASN F 44 82.19 25.71 42.45
CA ASN F 44 81.07 26.47 41.92
C ASN F 44 79.78 25.74 42.19
N LYS F 45 78.68 26.49 42.22
CA LYS F 45 77.36 25.93 42.47
C LYS F 45 76.83 25.24 41.22
N LEU F 46 75.77 24.46 41.41
CA LEU F 46 75.13 23.77 40.30
C LEU F 46 74.24 24.73 39.51
N GLU F 47 74.25 24.57 38.19
CA GLU F 47 73.47 25.43 37.29
C GLU F 47 72.34 24.61 36.70
N TRP F 48 71.11 25.08 36.88
CA TRP F 48 69.95 24.40 36.31
C TRP F 48 69.94 24.55 34.80
N MET F 49 70.08 23.43 34.09
CA MET F 49 70.14 23.47 32.63
C MET F 49 68.75 23.57 32.03
N GLY F 50 67.90 22.58 32.28
CA GLY F 50 66.55 22.57 31.75
C GLY F 50 65.84 21.26 31.92
N TYR F 51 65.09 20.85 30.90
CA TYR F 51 64.33 19.60 30.94
C TYR F 51 63.99 19.20 29.51
N ILE F 52 63.33 18.06 29.38
CA ILE F 52 62.88 17.55 28.09
C ILE F 52 61.38 17.29 28.16
N SER F 53 60.75 17.33 26.99
CA SER F 53 59.31 17.11 26.89
C SER F 53 59.03 15.63 26.65
N TYR F 54 57.77 15.30 26.34
CA TYR F 54 57.42 13.91 26.07
C TYR F 54 58.02 13.41 24.77
N SER F 55 58.20 14.30 23.79
CA SER F 55 58.77 13.93 22.50
C SER F 55 60.10 14.61 22.20
N GLY F 56 60.52 15.59 23.01
CA GLY F 56 61.78 16.27 22.78
C GLY F 56 61.61 17.71 22.35
N SER F 57 61.83 18.65 23.28
CA SER F 57 61.74 20.07 22.99
C SER F 57 63.03 20.83 23.25
N THR F 58 63.97 20.25 24.00
CA THR F 58 65.25 20.88 24.31
C THR F 58 65.06 22.26 24.94
N GLY F 59 64.31 22.27 26.05
CA GLY F 59 64.06 23.49 26.78
C GLY F 59 65.12 23.80 27.81
N TYR F 60 66.36 23.95 27.35
CA TYR F 60 67.49 24.22 28.22
C TYR F 60 67.85 25.70 28.17
N ASN F 61 68.93 26.07 28.84
CA ASN F 61 69.36 27.46 28.87
C ASN F 61 69.93 27.85 27.51
N PRO F 62 69.73 29.10 27.08
CA PRO F 62 70.27 29.52 25.77
C PRO F 62 71.78 29.63 25.74
N SER F 63 72.43 29.77 26.90
CA SER F 63 73.89 29.87 26.91
C SER F 63 74.53 28.53 26.56
N LEU F 64 74.19 27.48 27.30
CA LEU F 64 74.72 26.14 27.04
C LEU F 64 73.80 25.35 26.11
N LYS F 65 73.53 25.92 24.94
CA LYS F 65 72.65 25.28 23.96
C LYS F 65 73.36 25.14 22.62
N SER F 66 74.21 26.12 22.28
CA SER F 66 74.92 26.06 21.00
C SER F 66 76.00 24.98 21.02
N ARG F 67 76.96 25.10 21.94
CA ARG F 67 78.01 24.10 22.05
C ARG F 67 77.60 22.85 22.82
N ILE F 68 76.45 22.89 23.48
CA ILE F 68 75.91 21.74 24.21
C ILE F 68 74.57 21.40 23.58
N SER F 69 74.56 20.38 22.71
CA SER F 69 73.34 19.95 22.03
C SER F 69 72.84 18.69 22.73
N ILE F 70 71.80 18.85 23.55
CA ILE F 70 71.22 17.73 24.27
C ILE F 70 70.34 16.93 23.31
N THR F 71 70.60 15.63 23.22
CA THR F 71 69.85 14.75 22.34
C THR F 71 68.68 14.11 23.10
N ARG F 72 67.81 13.44 22.36
CA ARG F 72 66.64 12.77 22.93
C ARG F 72 66.44 11.44 22.23
N ASP F 73 66.34 10.37 23.03
CA ASP F 73 66.11 9.02 22.52
C ASP F 73 64.88 8.46 23.22
N THR F 74 63.77 8.37 22.48
CA THR F 74 62.53 7.86 23.04
C THR F 74 62.31 6.37 22.80
N SER F 75 62.98 5.80 21.78
CA SER F 75 62.81 4.39 21.47
C SER F 75 63.29 3.52 22.62
N LYS F 76 64.57 3.66 22.98
CA LYS F 76 65.16 2.88 24.07
C LYS F 76 65.01 3.55 25.43
N ASN F 77 64.38 4.73 25.48
CA ASN F 77 64.18 5.48 26.72
C ASN F 77 65.52 5.78 27.42
N GLN F 78 66.58 5.95 26.63
CA GLN F 78 67.92 6.24 27.15
C GLN F 78 68.56 7.24 26.19
N PHE F 79 68.47 8.52 26.53
CA PHE F 79 69.03 9.57 25.69
C PHE F 79 70.52 9.73 25.98
N PHE F 80 71.25 10.20 24.98
CA PHE F 80 72.68 10.43 25.09
C PHE F 80 72.96 11.93 25.27
N LEU F 81 74.25 12.26 25.41
CA LEU F 81 74.68 13.63 25.56
C LEU F 81 75.76 13.95 24.53
N GLN F 82 75.91 15.23 24.24
CA GLN F 82 76.90 15.73 23.28
C GLN F 82 77.70 16.86 23.88
N LEU F 83 78.20 16.66 25.10
CA LEU F 83 78.98 17.69 25.79
C LEU F 83 80.36 17.78 25.16
N ASN F 84 80.53 18.70 24.20
CA ASN F 84 81.78 18.88 23.50
C ASN F 84 82.69 19.84 24.27
N SER F 85 84.01 19.65 24.06
CA SER F 85 85.03 20.48 24.69
C SER F 85 84.92 20.43 26.22
N VAL F 86 85.10 19.22 26.76
CA VAL F 86 85.04 19.01 28.20
C VAL F 86 86.28 19.64 28.83
N THR F 87 86.08 20.74 29.55
CA THR F 87 87.18 21.44 30.20
C THR F 87 87.41 20.85 31.59
N THR F 88 88.23 21.53 32.40
CA THR F 88 88.51 21.04 33.75
C THR F 88 87.28 21.17 34.65
N GLU F 89 86.56 22.29 34.55
CA GLU F 89 85.36 22.48 35.36
C GLU F 89 84.21 21.60 34.91
N ASP F 90 84.20 21.17 33.64
CA ASP F 90 83.14 20.30 33.16
C ASP F 90 83.30 18.88 33.71
N THR F 91 84.53 18.46 33.99
CA THR F 91 84.79 17.13 34.53
C THR F 91 84.36 17.09 35.98
N ALA F 92 83.15 16.58 36.24
CA ALA F 92 82.62 16.50 37.58
C ALA F 92 81.55 15.40 37.62
N THR F 93 81.01 15.17 38.81
CA THR F 93 79.99 14.15 39.00
C THR F 93 78.65 14.67 38.50
N TYR F 94 78.10 14.03 37.48
CA TYR F 94 76.83 14.42 36.90
C TYR F 94 75.70 13.56 37.46
N TYR F 95 74.50 14.13 37.48
CA TYR F 95 73.30 13.46 37.96
C TYR F 95 72.26 13.50 36.83
N CYS F 96 72.30 12.50 35.96
CA CYS F 96 71.38 12.43 34.82
C CYS F 96 70.19 11.55 35.21
N ALA F 97 69.24 12.17 35.90
CA ALA F 97 68.02 11.48 36.34
C ALA F 97 66.88 12.47 36.33
N ARG F 98 65.73 12.06 36.86
CA ARG F 98 64.56 12.92 36.93
C ARG F 98 64.61 13.78 38.19
N LEU F 99 64.20 15.03 38.06
CA LEU F 99 64.16 15.98 39.17
C LEU F 99 62.80 16.66 39.19
N TYR F 100 62.11 16.55 40.32
CA TYR F 100 60.82 17.21 40.47
C TYR F 100 61.01 18.72 40.56
N TYR F 101 60.26 19.45 39.74
CA TYR F 101 60.36 20.91 39.72
C TYR F 101 59.87 21.48 41.05
N GLY F 102 60.74 22.22 41.73
CA GLY F 102 60.39 22.82 43.01
C GLY F 102 61.52 22.78 44.01
N PHE F 103 62.47 21.87 43.80
CA PHE F 103 63.64 21.73 44.67
C PHE F 103 63.23 21.47 46.11
N TYR F 104 62.52 20.36 46.32
CA TYR F 104 62.07 19.96 47.64
C TYR F 104 63.10 19.12 48.39
N GLY F 105 63.90 18.34 47.66
CA GLY F 105 64.89 17.47 48.28
C GLY F 105 65.07 16.17 47.53
N MET F 106 66.31 15.80 47.26
CA MET F 106 66.60 14.60 46.49
C MET F 106 66.65 13.37 47.39
N ASP F 107 66.16 12.25 46.86
CA ASP F 107 66.17 10.98 47.57
C ASP F 107 67.26 10.03 47.07
N TYR F 108 68.05 10.44 46.08
CA TYR F 108 69.10 9.61 45.53
C TYR F 108 70.41 9.87 46.28
N TRP F 109 71.51 9.33 45.77
CA TRP F 109 72.80 9.52 46.40
C TRP F 109 73.33 10.92 46.14
N GLY F 110 74.24 11.37 47.01
CA GLY F 110 74.86 12.66 46.89
C GLY F 110 76.29 12.67 46.41
N GLN F 111 76.82 11.55 45.93
CA GLN F 111 78.19 11.48 45.46
C GLN F 111 78.27 11.72 43.95
N GLY F 112 77.56 10.91 43.17
CA GLY F 112 77.53 11.06 41.74
C GLY F 112 78.47 10.11 41.03
N THR F 113 78.76 10.45 39.77
CA THR F 113 79.66 9.66 38.93
C THR F 113 80.56 10.62 38.16
N SER F 114 81.83 10.67 38.52
CA SER F 114 82.78 11.57 37.88
C SER F 114 83.15 11.04 36.50
N VAL F 115 82.86 11.82 35.46
CA VAL F 115 83.17 11.44 34.08
C VAL F 115 84.58 11.96 33.81
N THR F 116 85.57 11.14 34.18
CA THR F 116 86.97 11.51 34.00
C THR F 116 87.34 11.41 32.53
N VAL F 117 87.93 12.48 31.99
CA VAL F 117 88.36 12.53 30.59
C VAL F 117 89.76 11.92 30.56
N SER F 118 89.82 10.60 30.40
CA SER F 118 91.07 9.86 30.37
C SER F 118 91.04 8.86 29.22
N SER F 119 92.18 8.22 28.99
CA SER F 119 92.33 7.24 27.93
C SER F 119 93.35 6.20 28.40
N ALA F 120 93.87 5.41 27.46
CA ALA F 120 94.85 4.37 27.76
C ALA F 120 96.22 5.02 28.02
N LYS F 121 96.28 5.79 29.10
CA LYS F 121 97.48 6.48 29.52
C LYS F 121 98.13 5.73 30.69
N THR F 122 99.16 6.33 31.27
CA THR F 122 99.84 5.71 32.40
C THR F 122 99.01 5.75 33.68
N THR F 123 97.86 6.41 33.67
CA THR F 123 97.02 6.45 34.86
C THR F 123 96.35 5.12 35.14
N THR F 124 96.07 4.34 34.09
CA THR F 124 95.43 3.04 34.22
C THR F 124 96.39 1.98 33.70
N LYS F 125 96.90 1.13 34.60
CA LYS F 125 97.81 0.06 34.25
C LYS F 125 97.30 -1.25 34.84
N GLY F 126 98.09 -2.30 34.69
CA GLY F 126 97.74 -3.60 35.21
C GLY F 126 97.81 -3.63 36.73
N PRO F 127 96.72 -4.07 37.37
CA PRO F 127 96.68 -4.12 38.84
C PRO F 127 97.73 -5.09 39.38
N SER F 128 98.70 -4.54 40.11
CA SER F 128 99.76 -5.34 40.72
C SER F 128 99.32 -5.73 42.13
N VAL F 129 98.73 -6.92 42.24
CA VAL F 129 98.24 -7.41 43.52
C VAL F 129 99.41 -7.94 44.33
N PHE F 130 99.32 -7.81 45.65
CA PHE F 130 100.36 -8.24 46.56
C PHE F 130 99.82 -9.26 47.56
N PRO F 131 100.62 -10.27 47.93
CA PRO F 131 100.12 -11.27 48.88
C PRO F 131 100.03 -10.73 50.30
N LEU F 132 98.96 -9.99 50.58
CA LEU F 132 98.76 -9.44 51.92
C LEU F 132 98.39 -10.54 52.88
N ALA F 133 99.29 -10.82 53.84
CA ALA F 133 99.06 -11.86 54.83
C ALA F 133 98.60 -11.24 56.14
N PRO F 134 97.47 -11.66 56.69
CA PRO F 134 96.99 -11.09 57.96
C PRO F 134 97.88 -11.53 59.12
N SER F 135 98.49 -10.54 59.78
CA SER F 135 99.37 -10.81 60.91
C SER F 135 98.55 -10.92 62.18
N SER F 136 98.56 -12.09 62.81
CA SER F 136 97.80 -12.29 64.03
C SER F 136 98.41 -11.55 65.21
N LYS F 137 99.72 -11.31 65.18
CA LYS F 137 100.41 -10.59 66.27
C LYS F 137 100.35 -9.10 66.00
N SER F 138 99.14 -8.56 66.07
CA SER F 138 98.90 -7.14 65.85
C SER F 138 97.60 -6.75 66.52
N THR F 139 97.64 -5.68 67.33
CA THR F 139 96.48 -5.18 68.05
C THR F 139 96.44 -3.66 67.86
N SER F 140 95.70 -3.21 66.84
CA SER F 140 95.58 -1.78 66.55
C SER F 140 94.43 -1.20 67.38
N GLY F 141 94.65 -1.14 68.69
CA GLY F 141 93.67 -0.63 69.61
C GLY F 141 92.42 -1.50 69.70
N GLY F 142 91.30 -1.01 69.18
CA GLY F 142 90.07 -1.76 69.18
C GLY F 142 89.68 -2.23 67.79
N THR F 143 90.42 -1.81 66.78
CA THR F 143 90.17 -2.18 65.40
C THR F 143 91.15 -3.27 64.96
N ALA F 144 91.09 -3.63 63.69
CA ALA F 144 91.95 -4.65 63.11
C ALA F 144 92.92 -4.02 62.12
N ALA F 145 93.70 -4.86 61.45
CA ALA F 145 94.71 -4.42 60.48
C ALA F 145 94.52 -5.14 59.15
N LEU F 146 93.27 -5.20 58.69
CA LEU F 146 92.97 -5.83 57.41
C LEU F 146 93.21 -4.82 56.28
N GLY F 147 92.80 -5.17 55.07
CA GLY F 147 92.95 -4.33 53.90
C GLY F 147 93.54 -5.10 52.74
N CYS F 148 93.72 -4.37 51.64
CA CYS F 148 94.27 -4.93 50.41
C CYS F 148 95.49 -4.11 50.00
N LEU F 149 96.21 -4.63 49.00
CA LEU F 149 97.43 -3.99 48.50
C LEU F 149 97.41 -3.94 46.98
N VAL F 150 96.28 -3.52 46.41
CA VAL F 150 96.14 -3.40 44.96
C VAL F 150 96.60 -2.01 44.55
N LYS F 151 97.56 -1.95 43.62
CA LYS F 151 98.11 -0.69 43.14
C LYS F 151 98.18 -0.71 41.63
N ASP F 152 98.35 0.48 41.04
CA ASP F 152 98.51 0.66 39.60
C ASP F 152 97.31 0.09 38.85
N TYR F 153 96.14 0.68 39.10
CA TYR F 153 94.90 0.26 38.46
C TYR F 153 94.09 1.50 38.12
N PHE F 154 92.82 1.30 37.81
CA PHE F 154 91.96 2.40 37.39
C PHE F 154 91.86 3.45 38.50
N PRO F 155 91.82 4.74 38.17
CA PRO F 155 91.77 5.78 39.20
C PRO F 155 90.47 5.81 39.97
N GLU F 156 90.32 6.83 40.84
CA GLU F 156 89.21 7.05 41.76
C GLU F 156 87.83 6.70 41.21
N PRO F 157 87.48 7.04 39.95
CA PRO F 157 86.13 6.70 39.46
C PRO F 157 85.90 5.21 39.26
N VAL F 158 86.85 4.37 39.70
CA VAL F 158 86.67 2.93 39.67
C VAL F 158 85.60 2.55 40.70
N THR F 159 85.11 1.31 40.62
CA THR F 159 84.03 0.83 41.48
C THR F 159 84.50 -0.28 42.40
N VAL F 160 85.68 -0.10 43.01
CA VAL F 160 86.20 -1.10 43.93
C VAL F 160 85.29 -1.17 45.16
N SER F 161 84.95 -2.39 45.56
CA SER F 161 84.10 -2.60 46.72
C SER F 161 84.69 -3.65 47.65
N TRP F 162 83.94 -4.03 48.68
CA TRP F 162 84.38 -5.03 49.64
C TRP F 162 84.06 -6.42 49.10
N ASN F 163 84.33 -7.46 49.90
CA ASN F 163 84.06 -8.84 49.49
C ASN F 163 82.57 -9.13 49.51
N SER F 164 81.93 -9.05 48.36
CA SER F 164 80.49 -9.29 48.21
C SER F 164 79.68 -8.36 49.14
N GLY F 165 79.83 -7.07 48.89
CA GLY F 165 79.15 -6.06 49.68
C GLY F 165 77.64 -6.09 49.54
N ALA F 166 76.95 -6.51 50.59
CA ALA F 166 75.49 -6.55 50.58
C ALA F 166 74.94 -5.86 51.82
N LEU F 167 75.73 -5.81 52.89
CA LEU F 167 75.34 -5.15 54.14
C LEU F 167 75.89 -3.74 54.25
N THR F 168 77.10 -3.50 53.73
CA THR F 168 77.76 -2.20 53.77
C THR F 168 77.87 -1.69 55.22
N SER F 169 78.58 -2.46 56.03
CA SER F 169 78.80 -2.10 57.43
C SER F 169 80.12 -1.34 57.56
N GLY F 170 80.14 -0.16 56.95
CA GLY F 170 81.32 0.68 56.97
C GLY F 170 81.61 1.32 55.62
N VAL F 171 80.77 1.04 54.63
CA VAL F 171 80.93 1.60 53.28
C VAL F 171 80.24 2.96 53.29
N HIS F 172 81.00 3.99 53.65
CA HIS F 172 80.52 5.36 53.71
C HIS F 172 81.21 6.20 52.64
N THR F 173 80.90 7.49 52.63
CA THR F 173 81.47 8.44 51.70
C THR F 173 82.63 9.18 52.35
N PHE F 174 83.58 9.63 51.51
CA PHE F 174 84.74 10.37 52.01
C PHE F 174 85.26 11.28 50.92
N PRO F 175 85.32 12.60 51.16
CA PRO F 175 85.85 13.53 50.15
C PRO F 175 87.34 13.29 49.92
N ALA F 176 87.70 12.93 48.70
CA ALA F 176 89.08 12.66 48.33
C ALA F 176 89.46 13.52 47.13
N VAL F 177 90.77 13.66 46.93
CA VAL F 177 91.32 14.45 45.83
C VAL F 177 92.03 13.51 44.87
N LEU F 178 91.91 13.80 43.57
CA LEU F 178 92.55 12.97 42.56
C LEU F 178 94.06 13.15 42.59
N GLN F 179 94.77 12.08 42.25
CA GLN F 179 96.22 12.11 42.23
C GLN F 179 96.73 12.64 40.90
N SER F 180 97.93 13.23 40.94
CA SER F 180 98.52 13.78 39.71
C SER F 180 98.99 12.66 38.78
N SER F 181 99.58 11.60 39.33
CA SER F 181 100.07 10.51 38.51
C SER F 181 98.94 9.62 37.98
N GLY F 182 97.78 9.66 38.62
CA GLY F 182 96.64 8.86 38.20
C GLY F 182 96.62 7.45 38.73
N LEU F 183 97.73 6.95 39.30
CA LEU F 183 97.79 5.60 39.86
C LEU F 183 97.17 5.61 41.26
N TYR F 184 95.84 5.70 41.28
CA TYR F 184 95.11 5.75 42.54
C TYR F 184 95.15 4.38 43.22
N SER F 185 95.03 4.41 44.55
CA SER F 185 95.12 3.21 45.38
C SER F 185 93.98 3.18 46.39
N LEU F 186 92.76 3.39 45.91
CA LEU F 186 91.59 3.36 46.79
C LEU F 186 91.39 1.96 47.35
N SER F 187 91.46 1.84 48.66
CA SER F 187 91.30 0.57 49.36
C SER F 187 90.12 0.70 50.33
N SER F 188 88.93 0.32 49.88
CA SER F 188 87.73 0.41 50.69
C SER F 188 87.73 -0.75 51.68
N VAL F 189 87.76 -0.42 52.98
CA VAL F 189 87.76 -1.40 54.05
C VAL F 189 86.65 -1.06 55.02
N VAL F 190 85.82 -2.05 55.36
CA VAL F 190 84.70 -1.85 56.28
C VAL F 190 85.21 -1.94 57.71
N THR F 191 84.39 -1.49 58.66
CA THR F 191 84.75 -1.54 60.07
C THR F 191 84.64 -2.99 60.56
N VAL F 192 85.78 -3.63 60.77
CA VAL F 192 85.83 -5.02 61.22
C VAL F 192 86.33 -5.04 62.66
N PRO F 193 85.88 -5.99 63.48
CA PRO F 193 86.37 -6.06 64.86
C PRO F 193 87.83 -6.49 64.92
N SER F 194 88.43 -6.28 66.09
CA SER F 194 89.84 -6.64 66.28
C SER F 194 90.03 -8.15 66.29
N SER F 195 88.99 -8.91 66.63
CA SER F 195 89.12 -10.37 66.67
C SER F 195 89.18 -10.97 65.27
N SER F 196 88.70 -10.23 64.26
CA SER F 196 88.71 -10.73 62.89
C SER F 196 90.09 -10.72 62.25
N LEU F 197 91.06 -10.06 62.86
CA LEU F 197 92.41 -10.00 62.29
C LEU F 197 93.10 -11.35 62.48
N GLY F 198 93.66 -11.88 61.40
CA GLY F 198 94.35 -13.15 61.41
C GLY F 198 93.48 -14.36 61.14
N THR F 199 92.23 -14.34 61.61
CA THR F 199 91.35 -15.47 61.39
C THR F 199 90.88 -15.54 59.94
N GLN F 200 90.52 -14.40 59.35
CA GLN F 200 90.05 -14.36 57.98
C GLN F 200 90.52 -13.05 57.34
N THR F 201 91.24 -13.17 56.23
CA THR F 201 91.74 -11.99 55.54
C THR F 201 90.64 -11.36 54.68
N TYR F 202 90.70 -10.04 54.55
CA TYR F 202 89.72 -9.27 53.80
C TYR F 202 90.45 -8.45 52.74
N ILE F 203 90.31 -8.86 51.48
CA ILE F 203 90.93 -8.17 50.35
C ILE F 203 89.85 -7.46 49.57
N CYS F 204 90.10 -6.20 49.23
CA CYS F 204 89.13 -5.42 48.46
C CYS F 204 88.95 -6.02 47.07
N ASN F 205 87.72 -5.95 46.57
CA ASN F 205 87.37 -6.48 45.25
C ASN F 205 87.42 -5.32 44.25
N VAL F 206 88.58 -5.16 43.62
CA VAL F 206 88.78 -4.10 42.64
C VAL F 206 88.07 -4.51 41.35
N ASN F 207 86.98 -3.81 41.02
CA ASN F 207 86.18 -4.11 39.84
C ASN F 207 86.21 -2.88 38.92
N HIS F 208 86.89 -3.03 37.78
CA HIS F 208 86.97 -1.95 36.81
C HIS F 208 85.71 -1.93 35.96
N LYS F 209 84.99 -0.80 35.98
CA LYS F 209 83.76 -0.67 35.21
C LYS F 209 84.05 -0.44 33.73
N PRO F 210 84.87 0.57 33.35
CA PRO F 210 85.09 0.80 31.92
C PRO F 210 86.21 -0.06 31.34
N SER F 211 87.06 -0.63 32.22
CA SER F 211 88.18 -1.44 31.78
C SER F 211 87.89 -2.94 31.85
N ASN F 212 86.92 -3.36 32.66
CA ASN F 212 86.55 -4.76 32.81
C ASN F 212 87.75 -5.61 33.22
N THR F 213 88.35 -5.22 34.35
CA THR F 213 89.50 -5.92 34.93
C THR F 213 89.11 -6.36 36.34
N LYS F 214 88.65 -7.61 36.45
CA LYS F 214 88.23 -8.17 37.74
C LYS F 214 89.39 -8.94 38.38
N VAL F 215 90.49 -8.23 38.62
CA VAL F 215 91.69 -8.80 39.20
C VAL F 215 91.91 -8.16 40.57
N ASP F 216 91.94 -8.98 41.61
CA ASP F 216 92.16 -8.51 42.97
C ASP F 216 92.66 -9.67 43.82
N LYS F 217 93.69 -9.39 44.62
CA LYS F 217 94.27 -10.41 45.49
C LYS F 217 95.09 -9.77 46.61
N ASP G 1 -56.69 -72.13 -59.35
CA ASP G 1 -56.36 -71.87 -57.95
C ASP G 1 -55.04 -71.10 -57.84
N ILE G 2 -54.30 -71.04 -58.94
CA ILE G 2 -53.03 -70.32 -58.95
C ILE G 2 -53.26 -68.82 -58.88
N GLN G 3 -54.00 -68.28 -59.85
CA GLN G 3 -54.31 -66.86 -59.92
C GLN G 3 -55.82 -66.67 -59.99
N TRP G 4 -56.32 -65.70 -59.22
CA TRP G 4 -57.74 -65.40 -59.21
C TRP G 4 -58.04 -64.32 -60.25
N VAL G 5 -59.28 -63.84 -60.27
CA VAL G 5 -59.71 -62.84 -61.24
C VAL G 5 -59.19 -61.47 -60.80
N LEU G 6 -58.08 -61.04 -61.41
CA LEU G 6 -57.46 -59.75 -61.11
C LEU G 6 -57.52 -58.90 -62.37
N LEU G 7 -58.35 -57.86 -62.34
CA LEU G 7 -58.51 -56.95 -63.48
C LEU G 7 -57.49 -55.82 -63.39
N LEU G 8 -56.21 -56.21 -63.34
CA LEU G 8 -55.12 -55.24 -63.23
C LEU G 8 -54.09 -55.48 -64.34
N TRP G 9 -53.00 -54.71 -64.30
CA TRP G 9 -51.94 -54.82 -65.27
C TRP G 9 -50.77 -55.60 -64.68
N VAL G 10 -49.66 -55.65 -65.40
CA VAL G 10 -48.46 -56.36 -64.96
C VAL G 10 -47.88 -55.65 -63.74
N PRO G 11 -47.73 -56.33 -62.60
CA PRO G 11 -47.22 -55.67 -61.39
C PRO G 11 -45.74 -55.33 -61.49
N GLY G 12 -45.38 -54.46 -62.43
CA GLY G 12 -43.99 -54.05 -62.57
C GLY G 12 -43.09 -55.19 -63.00
N SER G 13 -41.86 -55.17 -62.49
CA SER G 13 -40.90 -56.22 -62.82
C SER G 13 -41.21 -57.51 -62.07
N THR G 14 -41.41 -57.42 -60.75
CA THR G 14 -41.71 -58.59 -59.93
C THR G 14 -43.22 -58.84 -59.95
N GLY G 15 -43.71 -59.23 -61.13
CA GLY G 15 -45.12 -59.48 -61.28
C GLY G 15 -45.56 -60.76 -60.58
N ASP G 16 -46.86 -60.80 -60.26
CA ASP G 16 -47.45 -61.94 -59.57
C ASP G 16 -47.78 -63.09 -60.52
N ILE G 17 -47.27 -63.07 -61.74
CA ILE G 17 -47.51 -64.11 -62.73
C ILE G 17 -46.17 -64.64 -63.22
N VAL G 18 -46.12 -65.94 -63.51
CA VAL G 18 -44.91 -66.57 -64.01
C VAL G 18 -44.95 -66.62 -65.53
N LEU G 19 -45.93 -65.94 -66.12
CA LEU G 19 -46.11 -65.92 -67.57
C LEU G 19 -45.89 -64.53 -68.17
N THR G 20 -45.28 -63.62 -67.42
CA THR G 20 -45.03 -62.28 -67.92
C THR G 20 -43.94 -62.30 -68.99
N GLN G 21 -43.87 -61.21 -69.76
CA GLN G 21 -42.92 -61.08 -70.85
C GLN G 21 -41.88 -60.00 -70.60
N SER G 22 -42.32 -58.77 -70.31
CA SER G 22 -41.42 -57.65 -70.10
C SER G 22 -41.76 -56.95 -68.80
N PRO G 23 -40.75 -56.48 -68.06
CA PRO G 23 -41.06 -55.73 -66.82
C PRO G 23 -41.76 -54.40 -67.08
N ALA G 24 -41.22 -53.60 -68.01
CA ALA G 24 -41.83 -52.34 -68.38
C ALA G 24 -42.78 -52.56 -69.55
N SER G 25 -43.22 -51.48 -70.18
CA SER G 25 -44.09 -51.59 -71.34
C SER G 25 -43.37 -52.32 -72.48
N LEU G 26 -44.16 -52.99 -73.32
CA LEU G 26 -43.59 -53.76 -74.41
C LEU G 26 -42.87 -52.85 -75.39
N ALA G 27 -41.77 -53.36 -75.98
CA ALA G 27 -40.98 -52.58 -76.91
C ALA G 27 -41.79 -52.20 -78.14
N VAL G 28 -42.47 -53.17 -78.75
CA VAL G 28 -43.31 -52.92 -79.91
C VAL G 28 -44.66 -52.40 -79.42
N SER G 29 -45.14 -51.32 -80.01
CA SER G 29 -46.39 -50.69 -79.62
C SER G 29 -47.36 -50.70 -80.80
N LEU G 30 -48.49 -50.01 -80.64
CA LEU G 30 -49.49 -49.93 -81.69
C LEU G 30 -48.91 -49.21 -82.91
N GLY G 31 -48.90 -49.89 -84.05
CA GLY G 31 -48.39 -49.32 -85.27
C GLY G 31 -47.57 -50.29 -86.10
N GLN G 32 -47.04 -51.33 -85.46
CA GLN G 32 -46.23 -52.33 -86.14
C GLN G 32 -46.56 -53.70 -85.57
N ARG G 33 -45.74 -54.68 -85.90
CA ARG G 33 -45.96 -56.05 -85.45
C ARG G 33 -45.74 -56.16 -83.95
N ALA G 34 -46.76 -56.60 -83.24
CA ALA G 34 -46.70 -56.80 -81.79
C ALA G 34 -47.00 -58.26 -81.49
N THR G 35 -46.04 -58.94 -80.85
CA THR G 35 -46.16 -60.35 -80.52
C THR G 35 -46.44 -60.52 -79.04
N ILE G 36 -47.48 -61.29 -78.72
CA ILE G 36 -47.86 -61.59 -77.34
C ILE G 36 -47.89 -63.11 -77.19
N SER G 37 -47.14 -63.62 -76.23
CA SER G 37 -47.08 -65.06 -75.99
C SER G 37 -46.68 -65.30 -74.54
N CYS G 38 -47.31 -66.28 -73.90
CA CYS G 38 -47.00 -66.63 -72.52
C CYS G 38 -45.93 -67.72 -72.52
N LYS G 39 -45.69 -68.31 -71.34
CA LYS G 39 -44.71 -69.39 -71.20
C LYS G 39 -45.29 -70.47 -70.29
N ALA G 40 -44.91 -71.72 -70.56
CA ALA G 40 -45.40 -72.84 -69.77
C ALA G 40 -44.34 -73.95 -69.85
N SER G 41 -43.59 -74.14 -68.77
CA SER G 41 -42.54 -75.14 -68.70
C SER G 41 -42.97 -76.37 -67.91
N GLN G 42 -44.25 -76.71 -67.94
CA GLN G 42 -44.75 -77.88 -67.22
C GLN G 42 -45.54 -78.79 -68.16
N SER G 43 -46.19 -79.81 -67.59
CA SER G 43 -46.94 -80.78 -68.38
C SER G 43 -48.26 -80.14 -68.81
N VAL G 44 -48.20 -79.43 -69.93
CA VAL G 44 -49.37 -78.76 -70.48
C VAL G 44 -49.84 -79.37 -71.79
N ASP G 45 -48.93 -79.88 -72.62
CA ASP G 45 -49.30 -80.44 -73.91
C ASP G 45 -50.00 -81.79 -73.76
N TYR G 46 -51.33 -81.77 -73.73
CA TYR G 46 -52.14 -82.98 -73.64
C TYR G 46 -52.82 -83.23 -74.97
N ASP G 47 -52.64 -84.45 -75.50
CA ASP G 47 -53.23 -84.86 -76.78
C ASP G 47 -52.79 -83.91 -77.91
N GLY G 48 -51.50 -83.63 -77.95
CA GLY G 48 -50.95 -82.76 -78.98
C GLY G 48 -50.72 -81.34 -78.50
N ASN G 49 -51.43 -80.39 -79.11
CA ASN G 49 -51.27 -78.98 -78.75
C ASN G 49 -51.97 -78.69 -77.43
N SER G 50 -51.41 -77.72 -76.70
CA SER G 50 -51.98 -77.34 -75.41
C SER G 50 -53.28 -76.57 -75.60
N TYR G 51 -54.07 -76.49 -74.54
CA TYR G 51 -55.37 -75.81 -74.56
C TYR G 51 -55.22 -74.47 -73.87
N MET G 52 -54.90 -73.44 -74.65
CA MET G 52 -54.78 -72.08 -74.17
C MET G 52 -55.91 -71.23 -74.74
N ASN G 53 -56.57 -70.47 -73.86
CA ASN G 53 -57.68 -69.60 -74.25
C ASN G 53 -57.14 -68.18 -74.42
N TRP G 54 -57.15 -67.69 -75.65
CA TRP G 54 -56.67 -66.35 -75.96
C TRP G 54 -57.82 -65.37 -75.97
N TYR G 55 -57.69 -64.30 -75.18
CA TYR G 55 -58.71 -63.27 -75.11
C TYR G 55 -58.05 -61.94 -74.78
N GLN G 56 -58.65 -60.85 -75.26
CA GLN G 56 -58.14 -59.51 -75.04
C GLN G 56 -58.74 -58.96 -73.75
N GLN G 57 -58.00 -59.10 -72.66
CA GLN G 57 -58.43 -58.63 -71.35
C GLN G 57 -58.03 -57.16 -71.22
N LYS G 58 -58.97 -56.27 -71.54
CA LYS G 58 -58.73 -54.83 -71.44
C LYS G 58 -59.32 -54.30 -70.14
N PRO G 59 -58.59 -53.47 -69.40
CA PRO G 59 -59.14 -52.90 -68.16
C PRO G 59 -60.37 -52.05 -68.45
N GLY G 60 -61.52 -52.49 -67.93
CA GLY G 60 -62.78 -51.83 -68.12
C GLY G 60 -63.68 -52.50 -69.13
N GLN G 61 -63.12 -53.14 -70.15
CA GLN G 61 -63.90 -53.82 -71.17
C GLN G 61 -63.91 -55.32 -70.91
N PRO G 62 -65.06 -55.98 -70.97
CA PRO G 62 -65.12 -57.43 -70.76
C PRO G 62 -64.33 -58.16 -71.83
N PRO G 63 -63.57 -59.19 -71.46
CA PRO G 63 -62.78 -59.92 -72.46
C PRO G 63 -63.65 -60.90 -73.23
N LYS G 64 -63.38 -61.03 -74.52
CA LYS G 64 -64.09 -61.96 -75.40
C LYS G 64 -63.12 -63.01 -75.92
N LEU G 65 -63.50 -64.27 -75.79
CA LEU G 65 -62.66 -65.36 -76.26
C LEU G 65 -62.61 -65.35 -77.79
N LEU G 66 -61.39 -65.29 -78.34
CA LEU G 66 -61.20 -65.24 -79.77
C LEU G 66 -60.43 -66.42 -80.34
N ILE G 67 -59.52 -67.03 -79.57
CA ILE G 67 -58.74 -68.17 -80.02
C ILE G 67 -58.66 -69.17 -78.87
N TYR G 68 -59.15 -70.39 -79.09
CA TYR G 68 -59.10 -71.45 -78.10
C TYR G 68 -58.10 -72.52 -78.53
N ALA G 69 -57.42 -73.09 -77.55
CA ALA G 69 -56.42 -74.15 -77.73
C ALA G 69 -55.25 -73.72 -78.60
N ALA G 70 -55.10 -72.42 -78.86
CA ALA G 70 -54.01 -71.85 -79.64
C ALA G 70 -53.91 -72.41 -81.05
N SER G 71 -54.96 -73.08 -81.53
CA SER G 71 -54.94 -73.66 -82.87
C SER G 71 -56.14 -73.24 -83.72
N ASN G 72 -57.31 -73.09 -83.11
CA ASN G 72 -58.51 -72.70 -83.83
C ASN G 72 -59.07 -71.41 -83.25
N LEU G 73 -59.66 -70.59 -84.11
CA LEU G 73 -60.24 -69.33 -83.71
C LEU G 73 -61.69 -69.52 -83.26
N GLU G 74 -62.17 -68.58 -82.45
CA GLU G 74 -63.53 -68.61 -81.93
C GLU G 74 -64.44 -67.75 -82.79
N SER G 75 -65.65 -68.24 -83.03
CA SER G 75 -66.61 -67.51 -83.84
C SER G 75 -67.04 -66.21 -83.15
N GLY G 76 -67.45 -65.23 -83.96
CA GLY G 76 -67.86 -63.93 -83.48
C GLY G 76 -66.81 -62.86 -83.68
N ILE G 77 -65.54 -63.23 -83.72
CA ILE G 77 -64.44 -62.29 -83.93
C ILE G 77 -63.86 -62.53 -85.32
N PRO G 78 -63.67 -61.49 -86.12
CA PRO G 78 -63.09 -61.70 -87.46
C PRO G 78 -61.69 -62.28 -87.38
N ALA G 79 -61.34 -63.07 -88.40
CA ALA G 79 -60.04 -63.74 -88.45
C ALA G 79 -58.96 -62.71 -88.75
N ARG G 80 -58.33 -62.18 -87.71
CA ARG G 80 -57.27 -61.20 -87.87
C ARG G 80 -56.05 -61.52 -87.01
N PHE G 81 -55.95 -62.72 -86.45
CA PHE G 81 -54.85 -63.10 -85.57
C PHE G 81 -54.12 -64.28 -86.17
N SER G 82 -52.79 -64.27 -86.04
CA SER G 82 -51.94 -65.35 -86.56
C SER G 82 -51.80 -66.41 -85.48
N GLY G 83 -52.68 -67.39 -85.51
CA GLY G 83 -52.67 -68.46 -84.53
C GLY G 83 -51.65 -69.54 -84.81
N SER G 84 -50.38 -69.24 -84.58
CA SER G 84 -49.28 -70.17 -84.80
C SER G 84 -48.57 -70.45 -83.47
N GLY G 85 -47.48 -71.21 -83.56
CA GLY G 85 -46.72 -71.56 -82.37
C GLY G 85 -47.19 -72.83 -81.70
N SER G 86 -46.25 -73.67 -81.28
CA SER G 86 -46.57 -74.91 -80.62
C SER G 86 -45.50 -75.20 -79.56
N GLY G 87 -45.68 -76.30 -78.84
CA GLY G 87 -44.73 -76.68 -77.81
C GLY G 87 -44.87 -75.89 -76.53
N THR G 88 -43.89 -75.04 -76.25
CA THR G 88 -43.88 -74.23 -75.03
C THR G 88 -44.46 -72.83 -75.27
N ASP G 89 -43.91 -72.09 -76.23
CA ASP G 89 -44.36 -70.74 -76.54
C ASP G 89 -45.33 -70.78 -77.72
N PHE G 90 -46.40 -69.99 -77.63
CA PHE G 90 -47.42 -69.89 -78.67
C PHE G 90 -47.44 -68.45 -79.14
N THR G 91 -46.65 -68.15 -80.17
CA THR G 91 -46.55 -66.78 -80.69
C THR G 91 -47.87 -66.37 -81.33
N LEU G 92 -48.24 -65.10 -81.13
CA LEU G 92 -49.48 -64.54 -81.68
C LEU G 92 -49.15 -63.14 -82.19
N ASN G 93 -48.81 -63.04 -83.47
CA ASN G 93 -48.48 -61.76 -84.07
C ASN G 93 -49.76 -60.94 -84.26
N ILE G 94 -49.73 -59.69 -83.80
CA ILE G 94 -50.90 -58.82 -83.89
C ILE G 94 -50.59 -57.67 -84.84
N HIS G 95 -50.95 -57.84 -86.12
CA HIS G 95 -50.79 -56.77 -87.10
C HIS G 95 -51.97 -55.80 -87.03
N PRO G 96 -53.23 -56.27 -87.00
CA PRO G 96 -54.33 -55.29 -86.82
C PRO G 96 -54.43 -54.78 -85.39
N VAL G 97 -53.62 -53.77 -85.09
CA VAL G 97 -53.58 -53.16 -83.76
C VAL G 97 -54.50 -51.95 -83.80
N GLU G 98 -55.77 -52.17 -83.48
CA GLU G 98 -56.75 -51.10 -83.42
C GLU G 98 -56.81 -50.56 -81.99
N GLU G 99 -57.80 -49.71 -81.71
CA GLU G 99 -57.95 -49.10 -80.39
C GLU G 99 -58.47 -50.09 -79.34
N GLU G 100 -58.87 -51.29 -79.74
CA GLU G 100 -59.39 -52.28 -78.81
C GLU G 100 -58.59 -53.58 -78.78
N ASP G 101 -57.78 -53.86 -79.79
CA ASP G 101 -56.94 -55.06 -79.78
C ASP G 101 -55.68 -54.90 -78.92
N ALA G 102 -55.33 -53.67 -78.54
CA ALA G 102 -54.14 -53.42 -77.73
C ALA G 102 -54.47 -53.62 -76.25
N ALA G 103 -54.68 -54.88 -75.89
CA ALA G 103 -55.03 -55.26 -74.53
C ALA G 103 -54.09 -56.38 -74.08
N THR G 104 -54.23 -56.77 -72.81
CA THR G 104 -53.42 -57.83 -72.23
C THR G 104 -54.07 -59.17 -72.54
N TYR G 105 -53.27 -60.11 -73.07
CA TYR G 105 -53.76 -61.43 -73.47
C TYR G 105 -53.29 -62.45 -72.44
N TYR G 106 -54.20 -62.90 -71.60
CA TYR G 106 -53.89 -63.94 -70.62
C TYR G 106 -54.15 -65.31 -71.24
N CYS G 107 -53.10 -66.13 -71.32
CA CYS G 107 -53.21 -67.48 -71.88
C CYS G 107 -53.84 -68.38 -70.84
N GLN G 108 -55.18 -68.41 -70.82
CA GLN G 108 -55.91 -69.25 -69.89
C GLN G 108 -55.75 -70.72 -70.29
N GLN G 109 -54.99 -71.46 -69.49
CA GLN G 109 -54.76 -72.88 -69.79
C GLN G 109 -55.89 -73.73 -69.22
N GLY G 110 -56.23 -74.80 -69.93
CA GLY G 110 -57.28 -75.70 -69.51
C GLY G 110 -56.81 -77.12 -69.32
N ASN G 111 -55.55 -77.28 -68.93
CA ASN G 111 -54.95 -78.60 -68.71
C ASN G 111 -54.66 -78.87 -67.24
N GLU G 112 -53.93 -77.98 -66.56
CA GLU G 112 -53.65 -78.17 -65.15
C GLU G 112 -54.81 -77.66 -64.29
N ASP G 113 -55.22 -76.41 -64.51
CA ASP G 113 -56.33 -75.82 -63.77
C ASP G 113 -57.08 -74.86 -64.68
N PRO G 114 -58.35 -75.12 -64.97
CA PRO G 114 -59.12 -74.26 -65.88
C PRO G 114 -59.19 -72.81 -65.39
N PRO G 115 -59.60 -72.56 -64.12
CA PRO G 115 -59.71 -71.13 -63.74
C PRO G 115 -58.37 -70.50 -63.37
N THR G 116 -57.57 -70.23 -64.39
CA THR G 116 -56.27 -69.59 -64.22
C THR G 116 -56.15 -68.44 -65.22
N PHE G 117 -55.03 -67.72 -65.13
CA PHE G 117 -54.77 -66.58 -66.00
C PHE G 117 -53.31 -66.63 -66.44
N GLY G 118 -53.07 -66.27 -67.70
CA GLY G 118 -51.73 -66.31 -68.25
C GLY G 118 -50.94 -65.04 -67.99
N GLY G 119 -50.26 -64.55 -69.02
CA GLY G 119 -49.45 -63.35 -68.88
C GLY G 119 -49.90 -62.21 -69.76
N GLY G 120 -49.08 -61.82 -70.71
CA GLY G 120 -49.42 -60.72 -71.61
C GLY G 120 -49.01 -59.37 -71.04
N THR G 121 -48.69 -58.46 -71.94
CA THR G 121 -48.28 -57.11 -71.60
C THR G 121 -49.27 -56.11 -72.18
N LYS G 122 -49.66 -55.13 -71.38
CA LYS G 122 -50.61 -54.11 -71.82
C LYS G 122 -49.92 -53.13 -72.76
N LEU G 123 -50.44 -53.01 -73.98
CA LEU G 123 -49.88 -52.10 -74.97
C LEU G 123 -50.36 -50.68 -74.65
N GLU G 124 -49.43 -49.80 -74.31
CA GLU G 124 -49.73 -48.42 -73.99
C GLU G 124 -48.70 -47.52 -74.67
N ILE G 125 -48.73 -46.23 -74.34
CA ILE G 125 -47.78 -45.29 -74.91
C ILE G 125 -46.41 -45.52 -74.28
N LYS G 126 -45.43 -45.85 -75.11
CA LYS G 126 -44.07 -46.15 -74.65
C LYS G 126 -43.38 -44.82 -74.33
N ARG G 127 -43.56 -44.35 -73.10
CA ARG G 127 -42.98 -43.09 -72.64
C ARG G 127 -41.67 -43.30 -71.88
N ALA G 128 -40.99 -44.42 -72.10
CA ALA G 128 -39.73 -44.72 -71.43
C ALA G 128 -38.55 -44.74 -72.39
N ASP G 129 -38.68 -44.11 -73.56
CA ASP G 129 -37.63 -44.05 -74.56
C ASP G 129 -37.26 -42.59 -74.81
N ALA G 130 -36.36 -42.38 -75.77
CA ALA G 130 -35.92 -41.03 -76.13
C ALA G 130 -36.84 -40.35 -77.13
N ARG G 131 -37.94 -40.99 -77.54
CA ARG G 131 -38.86 -40.40 -78.50
C ARG G 131 -39.99 -39.65 -77.80
N THR G 132 -40.73 -40.33 -76.93
CA THR G 132 -41.84 -39.75 -76.20
C THR G 132 -41.46 -39.59 -74.73
N VAL G 133 -41.98 -38.53 -74.12
CA VAL G 133 -41.72 -38.24 -72.71
C VAL G 133 -43.01 -38.35 -71.94
N ALA G 134 -42.88 -38.58 -70.63
CA ALA G 134 -44.02 -38.72 -69.73
C ALA G 134 -44.15 -37.43 -68.93
N ALA G 135 -44.93 -36.50 -69.45
CA ALA G 135 -45.14 -35.22 -68.79
C ALA G 135 -46.08 -35.39 -67.60
N PRO G 136 -45.62 -35.14 -66.37
CA PRO G 136 -46.50 -35.31 -65.20
C PRO G 136 -47.36 -34.08 -64.99
N SER G 137 -48.68 -34.28 -65.04
CA SER G 137 -49.63 -33.19 -64.83
C SER G 137 -49.75 -32.94 -63.33
N VAL G 138 -48.88 -32.07 -62.82
CA VAL G 138 -48.86 -31.77 -61.40
C VAL G 138 -50.05 -30.90 -61.05
N PHE G 139 -50.90 -31.39 -60.13
CA PHE G 139 -52.07 -30.65 -59.67
C PHE G 139 -52.25 -30.94 -58.19
N ILE G 140 -52.05 -29.94 -57.35
CA ILE G 140 -52.12 -30.07 -55.90
C ILE G 140 -53.43 -29.44 -55.42
N PHE G 141 -54.24 -30.22 -54.73
CA PHE G 141 -55.51 -29.73 -54.20
C PHE G 141 -55.29 -29.05 -52.85
N PRO G 142 -55.83 -27.86 -52.64
CA PRO G 142 -55.63 -27.18 -51.34
C PRO G 142 -56.50 -27.79 -50.26
N PRO G 143 -55.88 -28.29 -49.19
CA PRO G 143 -56.68 -28.88 -48.10
C PRO G 143 -57.24 -27.80 -47.18
N SER G 144 -58.44 -28.06 -46.69
CA SER G 144 -59.09 -27.13 -45.77
C SER G 144 -58.51 -27.26 -44.37
N ASP G 145 -58.60 -26.17 -43.60
CA ASP G 145 -58.05 -26.17 -42.25
C ASP G 145 -58.95 -26.94 -41.28
N GLU G 146 -60.26 -26.96 -41.53
CA GLU G 146 -61.17 -27.69 -40.64
C GLU G 146 -60.98 -29.19 -40.77
N GLN G 147 -60.63 -29.68 -41.96
CA GLN G 147 -60.43 -31.11 -42.15
C GLN G 147 -59.18 -31.60 -41.43
N LEU G 148 -58.17 -30.74 -41.29
CA LEU G 148 -56.93 -31.13 -40.62
C LEU G 148 -57.12 -31.35 -39.12
N LYS G 149 -58.19 -30.81 -38.54
CA LYS G 149 -58.42 -30.99 -37.11
C LYS G 149 -58.80 -32.43 -36.79
N SER G 150 -59.43 -33.14 -37.73
CA SER G 150 -59.83 -34.52 -37.52
C SER G 150 -58.75 -35.52 -37.88
N GLY G 151 -57.64 -35.08 -38.48
CA GLY G 151 -56.55 -35.95 -38.85
C GLY G 151 -56.45 -36.26 -40.33
N THR G 152 -57.46 -35.89 -41.12
CA THR G 152 -57.45 -36.14 -42.55
C THR G 152 -56.93 -34.92 -43.29
N ALA G 153 -56.12 -35.15 -44.32
CA ALA G 153 -55.50 -34.08 -45.10
C ALA G 153 -55.82 -34.28 -46.57
N SER G 154 -56.31 -33.21 -47.22
CA SER G 154 -56.60 -33.24 -48.66
C SER G 154 -55.41 -32.69 -49.44
N VAL G 155 -54.28 -33.38 -49.29
CA VAL G 155 -53.03 -32.98 -49.94
C VAL G 155 -52.74 -33.86 -51.15
N VAL G 156 -53.77 -34.46 -51.75
CA VAL G 156 -53.55 -35.33 -52.90
C VAL G 156 -52.99 -34.53 -54.06
N CYS G 157 -52.09 -35.15 -54.82
CA CYS G 157 -51.45 -34.54 -55.97
C CYS G 157 -51.57 -35.47 -57.17
N LEU G 158 -52.03 -34.91 -58.29
CA LEU G 158 -52.22 -35.70 -59.50
C LEU G 158 -50.88 -35.95 -60.20
N LEU G 159 -50.74 -37.15 -60.75
CA LEU G 159 -49.54 -37.57 -61.48
C LEU G 159 -49.92 -38.17 -62.82
N ASN G 160 -50.78 -37.47 -63.56
CA ASN G 160 -51.25 -37.96 -64.85
C ASN G 160 -50.09 -38.09 -65.83
N ASN G 161 -50.15 -39.13 -66.67
CA ASN G 161 -49.14 -39.39 -67.70
C ASN G 161 -47.75 -39.57 -67.09
N PHE G 162 -47.68 -40.37 -66.03
CA PHE G 162 -46.42 -40.69 -65.38
C PHE G 162 -45.98 -42.10 -65.78
N TYR G 163 -44.92 -42.59 -65.13
CA TYR G 163 -44.43 -43.93 -65.39
C TYR G 163 -45.14 -44.90 -64.45
N PRO G 164 -46.03 -45.75 -64.94
CA PRO G 164 -46.76 -46.65 -64.03
C PRO G 164 -45.89 -47.78 -63.49
N ARG G 165 -44.87 -48.19 -64.23
CA ARG G 165 -44.03 -49.31 -63.78
C ARG G 165 -43.06 -48.86 -62.69
N GLU G 166 -42.21 -47.88 -63.00
CA GLU G 166 -41.23 -47.36 -62.04
C GLU G 166 -41.78 -46.07 -61.45
N ALA G 167 -42.64 -46.22 -60.43
CA ALA G 167 -43.25 -45.09 -59.74
C ALA G 167 -42.36 -44.71 -58.56
N LYS G 168 -41.41 -43.82 -58.80
CA LYS G 168 -40.47 -43.34 -57.78
C LYS G 168 -40.56 -41.81 -57.75
N VAL G 169 -41.39 -41.29 -56.85
CA VAL G 169 -41.58 -39.84 -56.73
C VAL G 169 -40.47 -39.29 -55.85
N GLN G 170 -39.38 -38.83 -56.48
CA GLN G 170 -38.24 -38.28 -55.75
C GLN G 170 -38.60 -36.88 -55.24
N TRP G 171 -38.93 -36.80 -53.95
CA TRP G 171 -39.27 -35.52 -53.35
C TRP G 171 -38.02 -34.64 -53.23
N LYS G 172 -38.16 -33.37 -53.59
CA LYS G 172 -37.06 -32.40 -53.53
C LYS G 172 -37.09 -31.58 -52.24
N VAL G 173 -37.60 -32.16 -51.15
CA VAL G 173 -37.63 -31.45 -49.88
C VAL G 173 -36.22 -31.30 -49.33
N ASP G 174 -36.05 -30.35 -48.41
CA ASP G 174 -34.74 -30.09 -47.83
C ASP G 174 -34.24 -31.28 -47.00
N ASN G 175 -35.15 -32.03 -46.39
CA ASN G 175 -34.76 -33.18 -45.58
C ASN G 175 -35.92 -34.17 -45.56
N ALA G 176 -35.68 -35.38 -46.07
CA ALA G 176 -36.71 -36.42 -46.10
C ALA G 176 -36.02 -37.76 -46.24
N LEU G 177 -36.18 -38.63 -45.23
CA LEU G 177 -35.56 -39.95 -45.21
C LEU G 177 -36.68 -40.99 -45.15
N GLN G 178 -36.92 -41.66 -46.28
CA GLN G 178 -37.93 -42.70 -46.35
C GLN G 178 -37.64 -43.61 -47.54
N SER G 179 -37.68 -44.92 -47.30
CA SER G 179 -37.43 -45.89 -48.37
C SER G 179 -38.76 -46.38 -48.94
N GLY G 180 -39.43 -45.46 -49.63
CA GLY G 180 -40.70 -45.77 -50.27
C GLY G 180 -41.88 -45.01 -49.67
N ASN G 181 -42.41 -44.04 -50.42
CA ASN G 181 -43.57 -43.28 -49.96
C ASN G 181 -44.35 -42.87 -51.21
N SER G 182 -45.35 -43.68 -51.56
CA SER G 182 -46.20 -43.40 -52.72
C SER G 182 -47.48 -44.19 -52.57
N GLN G 183 -48.60 -43.49 -52.42
CA GLN G 183 -49.89 -44.14 -52.27
C GLN G 183 -50.31 -44.77 -53.60
N GLU G 184 -50.52 -46.09 -53.60
CA GLU G 184 -50.91 -46.81 -54.81
C GLU G 184 -52.35 -46.47 -55.15
N SER G 185 -52.55 -45.54 -56.09
CA SER G 185 -53.87 -45.13 -56.51
C SER G 185 -53.97 -45.02 -58.02
N VAL G 186 -53.24 -45.87 -58.75
CA VAL G 186 -53.26 -45.84 -60.20
C VAL G 186 -54.57 -46.43 -60.70
N THR G 187 -55.23 -45.73 -61.61
CA THR G 187 -56.50 -46.17 -62.16
C THR G 187 -56.25 -47.28 -63.19
N GLU G 188 -57.30 -47.71 -63.88
CA GLU G 188 -57.19 -48.76 -64.87
C GLU G 188 -56.42 -48.26 -66.09
N GLN G 189 -55.59 -49.14 -66.64
CA GLN G 189 -54.78 -48.77 -67.81
C GLN G 189 -55.68 -48.64 -69.04
N ASP G 190 -55.32 -47.67 -69.90
CA ASP G 190 -56.06 -47.43 -71.13
C ASP G 190 -55.08 -47.12 -72.25
N SER G 191 -55.47 -47.52 -73.47
CA SER G 191 -54.64 -47.30 -74.65
C SER G 191 -55.15 -46.17 -75.54
N LYS G 192 -56.25 -45.51 -75.16
CA LYS G 192 -56.80 -44.42 -75.95
C LYS G 192 -56.19 -43.09 -75.55
N ASP G 193 -56.27 -42.74 -74.27
CA ASP G 193 -55.73 -41.48 -73.76
C ASP G 193 -54.61 -41.66 -72.75
N SER G 194 -54.65 -42.72 -71.93
CA SER G 194 -53.62 -43.01 -70.93
C SER G 194 -53.46 -41.83 -69.96
N THR G 195 -54.58 -41.47 -69.32
CA THR G 195 -54.60 -40.39 -68.34
C THR G 195 -54.64 -40.91 -66.91
N TYR G 196 -54.03 -42.06 -66.66
CA TYR G 196 -54.01 -42.61 -65.31
C TYR G 196 -53.05 -41.80 -64.43
N SER G 197 -53.47 -41.57 -63.19
CA SER G 197 -52.71 -40.76 -62.25
C SER G 197 -52.56 -41.51 -60.93
N LEU G 198 -51.44 -41.25 -60.25
CA LEU G 198 -51.15 -41.84 -58.95
C LEU G 198 -51.40 -40.77 -57.88
N SER G 199 -52.42 -40.99 -57.06
CA SER G 199 -52.81 -40.04 -56.02
C SER G 199 -52.04 -40.37 -54.75
N SER G 200 -50.84 -39.79 -54.62
CA SER G 200 -50.01 -39.98 -53.44
C SER G 200 -50.59 -39.15 -52.31
N THR G 201 -51.32 -39.79 -51.41
CA THR G 201 -52.02 -39.12 -50.32
C THR G 201 -51.14 -39.16 -49.07
N LEU G 202 -50.52 -38.03 -48.74
CA LEU G 202 -49.70 -37.91 -47.54
C LEU G 202 -50.52 -37.29 -46.41
N THR G 203 -51.47 -38.09 -45.91
CA THR G 203 -52.37 -37.64 -44.88
C THR G 203 -51.61 -37.29 -43.60
N LEU G 204 -51.74 -36.05 -43.16
CA LEU G 204 -51.07 -35.57 -41.94
C LEU G 204 -52.02 -34.67 -41.18
N SER G 205 -51.70 -34.46 -39.90
CA SER G 205 -52.55 -33.69 -39.01
C SER G 205 -52.31 -32.19 -39.20
N LYS G 206 -52.98 -31.39 -38.36
CA LYS G 206 -52.82 -29.94 -38.45
C LYS G 206 -51.47 -29.49 -37.92
N ALA G 207 -51.03 -30.05 -36.78
CA ALA G 207 -49.73 -29.70 -36.25
C ALA G 207 -48.59 -30.21 -37.15
N ASP G 208 -48.85 -31.28 -37.91
CA ASP G 208 -47.83 -31.79 -38.81
C ASP G 208 -47.65 -30.89 -40.03
N TYR G 209 -48.73 -30.24 -40.47
CA TYR G 209 -48.64 -29.36 -41.64
C TYR G 209 -47.87 -28.08 -41.32
N GLU G 210 -47.87 -27.67 -40.04
CA GLU G 210 -47.15 -26.45 -39.66
C GLU G 210 -45.65 -26.62 -39.84
N LYS G 211 -45.10 -27.73 -39.36
CA LYS G 211 -43.68 -28.00 -39.52
C LYS G 211 -43.32 -28.52 -40.90
N HIS G 212 -44.30 -28.92 -41.69
CA HIS G 212 -44.04 -29.42 -43.04
C HIS G 212 -43.68 -28.28 -43.97
N LYS G 213 -42.75 -28.55 -44.89
CA LYS G 213 -42.29 -27.54 -45.84
C LYS G 213 -43.29 -27.43 -46.99
N VAL G 214 -42.89 -26.73 -48.05
CA VAL G 214 -43.76 -26.53 -49.20
C VAL G 214 -44.01 -27.87 -49.88
N TYR G 215 -45.27 -28.28 -49.93
CA TYR G 215 -45.64 -29.54 -50.57
C TYR G 215 -45.43 -29.43 -52.07
N ALA G 216 -44.45 -30.15 -52.60
CA ALA G 216 -44.12 -30.11 -54.02
C ALA G 216 -43.88 -31.54 -54.49
N CYS G 217 -44.89 -32.14 -55.12
CA CYS G 217 -44.80 -33.50 -55.65
C CYS G 217 -43.98 -33.46 -56.93
N GLU G 218 -42.66 -33.52 -56.77
CA GLU G 218 -41.74 -33.51 -57.91
C GLU G 218 -41.58 -34.93 -58.42
N VAL G 219 -41.88 -35.14 -59.70
CA VAL G 219 -41.84 -36.46 -60.32
C VAL G 219 -40.49 -36.62 -61.02
N THR G 220 -39.76 -37.66 -60.64
CA THR G 220 -38.47 -38.00 -61.24
C THR G 220 -38.49 -39.49 -61.58
N HIS G 221 -38.94 -39.81 -62.78
CA HIS G 221 -39.04 -41.20 -63.24
C HIS G 221 -37.99 -41.45 -64.33
N GLN G 222 -37.92 -42.71 -64.77
CA GLN G 222 -36.95 -43.09 -65.79
C GLN G 222 -37.31 -42.51 -67.15
N GLY G 223 -38.61 -42.38 -67.44
CA GLY G 223 -39.05 -41.84 -68.71
C GLY G 223 -38.67 -40.39 -68.93
N LEU G 224 -39.20 -39.50 -68.10
CA LEU G 224 -38.92 -38.07 -68.18
C LEU G 224 -38.39 -37.61 -66.83
N SER G 225 -37.07 -37.50 -66.72
CA SER G 225 -36.43 -37.06 -65.48
C SER G 225 -36.22 -35.55 -65.50
N SER G 226 -37.32 -34.83 -65.66
CA SER G 226 -37.25 -33.37 -65.71
C SER G 226 -37.70 -32.77 -64.38
N PRO G 227 -36.98 -31.77 -63.87
CA PRO G 227 -37.36 -31.16 -62.59
C PRO G 227 -38.64 -30.34 -62.70
N VAL G 228 -39.73 -30.86 -62.14
CA VAL G 228 -41.02 -30.17 -62.12
C VAL G 228 -41.39 -29.98 -60.65
N THR G 229 -41.02 -28.82 -60.11
CA THR G 229 -41.28 -28.49 -58.71
C THR G 229 -42.32 -27.38 -58.66
N LYS G 230 -43.57 -27.75 -58.41
CA LYS G 230 -44.66 -26.79 -58.31
C LYS G 230 -44.74 -26.29 -56.87
N SER G 231 -44.25 -25.08 -56.64
CA SER G 231 -44.27 -24.49 -55.30
C SER G 231 -45.70 -24.16 -54.91
N PHE G 232 -46.28 -24.94 -54.01
CA PHE G 232 -47.64 -24.75 -53.54
C PHE G 232 -47.59 -24.20 -52.12
N ASN G 233 -47.89 -22.91 -51.98
CA ASN G 233 -47.87 -22.26 -50.67
C ASN G 233 -49.07 -22.73 -49.84
N ARG G 234 -48.79 -23.38 -48.72
CA ARG G 234 -49.85 -23.86 -47.84
C ARG G 234 -50.56 -22.68 -47.17
N GLY G 235 -51.82 -22.90 -46.81
CA GLY G 235 -52.59 -21.87 -46.15
C GLY G 235 -54.01 -22.32 -45.91
N GLU G 236 -54.83 -21.39 -45.44
CA GLU G 236 -56.23 -21.67 -45.15
C GLU G 236 -57.01 -21.72 -46.45
N CYS G 237 -57.69 -22.84 -46.70
CA CYS G 237 -58.49 -23.00 -47.91
C CYS G 237 -59.97 -22.73 -47.63
N ASP H 1 -24.72 -46.20 -40.01
CA ASP H 1 -24.83 -45.21 -41.06
C ASP H 1 -26.29 -44.98 -41.46
N VAL H 2 -26.61 -45.29 -42.71
CA VAL H 2 -27.96 -45.13 -43.24
C VAL H 2 -28.42 -46.52 -43.69
N GLN H 3 -29.14 -47.21 -42.82
CA GLN H 3 -29.67 -48.54 -43.10
C GLN H 3 -31.17 -48.53 -42.80
N LEU H 4 -31.98 -48.56 -43.84
CA LEU H 4 -33.44 -48.56 -43.72
C LEU H 4 -34.04 -49.86 -44.22
N GLN H 5 -33.39 -50.98 -43.90
CA GLN H 5 -33.86 -52.29 -44.34
C GLN H 5 -35.00 -52.75 -43.44
N GLU H 6 -36.10 -53.20 -44.07
CA GLU H 6 -37.27 -53.69 -43.36
C GLU H 6 -37.20 -55.22 -43.33
N SER H 7 -36.64 -55.75 -42.25
CA SER H 7 -36.49 -57.20 -42.08
C SER H 7 -37.61 -57.81 -41.25
N GLY H 8 -38.79 -57.20 -41.28
CA GLY H 8 -39.93 -57.71 -40.55
C GLY H 8 -40.59 -58.87 -41.24
N PRO H 9 -41.14 -59.80 -40.44
CA PRO H 9 -41.84 -60.97 -41.02
C PRO H 9 -43.08 -60.53 -41.78
N GLY H 10 -43.10 -60.77 -43.08
CA GLY H 10 -44.22 -60.42 -43.94
C GLY H 10 -45.23 -61.52 -44.16
N LEU H 11 -45.17 -62.60 -43.39
CA LEU H 11 -46.12 -63.70 -43.54
C LEU H 11 -46.34 -64.32 -42.17
N VAL H 12 -47.52 -64.07 -41.59
CA VAL H 12 -47.89 -64.60 -40.28
C VAL H 12 -49.31 -65.15 -40.36
N LYS H 13 -49.74 -65.78 -39.27
CA LYS H 13 -51.08 -66.35 -39.22
C LYS H 13 -52.12 -65.24 -39.09
N PRO H 14 -53.34 -65.49 -39.57
CA PRO H 14 -54.40 -64.49 -39.41
C PRO H 14 -54.76 -64.28 -37.94
N SER H 15 -54.97 -63.02 -37.57
CA SER H 15 -55.31 -62.63 -36.20
C SER H 15 -54.25 -63.11 -35.21
N GLN H 16 -52.98 -62.99 -35.61
CA GLN H 16 -51.86 -63.40 -34.77
C GLN H 16 -50.96 -62.18 -34.51
N SER H 17 -50.30 -62.21 -33.35
CA SER H 17 -49.39 -61.13 -32.97
C SER H 17 -48.28 -60.96 -33.99
N LEU H 18 -48.25 -59.82 -34.67
CA LEU H 18 -47.26 -59.54 -35.71
C LEU H 18 -46.06 -58.86 -35.07
N SER H 19 -44.99 -59.62 -34.82
CA SER H 19 -43.77 -59.08 -34.24
C SER H 19 -42.93 -58.49 -35.35
N LEU H 20 -43.32 -57.28 -35.77
CA LEU H 20 -42.62 -56.58 -36.85
C LEU H 20 -41.25 -56.14 -36.35
N THR H 21 -40.20 -56.82 -36.81
CA THR H 21 -38.83 -56.53 -36.41
C THR H 21 -38.24 -55.54 -37.40
N CYS H 22 -38.07 -54.29 -36.97
CA CYS H 22 -37.53 -53.23 -37.81
C CYS H 22 -36.08 -53.00 -37.40
N THR H 23 -35.17 -53.77 -37.99
CA THR H 23 -33.75 -53.66 -37.69
C THR H 23 -33.19 -52.45 -38.46
N VAL H 24 -33.19 -51.29 -37.80
CA VAL H 24 -32.69 -50.08 -38.42
C VAL H 24 -31.16 -50.04 -38.37
N THR H 25 -30.60 -50.05 -37.17
CA THR H 25 -29.16 -50.01 -36.93
C THR H 25 -28.51 -48.85 -37.69
N GLY H 26 -28.96 -47.64 -37.37
CA GLY H 26 -28.45 -46.45 -38.01
C GLY H 26 -27.62 -45.57 -37.11
N TYR H 27 -27.95 -44.28 -37.05
CA TYR H 27 -27.22 -43.35 -36.21
C TYR H 27 -27.55 -43.56 -34.73
N SER H 28 -28.83 -43.42 -34.38
CA SER H 28 -29.25 -43.59 -32.99
C SER H 28 -30.75 -43.84 -32.97
N ILE H 29 -31.19 -44.49 -31.89
CA ILE H 29 -32.59 -44.84 -31.70
C ILE H 29 -33.21 -44.12 -30.51
N THR H 30 -32.43 -43.34 -29.76
CA THR H 30 -32.89 -42.71 -28.53
C THR H 30 -33.68 -41.43 -28.84
N SER H 31 -34.91 -41.64 -29.32
CA SER H 31 -35.87 -40.55 -29.55
C SER H 31 -35.31 -39.50 -30.52
N ASP H 32 -35.06 -39.93 -31.74
CA ASP H 32 -34.58 -39.04 -32.79
C ASP H 32 -35.50 -38.98 -34.00
N TYR H 33 -36.19 -40.06 -34.34
CA TYR H 33 -37.11 -40.06 -35.47
C TYR H 33 -38.47 -40.57 -35.04
N ALA H 34 -39.36 -40.81 -36.00
CA ALA H 34 -40.70 -41.29 -35.71
C ALA H 34 -40.77 -42.81 -35.71
N TRP H 35 -40.20 -43.45 -36.74
CA TRP H 35 -40.18 -44.91 -36.88
C TRP H 35 -41.60 -45.48 -36.84
N ASN H 36 -42.41 -45.08 -37.82
CA ASN H 36 -43.79 -45.54 -37.93
C ASN H 36 -44.02 -46.08 -39.33
N TRP H 37 -45.00 -46.98 -39.44
CA TRP H 37 -45.37 -47.58 -40.72
C TRP H 37 -46.49 -46.79 -41.37
N ILE H 38 -46.48 -46.78 -42.70
CA ILE H 38 -47.47 -46.06 -43.49
C ILE H 38 -48.49 -47.06 -44.04
N ARG H 39 -49.76 -46.69 -43.96
CA ARG H 39 -50.85 -47.57 -44.41
C ARG H 39 -51.22 -47.24 -45.86
N GLN H 40 -50.40 -47.74 -46.78
CA GLN H 40 -50.62 -47.54 -48.21
C GLN H 40 -51.32 -48.77 -48.76
N PHE H 41 -52.64 -48.68 -48.94
CA PHE H 41 -53.44 -49.77 -49.48
C PHE H 41 -54.24 -49.28 -50.67
N PRO H 42 -54.16 -49.97 -51.82
CA PRO H 42 -54.94 -49.53 -53.00
C PRO H 42 -56.43 -49.68 -52.75
N GLY H 43 -57.14 -48.56 -52.82
CA GLY H 43 -58.58 -48.56 -52.63
C GLY H 43 -59.06 -47.48 -51.68
N ASN H 44 -58.25 -47.16 -50.67
CA ASN H 44 -58.61 -46.15 -49.68
C ASN H 44 -57.36 -45.34 -49.34
N LYS H 45 -57.51 -44.41 -48.41
CA LYS H 45 -56.43 -43.55 -47.96
C LYS H 45 -55.98 -43.96 -46.56
N LEU H 46 -55.01 -43.23 -46.03
CA LEU H 46 -54.44 -43.49 -44.72
C LEU H 46 -54.78 -42.33 -43.77
N GLU H 47 -54.28 -42.44 -42.55
CA GLU H 47 -54.49 -41.43 -41.51
C GLU H 47 -53.16 -41.06 -40.89
N TRP H 48 -53.18 -39.97 -40.12
CA TRP H 48 -51.97 -39.49 -39.45
C TRP H 48 -51.60 -40.46 -38.32
N MET H 49 -50.52 -41.19 -38.51
CA MET H 49 -50.07 -42.17 -37.53
C MET H 49 -49.32 -41.47 -36.39
N GLY H 50 -48.89 -42.25 -35.41
CA GLY H 50 -48.15 -41.74 -34.28
C GLY H 50 -46.66 -41.80 -34.47
N TYR H 51 -45.94 -41.74 -33.35
CA TYR H 51 -44.49 -41.75 -33.36
C TYR H 51 -43.98 -42.27 -32.03
N ILE H 52 -43.01 -43.16 -32.07
CA ILE H 52 -42.44 -43.74 -30.85
C ILE H 52 -41.29 -42.87 -30.36
N SER H 53 -40.94 -43.05 -29.09
CA SER H 53 -39.87 -42.29 -28.47
C SER H 53 -39.09 -43.22 -27.55
N TYR H 54 -38.25 -42.65 -26.69
CA TYR H 54 -37.47 -43.45 -25.75
C TYR H 54 -38.36 -44.14 -24.73
N SER H 55 -39.51 -43.52 -24.39
CA SER H 55 -40.44 -44.12 -23.44
C SER H 55 -41.30 -45.21 -24.07
N GLY H 56 -41.24 -45.40 -25.37
CA GLY H 56 -42.03 -46.42 -26.03
C GLY H 56 -43.48 -46.03 -26.22
N SER H 57 -43.72 -44.95 -26.96
CA SER H 57 -45.07 -44.48 -27.25
C SER H 57 -45.67 -45.40 -28.30
N THR H 58 -46.40 -46.43 -27.83
CA THR H 58 -47.00 -47.43 -28.69
C THR H 58 -48.37 -47.02 -29.21
N GLY H 59 -48.72 -45.74 -29.13
CA GLY H 59 -50.01 -45.28 -29.59
C GLY H 59 -49.96 -44.52 -30.90
N TYR H 60 -50.42 -45.14 -31.98
CA TYR H 60 -50.45 -44.50 -33.29
C TYR H 60 -51.80 -43.85 -33.56
N ASN H 61 -52.87 -44.63 -33.48
CA ASN H 61 -54.23 -44.16 -33.72
C ASN H 61 -55.05 -44.25 -32.43
N PRO H 62 -56.10 -43.43 -32.30
CA PRO H 62 -56.93 -43.50 -31.09
C PRO H 62 -57.58 -44.86 -30.87
N SER H 63 -57.82 -45.63 -31.94
CA SER H 63 -58.40 -46.95 -31.77
C SER H 63 -57.43 -47.91 -31.10
N LEU H 64 -56.20 -47.98 -31.62
CA LEU H 64 -55.16 -48.84 -31.07
C LEU H 64 -54.17 -48.05 -30.21
N LYS H 65 -54.68 -47.06 -29.48
CA LYS H 65 -53.80 -46.24 -28.63
C LYS H 65 -53.18 -47.08 -27.51
N SER H 66 -53.95 -47.97 -26.91
CA SER H 66 -53.47 -48.80 -25.82
C SER H 66 -53.60 -50.29 -26.10
N ARG H 67 -54.06 -50.68 -27.29
CA ARG H 67 -54.22 -52.10 -27.59
C ARG H 67 -52.87 -52.77 -27.81
N ILE H 68 -52.03 -52.20 -28.68
CA ILE H 68 -50.74 -52.78 -28.96
C ILE H 68 -49.72 -52.30 -27.95
N SER H 69 -48.60 -53.03 -27.84
CA SER H 69 -47.52 -52.70 -26.92
C SER H 69 -46.20 -52.92 -27.65
N ILE H 70 -45.55 -51.82 -28.03
CA ILE H 70 -44.28 -51.88 -28.75
C ILE H 70 -43.17 -52.08 -27.73
N THR H 71 -42.52 -53.25 -27.78
CA THR H 71 -41.44 -53.55 -26.87
C THR H 71 -40.15 -52.88 -27.33
N ARG H 72 -39.50 -52.18 -26.40
CA ARG H 72 -38.24 -51.48 -26.70
C ARG H 72 -37.10 -52.47 -26.55
N ASP H 73 -36.61 -52.99 -27.66
CA ASP H 73 -35.49 -53.94 -27.66
C ASP H 73 -34.19 -53.20 -27.97
N THR H 74 -33.66 -52.55 -26.94
CA THR H 74 -32.42 -51.77 -27.09
C THR H 74 -31.19 -52.64 -27.26
N SER H 75 -31.33 -53.97 -27.18
CA SER H 75 -30.17 -54.84 -27.34
C SER H 75 -29.68 -54.85 -28.78
N LYS H 76 -30.59 -54.96 -29.74
CA LYS H 76 -30.25 -54.99 -31.16
C LYS H 76 -30.62 -53.70 -31.87
N ASN H 77 -30.95 -52.63 -31.13
CA ASN H 77 -31.32 -51.34 -31.69
C ASN H 77 -32.52 -51.48 -32.63
N GLN H 78 -33.58 -52.08 -32.11
CA GLN H 78 -34.82 -52.29 -32.87
C GLN H 78 -35.97 -52.42 -31.88
N PHE H 79 -37.15 -52.74 -32.40
CA PHE H 79 -38.34 -52.87 -31.56
C PHE H 79 -39.30 -53.86 -32.20
N PHE H 80 -40.13 -54.47 -31.36
CA PHE H 80 -41.14 -55.42 -31.79
C PHE H 80 -42.53 -54.79 -31.73
N LEU H 81 -43.47 -55.42 -32.43
CA LEU H 81 -44.85 -54.97 -32.46
C LEU H 81 -45.77 -56.08 -31.98
N GLN H 82 -46.98 -55.70 -31.58
CA GLN H 82 -47.99 -56.62 -31.09
C GLN H 82 -49.35 -56.31 -31.74
N LEU H 83 -49.33 -56.15 -33.06
CA LEU H 83 -50.55 -55.83 -33.81
C LEU H 83 -51.51 -57.01 -33.73
N ASN H 84 -52.60 -56.85 -32.98
CA ASN H 84 -53.60 -57.89 -32.81
C ASN H 84 -54.93 -57.43 -33.41
N SER H 85 -55.66 -58.39 -33.97
CA SER H 85 -56.97 -58.15 -34.59
C SER H 85 -56.87 -57.08 -35.67
N VAL H 86 -56.00 -57.33 -36.64
CA VAL H 86 -55.79 -56.40 -37.75
C VAL H 86 -56.88 -56.61 -38.81
N THR H 87 -57.31 -55.52 -39.43
CA THR H 87 -58.34 -55.57 -40.45
C THR H 87 -57.70 -55.72 -41.83
N THR H 88 -58.51 -55.59 -42.88
CA THR H 88 -57.99 -55.73 -44.23
C THR H 88 -57.28 -54.46 -44.69
N GLU H 89 -57.92 -53.30 -44.47
CA GLU H 89 -57.31 -52.04 -44.90
C GLU H 89 -56.13 -51.65 -44.04
N ASP H 90 -56.11 -52.08 -42.77
CA ASP H 90 -54.97 -51.80 -41.91
C ASP H 90 -53.74 -52.61 -42.36
N THR H 91 -53.93 -53.89 -42.62
CA THR H 91 -52.84 -54.75 -43.08
C THR H 91 -52.52 -54.41 -44.53
N ALA H 92 -51.42 -53.69 -44.74
CA ALA H 92 -51.02 -53.26 -46.07
C ALA H 92 -49.51 -53.20 -46.12
N THR H 93 -48.97 -52.53 -47.13
CA THR H 93 -47.52 -52.41 -47.30
C THR H 93 -46.95 -51.57 -46.17
N TYR H 94 -46.15 -52.20 -45.31
CA TYR H 94 -45.54 -51.51 -44.18
C TYR H 94 -44.21 -50.89 -44.56
N TYR H 95 -43.93 -49.73 -43.99
CA TYR H 95 -42.73 -48.95 -44.26
C TYR H 95 -42.01 -48.60 -42.97
N CYS H 96 -41.79 -49.61 -42.13
CA CYS H 96 -41.17 -49.43 -40.82
C CYS H 96 -39.69 -49.12 -41.02
N ALA H 97 -39.42 -47.87 -41.40
CA ALA H 97 -38.06 -47.42 -41.64
C ALA H 97 -37.76 -46.17 -40.82
N ARG H 98 -36.62 -45.53 -41.08
CA ARG H 98 -36.22 -44.33 -40.34
C ARG H 98 -37.01 -43.13 -40.87
N LEU H 99 -38.29 -43.12 -40.53
CA LEU H 99 -39.18 -42.04 -40.95
C LEU H 99 -38.83 -40.77 -40.17
N TYR H 100 -38.37 -39.75 -40.88
CA TYR H 100 -37.99 -38.50 -40.22
C TYR H 100 -39.25 -37.78 -39.71
N TYR H 101 -39.13 -37.21 -38.52
CA TYR H 101 -40.26 -36.53 -37.89
C TYR H 101 -40.59 -35.26 -38.65
N GLY H 102 -41.76 -35.23 -39.27
CA GLY H 102 -42.18 -34.07 -40.04
C GLY H 102 -42.97 -34.42 -41.29
N PHE H 103 -42.83 -35.67 -41.76
CA PHE H 103 -43.57 -36.18 -42.91
C PHE H 103 -43.35 -35.28 -44.14
N TYR H 104 -42.10 -35.20 -44.57
CA TYR H 104 -41.74 -34.38 -45.72
C TYR H 104 -41.84 -35.13 -47.03
N GLY H 105 -41.32 -36.36 -47.08
CA GLY H 105 -41.37 -37.15 -48.30
C GLY H 105 -40.37 -38.29 -48.31
N MET H 106 -39.68 -38.47 -49.44
CA MET H 106 -38.69 -39.53 -49.56
C MET H 106 -37.65 -39.13 -50.59
N ASP H 107 -36.47 -39.74 -50.48
CA ASP H 107 -35.40 -39.52 -51.44
C ASP H 107 -34.70 -40.82 -51.83
N TYR H 108 -35.34 -41.96 -51.64
CA TYR H 108 -34.76 -43.25 -51.99
C TYR H 108 -35.69 -44.04 -52.90
N TRP H 109 -35.35 -45.30 -53.15
CA TRP H 109 -36.17 -46.15 -54.00
C TRP H 109 -37.32 -46.74 -53.19
N GLY H 110 -38.05 -47.69 -53.77
CA GLY H 110 -39.18 -48.29 -53.11
C GLY H 110 -38.85 -49.60 -52.41
N GLN H 111 -38.79 -49.57 -51.08
CA GLN H 111 -38.53 -50.78 -50.30
C GLN H 111 -39.60 -50.98 -49.24
N GLY H 112 -39.42 -51.95 -48.37
CA GLY H 112 -40.36 -52.23 -47.31
C GLY H 112 -41.09 -53.54 -47.53
N THR H 113 -41.52 -54.15 -46.43
CA THR H 113 -42.24 -55.42 -46.46
C THR H 113 -43.74 -55.16 -46.38
N SER H 114 -44.51 -56.09 -46.94
CA SER H 114 -45.96 -56.01 -46.96
C SER H 114 -46.52 -57.30 -46.36
N VAL H 115 -46.93 -57.24 -45.09
CA VAL H 115 -47.49 -58.41 -44.43
C VAL H 115 -48.88 -58.71 -45.00
N THR H 116 -49.19 -59.98 -45.15
CA THR H 116 -50.46 -60.43 -45.68
C THR H 116 -51.28 -61.08 -44.57
N VAL H 117 -52.52 -61.44 -44.92
CA VAL H 117 -53.44 -62.08 -43.98
C VAL H 117 -53.65 -63.55 -44.34
N SER H 118 -52.78 -64.11 -45.18
CA SER H 118 -52.90 -65.51 -45.56
C SER H 118 -52.26 -66.41 -44.52
N SER H 119 -52.78 -67.64 -44.41
CA SER H 119 -52.25 -68.60 -43.46
C SER H 119 -50.86 -69.07 -43.88
N ALA H 120 -50.06 -69.45 -42.89
CA ALA H 120 -48.72 -69.93 -43.18
C ALA H 120 -48.73 -71.28 -43.89
N LYS H 121 -49.69 -72.14 -43.54
CA LYS H 121 -49.78 -73.44 -44.20
C LYS H 121 -50.26 -73.32 -45.63
N THR H 122 -51.13 -72.35 -45.90
CA THR H 122 -51.65 -72.18 -47.26
C THR H 122 -50.58 -71.66 -48.20
N THR H 123 -49.74 -70.73 -47.72
CA THR H 123 -48.69 -70.18 -48.57
C THR H 123 -47.58 -71.19 -48.80
N THR H 124 -47.15 -71.87 -47.75
CA THR H 124 -46.06 -72.84 -47.85
C THR H 124 -46.61 -74.17 -48.34
N LYS H 125 -46.34 -74.50 -49.60
CA LYS H 125 -46.77 -75.78 -50.17
C LYS H 125 -45.64 -76.54 -50.85
N GLY H 126 -44.44 -75.99 -50.94
CA GLY H 126 -43.34 -76.65 -51.59
C GLY H 126 -42.92 -75.96 -52.87
N PRO H 127 -41.62 -75.69 -53.00
CA PRO H 127 -41.12 -75.03 -54.21
C PRO H 127 -41.34 -75.88 -55.44
N SER H 128 -41.95 -75.26 -56.46
CA SER H 128 -42.24 -75.94 -57.73
C SER H 128 -40.94 -76.10 -58.49
N VAL H 129 -40.43 -77.33 -58.52
CA VAL H 129 -39.17 -77.63 -59.20
C VAL H 129 -39.47 -77.74 -60.69
N PHE H 130 -39.23 -76.65 -61.42
CA PHE H 130 -39.44 -76.61 -62.86
C PHE H 130 -38.14 -76.27 -63.57
N PRO H 131 -37.64 -77.13 -64.45
CA PRO H 131 -36.39 -76.83 -65.16
C PRO H 131 -36.57 -75.64 -66.09
N LEU H 132 -35.54 -74.80 -66.16
CA LEU H 132 -35.57 -73.63 -67.02
C LEU H 132 -35.38 -74.06 -68.48
N ALA H 133 -36.42 -73.90 -69.29
CA ALA H 133 -36.37 -74.27 -70.69
C ALA H 133 -36.22 -73.02 -71.54
N PRO H 134 -35.05 -72.78 -72.15
CA PRO H 134 -34.91 -71.60 -73.00
C PRO H 134 -35.77 -71.71 -74.25
N SER H 135 -36.51 -70.64 -74.55
CA SER H 135 -37.39 -70.64 -75.72
C SER H 135 -36.57 -70.54 -77.00
N SER H 136 -35.83 -69.44 -77.17
CA SER H 136 -34.96 -69.22 -78.31
C SER H 136 -35.70 -69.29 -79.64
N LYS H 137 -37.00 -69.00 -79.65
CA LYS H 137 -37.79 -69.02 -80.87
C LYS H 137 -38.67 -67.79 -81.07
N SER H 138 -38.99 -67.04 -80.02
CA SER H 138 -39.84 -65.86 -80.13
C SER H 138 -38.98 -64.60 -80.33
N THR H 139 -38.19 -64.63 -81.40
CA THR H 139 -37.32 -63.51 -81.75
C THR H 139 -38.17 -62.42 -82.40
N SER H 140 -38.75 -61.57 -81.54
CA SER H 140 -39.59 -60.48 -82.00
C SER H 140 -38.88 -59.14 -81.90
N GLY H 141 -38.28 -58.85 -80.74
CA GLY H 141 -37.57 -57.60 -80.54
C GLY H 141 -36.63 -57.63 -79.35
N GLY H 142 -36.57 -56.53 -78.61
CA GLY H 142 -35.68 -56.46 -77.47
C GLY H 142 -36.21 -57.21 -76.25
N THR H 143 -37.53 -57.30 -76.13
CA THR H 143 -38.16 -57.99 -75.00
C THR H 143 -38.99 -59.14 -75.53
N ALA H 144 -38.71 -60.34 -75.03
CA ALA H 144 -39.41 -61.55 -75.44
C ALA H 144 -39.96 -62.29 -74.22
N ALA H 145 -40.51 -63.47 -74.47
CA ALA H 145 -41.10 -64.30 -73.41
C ALA H 145 -40.06 -65.33 -72.99
N LEU H 146 -39.36 -65.04 -71.89
CA LEU H 146 -38.35 -65.95 -71.36
C LEU H 146 -38.07 -65.56 -69.91
N GLY H 147 -38.12 -66.55 -69.03
CA GLY H 147 -37.88 -66.29 -67.62
C GLY H 147 -38.18 -67.52 -66.80
N CYS H 148 -37.97 -67.38 -65.49
CA CYS H 148 -38.21 -68.48 -64.57
C CYS H 148 -39.71 -68.65 -64.32
N LEU H 149 -40.08 -69.85 -63.87
CA LEU H 149 -41.46 -70.19 -63.56
C LEU H 149 -41.56 -70.80 -62.17
N VAL H 150 -40.91 -70.19 -61.20
CA VAL H 150 -40.94 -70.67 -59.82
C VAL H 150 -42.18 -70.12 -59.13
N LYS H 151 -42.93 -70.99 -58.47
CA LYS H 151 -44.14 -70.60 -57.78
C LYS H 151 -44.30 -71.46 -56.52
N ASP H 152 -45.43 -71.30 -55.84
CA ASP H 152 -45.78 -72.08 -54.66
C ASP H 152 -44.75 -71.90 -53.55
N TYR H 153 -44.59 -70.64 -53.13
CA TYR H 153 -43.72 -70.31 -52.01
C TYR H 153 -44.29 -69.08 -51.31
N PHE H 154 -43.46 -68.41 -50.50
CA PHE H 154 -43.90 -67.28 -49.71
C PHE H 154 -44.49 -66.17 -50.60
N PRO H 155 -45.32 -65.30 -50.02
CA PRO H 155 -45.95 -64.21 -50.80
C PRO H 155 -44.97 -63.37 -51.61
N GLU H 156 -45.52 -62.62 -52.57
CA GLU H 156 -44.70 -61.77 -53.42
C GLU H 156 -43.84 -60.76 -52.66
N PRO H 157 -44.35 -60.03 -51.64
CA PRO H 157 -43.49 -59.04 -50.98
C PRO H 157 -42.40 -59.67 -50.14
N VAL H 158 -41.36 -60.18 -50.80
CA VAL H 158 -40.19 -60.77 -50.15
C VAL H 158 -38.94 -60.20 -50.81
N THR H 159 -37.78 -60.65 -50.33
CA THR H 159 -36.49 -60.21 -50.85
C THR H 159 -36.20 -60.96 -52.15
N VAL H 160 -36.69 -60.38 -53.25
CA VAL H 160 -36.49 -60.99 -54.57
C VAL H 160 -35.03 -60.84 -54.97
N SER H 161 -34.43 -61.95 -55.40
CA SER H 161 -33.04 -61.94 -55.83
C SER H 161 -32.85 -62.68 -57.14
N TRP H 162 -31.62 -62.88 -57.56
CA TRP H 162 -31.30 -63.57 -58.80
C TRP H 162 -30.25 -64.66 -58.53
N ASN H 163 -29.73 -65.23 -59.61
CA ASN H 163 -28.74 -66.31 -59.51
C ASN H 163 -27.39 -65.69 -59.17
N SER H 164 -27.16 -65.49 -57.86
CA SER H 164 -25.91 -64.96 -57.34
C SER H 164 -25.58 -63.60 -57.94
N GLY H 165 -26.54 -62.68 -57.85
CA GLY H 165 -26.33 -61.33 -58.35
C GLY H 165 -26.22 -61.25 -59.86
N ALA H 166 -27.32 -61.55 -60.56
CA ALA H 166 -27.33 -61.49 -62.01
C ALA H 166 -27.61 -60.05 -62.46
N LEU H 167 -27.89 -59.87 -63.75
CA LEU H 167 -28.17 -58.55 -64.29
C LEU H 167 -29.49 -58.02 -63.74
N THR H 168 -29.46 -56.81 -63.22
CA THR H 168 -30.64 -56.16 -62.66
C THR H 168 -30.95 -54.85 -63.38
N SER H 169 -30.86 -54.88 -64.72
CA SER H 169 -31.11 -53.70 -65.54
C SER H 169 -32.62 -53.54 -65.72
N GLY H 170 -33.22 -52.68 -64.90
CA GLY H 170 -34.64 -52.42 -64.99
C GLY H 170 -35.47 -53.21 -63.99
N VAL H 171 -35.02 -53.23 -62.74
CA VAL H 171 -35.72 -53.92 -61.66
C VAL H 171 -36.51 -52.89 -60.84
N HIS H 172 -37.78 -53.20 -60.57
CA HIS H 172 -38.63 -52.30 -59.81
C HIS H 172 -39.79 -53.10 -59.22
N THR H 173 -40.06 -52.90 -57.95
CA THR H 173 -41.15 -53.58 -57.26
C THR H 173 -42.45 -52.80 -57.39
N PHE H 174 -43.57 -53.52 -57.32
CA PHE H 174 -44.88 -52.91 -57.41
C PHE H 174 -45.90 -53.75 -56.64
N PRO H 175 -46.36 -53.26 -55.48
CA PRO H 175 -47.36 -54.03 -54.69
C PRO H 175 -48.67 -54.15 -55.46
N ALA H 176 -49.10 -55.39 -55.66
CA ALA H 176 -50.34 -55.69 -56.36
C ALA H 176 -51.30 -56.42 -55.42
N VAL H 177 -52.45 -56.83 -55.96
CA VAL H 177 -53.44 -57.54 -55.17
C VAL H 177 -52.95 -58.96 -54.91
N LEU H 178 -52.90 -59.34 -53.64
CA LEU H 178 -52.44 -60.66 -53.27
C LEU H 178 -53.57 -61.68 -53.41
N GLN H 179 -53.17 -62.95 -53.57
CA GLN H 179 -54.13 -64.04 -53.71
C GLN H 179 -54.43 -64.66 -52.36
N SER H 180 -55.70 -64.99 -52.13
CA SER H 180 -56.12 -65.59 -50.86
C SER H 180 -55.81 -67.07 -50.78
N SER H 181 -55.65 -67.75 -51.92
CA SER H 181 -55.37 -69.17 -51.90
C SER H 181 -53.94 -69.49 -51.49
N GLY H 182 -53.05 -68.50 -51.53
CA GLY H 182 -51.66 -68.70 -51.16
C GLY H 182 -50.75 -69.18 -52.27
N LEU H 183 -51.25 -69.28 -53.49
CA LEU H 183 -50.44 -69.73 -54.63
C LEU H 183 -49.84 -68.50 -55.34
N TYR H 184 -48.92 -67.84 -54.64
CA TYR H 184 -48.26 -66.66 -55.17
C TYR H 184 -47.27 -67.07 -56.26
N SER H 185 -47.60 -66.78 -57.51
CA SER H 185 -46.74 -67.13 -58.64
C SER H 185 -45.83 -65.95 -59.00
N LEU H 186 -45.03 -65.53 -58.03
CA LEU H 186 -44.12 -64.43 -58.24
C LEU H 186 -42.95 -64.86 -59.12
N SER H 187 -42.66 -64.06 -60.14
CA SER H 187 -41.54 -64.33 -61.04
C SER H 187 -41.13 -63.02 -61.70
N SER H 188 -39.93 -62.55 -61.36
CA SER H 188 -39.44 -61.30 -61.93
C SER H 188 -38.91 -61.53 -63.34
N VAL H 189 -38.78 -60.44 -64.09
CA VAL H 189 -38.33 -60.49 -65.47
C VAL H 189 -37.56 -59.21 -65.78
N VAL H 190 -36.55 -59.31 -66.63
CA VAL H 190 -35.73 -58.19 -67.02
C VAL H 190 -36.03 -57.84 -68.47
N THR H 191 -35.78 -56.58 -68.83
CA THR H 191 -36.14 -56.07 -70.14
C THR H 191 -35.09 -56.40 -71.20
N VAL H 192 -33.85 -55.92 -71.01
CA VAL H 192 -32.83 -56.07 -72.04
C VAL H 192 -32.26 -57.48 -72.09
N PRO H 193 -31.73 -58.06 -70.99
CA PRO H 193 -31.17 -59.41 -71.11
C PRO H 193 -32.23 -60.50 -71.07
N SER H 194 -31.79 -61.76 -71.12
CA SER H 194 -32.68 -62.93 -71.11
C SER H 194 -33.68 -62.86 -72.26
N SER H 195 -33.28 -62.27 -73.38
CA SER H 195 -34.14 -62.16 -74.56
C SER H 195 -33.33 -62.42 -75.83
N SER H 196 -32.09 -62.84 -75.63
CA SER H 196 -31.17 -63.13 -76.72
C SER H 196 -31.28 -64.60 -77.11
N LEU H 197 -30.45 -65.04 -78.05
CA LEU H 197 -30.42 -66.42 -78.52
C LEU H 197 -29.20 -67.14 -77.96
N GLY H 198 -29.17 -68.45 -78.15
CA GLY H 198 -28.06 -69.26 -77.66
C GLY H 198 -28.47 -70.08 -76.46
N THR H 199 -27.54 -70.23 -75.51
CA THR H 199 -27.77 -71.01 -74.31
C THR H 199 -27.66 -70.21 -73.02
N GLN H 200 -27.85 -68.90 -73.06
CA GLN H 200 -27.77 -68.08 -71.86
C GLN H 200 -28.95 -68.37 -70.94
N THR H 201 -28.65 -68.93 -69.78
CA THR H 201 -29.66 -69.28 -68.78
C THR H 201 -29.84 -68.11 -67.82
N TYR H 202 -31.11 -67.81 -67.51
CA TYR H 202 -31.48 -66.73 -66.62
C TYR H 202 -32.41 -67.20 -65.51
N ILE H 203 -32.08 -68.31 -64.85
CA ILE H 203 -32.90 -68.83 -63.78
C ILE H 203 -32.86 -67.87 -62.60
N CYS H 204 -34.02 -67.56 -62.03
CA CYS H 204 -34.12 -66.65 -60.91
C CYS H 204 -34.12 -67.42 -59.59
N ASN H 205 -33.68 -66.77 -58.53
CA ASN H 205 -33.64 -67.34 -57.19
C ASN H 205 -34.22 -66.29 -56.23
N VAL H 206 -35.53 -66.35 -56.02
CA VAL H 206 -36.22 -65.39 -55.16
C VAL H 206 -36.04 -65.82 -53.71
N ASN H 207 -35.28 -65.04 -52.95
CA ASN H 207 -35.06 -65.33 -51.54
C ASN H 207 -36.30 -64.98 -50.73
N HIS H 208 -36.41 -65.61 -49.56
CA HIS H 208 -37.54 -65.42 -48.66
C HIS H 208 -37.08 -64.76 -47.37
N LYS H 209 -37.99 -64.00 -46.75
CA LYS H 209 -37.64 -63.32 -45.49
C LYS H 209 -37.56 -64.29 -44.32
N PRO H 210 -38.56 -65.11 -44.01
CA PRO H 210 -38.46 -66.01 -42.85
C PRO H 210 -37.88 -67.39 -43.16
N SER H 211 -37.41 -67.62 -44.38
CA SER H 211 -36.85 -68.92 -44.76
C SER H 211 -35.42 -68.82 -45.29
N ASN H 212 -35.10 -67.75 -46.03
CA ASN H 212 -33.77 -67.56 -46.62
C ASN H 212 -33.39 -68.72 -47.51
N THR H 213 -34.33 -69.15 -48.36
CA THR H 213 -34.11 -70.26 -49.28
C THR H 213 -33.77 -69.70 -50.65
N LYS H 214 -32.58 -70.03 -51.15
CA LYS H 214 -32.11 -69.56 -52.45
C LYS H 214 -31.56 -70.72 -53.26
N VAL H 215 -32.09 -71.92 -53.04
CA VAL H 215 -31.67 -73.11 -53.76
C VAL H 215 -32.79 -73.72 -54.60
N ASP H 216 -33.97 -73.13 -54.59
CA ASP H 216 -35.09 -73.66 -55.37
C ASP H 216 -34.94 -73.27 -56.82
N LYS H 217 -35.25 -74.21 -57.71
CA LYS H 217 -35.15 -73.96 -59.15
C LYS H 217 -36.50 -74.16 -59.84
N ASP I 1 -11.98 4.03 -29.29
CA ASP I 1 -11.63 5.02 -30.30
C ASP I 1 -12.76 5.21 -31.31
N ILE I 2 -12.79 6.36 -31.95
CA ILE I 2 -13.82 6.67 -32.94
C ILE I 2 -13.44 5.97 -34.25
N GLN I 3 -14.19 4.94 -34.60
CA GLN I 3 -13.93 4.19 -35.83
C GLN I 3 -14.41 4.98 -37.03
N MET I 4 -13.47 5.49 -37.82
CA MET I 4 -13.79 6.26 -39.02
C MET I 4 -13.81 5.32 -40.22
N THR I 5 -14.97 5.19 -40.86
CA THR I 5 -15.15 4.33 -42.03
C THR I 5 -15.43 5.23 -43.23
N GLN I 6 -14.36 5.65 -43.90
CA GLN I 6 -14.49 6.50 -45.08
C GLN I 6 -14.95 5.68 -46.27
N SER I 7 -15.45 6.38 -47.30
CA SER I 7 -15.89 5.72 -48.52
C SER I 7 -14.70 5.04 -49.20
N PRO I 8 -14.94 3.95 -49.93
CA PRO I 8 -13.83 3.25 -50.60
C PRO I 8 -13.15 4.16 -51.62
N ALA I 9 -11.86 3.86 -51.87
CA ALA I 9 -11.08 4.65 -52.80
C ALA I 9 -11.50 4.42 -54.26
N SER I 10 -12.29 3.39 -54.53
CA SER I 10 -12.74 3.11 -55.89
C SER I 10 -13.96 3.94 -56.24
N LEU I 11 -13.88 5.26 -56.08
CA LEU I 11 -14.97 6.17 -56.39
C LEU I 11 -14.49 7.11 -57.50
N SER I 12 -14.92 6.83 -58.72
CA SER I 12 -14.55 7.61 -59.89
C SER I 12 -15.70 8.52 -60.29
N VAL I 13 -15.41 9.83 -60.36
CA VAL I 13 -16.41 10.83 -60.72
C VAL I 13 -15.86 11.65 -61.88
N SER I 14 -16.64 11.74 -62.96
CA SER I 14 -16.21 12.50 -64.13
C SER I 14 -16.29 13.99 -63.86
N VAL I 15 -15.74 14.77 -64.78
CA VAL I 15 -15.75 16.22 -64.66
C VAL I 15 -17.16 16.74 -64.89
N GLY I 16 -17.68 17.50 -63.91
CA GLY I 16 -19.01 18.08 -63.97
C GLY I 16 -19.97 17.46 -62.99
N GLU I 17 -19.81 16.18 -62.66
CA GLU I 17 -20.71 15.51 -61.74
C GLU I 17 -20.34 15.87 -60.30
N THR I 18 -21.33 15.72 -59.41
CA THR I 18 -21.14 16.04 -58.01
C THR I 18 -20.46 14.88 -57.29
N VAL I 19 -19.65 15.21 -56.29
CA VAL I 19 -18.92 14.24 -55.49
C VAL I 19 -19.51 14.22 -54.09
N THR I 20 -19.82 13.03 -53.59
CA THR I 20 -20.41 12.83 -52.27
C THR I 20 -19.52 11.87 -51.51
N ILE I 21 -18.52 12.41 -50.80
CA ILE I 21 -17.62 11.60 -50.00
C ILE I 21 -18.33 11.16 -48.73
N THR I 22 -18.78 9.91 -48.70
CA THR I 22 -19.53 9.38 -47.57
C THR I 22 -18.55 8.77 -46.58
N CYS I 23 -18.10 9.59 -45.63
CA CYS I 23 -17.23 9.15 -44.55
C CYS I 23 -18.08 8.97 -43.29
N ARG I 24 -18.46 7.73 -43.02
CA ARG I 24 -19.36 7.44 -41.90
C ARG I 24 -18.61 7.56 -40.58
N ALA I 25 -19.35 7.39 -39.48
CA ALA I 25 -18.78 7.52 -38.14
C ALA I 25 -19.05 6.27 -37.32
N SER I 26 -18.81 6.35 -36.02
CA SER I 26 -18.98 5.23 -35.10
C SER I 26 -19.94 5.63 -33.98
N GLU I 27 -20.03 4.77 -32.96
CA GLU I 27 -20.95 5.01 -31.85
C GLU I 27 -20.65 6.33 -31.14
N ASN I 28 -19.39 6.77 -31.15
CA ASN I 28 -19.04 8.05 -30.55
C ASN I 28 -19.41 9.18 -31.50
N ILE I 29 -20.52 9.85 -31.21
CA ILE I 29 -21.04 10.92 -32.05
C ILE I 29 -20.26 12.20 -31.74
N TYR I 30 -19.79 12.86 -32.80
CA TYR I 30 -19.04 14.11 -32.68
C TYR I 30 -19.74 15.20 -33.48
N SER I 31 -19.17 16.40 -33.46
CA SER I 31 -19.73 17.54 -34.16
C SER I 31 -18.77 18.25 -35.09
N ASN I 32 -17.46 18.09 -34.92
CA ASN I 32 -16.47 18.77 -35.75
C ASN I 32 -15.67 17.72 -36.53
N LEU I 33 -15.53 17.96 -37.83
CA LEU I 33 -14.78 17.07 -38.71
C LEU I 33 -14.00 17.90 -39.71
N ALA I 34 -12.68 17.79 -39.69
CA ALA I 34 -11.82 18.56 -40.58
C ALA I 34 -11.43 17.69 -41.78
N TRP I 35 -11.79 18.13 -42.97
CA TRP I 35 -11.46 17.42 -44.19
C TRP I 35 -10.08 17.84 -44.71
N TYR I 36 -9.40 16.89 -45.36
CA TYR I 36 -8.07 17.12 -45.89
C TYR I 36 -7.99 16.58 -47.30
N GLN I 37 -6.89 16.91 -47.99
CA GLN I 37 -6.67 16.46 -49.35
C GLN I 37 -5.18 16.25 -49.54
N GLN I 38 -4.77 15.00 -49.68
CA GLN I 38 -3.37 14.63 -49.88
C GLN I 38 -3.14 14.28 -51.35
N LYS I 39 -2.29 15.04 -52.02
CA LYS I 39 -1.99 14.81 -53.42
C LYS I 39 -0.86 13.79 -53.54
N GLN I 40 -0.35 13.61 -54.76
CA GLN I 40 0.72 12.64 -55.02
C GLN I 40 2.04 13.22 -54.51
N GLY I 41 2.51 12.71 -53.38
CA GLY I 41 3.76 13.15 -52.79
C GLY I 41 3.68 14.41 -51.96
N LYS I 42 2.66 15.24 -52.16
CA LYS I 42 2.52 16.48 -51.40
C LYS I 42 1.95 16.20 -50.02
N SER I 43 1.75 17.27 -49.25
CA SER I 43 1.21 17.15 -47.90
C SER I 43 -0.30 17.33 -47.90
N PRO I 44 -1.00 16.67 -46.98
CA PRO I 44 -2.47 16.82 -46.91
C PRO I 44 -2.85 18.24 -46.53
N GLN I 45 -3.56 18.91 -47.42
CA GLN I 45 -4.00 20.29 -47.21
C GLN I 45 -5.44 20.30 -46.70
N LEU I 46 -5.67 21.01 -45.61
CA LEU I 46 -7.01 21.10 -45.03
C LEU I 46 -7.90 21.97 -45.92
N LEU I 47 -9.01 21.40 -46.36
CA LEU I 47 -9.96 22.13 -47.21
C LEU I 47 -11.06 22.77 -46.38
N VAL I 48 -11.81 21.97 -45.63
CA VAL I 48 -12.92 22.45 -44.81
C VAL I 48 -12.71 21.94 -43.38
N TYR I 49 -12.58 22.86 -42.44
CA TYR I 49 -12.42 22.52 -41.04
C TYR I 49 -13.74 22.69 -40.30
N ALA I 50 -14.02 21.75 -39.39
CA ALA I 50 -15.23 21.72 -38.57
C ALA I 50 -16.50 21.63 -39.42
N THR I 51 -16.35 21.36 -40.72
CA THR I 51 -17.46 21.16 -41.65
C THR I 51 -18.39 22.37 -41.66
N THR I 52 -17.87 23.54 -41.33
CA THR I 52 -18.68 24.76 -41.31
C THR I 52 -18.02 25.96 -41.98
N ASN I 53 -16.70 26.00 -42.10
CA ASN I 53 -16.00 27.15 -42.67
C ASN I 53 -14.93 26.69 -43.64
N LEU I 54 -14.49 27.61 -44.50
CA LEU I 54 -13.47 27.36 -45.48
C LEU I 54 -12.13 27.91 -45.00
N ALA I 55 -11.05 27.36 -45.56
CA ALA I 55 -9.70 27.77 -45.23
C ALA I 55 -9.16 28.70 -46.32
N ASP I 56 -7.95 29.22 -46.10
CA ASP I 56 -7.31 30.10 -47.05
C ASP I 56 -6.80 29.30 -48.25
N GLY I 57 -7.18 29.73 -49.45
CA GLY I 57 -6.77 29.03 -50.65
C GLY I 57 -7.62 27.83 -51.01
N VAL I 58 -8.85 27.77 -50.52
CA VAL I 58 -9.77 26.66 -50.79
C VAL I 58 -10.92 27.22 -51.64
N PRO I 59 -11.23 26.60 -52.77
CA PRO I 59 -12.35 27.10 -53.60
C PRO I 59 -13.68 26.97 -52.88
N SER I 60 -14.67 27.70 -53.39
CA SER I 60 -15.99 27.73 -52.77
C SER I 60 -16.84 26.50 -53.08
N ARG I 61 -16.44 25.71 -54.08
CA ARG I 61 -17.25 24.54 -54.43
C ARG I 61 -17.14 23.44 -53.38
N PHE I 62 -16.04 23.43 -52.61
CA PHE I 62 -15.86 22.47 -51.54
C PHE I 62 -16.76 22.86 -50.37
N SER I 63 -17.93 22.24 -50.29
CA SER I 63 -18.90 22.52 -49.23
C SER I 63 -19.07 21.30 -48.35
N GLY I 64 -19.15 21.53 -47.05
CA GLY I 64 -19.34 20.45 -46.10
C GLY I 64 -20.62 20.64 -45.30
N SER I 65 -21.25 19.52 -44.95
CA SER I 65 -22.48 19.53 -44.19
C SER I 65 -22.64 18.17 -43.51
N GLY I 66 -23.79 17.95 -42.90
CA GLY I 66 -24.06 16.70 -42.21
C GLY I 66 -23.84 16.80 -40.72
N SER I 67 -24.63 16.04 -39.97
CA SER I 67 -24.54 16.02 -38.51
C SER I 67 -24.70 14.58 -38.03
N GLY I 68 -24.55 14.40 -36.72
CA GLY I 68 -24.67 13.07 -36.14
C GLY I 68 -23.52 12.15 -36.51
N THR I 69 -23.80 11.16 -37.35
CA THR I 69 -22.78 10.22 -37.79
C THR I 69 -22.56 10.21 -39.30
N GLN I 70 -23.42 10.88 -40.06
CA GLN I 70 -23.32 10.93 -41.52
C GLN I 70 -22.80 12.30 -41.93
N TYR I 71 -21.54 12.36 -42.37
CA TYR I 71 -20.91 13.59 -42.82
C TYR I 71 -20.47 13.42 -44.27
N SER I 72 -20.88 14.35 -45.12
CA SER I 72 -20.55 14.31 -46.54
C SER I 72 -19.83 15.60 -46.93
N LEU I 73 -19.08 15.51 -48.03
CA LEU I 73 -18.34 16.64 -48.58
C LEU I 73 -18.88 16.93 -49.98
N LYS I 74 -19.72 17.96 -50.08
CA LYS I 74 -20.34 18.31 -51.35
C LYS I 74 -19.36 19.10 -52.22
N ILE I 75 -19.04 18.56 -53.38
CA ILE I 75 -18.17 19.21 -54.36
C ILE I 75 -19.04 19.67 -55.53
N ASN I 76 -19.18 20.98 -55.68
CA ASN I 76 -20.05 21.51 -56.72
C ASN I 76 -19.44 21.35 -58.10
N SER I 77 -18.26 21.95 -58.32
CA SER I 77 -17.58 21.92 -59.60
C SER I 77 -16.28 21.14 -59.47
N LEU I 78 -16.27 19.91 -60.00
CA LEU I 78 -15.07 19.08 -59.97
C LEU I 78 -14.16 19.45 -61.13
N GLN I 79 -12.96 19.91 -60.82
CA GLN I 79 -11.97 20.32 -61.81
C GLN I 79 -10.74 19.43 -61.72
N SER I 80 -9.76 19.73 -62.56
CA SER I 80 -8.52 18.95 -62.59
C SER I 80 -7.62 19.23 -61.40
N GLU I 81 -7.78 20.38 -60.74
CA GLU I 81 -6.97 20.73 -59.58
C GLU I 81 -7.42 20.04 -58.30
N ASP I 82 -8.46 19.20 -58.37
CA ASP I 82 -8.98 18.48 -57.21
C ASP I 82 -8.41 17.07 -57.11
N PHE I 83 -7.29 16.81 -57.77
CA PHE I 83 -6.67 15.48 -57.73
C PHE I 83 -6.00 15.25 -56.38
N GLY I 84 -6.14 14.03 -55.86
CA GLY I 84 -5.53 13.68 -54.60
C GLY I 84 -6.45 12.88 -53.69
N SER I 85 -5.88 12.25 -52.67
CA SER I 85 -6.66 11.46 -51.73
C SER I 85 -7.26 12.36 -50.66
N TYR I 86 -8.52 12.12 -50.33
CA TYR I 86 -9.25 12.88 -49.34
C TYR I 86 -9.41 12.06 -48.06
N TYR I 87 -9.22 12.71 -46.92
CA TYR I 87 -9.34 12.06 -45.62
C TYR I 87 -10.24 12.88 -44.72
N CYS I 88 -10.90 12.18 -43.79
CA CYS I 88 -11.80 12.79 -42.81
C CYS I 88 -11.20 12.58 -41.43
N GLN I 89 -10.34 13.50 -41.00
CA GLN I 89 -9.73 13.45 -39.68
C GLN I 89 -10.52 14.29 -38.71
N HIS I 90 -10.89 13.70 -37.58
CA HIS I 90 -11.65 14.38 -36.54
C HIS I 90 -10.73 14.73 -35.37
N PHE I 91 -10.92 15.93 -34.82
CA PHE I 91 -10.19 16.37 -33.65
C PHE I 91 -11.07 16.45 -32.41
N TRP I 92 -12.16 15.68 -32.38
CA TRP I 92 -13.08 15.64 -31.26
C TRP I 92 -12.60 14.76 -30.11
N GLY I 93 -12.41 13.48 -30.36
CA GLY I 93 -11.94 12.57 -29.33
C GLY I 93 -10.43 12.61 -29.16
N THR I 94 -9.92 11.78 -28.27
CA THR I 94 -8.50 11.70 -28.01
C THR I 94 -7.75 11.03 -29.17
N PRO I 95 -8.19 9.86 -29.66
CA PRO I 95 -7.51 9.27 -30.81
C PRO I 95 -7.93 9.96 -32.10
N TRP I 96 -6.97 10.65 -32.73
CA TRP I 96 -7.23 11.36 -33.98
C TRP I 96 -6.97 10.41 -35.17
N THR I 97 -7.88 9.46 -35.33
CA THR I 97 -7.77 8.50 -36.41
C THR I 97 -8.11 9.15 -37.75
N PHE I 98 -7.44 8.68 -38.80
CA PHE I 98 -7.63 9.22 -40.13
C PHE I 98 -8.65 8.37 -40.90
N GLY I 99 -8.88 8.73 -42.17
CA GLY I 99 -9.79 8.03 -43.02
C GLY I 99 -9.10 7.01 -43.92
N GLY I 100 -9.92 6.35 -44.73
CA GLY I 100 -9.42 5.34 -45.65
C GLY I 100 -8.77 5.92 -46.88
N GLY I 101 -9.30 7.04 -47.37
CA GLY I 101 -8.76 7.69 -48.55
C GLY I 101 -9.71 7.68 -49.73
N THR I 102 -10.09 8.86 -50.21
CA THR I 102 -11.00 9.01 -51.34
C THR I 102 -10.19 9.36 -52.57
N LYS I 103 -10.05 8.42 -53.49
CA LYS I 103 -9.30 8.60 -54.72
C LYS I 103 -10.28 8.83 -55.86
N LEU I 104 -10.35 10.08 -56.34
CA LEU I 104 -11.27 10.43 -57.41
C LEU I 104 -10.56 10.37 -58.76
N GLU I 105 -11.22 9.72 -59.72
CA GLU I 105 -10.67 9.58 -61.06
C GLU I 105 -11.79 9.76 -62.08
N ILE I 106 -11.43 9.75 -63.35
CA ILE I 106 -12.37 9.89 -64.44
C ILE I 106 -12.73 8.51 -64.98
N LYS I 107 -14.01 8.19 -65.01
CA LYS I 107 -14.49 6.89 -65.49
C LYS I 107 -14.76 6.91 -66.98
N ARG I 108 -13.75 7.24 -67.77
CA ARG I 108 -13.84 7.28 -69.23
C ARG I 108 -12.52 6.74 -69.78
N THR I 109 -12.48 5.43 -70.04
CA THR I 109 -11.29 4.79 -70.58
C THR I 109 -11.70 3.45 -71.20
N VAL I 110 -11.44 3.28 -72.49
CA VAL I 110 -11.75 2.05 -73.20
C VAL I 110 -10.44 1.52 -73.77
N ALA I 111 -9.87 0.51 -73.12
CA ALA I 111 -8.61 -0.09 -73.54
C ALA I 111 -8.71 -1.61 -73.43
N ALA I 112 -7.61 -2.29 -73.77
CA ALA I 112 -7.54 -3.73 -73.71
C ALA I 112 -6.27 -4.12 -72.96
N PRO I 113 -6.37 -4.99 -71.96
CA PRO I 113 -5.18 -5.37 -71.18
C PRO I 113 -4.16 -6.08 -72.07
N SER I 114 -2.93 -5.54 -72.07
CA SER I 114 -1.83 -6.10 -72.86
C SER I 114 -1.17 -7.21 -72.06
N VAL I 115 -1.76 -8.40 -72.13
CA VAL I 115 -1.26 -9.56 -71.43
C VAL I 115 -0.06 -10.11 -72.20
N PHE I 116 1.14 -9.93 -71.63
CA PHE I 116 2.37 -10.41 -72.25
C PHE I 116 3.30 -10.90 -71.14
N ILE I 117 3.39 -12.22 -71.00
CA ILE I 117 4.24 -12.84 -69.99
C ILE I 117 5.63 -13.06 -70.58
N PHE I 118 6.65 -12.77 -69.79
CA PHE I 118 8.04 -12.89 -70.22
C PHE I 118 8.77 -13.90 -69.36
N PRO I 119 9.33 -14.96 -69.93
CA PRO I 119 10.06 -15.94 -69.13
C PRO I 119 11.42 -15.40 -68.72
N PRO I 120 12.01 -15.92 -67.66
CA PRO I 120 13.34 -15.43 -67.24
C PRO I 120 14.41 -15.88 -68.22
N SER I 121 15.39 -15.00 -68.44
CA SER I 121 16.47 -15.29 -69.36
C SER I 121 17.48 -16.23 -68.72
N ASP I 122 18.48 -16.65 -69.51
CA ASP I 122 19.51 -17.54 -69.00
C ASP I 122 20.48 -16.83 -68.06
N GLU I 123 20.52 -15.50 -68.10
CA GLU I 123 21.41 -14.76 -67.21
C GLU I 123 20.97 -14.91 -65.76
N GLN I 124 19.65 -14.87 -65.50
CA GLN I 124 19.16 -15.03 -64.14
C GLN I 124 19.28 -16.48 -63.67
N LEU I 125 19.22 -17.43 -64.60
CA LEU I 125 19.34 -18.84 -64.23
C LEU I 125 20.74 -19.18 -63.72
N LYS I 126 21.75 -18.43 -64.16
CA LYS I 126 23.10 -18.69 -63.68
C LYS I 126 23.26 -18.36 -62.20
N SER I 127 22.48 -17.40 -61.69
CA SER I 127 22.55 -17.08 -60.28
C SER I 127 21.89 -18.15 -59.42
N GLY I 128 20.74 -18.66 -59.85
CA GLY I 128 20.05 -19.69 -59.12
C GLY I 128 18.60 -19.37 -58.86
N THR I 129 18.10 -18.31 -59.48
CA THR I 129 16.72 -17.88 -59.32
C THR I 129 16.03 -17.78 -60.68
N ALA I 130 14.71 -17.71 -60.66
CA ALA I 130 13.92 -17.58 -61.88
C ALA I 130 12.61 -16.89 -61.52
N SER I 131 12.52 -15.60 -61.83
CA SER I 131 11.36 -14.78 -61.51
C SER I 131 10.59 -14.50 -62.79
N VAL I 132 9.43 -15.15 -62.94
CA VAL I 132 8.58 -14.92 -64.10
C VAL I 132 7.72 -13.68 -63.87
N VAL I 133 7.71 -12.78 -64.84
CA VAL I 133 6.99 -11.52 -64.74
C VAL I 133 5.95 -11.48 -65.84
N CYS I 134 4.67 -11.59 -65.47
CA CYS I 134 3.56 -11.48 -66.41
C CYS I 134 3.13 -10.01 -66.43
N LEU I 135 3.73 -9.25 -67.35
CA LEU I 135 3.50 -7.81 -67.40
C LEU I 135 2.14 -7.51 -68.00
N LEU I 136 1.41 -6.61 -67.34
CA LEU I 136 0.11 -6.14 -67.80
C LEU I 136 0.15 -4.63 -67.99
N ASN I 137 -0.67 -4.15 -68.94
CA ASN I 137 -0.70 -2.72 -69.25
C ASN I 137 -1.99 -2.41 -70.00
N ASN I 138 -2.34 -1.12 -70.04
CA ASN I 138 -3.51 -0.62 -70.75
C ASN I 138 -4.80 -1.27 -70.22
N PHE I 139 -5.06 -1.01 -68.95
CA PHE I 139 -6.29 -1.44 -68.30
C PHE I 139 -6.68 -0.43 -67.23
N TYR I 140 -7.93 0.05 -67.32
CA TYR I 140 -8.45 1.03 -66.37
C TYR I 140 -8.90 0.37 -65.07
N PRO I 141 -9.68 -0.74 -65.10
CA PRO I 141 -10.06 -1.38 -63.83
C PRO I 141 -8.85 -1.94 -63.08
N ARG I 142 -8.56 -1.36 -61.91
CA ARG I 142 -7.46 -1.84 -61.09
C ARG I 142 -7.72 -3.21 -60.48
N GLU I 143 -8.98 -3.60 -60.35
CA GLU I 143 -9.34 -4.89 -59.74
C GLU I 143 -9.03 -6.01 -60.74
N ALA I 144 -7.74 -6.31 -60.86
CA ALA I 144 -7.25 -7.38 -61.72
C ALA I 144 -6.89 -8.59 -60.86
N LYS I 145 -7.52 -9.72 -61.17
CA LYS I 145 -7.31 -10.96 -60.41
C LYS I 145 -6.48 -11.91 -61.27
N VAL I 146 -5.16 -11.84 -61.11
CA VAL I 146 -4.25 -12.72 -61.81
C VAL I 146 -4.12 -14.02 -61.05
N GLN I 147 -4.33 -15.15 -61.73
CA GLN I 147 -4.30 -16.47 -61.13
C GLN I 147 -3.17 -17.27 -61.77
N TRP I 148 -2.05 -17.40 -61.06
CA TRP I 148 -0.92 -18.18 -61.54
C TRP I 148 -1.23 -19.66 -61.40
N LYS I 149 -1.35 -20.36 -62.53
CA LYS I 149 -1.65 -21.79 -62.56
C LYS I 149 -0.45 -22.49 -63.18
N VAL I 150 0.52 -22.85 -62.35
CA VAL I 150 1.72 -23.56 -62.79
C VAL I 150 1.47 -25.05 -62.66
N ASP I 151 1.52 -25.76 -63.79
CA ASP I 151 1.28 -27.21 -63.83
C ASP I 151 -0.09 -27.55 -63.23
N ASN I 152 -1.11 -26.77 -63.61
CA ASN I 152 -2.48 -26.95 -63.13
C ASN I 152 -2.54 -26.90 -61.59
N ALA I 153 -2.00 -25.81 -61.05
CA ALA I 153 -1.99 -25.60 -59.59
C ALA I 153 -1.98 -24.11 -59.32
N LEU I 154 -3.00 -23.63 -58.61
CA LEU I 154 -3.10 -22.21 -58.30
C LEU I 154 -2.06 -21.84 -57.25
N GLN I 155 -1.17 -20.92 -57.60
CA GLN I 155 -0.13 -20.47 -56.69
C GLN I 155 -0.64 -19.28 -55.87
N SER I 156 -0.27 -19.26 -54.59
CA SER I 156 -0.69 -18.20 -53.68
C SER I 156 0.42 -17.93 -52.67
N GLY I 157 0.55 -16.67 -52.29
CA GLY I 157 1.55 -16.27 -51.32
C GLY I 157 2.91 -15.93 -51.90
N ASN I 158 3.08 -16.03 -53.21
CA ASN I 158 4.36 -15.73 -53.85
C ASN I 158 4.20 -14.80 -55.04
N SER I 159 3.12 -14.03 -55.10
CA SER I 159 2.86 -13.10 -56.18
C SER I 159 3.18 -11.69 -55.70
N GLN I 160 4.13 -11.04 -56.39
CA GLN I 160 4.55 -9.69 -56.02
C GLN I 160 3.81 -8.69 -56.91
N GLU I 161 2.58 -8.40 -56.51
CA GLU I 161 1.74 -7.45 -57.25
C GLU I 161 2.12 -6.02 -56.84
N SER I 162 2.61 -5.24 -57.80
CA SER I 162 3.02 -3.86 -57.57
C SER I 162 2.20 -2.96 -58.47
N VAL I 163 1.32 -2.16 -57.86
CA VAL I 163 0.49 -1.23 -58.61
C VAL I 163 1.27 0.05 -58.87
N THR I 164 1.10 0.60 -60.07
CA THR I 164 1.78 1.82 -60.47
C THR I 164 0.82 3.00 -60.42
N GLU I 165 1.37 4.19 -60.68
CA GLU I 165 0.56 5.40 -60.71
C GLU I 165 -0.18 5.51 -62.04
N GLN I 166 -1.41 6.01 -61.98
CA GLN I 166 -2.22 6.15 -63.19
C GLN I 166 -1.73 7.32 -64.03
N ASP I 167 -1.56 7.09 -65.32
CA ASP I 167 -1.11 8.13 -66.22
C ASP I 167 -2.26 9.08 -66.55
N SER I 168 -1.90 10.27 -67.03
CA SER I 168 -2.88 11.28 -67.39
C SER I 168 -3.22 11.28 -68.88
N LYS I 169 -2.40 10.66 -69.72
CA LYS I 169 -2.67 10.64 -71.15
C LYS I 169 -3.76 9.65 -71.50
N ASP I 170 -3.54 8.37 -71.20
CA ASP I 170 -4.50 7.31 -71.51
C ASP I 170 -5.36 6.92 -70.32
N SER I 171 -4.96 7.29 -69.10
CA SER I 171 -5.70 6.97 -67.88
C SER I 171 -5.88 5.46 -67.73
N THR I 172 -4.76 4.76 -67.73
CA THR I 172 -4.73 3.31 -67.58
C THR I 172 -3.80 2.95 -66.42
N TYR I 173 -3.59 1.65 -66.23
CA TYR I 173 -2.73 1.14 -65.18
C TYR I 173 -1.82 0.06 -65.74
N SER I 174 -0.83 -0.34 -64.94
CA SER I 174 0.10 -1.40 -65.30
C SER I 174 0.33 -2.31 -64.10
N LEU I 175 0.54 -3.59 -64.39
CA LEU I 175 0.75 -4.59 -63.35
C LEU I 175 1.82 -5.56 -63.81
N SER I 176 2.78 -5.82 -62.92
CA SER I 176 3.90 -6.73 -63.18
C SER I 176 3.99 -7.71 -62.02
N SER I 177 3.26 -8.81 -62.12
CA SER I 177 3.28 -9.85 -61.08
C SER I 177 4.56 -10.66 -61.21
N THR I 178 5.34 -10.71 -60.14
CA THR I 178 6.61 -11.42 -60.13
C THR I 178 6.41 -12.79 -59.50
N LEU I 179 6.70 -13.84 -60.27
CA LEU I 179 6.60 -15.22 -59.78
C LEU I 179 7.92 -15.57 -59.12
N THR I 180 8.00 -15.34 -57.82
CA THR I 180 9.23 -15.56 -57.05
C THR I 180 9.48 -17.06 -56.93
N LEU I 181 10.41 -17.57 -57.71
CA LEU I 181 10.80 -18.98 -57.67
C LEU I 181 12.32 -19.06 -57.71
N SER I 182 12.84 -20.27 -57.77
CA SER I 182 14.27 -20.53 -57.84
C SER I 182 14.59 -21.37 -59.07
N LYS I 183 15.88 -21.63 -59.28
CA LYS I 183 16.29 -22.45 -60.42
C LYS I 183 15.82 -23.89 -60.28
N ALA I 184 15.94 -24.45 -59.07
CA ALA I 184 15.47 -25.81 -58.84
C ALA I 184 13.96 -25.91 -59.03
N ASP I 185 13.22 -24.92 -58.52
CA ASP I 185 11.77 -24.91 -58.72
C ASP I 185 11.40 -24.69 -60.18
N TYR I 186 12.23 -23.95 -60.92
CA TYR I 186 11.95 -23.72 -62.33
C TYR I 186 12.22 -24.97 -63.16
N GLU I 187 13.22 -25.76 -62.78
CA GLU I 187 13.53 -26.99 -63.51
C GLU I 187 12.50 -28.07 -63.27
N LYS I 188 11.74 -28.00 -62.17
CA LYS I 188 10.73 -29.01 -61.88
C LYS I 188 9.47 -28.80 -62.72
N HIS I 189 9.05 -27.56 -62.89
CA HIS I 189 7.85 -27.24 -63.65
C HIS I 189 8.20 -27.02 -65.12
N LYS I 190 7.21 -27.24 -65.99
CA LYS I 190 7.38 -27.10 -67.42
C LYS I 190 6.54 -25.98 -68.01
N VAL I 191 5.24 -25.98 -67.75
CA VAL I 191 4.32 -24.98 -68.30
C VAL I 191 4.04 -23.93 -67.24
N TYR I 192 4.08 -22.66 -67.64
CA TYR I 192 3.81 -21.54 -66.75
C TYR I 192 2.75 -20.66 -67.39
N ALA I 193 1.57 -20.59 -66.76
CA ALA I 193 0.44 -19.84 -67.30
C ALA I 193 0.22 -18.56 -66.51
N CYS I 194 -0.53 -17.65 -67.13
CA CYS I 194 -0.87 -16.37 -66.49
C CYS I 194 -2.32 -16.05 -66.88
N GLU I 195 -3.25 -16.45 -66.01
CA GLU I 195 -4.67 -16.22 -66.25
C GLU I 195 -5.13 -15.05 -65.39
N VAL I 196 -5.35 -13.91 -66.03
CA VAL I 196 -5.76 -12.68 -65.35
C VAL I 196 -7.26 -12.51 -65.57
N THR I 197 -8.01 -12.36 -64.48
CA THR I 197 -9.45 -12.15 -64.53
C THR I 197 -9.69 -10.64 -64.52
N HIS I 198 -9.99 -10.08 -65.69
CA HIS I 198 -10.22 -8.66 -65.86
C HIS I 198 -11.67 -8.40 -66.25
N GLN I 199 -12.14 -7.19 -65.93
CA GLN I 199 -13.53 -6.84 -66.21
C GLN I 199 -13.76 -6.66 -67.71
N GLY I 200 -12.81 -6.02 -68.40
CA GLY I 200 -12.98 -5.80 -69.83
C GLY I 200 -12.87 -7.07 -70.64
N LEU I 201 -11.98 -7.98 -70.23
CA LEU I 201 -11.78 -9.25 -70.93
C LEU I 201 -12.88 -10.22 -70.50
N SER I 202 -13.74 -10.60 -71.45
CA SER I 202 -14.81 -11.55 -71.14
C SER I 202 -14.24 -12.94 -70.89
N SER I 203 -13.41 -13.43 -71.81
CA SER I 203 -12.80 -14.74 -71.67
C SER I 203 -11.44 -14.62 -70.98
N PRO I 204 -11.17 -15.43 -69.96
CA PRO I 204 -9.86 -15.35 -69.28
C PRO I 204 -8.70 -15.72 -70.19
N VAL I 205 -7.83 -14.76 -70.47
CA VAL I 205 -6.68 -14.98 -71.33
C VAL I 205 -5.63 -15.75 -70.54
N THR I 206 -5.23 -16.92 -71.07
CA THR I 206 -4.24 -17.78 -70.43
C THR I 206 -3.04 -17.90 -71.36
N LYS I 207 -1.99 -17.15 -71.07
CA LYS I 207 -0.76 -17.17 -71.86
C LYS I 207 0.21 -18.16 -71.23
N SER I 208 0.55 -19.21 -71.98
CA SER I 208 1.47 -20.25 -71.53
C SER I 208 2.63 -20.37 -72.50
N PHE I 209 3.71 -21.00 -72.02
CA PHE I 209 4.89 -21.21 -72.83
C PHE I 209 5.58 -22.49 -72.37
N ASN I 210 6.34 -23.09 -73.28
CA ASN I 210 7.08 -24.32 -73.01
C ASN I 210 8.57 -24.01 -72.89
N ARG I 211 9.23 -24.67 -71.95
CA ARG I 211 10.66 -24.47 -71.75
C ARG I 211 11.45 -25.15 -72.87
N GLY I 212 12.35 -24.40 -73.49
CA GLY I 212 13.16 -24.92 -74.58
C GLY I 212 12.49 -24.81 -75.94
N GLN J 1 7.89 34.02 -43.06
CA GLN J 1 6.57 33.52 -42.71
C GLN J 1 6.66 32.16 -42.02
N VAL J 2 5.54 31.46 -41.96
CA VAL J 2 5.48 30.15 -41.32
C VAL J 2 6.18 29.15 -42.25
N THR J 3 7.34 28.65 -41.83
CA THR J 3 8.10 27.68 -42.59
C THR J 3 8.39 26.45 -41.74
N LEU J 4 8.43 25.30 -42.38
CA LEU J 4 8.67 24.03 -41.71
C LEU J 4 9.75 23.25 -42.46
N LYS J 5 10.52 22.46 -41.70
CA LYS J 5 11.57 21.63 -42.27
C LYS J 5 11.76 20.41 -41.38
N GLU J 6 11.73 19.24 -41.99
CA GLU J 6 11.87 17.97 -41.28
C GLU J 6 13.22 17.35 -41.59
N SER J 7 13.94 16.92 -40.56
CA SER J 7 15.24 16.31 -40.70
C SER J 7 15.30 15.05 -39.83
N GLY J 8 16.21 14.16 -40.19
CA GLY J 8 16.39 12.92 -39.46
C GLY J 8 17.16 11.89 -40.25
N PRO J 9 17.62 10.83 -39.57
CA PRO J 9 18.35 9.77 -40.26
C PRO J 9 17.48 9.04 -41.28
N GLY J 10 17.94 9.00 -42.52
CA GLY J 10 17.18 8.32 -43.56
C GLY J 10 17.25 6.81 -43.43
N ILE J 11 18.45 6.27 -43.31
CA ILE J 11 18.68 4.83 -43.19
C ILE J 11 19.17 4.54 -41.78
N LEU J 12 18.38 3.77 -41.02
CA LEU J 12 18.73 3.40 -39.66
C LEU J 12 18.24 1.99 -39.38
N GLN J 13 19.02 1.25 -38.58
CA GLN J 13 18.68 -0.12 -38.23
C GLN J 13 17.54 -0.14 -37.21
N PRO J 14 16.69 -1.17 -37.26
CA PRO J 14 15.59 -1.27 -36.30
C PRO J 14 16.09 -1.51 -34.89
N SER J 15 15.14 -1.52 -33.96
CA SER J 15 15.42 -1.72 -32.53
C SER J 15 16.41 -0.69 -32.00
N GLN J 16 16.29 0.54 -32.48
CA GLN J 16 17.16 1.63 -32.06
C GLN J 16 16.29 2.86 -31.81
N THR J 17 16.93 4.01 -31.61
CA THR J 17 16.25 5.27 -31.35
C THR J 17 16.50 6.24 -32.50
N LEU J 18 15.42 6.80 -33.04
CA LEU J 18 15.54 7.75 -34.14
C LEU J 18 16.06 9.09 -33.62
N SER J 19 16.41 9.96 -34.57
CA SER J 19 16.92 11.30 -34.30
C SER J 19 16.15 12.34 -35.08
N LEU J 20 14.81 12.22 -35.05
CA LEU J 20 13.96 13.15 -35.79
C LEU J 20 14.06 14.56 -35.22
N THR J 21 13.98 15.54 -36.12
CA THR J 21 14.06 16.94 -35.74
C THR J 21 13.16 17.76 -36.64
N CYS J 22 12.27 18.55 -36.05
CA CYS J 22 11.33 19.39 -36.77
C CYS J 22 11.78 20.84 -36.61
N SER J 23 12.64 21.29 -37.52
CA SER J 23 13.14 22.65 -37.48
C SER J 23 12.14 23.60 -38.14
N PHE J 24 12.04 24.82 -37.60
CA PHE J 24 11.10 25.80 -38.10
C PHE J 24 11.59 27.19 -37.70
N SER J 25 10.90 28.21 -38.21
CA SER J 25 11.23 29.59 -37.91
C SER J 25 10.01 30.45 -38.15
N GLY J 26 9.92 31.55 -37.40
CA GLY J 26 8.81 32.47 -37.54
C GLY J 26 7.84 32.45 -36.38
N PHE J 27 7.60 31.27 -35.82
CA PHE J 27 6.68 31.09 -34.71
C PHE J 27 7.36 30.31 -33.60
N SER J 28 6.61 30.04 -32.53
CA SER J 28 7.14 29.31 -31.39
C SER J 28 6.22 28.15 -31.01
N LEU J 29 6.51 27.50 -29.90
CA LEU J 29 5.72 26.36 -29.43
C LEU J 29 4.97 26.64 -28.14
N SER J 30 5.30 27.72 -27.44
CA SER J 30 4.62 28.11 -26.20
C SER J 30 4.13 29.55 -26.32
N SER J 31 3.51 29.87 -27.44
CA SER J 31 3.05 31.22 -27.73
C SER J 31 1.53 31.33 -27.70
N SER J 32 0.87 30.62 -26.78
CA SER J 32 -0.57 30.69 -26.58
C SER J 32 -1.31 30.33 -27.89
N GLY J 33 -1.17 29.06 -28.26
CA GLY J 33 -1.72 28.60 -29.52
C GLY J 33 -0.81 27.65 -30.28
N VAL J 34 -0.37 28.07 -31.47
CA VAL J 34 0.38 27.25 -32.40
C VAL J 34 1.48 26.45 -31.70
N GLY J 35 1.51 25.15 -31.95
CA GLY J 35 2.48 24.25 -31.35
C GLY J 35 3.09 23.35 -32.41
N VAL J 36 3.09 22.05 -32.12
CA VAL J 36 3.68 21.06 -33.02
C VAL J 36 3.06 19.70 -32.70
N GLY J 37 2.97 18.84 -33.70
CA GLY J 37 2.45 17.50 -33.53
C GLY J 37 2.97 16.54 -34.58
N TRP J 38 3.47 15.38 -34.14
CA TRP J 38 4.07 14.41 -35.04
C TRP J 38 2.98 13.56 -35.71
N ILE J 39 3.03 13.47 -37.03
CA ILE J 39 2.10 12.67 -37.82
C ILE J 39 2.90 11.87 -38.82
N ARG J 40 2.69 10.55 -38.84
CA ARG J 40 3.36 9.66 -39.77
C ARG J 40 2.34 8.98 -40.68
N GLN J 41 2.80 8.57 -41.86
CA GLN J 41 1.96 7.90 -42.85
C GLN J 41 2.77 6.81 -43.52
N PRO J 42 2.52 5.54 -43.18
CA PRO J 42 3.26 4.44 -43.81
C PRO J 42 2.90 4.32 -45.29
N SER J 43 3.70 3.54 -46.00
CA SER J 43 3.50 3.32 -47.43
C SER J 43 2.32 2.39 -47.66
N GLY J 44 1.36 2.83 -48.46
CA GLY J 44 0.20 2.02 -48.77
C GLY J 44 -0.89 2.03 -47.72
N LYS J 45 -0.76 2.82 -46.66
CA LYS J 45 -1.76 2.91 -45.62
C LYS J 45 -2.01 4.37 -45.27
N GLY J 46 -3.05 4.61 -44.49
CA GLY J 46 -3.40 5.94 -44.09
C GLY J 46 -2.44 6.51 -43.05
N LEU J 47 -2.69 7.77 -42.69
CA LEU J 47 -1.87 8.44 -41.71
C LEU J 47 -2.17 7.92 -40.30
N GLU J 48 -1.27 8.24 -39.37
CA GLU J 48 -1.39 7.78 -38.00
C GLU J 48 -0.99 8.90 -37.05
N TRP J 49 -1.79 9.11 -36.00
CA TRP J 49 -1.51 10.12 -35.00
C TRP J 49 -0.93 9.44 -33.75
N LEU J 50 0.31 9.80 -33.40
CA LEU J 50 0.98 9.23 -32.24
C LEU J 50 0.81 10.07 -31.00
N ALA J 51 1.26 11.32 -31.03
CA ALA J 51 1.18 12.21 -29.87
C ALA J 51 1.43 13.63 -30.33
N HIS J 52 1.25 14.57 -29.40
CA HIS J 52 1.49 15.98 -29.67
C HIS J 52 1.60 16.71 -28.34
N ILE J 53 2.23 17.88 -28.38
CA ILE J 53 2.44 18.71 -27.20
C ILE J 53 1.77 20.06 -27.43
N TRP J 54 1.14 20.59 -26.38
CA TRP J 54 0.41 21.85 -26.47
C TRP J 54 1.32 23.02 -26.08
N TRP J 55 0.73 24.19 -25.90
CA TRP J 55 1.50 25.38 -25.59
C TRP J 55 1.99 25.41 -24.15
N ASP J 56 1.29 24.73 -23.24
CA ASP J 56 1.66 24.72 -21.83
C ASP J 56 2.64 23.61 -21.49
N ASP J 57 3.28 23.01 -22.50
CA ASP J 57 4.29 21.97 -22.31
C ASP J 57 3.72 20.78 -21.52
N ILE J 58 2.72 20.15 -22.12
CA ILE J 58 2.08 18.96 -21.55
C ILE J 58 2.24 17.82 -22.54
N LYS J 59 2.56 16.64 -22.04
CA LYS J 59 2.77 15.46 -22.86
C LYS J 59 1.61 14.49 -22.72
N ARG J 60 1.27 13.83 -23.82
CA ARG J 60 0.19 12.85 -23.83
C ARG J 60 0.45 11.87 -24.97
N TYR J 61 0.86 10.65 -24.63
CA TYR J 61 1.24 9.66 -25.61
C TYR J 61 0.02 8.86 -26.06
N ASN J 62 0.26 7.86 -26.91
CA ASN J 62 -0.78 6.99 -27.42
C ASN J 62 -0.89 5.73 -26.57
N PRO J 63 -2.11 5.28 -26.26
CA PRO J 63 -2.27 4.08 -25.43
C PRO J 63 -1.66 2.83 -26.03
N ALA J 64 -1.74 2.67 -27.36
CA ALA J 64 -1.17 1.49 -28.01
C ALA J 64 0.34 1.52 -28.10
N LEU J 65 0.95 2.72 -28.03
CA LEU J 65 2.39 2.87 -28.11
C LEU J 65 2.94 3.52 -26.85
N LYS J 66 2.43 3.10 -25.69
CA LYS J 66 2.85 3.65 -24.40
C LYS J 66 4.02 2.86 -23.81
N SER J 67 5.06 2.65 -24.62
CA SER J 67 6.24 1.95 -24.13
C SER J 67 7.52 2.71 -24.49
N ARG J 68 7.51 3.39 -25.64
CA ARG J 68 8.70 4.13 -26.09
C ARG J 68 8.39 5.51 -26.62
N LEU J 69 7.13 5.85 -26.90
CA LEU J 69 6.80 7.15 -27.49
C LEU J 69 7.06 8.25 -26.48
N THR J 70 8.08 9.07 -26.73
CA THR J 70 8.45 10.17 -25.86
C THR J 70 8.67 11.41 -26.72
N ILE J 71 7.78 12.39 -26.59
CA ILE J 71 7.86 13.63 -27.35
C ILE J 71 8.53 14.70 -26.49
N SER J 72 9.39 15.50 -27.11
CA SER J 72 10.09 16.58 -26.40
C SER J 72 10.30 17.74 -27.37
N LYS J 73 10.35 18.95 -26.79
CA LYS J 73 10.54 20.16 -27.58
C LYS J 73 11.57 21.04 -26.88
N ASP J 74 11.82 22.21 -27.46
CA ASP J 74 12.76 23.17 -26.90
C ASP J 74 12.38 24.56 -27.38
N THR J 75 12.31 25.51 -26.45
CA THR J 75 11.94 26.87 -26.77
C THR J 75 13.15 27.77 -27.02
N SER J 76 14.35 27.33 -26.65
CA SER J 76 15.54 28.15 -26.87
C SER J 76 16.04 28.04 -28.31
N SER J 77 16.04 26.83 -28.86
CA SER J 77 16.49 26.60 -30.23
C SER J 77 15.35 26.41 -31.21
N SER J 78 14.10 26.39 -30.74
CA SER J 78 12.93 26.21 -31.59
C SER J 78 13.03 24.92 -32.41
N GLN J 79 13.28 23.82 -31.72
CA GLN J 79 13.42 22.51 -32.34
C GLN J 79 12.53 21.50 -31.63
N VAL J 80 12.10 20.49 -32.37
CA VAL J 80 11.23 19.43 -31.85
C VAL J 80 11.95 18.12 -32.10
N PHE J 81 12.54 17.55 -31.05
CA PHE J 81 13.28 16.29 -31.15
C PHE J 81 12.40 15.17 -30.61
N LEU J 82 12.13 14.17 -31.45
CA LEU J 82 11.30 13.03 -31.09
C LEU J 82 12.16 11.81 -30.86
N LYS J 83 11.89 11.09 -29.77
CA LYS J 83 12.62 9.89 -29.40
C LYS J 83 11.68 8.71 -29.45
N ILE J 84 11.93 7.78 -30.37
CA ILE J 84 11.16 6.56 -30.53
C ILE J 84 12.12 5.39 -30.51
N ALA J 85 12.07 4.58 -29.45
CA ALA J 85 12.94 3.44 -29.29
C ALA J 85 12.22 2.15 -29.70
N SER J 86 13.01 1.09 -29.88
CA SER J 86 12.51 -0.23 -30.26
C SER J 86 11.68 -0.16 -31.54
N VAL J 87 12.26 0.46 -32.56
CA VAL J 87 11.59 0.61 -33.86
C VAL J 87 11.75 -0.68 -34.65
N ALA J 88 10.96 -0.81 -35.72
CA ALA J 88 11.00 -1.99 -36.57
C ALA J 88 10.65 -1.57 -37.99
N THR J 89 10.45 -2.55 -38.88
CA THR J 89 10.12 -2.27 -40.26
C THR J 89 8.71 -1.69 -40.40
N ALA J 90 7.82 -1.94 -39.44
CA ALA J 90 6.47 -1.41 -39.52
C ALA J 90 6.40 0.09 -39.23
N ASP J 91 7.41 0.64 -38.56
CA ASP J 91 7.44 2.06 -38.24
C ASP J 91 8.00 2.91 -39.37
N THR J 92 8.33 2.31 -40.51
CA THR J 92 8.86 3.05 -41.64
C THR J 92 7.76 3.93 -42.24
N ALA J 93 7.85 5.23 -42.00
CA ALA J 93 6.84 6.16 -42.48
C ALA J 93 7.46 7.55 -42.63
N THR J 94 6.76 8.41 -43.36
CA THR J 94 7.19 9.78 -43.58
C THR J 94 6.58 10.65 -42.49
N TYR J 95 7.39 11.02 -41.50
CA TYR J 95 6.90 11.78 -40.36
C TYR J 95 6.67 13.24 -40.74
N TYR J 96 5.55 13.79 -40.29
CA TYR J 96 5.18 15.19 -40.52
C TYR J 96 4.94 15.88 -39.19
N CYS J 97 5.28 17.17 -39.14
CA CYS J 97 5.01 18.01 -37.97
C CYS J 97 4.26 19.24 -38.47
N THR J 98 2.93 19.19 -38.40
CA THR J 98 2.07 20.26 -38.91
C THR J 98 1.38 20.98 -37.76
N ARG J 99 0.50 21.90 -38.12
CA ARG J 99 -0.24 22.69 -37.14
C ARG J 99 -1.47 21.93 -36.68
N MET J 100 -1.76 22.03 -35.38
CA MET J 100 -2.91 21.38 -34.76
C MET J 100 -3.72 22.40 -33.97
N GLU J 101 -3.95 23.56 -34.57
CA GLU J 101 -4.70 24.63 -33.93
C GLU J 101 -6.06 24.80 -34.62
N THR J 102 -6.94 25.54 -33.95
CA THR J 102 -8.26 25.87 -34.48
C THR J 102 -8.25 27.15 -35.31
N ALA J 103 -7.11 27.50 -35.91
CA ALA J 103 -6.98 28.73 -36.68
C ALA J 103 -7.59 28.53 -38.07
N TRP J 104 -7.32 29.47 -38.98
CA TRP J 104 -7.90 29.43 -40.31
C TRP J 104 -7.50 28.15 -41.05
N PHE J 105 -6.20 27.91 -41.22
CA PHE J 105 -5.72 26.74 -41.94
C PHE J 105 -4.45 26.22 -41.27
N PRO J 106 -4.36 24.92 -41.02
CA PRO J 106 -3.11 24.36 -40.48
C PRO J 106 -2.04 24.30 -41.56
N TYR J 107 -0.83 24.71 -41.20
CA TYR J 107 0.29 24.71 -42.13
C TYR J 107 1.03 23.38 -42.06
N TRP J 108 1.41 22.87 -43.23
CA TRP J 108 2.11 21.60 -43.34
C TRP J 108 3.49 21.82 -43.94
N GLY J 109 4.41 20.89 -43.65
CA GLY J 109 5.77 20.95 -44.12
C GLY J 109 6.06 19.90 -45.18
N GLN J 110 7.28 19.99 -45.72
CA GLN J 110 7.72 19.05 -46.75
C GLN J 110 7.77 17.63 -46.22
N GLY J 111 8.62 17.40 -45.23
CA GLY J 111 8.76 16.08 -44.63
C GLY J 111 10.07 15.42 -45.03
N THR J 112 10.53 14.53 -44.16
CA THR J 112 11.77 13.79 -44.38
C THR J 112 11.46 12.31 -44.57
N LEU J 113 12.37 11.62 -45.25
CA LEU J 113 12.23 10.20 -45.54
C LEU J 113 12.96 9.41 -44.46
N VAL J 114 12.22 8.51 -43.80
CA VAL J 114 12.76 7.68 -42.72
C VAL J 114 12.53 6.23 -43.12
N THR J 115 13.58 5.56 -43.58
CA THR J 115 13.53 4.16 -43.99
C THR J 115 14.24 3.33 -42.93
N VAL J 116 13.47 2.65 -42.08
CA VAL J 116 14.02 1.83 -41.01
C VAL J 116 14.28 0.44 -41.58
N SER J 117 15.56 0.07 -41.66
CA SER J 117 15.95 -1.25 -42.16
C SER J 117 17.36 -1.56 -41.69
N ALA J 118 17.64 -2.84 -41.49
CA ALA J 118 18.95 -3.26 -41.01
C ALA J 118 20.00 -3.18 -42.10
N LYS J 119 19.62 -3.43 -43.35
CA LYS J 119 20.57 -3.39 -44.45
C LYS J 119 20.98 -1.96 -44.77
N ARG J 120 22.12 -1.82 -45.43
CA ARG J 120 22.66 -0.53 -45.81
C ARG J 120 22.66 -0.38 -47.34
N ALA J 121 22.79 0.87 -47.78
CA ALA J 121 22.80 1.16 -49.21
C ALA J 121 24.09 0.71 -49.88
N ASP J 122 25.14 0.46 -49.11
CA ASP J 122 26.44 0.04 -49.63
C ASP J 122 26.78 -1.36 -49.15
N ALA J 123 25.79 -2.26 -49.17
CA ALA J 123 25.99 -3.62 -48.70
C ALA J 123 26.87 -4.40 -49.68
N ARG J 124 27.23 -5.62 -49.27
CA ARG J 124 28.13 -6.45 -50.07
C ARG J 124 27.48 -6.82 -51.41
N THR J 125 26.38 -7.56 -51.36
CA THR J 125 25.72 -8.03 -52.57
C THR J 125 24.21 -7.79 -52.62
N VAL J 126 23.54 -7.62 -51.47
CA VAL J 126 22.10 -7.42 -51.47
C VAL J 126 21.69 -6.01 -51.86
N ALA J 127 22.65 -5.12 -52.09
CA ALA J 127 22.34 -3.75 -52.49
C ALA J 127 22.62 -3.47 -53.96
N ALA J 128 23.42 -4.32 -54.63
CA ALA J 128 23.73 -4.10 -56.03
C ALA J 128 22.56 -4.55 -56.90
N PRO J 129 22.20 -3.76 -57.92
CA PRO J 129 21.09 -4.14 -58.79
C PRO J 129 21.48 -5.27 -59.72
N SER J 130 20.56 -6.23 -59.88
CA SER J 130 20.76 -7.38 -60.75
C SER J 130 19.84 -7.21 -61.96
N VAL J 131 20.42 -6.79 -63.08
CA VAL J 131 19.64 -6.54 -64.30
C VAL J 131 19.24 -7.88 -64.90
N PHE J 132 17.93 -8.11 -64.99
CA PHE J 132 17.37 -9.32 -65.59
C PHE J 132 16.60 -8.93 -66.84
N ILE J 133 17.21 -9.15 -68.01
CA ILE J 133 16.57 -8.81 -69.27
C ILE J 133 15.58 -9.91 -69.66
N PHE J 134 14.57 -9.51 -70.45
CA PHE J 134 13.53 -10.42 -70.92
C PHE J 134 13.56 -10.48 -72.43
N PRO J 135 14.21 -11.48 -73.03
CA PRO J 135 14.24 -11.60 -74.49
C PRO J 135 12.89 -12.02 -75.02
N PRO J 136 12.34 -11.29 -75.99
CA PRO J 136 11.02 -11.64 -76.53
C PRO J 136 11.11 -12.89 -77.40
N SER J 137 10.02 -13.63 -77.44
CA SER J 137 9.89 -14.85 -78.22
C SER J 137 8.75 -14.71 -79.22
N ASP J 138 8.48 -15.81 -79.94
CA ASP J 138 7.42 -15.85 -80.94
C ASP J 138 6.17 -16.57 -80.42
N GLU J 139 5.90 -16.46 -79.13
CA GLU J 139 4.74 -17.11 -78.52
C GLU J 139 3.82 -16.16 -77.76
N GLN J 140 4.26 -14.94 -77.47
CA GLN J 140 3.46 -13.98 -76.72
C GLN J 140 3.15 -12.73 -77.54
N LEU J 141 4.15 -12.13 -78.17
CA LEU J 141 3.97 -10.92 -78.98
C LEU J 141 4.42 -11.15 -80.41
N LYS J 142 4.11 -12.33 -80.96
CA LYS J 142 4.49 -12.64 -82.33
C LYS J 142 3.63 -11.87 -83.33
N SER J 143 2.45 -11.42 -82.89
CA SER J 143 1.54 -10.66 -83.74
C SER J 143 0.98 -9.42 -83.07
N GLY J 144 1.15 -9.27 -81.76
CA GLY J 144 0.66 -8.12 -81.02
C GLY J 144 1.74 -7.08 -80.81
N THR J 145 1.57 -6.29 -79.75
CA THR J 145 2.52 -5.24 -79.43
C THR J 145 3.68 -5.81 -78.61
N ALA J 146 4.90 -5.57 -79.06
CA ALA J 146 6.08 -6.06 -78.36
C ALA J 146 6.34 -5.22 -77.11
N SER J 147 7.14 -5.78 -76.21
CA SER J 147 7.49 -5.10 -74.97
C SER J 147 8.79 -5.69 -74.44
N VAL J 148 9.58 -4.83 -73.80
CA VAL J 148 10.85 -5.24 -73.20
C VAL J 148 11.06 -4.42 -71.93
N VAL J 149 11.58 -5.08 -70.89
CA VAL J 149 11.80 -4.43 -69.60
C VAL J 149 12.93 -5.14 -68.89
N CYS J 150 13.86 -4.35 -68.35
CA CYS J 150 14.97 -4.88 -67.56
C CYS J 150 14.54 -4.97 -66.10
N LEU J 151 14.52 -6.18 -65.56
CA LEU J 151 14.07 -6.43 -64.20
C LEU J 151 15.22 -6.24 -63.22
N LEU J 152 14.99 -5.42 -62.20
CA LEU J 152 15.96 -5.17 -61.14
C LEU J 152 15.48 -5.91 -59.89
N ASN J 153 16.33 -6.80 -59.37
CA ASN J 153 15.99 -7.61 -58.21
C ASN J 153 17.15 -7.65 -57.24
N ASN J 154 16.83 -7.80 -55.95
CA ASN J 154 17.80 -7.91 -54.86
C ASN J 154 18.69 -6.66 -54.80
N PHE J 155 18.02 -5.53 -54.57
CA PHE J 155 18.71 -4.25 -54.39
C PHE J 155 18.05 -3.51 -53.24
N TYR J 156 18.87 -3.03 -52.31
CA TYR J 156 18.36 -2.31 -51.14
C TYR J 156 17.98 -0.88 -51.48
N PRO J 157 18.86 -0.07 -52.09
CA PRO J 157 18.48 1.32 -52.38
C PRO J 157 17.43 1.39 -53.48
N ARG J 158 16.21 1.76 -53.10
CA ARG J 158 15.12 1.85 -54.06
C ARG J 158 15.24 3.07 -54.97
N GLU J 159 16.14 4.00 -54.67
CA GLU J 159 16.33 5.20 -55.47
C GLU J 159 17.15 4.84 -56.70
N ALA J 160 16.48 4.25 -57.69
CA ALA J 160 17.12 3.83 -58.93
C ALA J 160 16.29 4.39 -60.09
N LYS J 161 16.64 5.59 -60.53
CA LYS J 161 15.93 6.26 -61.63
C LYS J 161 16.57 5.84 -62.95
N VAL J 162 16.15 4.69 -63.46
CA VAL J 162 16.66 4.16 -64.71
C VAL J 162 16.05 4.95 -65.86
N GLN J 163 16.90 5.55 -66.69
CA GLN J 163 16.47 6.35 -67.83
C GLN J 163 16.75 5.55 -69.10
N TRP J 164 15.68 5.20 -69.82
CA TRP J 164 15.80 4.41 -71.04
C TRP J 164 16.33 5.27 -72.18
N LYS J 165 17.57 5.03 -72.59
CA LYS J 165 18.19 5.69 -73.74
C LYS J 165 18.15 7.22 -73.57
N VAL J 166 18.91 7.67 -72.57
CA VAL J 166 18.99 9.10 -72.24
C VAL J 166 19.25 9.91 -73.51
N ASP J 167 18.40 10.91 -73.74
CA ASP J 167 18.46 11.81 -74.89
C ASP J 167 18.26 11.09 -76.21
N ASN J 168 17.90 9.81 -76.19
CA ASN J 168 17.66 9.05 -77.41
C ASN J 168 16.22 8.56 -77.50
N ALA J 169 15.72 7.88 -76.46
CA ALA J 169 14.35 7.36 -76.47
C ALA J 169 13.69 7.52 -75.11
N LEU J 170 14.03 8.60 -74.39
CA LEU J 170 13.45 8.80 -73.05
C LEU J 170 11.95 9.08 -73.13
N GLN J 171 11.49 9.71 -74.21
CA GLN J 171 10.08 10.04 -74.39
C GLN J 171 9.37 9.06 -75.32
N SER J 172 9.76 7.79 -75.29
CA SER J 172 9.17 6.75 -76.14
C SER J 172 8.11 5.94 -75.40
N GLY J 173 7.45 6.54 -74.41
CA GLY J 173 6.40 5.86 -73.69
C GLY J 173 6.92 4.86 -72.67
N ASN J 174 7.64 5.35 -71.67
CA ASN J 174 8.18 4.50 -70.61
C ASN J 174 7.67 4.99 -69.27
N SER J 175 7.53 4.05 -68.32
CA SER J 175 7.04 4.34 -66.98
C SER J 175 7.93 3.67 -65.94
N GLN J 176 9.24 3.84 -66.08
CA GLN J 176 10.17 3.25 -65.13
C GLN J 176 10.01 3.88 -63.76
N GLU J 177 10.06 5.22 -63.67
CA GLU J 177 9.91 5.89 -62.40
C GLU J 177 8.47 5.86 -61.89
N SER J 178 7.49 5.59 -62.77
CA SER J 178 6.10 5.57 -62.34
C SER J 178 5.77 4.28 -61.60
N VAL J 179 6.34 3.16 -62.01
CA VAL J 179 6.06 1.89 -61.35
C VAL J 179 6.82 1.85 -60.04
N THR J 180 6.08 1.81 -58.93
CA THR J 180 6.70 1.73 -57.61
C THR J 180 7.32 0.36 -57.39
N GLU J 181 8.49 0.36 -56.74
CA GLU J 181 9.19 -0.90 -56.48
C GLU J 181 8.43 -1.73 -55.44
N GLN J 182 8.41 -3.04 -55.64
CA GLN J 182 7.71 -3.94 -54.74
C GLN J 182 8.68 -4.40 -53.64
N ASP J 183 8.37 -4.05 -52.39
CA ASP J 183 9.21 -4.43 -51.26
C ASP J 183 9.15 -5.94 -51.07
N SER J 184 10.28 -6.61 -51.25
CA SER J 184 10.34 -8.05 -51.11
C SER J 184 10.44 -8.42 -49.62
N LYS J 185 10.72 -9.69 -49.34
CA LYS J 185 10.77 -10.16 -47.96
C LYS J 185 12.16 -9.98 -47.35
N ASP J 186 13.21 -10.12 -48.14
CA ASP J 186 14.59 -10.05 -47.63
C ASP J 186 15.15 -8.64 -47.69
N SER J 187 14.39 -7.68 -47.15
CA SER J 187 14.81 -6.28 -47.02
C SER J 187 15.30 -5.71 -48.36
N THR J 188 14.65 -6.13 -49.45
CA THR J 188 14.99 -5.67 -50.78
C THR J 188 13.72 -5.26 -51.52
N TYR J 189 13.90 -4.59 -52.66
CA TYR J 189 12.81 -4.12 -53.49
C TYR J 189 12.89 -4.75 -54.86
N SER J 190 11.86 -4.50 -55.67
CA SER J 190 11.80 -5.03 -57.03
C SER J 190 10.83 -4.18 -57.83
N LEU J 191 11.31 -3.56 -58.91
CA LEU J 191 10.51 -2.71 -59.76
C LEU J 191 10.53 -3.22 -61.20
N SER J 192 9.60 -2.72 -62.00
CA SER J 192 9.49 -3.09 -63.41
C SER J 192 9.06 -1.85 -64.19
N SER J 193 8.74 -2.05 -65.46
CA SER J 193 8.33 -0.97 -66.34
C SER J 193 7.64 -1.58 -67.57
N THR J 194 7.33 -0.73 -68.54
CA THR J 194 6.70 -1.16 -69.78
C THR J 194 7.09 -0.21 -70.89
N LEU J 195 7.16 -0.73 -72.11
CA LEU J 195 7.52 0.05 -73.28
C LEU J 195 6.57 -0.28 -74.42
N THR J 196 6.01 0.76 -75.05
CA THR J 196 5.08 0.61 -76.16
C THR J 196 5.87 0.77 -77.46
N LEU J 197 6.28 -0.35 -78.04
CA LEU J 197 7.05 -0.35 -79.28
C LEU J 197 6.59 -1.50 -80.16
N SER J 198 6.57 -1.25 -81.47
CA SER J 198 6.10 -2.25 -82.42
C SER J 198 7.11 -3.38 -82.55
N LYS J 199 6.58 -4.57 -82.88
CA LYS J 199 7.44 -5.74 -83.00
C LYS J 199 8.43 -5.62 -84.15
N ALA J 200 8.08 -4.85 -85.20
CA ALA J 200 8.96 -4.68 -86.34
C ALA J 200 10.22 -3.89 -86.03
N ASP J 201 10.27 -3.22 -84.87
CA ASP J 201 11.45 -2.44 -84.54
C ASP J 201 12.65 -3.32 -84.21
N TYR J 202 12.41 -4.53 -83.71
CA TYR J 202 13.51 -5.43 -83.35
C TYR J 202 14.29 -5.91 -84.57
N GLU J 203 13.70 -5.82 -85.77
CA GLU J 203 14.35 -6.29 -86.98
C GLU J 203 14.89 -5.17 -87.86
N LYS J 204 14.37 -3.95 -87.73
CA LYS J 204 14.79 -2.84 -88.58
C LYS J 204 15.95 -2.06 -87.97
N HIS J 205 17.00 -2.77 -87.57
CA HIS J 205 18.23 -2.19 -87.05
C HIS J 205 17.95 -1.18 -85.94
N LYS J 206 17.11 -1.59 -84.98
CA LYS J 206 16.73 -0.75 -83.85
C LYS J 206 16.78 -1.61 -82.59
N VAL J 207 17.92 -1.60 -81.92
CA VAL J 207 18.13 -2.35 -80.68
C VAL J 207 18.06 -1.38 -79.52
N TYR J 208 17.16 -1.66 -78.57
CA TYR J 208 16.99 -0.80 -77.41
C TYR J 208 18.06 -1.11 -76.36
N ALA J 209 18.06 -0.34 -75.28
CA ALA J 209 19.03 -0.52 -74.21
C ALA J 209 18.39 -0.16 -72.88
N CYS J 210 19.09 -0.48 -71.80
CA CYS J 210 18.62 -0.20 -70.44
C CYS J 210 19.83 0.21 -69.61
N GLU J 211 20.02 1.52 -69.45
CA GLU J 211 21.14 2.06 -68.68
C GLU J 211 20.66 2.28 -67.25
N VAL J 212 21.01 1.35 -66.37
CA VAL J 212 20.59 1.42 -64.97
C VAL J 212 21.53 2.38 -64.24
N THR J 213 21.04 3.59 -63.96
CA THR J 213 21.80 4.60 -63.23
C THR J 213 21.34 4.55 -61.78
N HIS J 214 21.92 3.64 -61.01
CA HIS J 214 21.55 3.44 -59.61
C HIS J 214 22.44 4.32 -58.74
N GLN J 215 21.87 5.42 -58.25
CA GLN J 215 22.60 6.38 -57.43
C GLN J 215 22.78 5.90 -55.99
N GLY J 216 22.23 4.75 -55.63
CA GLY J 216 22.38 4.26 -54.26
C GLY J 216 23.80 3.83 -53.96
N LEU J 217 24.41 3.08 -54.87
CA LEU J 217 25.79 2.63 -54.70
C LEU J 217 26.67 2.96 -55.90
N SER J 218 26.20 3.80 -56.81
CA SER J 218 26.95 4.21 -58.00
C SER J 218 27.35 2.99 -58.84
N SER J 219 26.33 2.27 -59.31
CA SER J 219 26.51 1.07 -60.13
C SER J 219 26.01 1.35 -61.54
N PRO J 220 26.86 1.79 -62.46
CA PRO J 220 26.42 2.08 -63.84
C PRO J 220 26.50 0.86 -64.75
N VAL J 221 25.74 -0.17 -64.40
CA VAL J 221 25.70 -1.39 -65.18
C VAL J 221 24.89 -1.17 -66.45
N THR J 222 25.25 -1.88 -67.51
CA THR J 222 24.56 -1.77 -68.79
C THR J 222 24.42 -3.15 -69.40
N LYS J 223 23.20 -3.48 -69.83
CA LYS J 223 22.90 -4.77 -70.45
C LYS J 223 22.13 -4.52 -71.74
N SER J 224 22.55 -5.19 -72.81
CA SER J 224 21.91 -5.04 -74.12
C SER J 224 20.71 -5.98 -74.23
N PHE J 225 19.89 -5.72 -75.24
CA PHE J 225 18.70 -6.51 -75.52
C PHE J 225 18.93 -7.37 -76.75
N ASN J 226 18.60 -8.65 -76.65
CA ASN J 226 18.76 -9.59 -77.74
C ASN J 226 17.59 -10.56 -77.73
N ARG J 227 17.63 -11.53 -78.65
CA ARG J 227 16.57 -12.53 -78.75
C ARG J 227 17.15 -13.94 -78.66
#